data_9F5Z
#
_entry.id   9F5Z
#
_cell.length_a   1.00
_cell.length_b   1.00
_cell.length_c   1.00
_cell.angle_alpha   90.00
_cell.angle_beta   90.00
_cell.angle_gamma   90.00
#
_symmetry.space_group_name_H-M   'P 1'
#
loop_
_entity.id
_entity.type
_entity.pdbx_description
1 polymer 'Cytochrome b'
2 polymer 'Cytochrome b-c1 complex subunit Rieske, mitochondrial'
3 polymer 'Cytochrome c1'
4 polymer 'Complex III subunit 9'
5 polymer 'Cytochrome b-c1 complex subunit 6'
6 polymer 'Mitochondrial ubiquinol-cytochrome c oxidoreductase subunit 8'
7 polymer MPP-Beta
8 polymer 'Mitochondrial ubiquinol-cytochrome c oxidoreductase subunit 10'
9 polymer Alpha-MPP
10 polymer 'Cytochrome b-c1 complex subunit 7'
11 non-polymer 2,3-DIMETHOXY-5-METHYL-6-(3,11,15,19-TETRAMETHYL-EICOSA-2,6,10,14,18-PENTAENYL)-[1,4]BENZOQUINONE
12 non-polymer 'HEME C'
13 non-polymer CARDIOLIPIN
14 non-polymer 1,2-DIACYL-GLYCEROL-3-SN-PHOSPHATE
15 non-polymer PHOSPHATIDYLETHANOLAMINE
16 non-polymer '(7S)-4-HYDROXY-N,N,N-TRIMETHYL-9-OXO-7-[(PALMITOYLOXY)METHYL]-3,5,8-TRIOXA-4-PHOSPHAHEXACOSAN-1-AMINIUM 4-OXIDE'
17 non-polymer 'ZINC ION'
18 water water
#
loop_
_entity_poly.entity_id
_entity_poly.type
_entity_poly.pdbx_seq_one_letter_code
_entity_poly.pdbx_strand_id
1 'polypeptide(L)'
;MRMHNKIQLLSVLNTHLVAYPTPMNLNYSWNGGSLAGMMLASQMLTGILLAMHYVGHVDYAFASVQHLMTDVPSGMILRY
AHANGASLFFIVVYLHVLRGMYYGSGAQPREIVWISGVVILLVMIITAFIGYVLPWGQMSFWGATVITSLATAIPVVGKH
IMYWLWGGFSVDNPTLNRFYSFHYTLPFILAGLSVFHIAALHQYGSTNPLGVNSQSSLISFGSYFGAKDLVGALFLALVF
SILVFFYPDLLGHPDNLIPANPYSTPQHIVPEWYFLWVYAILRSIPNKAMGVLAIGLVFASLFAMPFIGLGGGKFRIITE
WLYWTFLADVLLLTWLGGNEITPITSFVGQCCTAYLFFYLLVCQPLVGYLETQFAHGTQTN
;
1A,1B
2 'polypeptide(L)'
;MALRRAVASFLPKLAGAAETLPAASHAASSFSQLICTPLDVVERQQQPSGFRSFASDAVEVFKPETGLTPTNRLSMAPTP
YIKYDEHNHKRFPPGTEGRPFAYFVQTGGRFLYASAARLAVLKIVMSLSAAADTMALSSLEVDLSGVEEGTTITVKWRGK
PVFIRHRTDAEIAQSAEVALSELRDPQKDVDRAINPKYLVVVGICTHLGCVPISGAGNYQGWFCPCHGSHYDISGRIREG
PAPYNLEVPEYRFTEGQKVVIG
;
1C,1D
3 'polypeptide(L)'
;MRTSLLRSLGKGLGLCAEATSSRVAQQTMPAVAAMSTSASDAEPTSKAAHYAAALGGVMAGIFGASCVASANEAADGLHA
PHYPWGHEGVLDSYDHAAIRRGHKVYQQVCAACHSMQYLHWRQLVGVCYTEEEAKALAAETEVEDGPNDEGEMFTREGRL
FDAFPSPYANEQAARYANGGAYPPDLTLISGGRHNGPNYIFSLLTGYRDPPAGISIREGLYYNPYFPGGAIAMPKMLVDG
GVEYEDGTPASASQQAKDITTFLAWASYPYQDEMRVMGIKACLMISILIGFAAYSKRLRWAPIKSQRIVMDVVN
;
1E,1F
4 'polypeptide(L)' MVMRLSEALYQTFFKRSTVYIPMLLVGAYFSNEAIDYAVDKMWTTRNKGKLFSDIIAERT 1G,1H
5 'polypeptide(L)' MVEYTEDDPKPQIEEDCKPHCVKEWAAYKACAERIKDDTTGQAHCSGQYFDFWKCVDHCAAPKIFAHLK 1I,1J
6 'polypeptide(L)' MAPRQNIPLREILYQLSPYQQDVIRQTFTNAPKTFLRFFKEKGVGLATFGVLFFGIKGYTEHEMHQERLAERY 1K,1L
7 'polypeptide(L)'
;MRSLKQILRIGEASSLGLRAFGSAAKDVVATDANPFLRFSNPRPSPIDHTPLLSTLPETRITTLPNGLRVATEAIPFAET
TTLGIWINSGSRFETDANNGVAHFLEHILFKGTKNRSVKELEVEVENMGGQLNAYTGREQTCYYAKVMGKDVGKAVNILS
DILLNSNLDARAIDKERDVILREMEEVNKQTSELVFDHLHATAFQYSPLGRTILGPVENIKSINRDQLVEYMKTHYRGPR
MVLAAAGAVNHDELVKLASDAFGSVPDEDAATSVRSLLVKEPSRFTGSYVHDRFPDASECCMAVAFKGASWTDPDSIPLM
VMQTMLGGWDKNSTVGKHSSSALVQTVATEGLADAFMAFNTNYHDTGLFGVYGVTDRDRSEDFAYAIMSNLTRMCFEVRD
ADVARAKNQLKASLMFFQDSTHHVAESIGRELLVYGRRIPKAEMFARIDAVDANAIRAVADRFIYDQDMAVASAGDVQFV
PDYNWFRRRSYWLRY
;
1M,1N
8 'polypeptide(L)' MPIGVWSVFQGYVTPARLPSIQTLTRVGAWGGVVVVGGLYMVQPWDWLAVQAGLKKEEK 1O,1P
9 'polypeptide(L)'
;MLGSSTSQLAPAMVRSIASSAAASTAAPVLAAKSGGLLASVFGMGGGRVEVPLSEKLPAVTEPPRTSTPATKPIVQTSSL
RSGVKVASINTVSPISSLVLFVEGGAAAETPATAGASKVLEVAAFKATANRSTFRLTRELEKIGATSFARAGRDHVAFGV
DATRLNQLEALEILADAVVNARYTYWEVRDSLDAVKEQLAAQLRNPLTAVNEVLHRTAFEGGLGHSLVVDPSVVDGFTNE
TLKEYVHSIMAPSRVVLAASGVDHAELTALATPLLNLHGNAHPAPQSRYVGGAMNIIAPTSSLTYVGLAFEAKGGAGDIK
SSAAASVVKALLDEARPTMPYQRKEHEVFTSVNPFAFAYKGTGLVGVVASGAPGKAGKVVDALTAKVQSLAKGVTDVQLA
TAKNMALGELRASVATAPGLAAAVGSSVLATGKFSANEVAAALSGLTAADVTSYVNAMIKTAPTFVTYGNLSSLPRVDSI
AKRFA
;
1Q,1S
10 'polypeptide(L)'
;MTSLLKQVALPVFNSLATTYRSVVGAKLAKYGLRFDDLQDPLKDEDVAEALRRLPPDVVVARNCRLRRALDLSCKHEALP
KDLLEKQTPELSYLQDVLNEVRAERRERAQLGAPAPYTRIYYD
;
1R,1T
#
# COMPACT_ATOMS: atom_id res chain seq x y z
N ARG A 2 -0.83 -0.58 18.41
CA ARG A 2 -1.48 0.68 18.10
C ARG A 2 -2.90 0.40 17.62
N MET A 3 -3.84 1.28 17.97
CA MET A 3 -5.22 1.11 17.51
C MET A 3 -5.34 1.27 16.00
N HIS A 4 -4.51 2.10 15.38
CA HIS A 4 -4.59 2.26 13.93
C HIS A 4 -3.93 1.11 13.17
N ASN A 5 -3.22 0.22 13.86
CA ASN A 5 -2.57 -0.90 13.22
C ASN A 5 -3.47 -2.12 13.11
N LYS A 6 -4.71 -2.04 13.60
CA LYS A 6 -5.61 -3.19 13.59
C LYS A 6 -6.78 -3.05 12.64
N ILE A 7 -7.09 -1.84 12.19
CA ILE A 7 -8.11 -1.60 11.19
C ILE A 7 -7.45 -0.94 10.00
N GLN A 8 -7.65 -1.50 8.80
CA GLN A 8 -6.92 -1.03 7.63
C GLN A 8 -7.35 0.36 7.19
N LEU A 9 -8.58 0.77 7.50
CA LEU A 9 -9.00 2.13 7.22
C LEU A 9 -8.24 3.14 8.07
N LEU A 10 -8.04 2.83 9.35
CA LEU A 10 -7.31 3.73 10.23
C LEU A 10 -5.83 3.79 9.87
N SER A 11 -5.28 2.70 9.32
CA SER A 11 -3.87 2.69 8.94
C SER A 11 -3.61 3.61 7.76
N VAL A 12 -4.47 3.58 6.74
CA VAL A 12 -4.31 4.43 5.57
C VAL A 12 -4.52 5.90 5.94
N LEU A 13 -5.55 6.19 6.74
CA LEU A 13 -5.83 7.55 7.17
C LEU A 13 -4.70 8.10 8.02
N ASN A 14 -4.16 7.28 8.93
CA ASN A 14 -3.02 7.68 9.73
C ASN A 14 -1.80 7.97 8.86
N THR A 15 -1.49 7.05 7.94
CA THR A 15 -0.30 7.16 7.10
C THR A 15 -0.34 8.37 6.19
N HIS A 16 -1.52 8.70 5.66
CA HIS A 16 -1.61 9.75 4.65
C HIS A 16 -2.18 11.07 5.16
N LEU A 17 -2.61 11.15 6.42
CA LEU A 17 -3.13 12.41 6.93
C LEU A 17 -2.60 12.81 8.29
N VAL A 18 -1.97 11.91 9.05
CA VAL A 18 -1.53 12.20 10.40
C VAL A 18 -0.02 12.20 10.50
N ALA A 19 0.62 11.13 10.04
CA ALA A 19 2.05 10.94 10.22
C ALA A 19 2.84 11.14 8.92
N TYR A 20 2.24 11.77 7.92
CA TYR A 20 2.90 11.88 6.63
C TYR A 20 4.05 12.89 6.70
N PRO A 21 5.28 12.50 6.37
CA PRO A 21 6.43 13.42 6.49
C PRO A 21 6.43 14.47 5.40
N THR A 22 6.49 15.74 5.83
CA THR A 22 6.38 16.94 5.01
C THR A 22 7.59 17.81 5.31
N PRO A 23 8.15 18.51 4.30
CA PRO A 23 9.24 19.45 4.60
C PRO A 23 8.78 20.56 5.53
N MET A 24 9.67 20.95 6.44
CA MET A 24 9.29 21.89 7.50
C MET A 24 9.38 23.35 7.07
N ASN A 25 9.95 23.63 5.90
CA ASN A 25 10.14 25.00 5.43
C ASN A 25 9.17 25.40 4.34
N LEU A 26 8.02 24.74 4.25
CA LEU A 26 7.00 25.12 3.27
C LEU A 26 6.34 26.43 3.69
N ASN A 27 6.24 27.37 2.77
CA ASN A 27 5.61 28.64 3.08
C ASN A 27 4.12 28.59 2.75
N TYR A 28 3.47 29.74 2.74
CA TYR A 28 2.04 29.82 2.57
C TYR A 28 1.59 29.69 1.12
N SER A 29 2.51 29.57 0.18
CA SER A 29 2.16 29.25 -1.19
C SER A 29 2.06 27.75 -1.44
N TRP A 30 2.15 26.94 -0.39
CA TRP A 30 1.86 25.52 -0.48
C TRP A 30 0.48 25.17 0.08
N ASN A 31 -0.36 26.18 0.29
CA ASN A 31 -1.72 25.95 0.76
C ASN A 31 -2.73 26.00 -0.36
N GLY A 32 -2.28 26.05 -1.62
CA GLY A 32 -3.21 26.11 -2.73
C GLY A 32 -4.03 24.85 -2.90
N GLY A 33 -3.40 23.70 -2.68
CA GLY A 33 -4.09 22.43 -2.93
C GLY A 33 -5.21 22.14 -1.95
N SER A 34 -4.97 22.38 -0.66
CA SER A 34 -6.01 22.15 0.34
C SER A 34 -7.15 23.14 0.17
N LEU A 35 -6.85 24.37 -0.23
CA LEU A 35 -7.89 25.35 -0.55
C LEU A 35 -8.70 24.93 -1.76
N ALA A 36 -8.04 24.37 -2.78
CA ALA A 36 -8.75 23.89 -3.96
C ALA A 36 -9.66 22.72 -3.62
N GLY A 37 -9.20 21.81 -2.76
CA GLY A 37 -10.04 20.72 -2.31
C GLY A 37 -11.22 21.20 -1.49
N MET A 38 -11.00 22.20 -0.63
CA MET A 38 -12.10 22.78 0.13
C MET A 38 -13.12 23.45 -0.77
N MET A 39 -12.65 24.13 -1.83
CA MET A 39 -13.58 24.77 -2.76
C MET A 39 -14.36 23.75 -3.57
N LEU A 40 -13.70 22.64 -3.98
CA LEU A 40 -14.41 21.56 -4.66
C LEU A 40 -15.51 20.96 -3.77
N ALA A 41 -15.19 20.71 -2.50
CA ALA A 41 -16.19 20.17 -1.58
C ALA A 41 -17.33 21.16 -1.36
N SER A 42 -17.01 22.46 -1.26
CA SER A 42 -18.04 23.48 -1.10
C SER A 42 -18.95 23.57 -2.32
N GLN A 43 -18.38 23.49 -3.51
CA GLN A 43 -19.17 23.54 -4.74
C GLN A 43 -20.10 22.33 -4.84
N MET A 44 -19.57 21.15 -4.49
CA MET A 44 -20.39 19.94 -4.51
C MET A 44 -21.56 20.03 -3.53
N LEU A 45 -21.29 20.52 -2.32
CA LEU A 45 -22.35 20.63 -1.32
C LEU A 45 -23.41 21.65 -1.73
N THR A 46 -22.98 22.84 -2.16
CA THR A 46 -23.93 23.88 -2.54
C THR A 46 -24.75 23.46 -3.75
N GLY A 47 -24.12 22.79 -4.73
CA GLY A 47 -24.85 22.36 -5.89
C GLY A 47 -25.85 21.26 -5.61
N ILE A 48 -25.49 20.27 -4.79
CA ILE A 48 -26.41 19.22 -4.41
C ILE A 48 -27.60 19.81 -3.68
N LEU A 49 -27.35 20.83 -2.85
CA LEU A 49 -28.47 21.55 -2.24
C LEU A 49 -29.26 22.34 -3.28
N LEU A 50 -28.59 22.92 -4.28
CA LEU A 50 -29.27 23.71 -5.30
C LEU A 50 -30.17 22.86 -6.18
N ALA A 51 -29.74 21.64 -6.49
CA ALA A 51 -30.47 20.77 -7.41
C ALA A 51 -31.80 20.30 -6.87
N MET A 52 -32.07 20.51 -5.58
CA MET A 52 -33.37 20.21 -5.01
C MET A 52 -34.41 21.29 -5.28
N HIS A 53 -34.04 22.40 -5.90
CA HIS A 53 -35.00 23.45 -6.24
C HIS A 53 -34.89 23.92 -7.68
N TYR A 54 -34.00 23.34 -8.47
CA TYR A 54 -33.81 23.73 -9.87
C TYR A 54 -34.51 22.76 -10.79
N VAL A 55 -35.14 23.28 -11.83
CA VAL A 55 -35.83 22.48 -12.84
C VAL A 55 -35.12 22.68 -14.16
N GLY A 56 -34.62 21.60 -14.75
CA GLY A 56 -33.79 21.68 -15.94
C GLY A 56 -34.53 21.67 -17.25
N HIS A 57 -35.52 22.54 -17.37
CA HIS A 57 -36.35 22.64 -18.57
C HIS A 57 -36.44 24.10 -18.97
N VAL A 58 -36.50 24.36 -20.28
CA VAL A 58 -36.83 25.70 -20.74
C VAL A 58 -38.26 26.00 -20.33
N ASP A 59 -38.54 27.29 -20.11
CA ASP A 59 -39.77 27.88 -19.61
C ASP A 59 -40.03 27.55 -18.14
N TYR A 60 -39.16 26.79 -17.47
CA TYR A 60 -39.14 26.65 -16.02
C TYR A 60 -37.82 27.01 -15.35
N ALA A 61 -36.70 27.08 -16.08
CA ALA A 61 -35.39 27.20 -15.45
C ALA A 61 -35.19 28.56 -14.78
N PHE A 62 -35.50 29.65 -15.50
CA PHE A 62 -35.39 31.00 -14.97
C PHE A 62 -36.30 31.20 -13.77
N ALA A 63 -37.55 30.74 -13.87
CA ALA A 63 -38.50 30.87 -12.78
C ALA A 63 -38.10 30.02 -11.59
N SER A 64 -37.48 28.86 -11.82
CA SER A 64 -37.04 28.04 -10.70
C SER A 64 -35.86 28.68 -9.98
N VAL A 65 -34.96 29.33 -10.72
CA VAL A 65 -33.87 30.06 -10.07
C VAL A 65 -34.42 31.25 -9.28
N GLN A 66 -35.42 31.95 -9.81
CA GLN A 66 -36.03 33.06 -9.07
C GLN A 66 -36.76 32.58 -7.81
N HIS A 67 -37.47 31.45 -7.91
CA HIS A 67 -38.13 30.87 -6.75
C HIS A 67 -37.12 30.42 -5.71
N LEU A 68 -35.98 29.91 -6.16
CA LEU A 68 -34.87 29.58 -5.28
C LEU A 68 -34.36 30.82 -4.57
N MET A 69 -34.25 31.93 -5.29
CA MET A 69 -33.65 33.14 -4.74
C MET A 69 -34.55 33.82 -3.72
N THR A 70 -35.87 33.85 -3.98
CA THR A 70 -36.75 34.64 -3.12
C THR A 70 -37.62 33.83 -2.17
N ASP A 71 -37.83 32.53 -2.42
CA ASP A 71 -38.79 31.78 -1.63
C ASP A 71 -38.20 30.65 -0.80
N VAL A 72 -37.11 30.04 -1.24
CA VAL A 72 -36.47 28.95 -0.50
C VAL A 72 -35.72 29.59 0.68
N PRO A 73 -35.95 29.11 1.92
CA PRO A 73 -35.15 29.60 3.05
C PRO A 73 -33.68 29.31 2.87
N SER A 74 -32.84 30.34 3.04
CA SER A 74 -31.40 30.33 2.80
C SER A 74 -31.06 30.03 1.33
N GLY A 75 -32.00 30.24 0.42
CA GLY A 75 -31.74 29.89 -0.97
C GLY A 75 -30.85 30.89 -1.68
N MET A 76 -30.98 32.16 -1.33
CA MET A 76 -30.14 33.21 -1.91
C MET A 76 -28.68 33.03 -1.53
N ILE A 77 -28.44 32.66 -0.27
CA ILE A 77 -27.08 32.36 0.20
C ILE A 77 -26.50 31.19 -0.57
N LEU A 78 -27.31 30.15 -0.78
CA LEU A 78 -26.85 28.95 -1.49
C LEU A 78 -26.51 29.26 -2.95
N ARG A 79 -27.36 30.04 -3.62
CA ARG A 79 -27.10 30.38 -5.02
C ARG A 79 -25.89 31.27 -5.17
N TYR A 80 -25.79 32.33 -4.35
CA TYR A 80 -24.66 33.25 -4.46
C TYR A 80 -23.36 32.57 -4.05
N ALA A 81 -23.42 31.67 -3.08
CA ALA A 81 -22.24 30.90 -2.69
C ALA A 81 -21.81 29.98 -3.82
N HIS A 82 -22.76 29.32 -4.49
CA HIS A 82 -22.40 28.42 -5.58
C HIS A 82 -21.89 29.19 -6.80
N ALA A 83 -22.37 30.42 -7.00
CA ALA A 83 -21.92 31.20 -8.14
C ALA A 83 -20.53 31.79 -7.91
N ASN A 84 -20.29 32.38 -6.73
CA ASN A 84 -18.99 32.96 -6.46
C ASN A 84 -17.94 31.91 -6.08
N GLY A 85 -18.39 30.71 -5.68
CA GLY A 85 -17.45 29.65 -5.38
C GLY A 85 -16.73 29.14 -6.60
N ALA A 86 -17.37 29.20 -7.76
CA ALA A 86 -16.68 28.86 -9.00
C ALA A 86 -15.55 29.82 -9.28
N SER A 87 -15.78 31.12 -9.04
CA SER A 87 -14.74 32.12 -9.21
C SER A 87 -13.60 31.91 -8.23
N LEU A 88 -13.90 31.63 -6.97
CA LEU A 88 -12.85 31.42 -5.98
C LEU A 88 -12.10 30.11 -6.23
N PHE A 89 -12.81 29.07 -6.68
CA PHE A 89 -12.20 27.82 -7.09
C PHE A 89 -11.21 28.05 -8.21
N PHE A 90 -11.57 28.86 -9.20
CA PHE A 90 -10.65 29.12 -10.29
C PHE A 90 -9.48 30.01 -9.87
N ILE A 91 -9.71 30.96 -8.94
CA ILE A 91 -8.63 31.79 -8.41
C ILE A 91 -7.58 30.92 -7.72
N VAL A 92 -8.05 30.00 -6.87
CA VAL A 92 -7.15 29.13 -6.11
C VAL A 92 -6.41 28.17 -7.03
N VAL A 93 -7.11 27.57 -7.99
CA VAL A 93 -6.47 26.61 -8.88
C VAL A 93 -5.47 27.30 -9.80
N TYR A 94 -5.79 28.52 -10.26
CA TYR A 94 -4.84 29.29 -11.06
C TYR A 94 -3.59 29.66 -10.28
N LEU A 95 -3.74 30.06 -9.01
CA LEU A 95 -2.56 30.38 -8.21
C LEU A 95 -1.73 29.12 -7.92
N HIS A 96 -2.40 27.97 -7.77
CA HIS A 96 -1.73 26.68 -7.63
C HIS A 96 -0.89 26.35 -8.86
N VAL A 97 -1.46 26.54 -10.05
CA VAL A 97 -0.74 26.27 -11.30
C VAL A 97 0.43 27.23 -11.47
N LEU A 98 0.25 28.49 -11.09
CA LEU A 98 1.33 29.45 -11.21
C LEU A 98 2.46 29.15 -10.24
N ARG A 99 2.13 28.63 -9.05
CA ARG A 99 3.14 28.13 -8.11
C ARG A 99 3.95 27.01 -8.75
N GLY A 100 3.26 26.03 -9.35
CA GLY A 100 3.96 24.94 -10.01
C GLY A 100 4.80 25.40 -11.19
N MET A 101 4.35 26.42 -11.89
CA MET A 101 5.14 27.00 -12.98
C MET A 101 6.39 27.71 -12.44
N TYR A 102 6.26 28.38 -11.30
CA TYR A 102 7.37 29.14 -10.73
C TYR A 102 8.46 28.21 -10.21
N TYR A 103 8.06 27.14 -9.52
CA TYR A 103 9.06 26.30 -8.85
C TYR A 103 9.52 25.12 -9.70
N GLY A 104 8.96 24.91 -10.88
CA GLY A 104 9.26 23.72 -11.65
C GLY A 104 8.78 22.46 -10.98
N SER A 105 7.56 22.50 -10.43
CA SER A 105 7.07 21.41 -9.59
C SER A 105 6.71 20.15 -10.37
N GLY A 106 6.58 20.24 -11.69
CA GLY A 106 6.23 19.09 -12.47
C GLY A 106 7.38 18.21 -12.91
N ALA A 107 8.61 18.56 -12.54
CA ALA A 107 9.78 17.85 -13.03
C ALA A 107 9.88 16.46 -12.41
N GLN A 108 10.91 15.73 -12.83
CA GLN A 108 11.12 14.36 -12.38
C GLN A 108 11.39 14.36 -10.87
N PRO A 109 10.74 13.48 -10.10
CA PRO A 109 9.81 12.44 -10.50
C PRO A 109 8.34 12.77 -10.27
N ARG A 110 7.86 13.96 -10.59
CA ARG A 110 6.47 14.33 -10.31
C ARG A 110 5.72 14.70 -11.58
N GLU A 111 6.02 14.00 -12.68
CA GLU A 111 5.38 14.31 -13.96
C GLU A 111 3.94 13.85 -13.97
N ILE A 112 3.63 12.74 -13.30
CA ILE A 112 2.26 12.25 -13.23
C ILE A 112 1.38 13.23 -12.46
N VAL A 113 1.95 13.87 -11.43
CA VAL A 113 1.21 14.86 -10.65
C VAL A 113 0.81 16.05 -11.53
N TRP A 114 1.75 16.53 -12.34
CA TRP A 114 1.46 17.63 -13.25
C TRP A 114 0.45 17.26 -14.32
N ILE A 115 0.58 16.06 -14.89
CA ILE A 115 -0.33 15.64 -15.96
C ILE A 115 -1.74 15.45 -15.43
N SER A 116 -1.89 14.82 -14.26
CA SER A 116 -3.20 14.68 -13.65
C SER A 116 -3.78 16.03 -13.26
N GLY A 117 -2.93 16.99 -12.90
CA GLY A 117 -3.42 18.35 -12.67
C GLY A 117 -3.97 19.00 -13.94
N VAL A 118 -3.28 18.83 -15.07
CA VAL A 118 -3.76 19.42 -16.33
C VAL A 118 -5.09 18.80 -16.74
N VAL A 119 -5.24 17.49 -16.53
CA VAL A 119 -6.50 16.81 -16.80
C VAL A 119 -7.62 17.37 -15.92
N ILE A 120 -7.31 17.58 -14.63
CA ILE A 120 -8.27 18.16 -13.69
C ILE A 120 -8.69 19.55 -14.13
N LEU A 121 -7.75 20.35 -14.63
CA LEU A 121 -8.06 21.70 -15.10
C LEU A 121 -9.00 21.68 -16.30
N LEU A 122 -8.76 20.76 -17.25
CA LEU A 122 -9.66 20.65 -18.40
C LEU A 122 -11.08 20.27 -17.98
N VAL A 123 -11.20 19.30 -17.06
CA VAL A 123 -12.52 18.90 -16.58
C VAL A 123 -13.19 20.03 -15.81
N MET A 124 -12.41 20.82 -15.08
CA MET A 124 -12.95 21.98 -14.37
C MET A 124 -13.51 23.01 -15.34
N ILE A 125 -12.81 23.25 -16.45
CA ILE A 125 -13.26 24.22 -17.46
C ILE A 125 -14.58 23.77 -18.07
N ILE A 126 -14.66 22.50 -18.46
CA ILE A 126 -15.89 21.98 -19.08
C ILE A 126 -17.06 22.02 -18.09
N THR A 127 -16.79 21.65 -16.83
CA THR A 127 -17.81 21.67 -15.79
C THR A 127 -18.35 23.08 -15.56
N ALA A 128 -17.45 24.07 -15.46
CA ALA A 128 -17.87 25.43 -15.20
C ALA A 128 -18.66 26.01 -16.37
N PHE A 129 -18.26 25.70 -17.61
CA PHE A 129 -18.97 26.19 -18.78
C PHE A 129 -20.39 25.64 -18.87
N ILE A 130 -20.54 24.32 -18.78
CA ILE A 130 -21.88 23.76 -18.92
C ILE A 130 -22.72 24.03 -17.69
N GLY A 131 -22.11 24.35 -16.54
CA GLY A 131 -22.90 24.81 -15.42
C GLY A 131 -23.34 26.24 -15.58
N TYR A 132 -22.54 27.05 -16.29
CA TYR A 132 -22.94 28.42 -16.57
C TYR A 132 -24.11 28.47 -17.55
N VAL A 133 -24.26 27.45 -18.40
CA VAL A 133 -25.43 27.42 -19.28
C VAL A 133 -26.74 27.26 -18.51
N LEU A 134 -26.72 26.57 -17.36
CA LEU A 134 -27.95 26.15 -16.68
C LEU A 134 -28.96 27.23 -16.27
N PRO A 135 -28.59 28.43 -15.79
CA PRO A 135 -29.65 29.39 -15.42
C PRO A 135 -30.51 29.88 -16.58
N TRP A 136 -30.07 29.69 -17.83
CA TRP A 136 -30.83 29.99 -19.06
C TRP A 136 -31.17 31.47 -19.14
N GLY A 137 -30.13 32.29 -19.08
CA GLY A 137 -30.22 33.69 -19.41
C GLY A 137 -29.66 33.97 -20.79
N GLN A 138 -29.49 35.26 -21.08
CA GLN A 138 -28.97 35.65 -22.39
C GLN A 138 -27.50 35.26 -22.54
N MET A 139 -26.71 35.47 -21.50
CA MET A 139 -25.29 35.12 -21.56
C MET A 139 -25.10 33.61 -21.64
N SER A 140 -25.93 32.85 -20.91
CA SER A 140 -25.87 31.39 -20.94
C SER A 140 -26.15 30.86 -22.35
N PHE A 141 -27.27 31.29 -22.93
CA PHE A 141 -27.68 30.82 -24.25
C PHE A 141 -26.67 31.22 -25.31
N TRP A 142 -26.23 32.48 -25.29
CA TRP A 142 -25.40 32.95 -26.39
C TRP A 142 -23.96 32.48 -26.27
N GLY A 143 -23.46 32.29 -25.04
CA GLY A 143 -22.15 31.66 -24.90
C GLY A 143 -22.15 30.21 -25.30
N ALA A 144 -23.22 29.48 -24.95
CA ALA A 144 -23.35 28.09 -25.38
C ALA A 144 -23.49 27.99 -26.88
N THR A 145 -24.16 28.97 -27.50
CA THR A 145 -24.28 29.00 -28.95
C THR A 145 -22.93 29.26 -29.61
N VAL A 146 -22.19 30.25 -29.12
CA VAL A 146 -20.94 30.64 -29.77
C VAL A 146 -19.88 29.56 -29.62
N ILE A 147 -19.82 28.92 -28.45
CA ILE A 147 -18.76 27.93 -28.22
C ILE A 147 -19.07 26.61 -28.90
N THR A 148 -20.31 26.11 -28.78
CA THR A 148 -20.60 24.81 -29.38
C THR A 148 -20.66 24.88 -30.90
N SER A 149 -20.98 26.05 -31.46
CA SER A 149 -20.91 26.22 -32.91
C SER A 149 -19.54 26.69 -33.34
N LEU A 150 -18.53 25.98 -32.85
CA LEU A 150 -17.15 26.13 -33.24
C LEU A 150 -16.58 24.80 -33.71
N ALA A 151 -17.39 23.73 -33.65
CA ALA A 151 -17.04 22.46 -34.26
C ALA A 151 -17.13 22.48 -35.78
N THR A 152 -17.62 23.58 -36.38
CA THR A 152 -17.58 23.74 -37.82
C THR A 152 -16.24 24.32 -38.25
N ALA A 153 -15.15 23.73 -37.77
CA ALA A 153 -13.80 24.10 -38.16
C ALA A 153 -13.06 22.84 -38.54
N ILE A 154 -13.48 21.72 -37.97
CA ILE A 154 -13.02 20.40 -38.40
C ILE A 154 -13.60 20.12 -39.77
N PRO A 155 -12.80 19.79 -40.78
CA PRO A 155 -13.35 19.58 -42.12
C PRO A 155 -14.21 18.34 -42.19
N VAL A 156 -15.20 18.38 -43.10
CA VAL A 156 -16.20 17.35 -43.36
C VAL A 156 -17.05 17.08 -42.12
N VAL A 157 -16.47 16.50 -41.07
CA VAL A 157 -17.23 16.10 -39.89
C VAL A 157 -17.30 17.31 -38.97
N GLY A 158 -18.24 18.20 -39.29
CA GLY A 158 -18.47 19.46 -38.61
C GLY A 158 -19.82 19.56 -37.95
N LYS A 159 -20.76 20.08 -38.74
CA LYS A 159 -22.15 20.26 -38.32
C LYS A 159 -22.82 18.97 -37.90
N HIS A 160 -22.32 17.81 -38.34
CA HIS A 160 -22.82 16.53 -37.81
C HIS A 160 -22.58 16.43 -36.31
N ILE A 161 -21.33 16.67 -35.88
CA ILE A 161 -20.99 16.69 -34.46
C ILE A 161 -21.74 17.80 -33.74
N MET A 162 -21.88 18.95 -34.40
CA MET A 162 -22.58 20.08 -33.79
C MET A 162 -24.05 19.78 -33.53
N TYR A 163 -24.74 19.19 -34.51
CA TYR A 163 -26.14 18.87 -34.35
C TYR A 163 -26.35 17.69 -33.41
N TRP A 164 -25.35 16.81 -33.31
CA TRP A 164 -25.45 15.74 -32.33
C TRP A 164 -25.25 16.26 -30.91
N LEU A 165 -24.40 17.27 -30.74
CA LEU A 165 -24.27 17.92 -29.44
C LEU A 165 -25.55 18.65 -29.05
N TRP A 166 -26.14 19.38 -29.99
CA TRP A 166 -27.32 20.17 -29.67
C TRP A 166 -28.57 19.33 -29.47
N GLY A 167 -28.63 18.14 -30.06
CA GLY A 167 -29.86 17.39 -30.10
C GLY A 167 -30.92 18.04 -30.97
N GLY A 168 -30.51 18.64 -32.08
CA GLY A 168 -31.42 19.43 -32.89
C GLY A 168 -30.62 20.29 -33.85
N PHE A 169 -31.20 21.44 -34.21
CA PHE A 169 -30.57 22.35 -35.15
C PHE A 169 -30.14 23.66 -34.51
N SER A 170 -30.45 23.87 -33.24
CA SER A 170 -30.02 25.05 -32.50
C SER A 170 -30.00 24.68 -31.03
N VAL A 171 -29.39 25.54 -30.22
CA VAL A 171 -29.39 25.34 -28.78
C VAL A 171 -30.81 25.53 -28.26
N ASP A 172 -31.32 24.49 -27.61
CA ASP A 172 -32.73 24.46 -27.25
C ASP A 172 -32.87 23.62 -25.99
N ASN A 173 -34.10 23.18 -25.72
CA ASN A 173 -34.37 22.32 -24.57
C ASN A 173 -33.58 21.02 -24.48
N PRO A 174 -33.33 20.25 -25.56
CA PRO A 174 -32.44 19.08 -25.39
C PRO A 174 -31.03 19.41 -24.95
N THR A 175 -30.48 20.54 -25.42
CA THR A 175 -29.14 20.93 -25.03
C THR A 175 -29.08 21.28 -23.55
N LEU A 176 -30.07 22.01 -23.04
CA LEU A 176 -30.12 22.35 -21.62
C LEU A 176 -30.33 21.09 -20.77
N ASN A 177 -31.21 20.20 -21.23
CA ASN A 177 -31.54 19.00 -20.47
C ASN A 177 -30.35 18.06 -20.36
N ARG A 178 -29.56 17.91 -21.43
CA ARG A 178 -28.37 17.09 -21.33
C ARG A 178 -27.23 17.81 -20.60
N PHE A 179 -27.20 19.14 -20.65
CA PHE A 179 -26.16 19.88 -19.95
C PHE A 179 -26.34 19.78 -18.45
N TYR A 180 -27.61 19.68 -17.98
CA TYR A 180 -27.86 19.45 -16.56
C TYR A 180 -27.27 18.13 -16.07
N SER A 181 -27.49 17.05 -16.83
CA SER A 181 -26.98 15.75 -16.43
C SER A 181 -25.45 15.69 -16.47
N PHE A 182 -24.86 16.23 -17.55
CA PHE A 182 -23.40 16.26 -17.66
C PHE A 182 -22.76 17.10 -16.57
N HIS A 183 -23.36 18.25 -16.25
CA HIS A 183 -22.87 19.09 -15.16
C HIS A 183 -23.07 18.46 -13.81
N TYR A 184 -24.07 17.58 -13.62
CA TYR A 184 -24.24 17.06 -12.27
C TYR A 184 -23.10 16.06 -12.10
N THR A 185 -22.84 15.27 -13.17
CA THR A 185 -21.96 14.09 -13.17
C THR A 185 -20.47 14.44 -13.12
N LEU A 186 -20.03 15.45 -13.88
CA LEU A 186 -18.60 15.74 -13.96
C LEU A 186 -17.86 16.06 -12.66
N PRO A 187 -18.44 16.75 -11.64
CA PRO A 187 -17.69 16.94 -10.39
C PRO A 187 -17.32 15.69 -9.61
N PHE A 188 -18.02 14.57 -9.78
CA PHE A 188 -17.58 13.34 -9.13
C PHE A 188 -16.32 12.79 -9.80
N ILE A 189 -16.21 12.97 -11.12
CA ILE A 189 -14.97 12.67 -11.81
C ILE A 189 -13.87 13.61 -11.34
N LEU A 190 -14.21 14.86 -11.03
CA LEU A 190 -13.26 15.80 -10.46
C LEU A 190 -12.76 15.33 -9.09
N ALA A 191 -13.66 14.82 -8.25
CA ALA A 191 -13.27 14.34 -6.93
C ALA A 191 -12.39 13.10 -7.03
N GLY A 192 -12.73 12.17 -7.93
CA GLY A 192 -11.89 10.99 -8.12
C GLY A 192 -10.52 11.34 -8.67
N LEU A 193 -10.47 12.26 -9.63
CA LEU A 193 -9.20 12.70 -10.17
C LEU A 193 -8.37 13.45 -9.13
N SER A 194 -9.03 14.17 -8.22
CA SER A 194 -8.32 14.84 -7.13
C SER A 194 -7.71 13.83 -6.17
N VAL A 195 -8.45 12.76 -5.85
CA VAL A 195 -7.91 11.70 -4.99
C VAL A 195 -6.71 11.03 -5.65
N PHE A 196 -6.81 10.74 -6.96
CA PHE A 196 -5.68 10.16 -7.68
C PHE A 196 -4.50 11.12 -7.73
N HIS A 197 -4.78 12.41 -7.90
CA HIS A 197 -3.73 13.42 -7.96
C HIS A 197 -2.97 13.54 -6.64
N ILE A 198 -3.69 13.54 -5.52
CA ILE A 198 -3.04 13.58 -4.21
C ILE A 198 -2.26 12.30 -3.97
N ALA A 199 -2.81 11.15 -4.35
CA ALA A 199 -2.11 9.88 -4.19
C ALA A 199 -0.85 9.80 -5.04
N ALA A 200 -0.82 10.50 -6.18
CA ALA A 200 0.40 10.49 -6.99
C ALA A 200 1.50 11.32 -6.36
N LEU A 201 1.14 12.38 -5.61
CA LEU A 201 2.15 13.21 -4.97
C LEU A 201 2.81 12.49 -3.80
N HIS A 202 2.03 11.68 -3.08
CA HIS A 202 2.49 11.01 -1.88
C HIS A 202 3.54 9.95 -2.15
N GLN A 203 3.74 9.56 -3.41
CA GLN A 203 4.80 8.61 -3.76
C GLN A 203 6.18 9.20 -3.49
N TYR A 204 6.35 10.50 -3.74
CA TYR A 204 7.65 11.14 -3.60
C TYR A 204 7.65 12.34 -2.69
N GLY A 205 6.49 12.82 -2.25
CA GLY A 205 6.42 13.97 -1.37
C GLY A 205 6.62 15.27 -2.13
N SER A 206 6.50 16.37 -1.39
CA SER A 206 6.46 17.68 -2.00
C SER A 206 7.84 18.30 -2.12
N THR A 207 7.96 19.25 -3.03
CA THR A 207 9.13 20.09 -3.14
C THR A 207 9.09 21.18 -2.06
N ASN A 208 10.19 21.90 -1.91
CA ASN A 208 10.36 22.92 -0.89
C ASN A 208 10.75 24.21 -1.58
N PRO A 209 10.57 25.37 -0.90
CA PRO A 209 10.97 26.65 -1.53
C PRO A 209 12.44 26.76 -1.87
N LEU A 210 13.32 26.03 -1.20
CA LEU A 210 14.74 26.08 -1.52
C LEU A 210 15.07 25.32 -2.79
N GLY A 211 14.24 24.35 -3.18
CA GLY A 211 14.53 23.57 -4.37
C GLY A 211 15.61 22.54 -4.21
N VAL A 212 15.90 22.11 -2.98
CA VAL A 212 16.91 21.11 -2.72
C VAL A 212 16.23 19.87 -2.14
N ASN A 213 17.01 18.81 -1.96
CA ASN A 213 16.50 17.59 -1.35
C ASN A 213 16.21 17.83 0.13
N SER A 214 15.02 17.45 0.57
CA SER A 214 14.56 17.77 1.91
C SER A 214 14.29 16.52 2.74
N GLN A 215 14.92 15.41 2.41
CA GLN A 215 14.66 14.16 3.13
C GLN A 215 15.22 14.20 4.55
N SER A 216 16.20 15.05 4.82
CA SER A 216 16.79 15.16 6.14
C SER A 216 15.92 15.94 7.12
N SER A 217 15.00 16.78 6.64
CA SER A 217 14.23 17.70 7.50
C SER A 217 12.75 17.55 7.20
N LEU A 218 12.13 16.50 7.71
CA LEU A 218 10.72 16.22 7.48
C LEU A 218 10.01 16.12 8.83
N ILE A 219 8.79 16.65 8.88
CA ILE A 219 7.99 16.67 10.09
C ILE A 219 6.61 16.11 9.75
N SER A 220 5.85 15.80 10.79
CA SER A 220 4.53 15.20 10.63
C SER A 220 3.54 16.20 10.04
N PHE A 221 2.68 15.72 9.14
CA PHE A 221 1.68 16.58 8.51
C PHE A 221 0.59 16.98 9.50
N GLY A 222 0.04 16.00 10.22
CA GLY A 222 -1.24 16.17 10.89
C GLY A 222 -1.23 17.14 12.05
N SER A 223 -0.07 17.40 12.64
CA SER A 223 0.00 18.39 13.71
C SER A 223 0.40 19.76 13.18
N TYR A 224 1.44 19.82 12.36
CA TYR A 224 2.03 21.09 11.97
C TYR A 224 1.33 21.75 10.79
N PHE A 225 0.80 20.98 9.85
CA PHE A 225 0.18 21.56 8.66
C PHE A 225 -1.33 21.47 8.67
N GLY A 226 -1.94 21.25 9.83
CA GLY A 226 -3.39 21.33 9.93
C GLY A 226 -3.82 22.74 10.27
N ALA A 227 -3.17 23.33 11.28
CA ALA A 227 -3.46 24.71 11.64
C ALA A 227 -2.97 25.68 10.58
N LYS A 228 -1.86 25.37 9.90
CA LYS A 228 -1.38 26.22 8.82
C LYS A 228 -2.35 26.25 7.66
N ASP A 229 -3.00 25.12 7.37
CA ASP A 229 -4.05 25.11 6.37
C ASP A 229 -5.31 25.81 6.88
N LEU A 230 -5.58 25.72 8.18
CA LEU A 230 -6.76 26.36 8.76
C LEU A 230 -6.69 27.88 8.67
N VAL A 231 -5.48 28.46 8.79
CA VAL A 231 -5.31 29.90 8.69
C VAL A 231 -5.69 30.39 7.28
N GLY A 232 -5.14 29.73 6.25
CA GLY A 232 -5.48 30.08 4.89
C GLY A 232 -6.92 29.83 4.55
N ALA A 233 -7.51 28.77 5.11
CA ALA A 233 -8.93 28.51 4.93
C ALA A 233 -9.79 29.62 5.54
N LEU A 234 -9.33 30.20 6.65
CA LEU A 234 -10.09 31.30 7.25
C LEU A 234 -9.98 32.58 6.43
N PHE A 235 -8.80 32.84 5.84
CA PHE A 235 -8.68 33.96 4.88
C PHE A 235 -9.62 33.76 3.69
N LEU A 236 -9.65 32.55 3.13
CA LEU A 236 -10.53 32.25 2.02
C LEU A 236 -12.00 32.38 2.40
N ALA A 237 -12.34 32.00 3.63
CA ALA A 237 -13.71 32.16 4.11
C ALA A 237 -14.08 33.63 4.27
N LEU A 238 -13.11 34.47 4.65
CA LEU A 238 -13.38 35.91 4.74
C LEU A 238 -13.67 36.50 3.37
N VAL A 239 -12.84 36.17 2.38
CA VAL A 239 -13.06 36.66 1.01
C VAL A 239 -14.38 36.13 0.45
N PHE A 240 -14.67 34.86 0.71
CA PHE A 240 -15.91 34.23 0.27
C PHE A 240 -17.14 34.89 0.88
N SER A 241 -17.08 35.20 2.18
CA SER A 241 -18.20 35.84 2.85
C SER A 241 -18.41 37.27 2.35
N ILE A 242 -17.31 37.99 2.07
CA ILE A 242 -17.42 39.33 1.49
C ILE A 242 -18.10 39.26 0.13
N LEU A 243 -17.67 38.32 -0.71
CA LEU A 243 -18.22 38.18 -2.06
C LEU A 243 -19.69 37.78 -2.04
N VAL A 244 -20.07 36.88 -1.13
CA VAL A 244 -21.47 36.45 -1.07
C VAL A 244 -22.37 37.55 -0.54
N PHE A 245 -21.98 38.18 0.57
CA PHE A 245 -22.93 39.05 1.27
C PHE A 245 -22.89 40.50 0.83
N PHE A 246 -21.76 41.00 0.33
CA PHE A 246 -21.65 42.41 0.02
C PHE A 246 -21.59 42.74 -1.47
N TYR A 247 -20.92 41.92 -2.27
CA TYR A 247 -20.83 42.13 -3.72
C TYR A 247 -21.19 40.84 -4.44
N PRO A 248 -22.47 40.43 -4.40
CA PRO A 248 -22.83 39.12 -4.96
C PRO A 248 -22.83 39.08 -6.47
N ASP A 249 -23.06 40.21 -7.13
CA ASP A 249 -23.11 40.26 -8.59
C ASP A 249 -21.93 41.03 -9.18
N LEU A 250 -20.85 41.20 -8.43
CA LEU A 250 -19.71 41.97 -8.91
C LEU A 250 -18.98 41.25 -10.03
N LEU A 251 -18.77 39.95 -9.89
CA LEU A 251 -17.99 39.20 -10.86
C LEU A 251 -18.82 38.68 -12.03
N GLY A 252 -20.13 38.87 -12.02
CA GLY A 252 -21.00 38.35 -13.04
C GLY A 252 -21.17 39.26 -14.24
N HIS A 253 -22.29 39.09 -14.94
CA HIS A 253 -22.68 39.91 -16.07
C HIS A 253 -24.15 40.24 -15.89
N PRO A 254 -24.55 41.50 -16.05
CA PRO A 254 -25.97 41.85 -15.90
C PRO A 254 -26.88 41.25 -16.94
N ASP A 255 -26.36 40.88 -18.12
CA ASP A 255 -27.20 40.33 -19.18
C ASP A 255 -27.73 38.94 -18.86
N ASN A 256 -27.13 38.25 -17.90
CA ASN A 256 -27.60 36.91 -17.56
C ASN A 256 -28.83 36.96 -16.67
N LEU A 257 -29.28 38.15 -16.27
CA LEU A 257 -30.55 38.32 -15.58
C LEU A 257 -31.70 38.61 -16.54
N ILE A 258 -31.47 38.54 -17.84
CA ILE A 258 -32.52 38.62 -18.85
C ILE A 258 -32.82 37.21 -19.33
N PRO A 259 -34.09 36.83 -19.46
CA PRO A 259 -34.41 35.50 -20.01
C PRO A 259 -33.94 35.37 -21.44
N ALA A 260 -33.54 34.15 -21.81
CA ALA A 260 -32.87 33.91 -23.08
C ALA A 260 -33.82 34.11 -24.25
N ASN A 261 -33.32 34.82 -25.26
CA ASN A 261 -34.06 35.09 -26.49
C ASN A 261 -33.22 34.65 -27.66
N PRO A 262 -33.59 33.59 -28.38
CA PRO A 262 -32.79 33.15 -29.52
C PRO A 262 -32.84 34.06 -30.73
N TYR A 263 -33.77 35.01 -30.79
CA TYR A 263 -33.90 35.89 -31.93
C TYR A 263 -33.29 37.27 -31.72
N SER A 264 -32.85 37.58 -30.50
CA SER A 264 -32.21 38.86 -30.21
C SER A 264 -30.88 38.60 -29.51
N THR A 265 -29.82 39.16 -30.04
CA THR A 265 -28.53 38.93 -29.42
C THR A 265 -28.06 40.16 -28.67
N PRO A 266 -27.32 39.97 -27.57
CA PRO A 266 -26.76 41.12 -26.85
C PRO A 266 -25.62 41.77 -27.63
N GLN A 267 -25.30 43.00 -27.21
CA GLN A 267 -24.27 43.79 -27.89
C GLN A 267 -22.89 43.17 -27.71
N HIS A 268 -22.56 42.74 -26.50
CA HIS A 268 -21.26 42.17 -26.20
C HIS A 268 -21.46 40.81 -25.56
N ILE A 269 -20.87 39.78 -26.17
CA ILE A 269 -20.98 38.42 -25.68
C ILE A 269 -19.60 38.01 -25.17
N VAL A 270 -19.43 38.04 -23.85
CA VAL A 270 -18.17 37.64 -23.21
C VAL A 270 -18.45 36.58 -22.16
N PRO A 271 -17.54 35.64 -21.94
CA PRO A 271 -17.77 34.62 -20.90
C PRO A 271 -17.44 35.13 -19.51
N GLU A 272 -17.44 34.23 -18.53
CA GLU A 272 -16.94 34.55 -17.20
C GLU A 272 -15.44 34.86 -17.26
N TRP A 273 -14.95 35.51 -16.21
CA TRP A 273 -13.60 36.07 -16.24
C TRP A 273 -12.53 34.98 -16.36
N TYR A 274 -12.76 33.79 -15.80
CA TYR A 274 -11.74 32.76 -15.81
C TYR A 274 -11.61 32.06 -17.15
N PHE A 275 -12.51 32.34 -18.09
CA PHE A 275 -12.40 31.83 -19.44
C PHE A 275 -11.85 32.87 -20.41
N LEU A 276 -11.52 34.07 -19.94
CA LEU A 276 -11.27 35.19 -20.81
C LEU A 276 -9.94 35.10 -21.55
N TRP A 277 -8.92 34.45 -20.97
CA TRP A 277 -7.63 34.38 -21.64
C TRP A 277 -7.67 33.46 -22.86
N VAL A 278 -8.37 32.33 -22.74
CA VAL A 278 -8.59 31.43 -23.88
C VAL A 278 -9.45 32.13 -24.94
N TYR A 279 -10.45 32.90 -24.49
CA TYR A 279 -11.28 33.65 -25.42
C TYR A 279 -10.49 34.70 -26.16
N ALA A 280 -9.54 35.35 -25.50
CA ALA A 280 -8.70 36.34 -26.17
C ALA A 280 -7.77 35.68 -27.18
N ILE A 281 -7.24 34.49 -26.83
CA ILE A 281 -6.41 33.75 -27.78
C ILE A 281 -7.22 33.36 -29.01
N LEU A 282 -8.44 32.89 -28.79
CA LEU A 282 -9.32 32.50 -29.90
C LEU A 282 -9.73 33.69 -30.75
N ARG A 283 -10.12 34.78 -30.12
CA ARG A 283 -10.63 35.95 -30.80
C ARG A 283 -9.55 36.77 -31.49
N SER A 284 -8.29 36.62 -31.08
CA SER A 284 -7.23 37.39 -31.71
C SER A 284 -6.86 36.84 -33.08
N ILE A 285 -6.93 35.54 -33.27
CA ILE A 285 -6.52 34.92 -34.54
C ILE A 285 -7.69 35.00 -35.52
N PRO A 286 -7.49 35.55 -36.75
CA PRO A 286 -8.57 35.70 -37.74
C PRO A 286 -8.85 34.44 -38.55
N ASN A 287 -8.97 33.31 -37.86
CA ASN A 287 -9.33 32.04 -38.47
C ASN A 287 -9.83 31.12 -37.37
N LYS A 288 -10.97 30.47 -37.60
CA LYS A 288 -11.57 29.65 -36.56
C LYS A 288 -10.76 28.38 -36.30
N ALA A 289 -10.36 27.69 -37.37
CA ALA A 289 -9.59 26.46 -37.23
C ALA A 289 -8.23 26.73 -36.61
N MET A 290 -7.59 27.83 -37.00
CA MET A 290 -6.30 28.20 -36.40
C MET A 290 -6.45 28.60 -34.94
N GLY A 291 -7.56 29.24 -34.58
CA GLY A 291 -7.80 29.55 -33.17
C GLY A 291 -8.00 28.31 -32.32
N VAL A 292 -8.75 27.34 -32.83
CA VAL A 292 -8.93 26.08 -32.11
C VAL A 292 -7.61 25.31 -32.03
N LEU A 293 -6.81 25.38 -33.10
CA LEU A 293 -5.48 24.75 -33.08
C LEU A 293 -4.56 25.39 -32.05
N ALA A 294 -4.60 26.72 -31.93
CA ALA A 294 -3.77 27.39 -30.93
C ALA A 294 -4.24 27.08 -29.50
N ILE A 295 -5.56 26.99 -29.29
CA ILE A 295 -6.09 26.62 -27.99
C ILE A 295 -5.66 25.20 -27.62
N GLY A 296 -5.72 24.28 -28.57
CA GLY A 296 -5.22 22.94 -28.33
C GLY A 296 -3.73 22.89 -28.10
N LEU A 297 -2.97 23.74 -28.79
CA LEU A 297 -1.53 23.76 -28.65
C LEU A 297 -1.09 24.27 -27.29
N VAL A 298 -1.85 25.21 -26.70
CA VAL A 298 -1.55 25.68 -25.35
C VAL A 298 -1.61 24.52 -24.35
N PHE A 299 -2.66 23.71 -24.43
CA PHE A 299 -2.79 22.60 -23.49
C PHE A 299 -1.84 21.46 -23.80
N ALA A 300 -1.49 21.27 -25.08
CA ALA A 300 -0.45 20.30 -25.42
C ALA A 300 0.90 20.71 -24.85
N SER A 301 1.23 22.00 -24.91
CA SER A 301 2.46 22.50 -24.31
C SER A 301 2.41 22.44 -22.79
N LEU A 302 1.22 22.53 -22.21
CA LEU A 302 1.08 22.31 -20.77
C LEU A 302 1.36 20.85 -20.40
N PHE A 303 0.85 19.91 -21.19
CA PHE A 303 1.14 18.49 -20.95
C PHE A 303 2.61 18.18 -21.14
N ALA A 304 3.27 18.83 -22.11
CA ALA A 304 4.67 18.53 -22.39
C ALA A 304 5.64 19.23 -21.45
N MET A 305 5.13 20.04 -20.52
CA MET A 305 6.00 20.81 -19.63
C MET A 305 6.95 20.00 -18.74
N PRO A 306 6.57 18.85 -18.13
CA PRO A 306 7.57 18.08 -17.38
C PRO A 306 8.69 17.51 -18.22
N PHE A 307 8.52 17.38 -19.53
CA PHE A 307 9.53 16.78 -20.38
C PHE A 307 10.32 17.81 -21.17
N ILE A 308 9.90 19.07 -21.19
CA ILE A 308 10.66 20.13 -21.84
C ILE A 308 11.09 21.23 -20.89
N GLY A 309 10.45 21.37 -19.72
CA GLY A 309 10.74 22.48 -18.84
C GLY A 309 11.91 22.24 -17.92
N LEU A 310 12.95 23.05 -18.07
CA LEU A 310 14.11 23.05 -17.19
C LEU A 310 14.16 24.37 -16.45
N GLY A 311 14.38 24.32 -15.14
CA GLY A 311 14.47 25.54 -14.37
C GLY A 311 13.40 25.70 -13.32
N GLY A 312 13.80 26.06 -12.11
CA GLY A 312 12.87 26.14 -11.00
C GLY A 312 12.73 27.52 -10.41
N GLY A 313 12.72 27.60 -9.08
CA GLY A 313 12.48 28.86 -8.40
C GLY A 313 13.72 29.72 -8.31
N LYS A 314 14.03 30.22 -7.11
CA LYS A 314 15.25 30.99 -6.92
C LYS A 314 16.47 30.07 -7.01
N PHE A 315 17.64 30.71 -7.11
CA PHE A 315 18.94 30.20 -7.54
C PHE A 315 18.97 29.82 -9.02
N ARG A 316 17.86 30.00 -9.74
CA ARG A 316 17.79 29.95 -11.20
C ARG A 316 17.11 31.26 -11.58
N ILE A 317 17.91 32.31 -11.74
CA ILE A 317 17.36 33.67 -11.65
C ILE A 317 16.83 34.20 -12.99
N ILE A 318 17.36 33.73 -14.12
CA ILE A 318 16.87 34.22 -15.41
C ILE A 318 15.45 33.72 -15.68
N THR A 319 15.21 32.43 -15.46
CA THR A 319 13.86 31.90 -15.61
C THR A 319 12.92 32.45 -14.54
N GLU A 320 13.47 32.73 -13.35
CA GLU A 320 12.69 33.39 -12.31
C GLU A 320 12.22 34.76 -12.74
N TRP A 321 13.09 35.52 -13.40
CA TRP A 321 12.68 36.83 -13.90
C TRP A 321 11.69 36.71 -15.04
N LEU A 322 11.90 35.73 -15.93
CA LEU A 322 11.01 35.52 -17.07
C LEU A 322 9.60 35.09 -16.65
N TYR A 323 9.48 34.47 -15.47
CA TYR A 323 8.16 34.10 -14.95
C TYR A 323 7.25 35.31 -14.80
N TRP A 324 7.80 36.46 -14.42
CA TRP A 324 6.97 37.64 -14.22
C TRP A 324 6.48 38.23 -15.52
N THR A 325 7.29 38.15 -16.59
CA THR A 325 6.81 38.51 -17.91
C THR A 325 5.70 37.58 -18.36
N PHE A 326 5.83 36.27 -18.07
CA PHE A 326 4.77 35.32 -18.41
C PHE A 326 3.47 35.63 -17.65
N LEU A 327 3.60 35.98 -16.37
CA LEU A 327 2.43 36.33 -15.57
C LEU A 327 1.75 37.59 -16.09
N ALA A 328 2.55 38.59 -16.48
CA ALA A 328 2.00 39.80 -17.08
C ALA A 328 1.31 39.51 -18.40
N ASP A 329 1.88 38.61 -19.20
CA ASP A 329 1.30 38.23 -20.48
C ASP A 329 -0.06 37.57 -20.31
N VAL A 330 -0.15 36.65 -19.34
CA VAL A 330 -1.41 35.95 -19.09
C VAL A 330 -2.47 36.91 -18.54
N LEU A 331 -2.06 37.83 -17.64
CA LEU A 331 -3.02 38.79 -17.12
C LEU A 331 -3.48 39.78 -18.19
N LEU A 332 -2.59 40.13 -19.13
CA LEU A 332 -2.97 40.97 -20.26
C LEU A 332 -3.97 40.27 -21.16
N LEU A 333 -3.77 38.97 -21.42
CA LEU A 333 -4.73 38.21 -22.20
C LEU A 333 -6.08 38.12 -21.48
N THR A 334 -6.06 38.06 -20.15
CA THR A 334 -7.30 38.08 -19.39
C THR A 334 -8.01 39.43 -19.51
N TRP A 335 -7.24 40.52 -19.55
CA TRP A 335 -7.87 41.83 -19.70
C TRP A 335 -8.42 42.03 -21.11
N LEU A 336 -7.71 41.55 -22.12
CA LEU A 336 -8.10 41.77 -23.51
C LEU A 336 -9.38 41.04 -23.89
N GLY A 337 -9.71 39.94 -23.20
CA GLY A 337 -10.87 39.16 -23.56
C GLY A 337 -12.19 39.84 -23.27
N GLY A 338 -12.21 40.81 -22.37
CA GLY A 338 -13.40 41.57 -22.05
C GLY A 338 -13.60 42.83 -22.86
N ASN A 339 -12.74 43.10 -23.83
CA ASN A 339 -12.84 44.28 -24.68
C ASN A 339 -13.49 43.92 -26.00
N GLU A 340 -13.66 44.92 -26.86
CA GLU A 340 -14.20 44.74 -28.19
C GLU A 340 -13.10 44.48 -29.19
N ILE A 341 -13.48 43.98 -30.36
CA ILE A 341 -12.52 43.67 -31.41
C ILE A 341 -12.15 44.97 -32.12
N THR A 342 -10.87 45.31 -32.07
CA THR A 342 -10.30 46.56 -32.53
C THR A 342 -8.96 46.18 -33.15
N PRO A 343 -8.50 46.88 -34.19
CA PRO A 343 -7.20 46.51 -34.79
C PRO A 343 -6.01 46.56 -33.84
N ILE A 344 -5.98 47.53 -32.92
CA ILE A 344 -4.90 47.57 -31.95
C ILE A 344 -5.01 46.42 -30.95
N THR A 345 -6.24 46.09 -30.51
CA THR A 345 -6.42 44.98 -29.59
C THR A 345 -6.14 43.65 -30.28
N SER A 346 -6.47 43.55 -31.57
CA SER A 346 -6.12 42.35 -32.33
C SER A 346 -4.60 42.19 -32.43
N PHE A 347 -3.88 43.29 -32.70
CA PHE A 347 -2.43 43.23 -32.79
C PHE A 347 -1.79 42.87 -31.45
N VAL A 348 -2.30 43.47 -30.36
CA VAL A 348 -1.74 43.22 -29.04
C VAL A 348 -2.04 41.79 -28.59
N GLY A 349 -3.24 41.29 -28.88
CA GLY A 349 -3.57 39.91 -28.55
C GLY A 349 -2.75 38.90 -29.33
N GLN A 350 -2.46 39.21 -30.61
CA GLN A 350 -1.58 38.34 -31.39
C GLN A 350 -0.17 38.33 -30.82
N CYS A 351 0.34 39.49 -30.41
CA CYS A 351 1.68 39.55 -29.82
C CYS A 351 1.72 38.82 -28.48
N CYS A 352 0.66 38.93 -27.68
CA CYS A 352 0.61 38.23 -26.40
C CYS A 352 0.54 36.72 -26.58
N THR A 353 -0.24 36.25 -27.56
CA THR A 353 -0.29 34.81 -27.84
C THR A 353 1.06 34.29 -28.34
N ALA A 354 1.72 35.07 -29.19
CA ALA A 354 3.05 34.68 -29.68
C ALA A 354 4.05 34.62 -28.54
N TYR A 355 4.01 35.56 -27.61
CA TYR A 355 4.94 35.51 -26.48
C TYR A 355 4.61 34.38 -25.52
N LEU A 356 3.33 34.04 -25.36
CA LEU A 356 2.95 32.90 -24.52
C LEU A 356 3.53 31.61 -25.06
N PHE A 357 3.40 31.40 -26.38
CA PHE A 357 4.00 30.21 -26.98
C PHE A 357 5.51 30.26 -26.92
N PHE A 358 6.10 31.45 -27.09
CA PHE A 358 7.55 31.61 -27.02
C PHE A 358 8.10 31.25 -25.65
N TYR A 359 7.42 31.70 -24.59
CA TYR A 359 7.86 31.35 -23.23
C TYR A 359 7.65 29.87 -22.94
N LEU A 360 6.51 29.31 -23.34
CA LEU A 360 6.23 27.92 -22.99
C LEU A 360 7.10 26.94 -23.76
N LEU A 361 7.54 27.30 -24.96
CA LEU A 361 8.22 26.33 -25.81
C LEU A 361 9.68 26.65 -26.12
N VAL A 362 10.14 27.89 -25.90
CA VAL A 362 11.49 28.28 -26.20
C VAL A 362 12.26 28.68 -24.95
N CYS A 363 11.66 29.48 -24.08
CA CYS A 363 12.36 29.96 -22.89
C CYS A 363 12.61 28.84 -21.89
N GLN A 364 11.57 28.05 -21.59
CA GLN A 364 11.68 27.00 -20.57
C GLN A 364 12.71 25.92 -20.89
N PRO A 365 12.82 25.35 -22.12
CA PRO A 365 13.94 24.44 -22.36
C PRO A 365 15.31 25.12 -22.52
N LEU A 366 15.39 26.17 -23.35
CA LEU A 366 16.69 26.67 -23.76
C LEU A 366 17.34 27.54 -22.68
N VAL A 367 16.57 28.44 -22.08
CA VAL A 367 17.09 29.26 -20.99
C VAL A 367 17.39 28.40 -19.78
N GLY A 368 16.57 27.37 -19.54
CA GLY A 368 16.85 26.45 -18.45
C GLY A 368 18.13 25.67 -18.66
N TYR A 369 18.37 25.22 -19.89
CA TYR A 369 19.63 24.54 -20.20
C TYR A 369 20.83 25.47 -20.05
N LEU A 370 20.68 26.73 -20.45
CA LEU A 370 21.75 27.71 -20.25
C LEU A 370 22.01 27.94 -18.77
N GLU A 371 20.96 27.97 -17.95
CA GLU A 371 21.14 28.12 -16.50
C GLU A 371 21.85 26.92 -15.89
N THR A 372 21.52 25.71 -16.34
CA THR A 372 22.23 24.53 -15.84
C THR A 372 23.70 24.54 -16.27
N GLN A 373 23.98 25.00 -17.49
CA GLN A 373 25.36 25.10 -17.95
C GLN A 373 26.12 26.20 -17.22
N PHE A 374 25.43 27.24 -16.78
CA PHE A 374 26.09 28.29 -16.00
C PHE A 374 26.37 27.83 -14.58
N ALA A 375 25.40 27.16 -13.96
CA ALA A 375 25.52 26.81 -12.55
C ALA A 375 26.43 25.62 -12.32
N HIS A 376 26.24 24.54 -13.08
CA HIS A 376 26.96 23.30 -12.85
C HIS A 376 27.81 22.87 -14.03
N GLY A 377 28.14 23.79 -14.93
CA GLY A 377 28.93 23.44 -16.10
C GLY A 377 30.41 23.67 -15.91
N ARG B 2 7.71 -5.57 -14.56
CA ARG B 2 8.78 -4.58 -14.64
C ARG B 2 8.22 -3.23 -15.09
N MET B 3 7.37 -3.22 -16.11
CA MET B 3 6.76 -1.97 -16.53
C MET B 3 5.73 -1.47 -15.53
N HIS B 4 5.06 -2.38 -14.82
CA HIS B 4 4.14 -1.96 -13.78
C HIS B 4 4.86 -1.54 -12.50
N ASN B 5 6.17 -1.76 -12.42
CA ASN B 5 6.96 -1.28 -11.29
C ASN B 5 7.33 0.18 -11.41
N LYS B 6 7.12 0.80 -12.57
CA LYS B 6 7.53 2.18 -12.81
C LYS B 6 6.42 3.19 -12.57
N ILE B 7 5.16 2.79 -12.66
CA ILE B 7 4.03 3.67 -12.42
C ILE B 7 3.20 3.09 -11.27
N GLN B 8 2.75 3.96 -10.36
CA GLN B 8 1.92 3.52 -9.25
C GLN B 8 0.59 2.92 -9.72
N LEU B 9 -0.08 3.58 -10.66
CA LEU B 9 -1.41 3.14 -11.09
C LEU B 9 -1.35 1.78 -11.81
N LEU B 10 -0.26 1.51 -12.51
CA LEU B 10 -0.07 0.18 -13.08
C LEU B 10 0.16 -0.85 -11.98
N SER B 11 0.88 -0.47 -10.91
CA SER B 11 1.21 -1.40 -9.85
C SER B 11 -0.01 -1.80 -9.05
N VAL B 12 -0.86 -0.83 -8.70
CA VAL B 12 -2.06 -1.10 -7.92
C VAL B 12 -3.02 -1.98 -8.73
N LEU B 13 -3.20 -1.66 -10.01
CA LEU B 13 -4.06 -2.44 -10.88
C LEU B 13 -3.53 -3.86 -11.07
N ASN B 14 -2.22 -3.99 -11.26
CA ASN B 14 -1.62 -5.32 -11.43
C ASN B 14 -1.81 -6.17 -10.18
N THR B 15 -1.52 -5.58 -9.00
CA THR B 15 -1.63 -6.30 -7.74
C THR B 15 -3.06 -6.72 -7.44
N HIS B 16 -4.03 -5.84 -7.67
CA HIS B 16 -5.39 -6.12 -7.25
C HIS B 16 -6.29 -6.65 -8.36
N LEU B 17 -5.79 -6.79 -9.59
CA LEU B 17 -6.65 -7.30 -10.65
C LEU B 17 -5.99 -8.41 -11.46
N VAL B 18 -4.67 -8.37 -11.63
CA VAL B 18 -3.99 -9.29 -12.52
C VAL B 18 -3.36 -10.45 -11.77
N ALA B 19 -2.52 -10.15 -10.78
CA ALA B 19 -1.76 -11.17 -10.07
C ALA B 19 -2.26 -11.40 -8.65
N TYR B 20 -3.55 -11.18 -8.40
CA TYR B 20 -4.07 -11.35 -7.05
C TYR B 20 -4.36 -12.83 -6.79
N PRO B 21 -3.77 -13.42 -5.75
CA PRO B 21 -4.02 -14.85 -5.47
C PRO B 21 -5.43 -15.10 -4.98
N THR B 22 -6.01 -16.23 -5.43
CA THR B 22 -7.42 -16.56 -5.30
C THR B 22 -7.49 -18.07 -5.14
N PRO B 23 -8.37 -18.60 -4.26
CA PRO B 23 -8.47 -20.06 -4.11
C PRO B 23 -8.92 -20.75 -5.39
N MET B 24 -8.23 -21.85 -5.72
CA MET B 24 -8.44 -22.54 -6.99
C MET B 24 -9.76 -23.31 -7.05
N ASN B 25 -10.41 -23.53 -5.92
CA ASN B 25 -11.63 -24.34 -5.90
C ASN B 25 -12.89 -23.49 -5.76
N LEU B 26 -12.84 -22.21 -6.12
CA LEU B 26 -14.05 -21.38 -6.08
C LEU B 26 -15.03 -21.83 -7.14
N ASN B 27 -16.29 -22.00 -6.75
CA ASN B 27 -17.34 -22.41 -7.68
C ASN B 27 -18.10 -21.19 -8.17
N TYR B 28 -19.24 -21.41 -8.82
CA TYR B 28 -19.98 -20.33 -9.44
C TYR B 28 -20.84 -19.55 -8.46
N SER B 29 -20.88 -19.95 -7.20
CA SER B 29 -21.47 -19.12 -6.16
C SER B 29 -20.60 -17.92 -5.80
N TRP B 30 -19.34 -17.91 -6.22
CA TRP B 30 -18.44 -16.78 -6.01
C TRP B 30 -18.42 -15.80 -7.18
N ASN B 31 -19.49 -15.74 -7.97
CA ASN B 31 -19.61 -14.76 -9.04
C ASN B 31 -20.57 -13.62 -8.75
N GLY B 32 -21.23 -13.62 -7.58
CA GLY B 32 -22.22 -12.60 -7.30
C GLY B 32 -21.65 -11.20 -7.14
N GLY B 33 -20.39 -11.10 -6.70
CA GLY B 33 -19.80 -9.79 -6.52
C GLY B 33 -19.49 -9.07 -7.82
N SER B 34 -18.88 -9.78 -8.77
CA SER B 34 -18.61 -9.19 -10.08
C SER B 34 -19.89 -8.83 -10.80
N LEU B 35 -20.91 -9.68 -10.68
CA LEU B 35 -22.21 -9.39 -11.30
C LEU B 35 -22.88 -8.18 -10.65
N ALA B 36 -22.76 -8.04 -9.32
CA ALA B 36 -23.32 -6.87 -8.65
C ALA B 36 -22.59 -5.59 -9.07
N GLY B 37 -21.27 -5.66 -9.20
CA GLY B 37 -20.53 -4.50 -9.69
C GLY B 37 -20.90 -4.13 -11.11
N MET B 38 -21.07 -5.13 -11.98
CA MET B 38 -21.49 -4.87 -13.35
C MET B 38 -22.90 -4.30 -13.42
N MET B 39 -23.79 -4.75 -12.52
CA MET B 39 -25.13 -4.19 -12.52
C MET B 39 -25.16 -2.77 -11.98
N LEU B 40 -24.28 -2.45 -11.02
CA LEU B 40 -24.15 -1.06 -10.58
C LEU B 40 -23.63 -0.16 -11.70
N ALA B 41 -22.64 -0.63 -12.45
CA ALA B 41 -22.14 0.15 -13.59
C ALA B 41 -23.21 0.33 -14.66
N SER B 42 -24.00 -0.71 -14.92
CA SER B 42 -25.10 -0.62 -15.88
C SER B 42 -26.16 0.37 -15.42
N GLN B 43 -26.51 0.34 -14.13
CA GLN B 43 -27.50 1.27 -13.60
C GLN B 43 -27.00 2.70 -13.69
N MET B 44 -25.71 2.93 -13.39
CA MET B 44 -25.16 4.28 -13.46
C MET B 44 -25.12 4.80 -14.90
N LEU B 45 -24.75 3.96 -15.86
CA LEU B 45 -24.69 4.39 -17.25
C LEU B 45 -26.08 4.70 -17.79
N THR B 46 -27.03 3.77 -17.62
CA THR B 46 -28.37 4.00 -18.16
C THR B 46 -29.08 5.14 -17.43
N GLY B 47 -28.81 5.34 -16.14
CA GLY B 47 -29.38 6.48 -15.44
C GLY B 47 -28.82 7.80 -15.89
N ILE B 48 -27.50 7.86 -16.13
CA ILE B 48 -26.89 9.09 -16.64
C ILE B 48 -27.47 9.42 -18.01
N LEU B 49 -27.69 8.40 -18.83
CA LEU B 49 -28.29 8.64 -20.15
C LEU B 49 -29.76 9.05 -20.05
N LEU B 50 -30.51 8.51 -19.08
CA LEU B 50 -31.91 8.89 -18.95
C LEU B 50 -32.08 10.29 -18.38
N ALA B 51 -31.09 10.79 -17.64
CA ALA B 51 -31.21 12.08 -16.98
C ALA B 51 -31.15 13.24 -17.96
N MET B 52 -30.73 12.99 -19.20
CA MET B 52 -30.69 13.99 -20.25
C MET B 52 -32.05 14.24 -20.88
N HIS B 53 -33.07 13.47 -20.51
CA HIS B 53 -34.40 13.64 -21.05
C HIS B 53 -35.49 13.69 -20.00
N TYR B 54 -35.19 13.38 -18.74
CA TYR B 54 -36.17 13.46 -17.66
C TYR B 54 -36.21 14.87 -17.09
N VAL B 55 -37.42 15.31 -16.72
CA VAL B 55 -37.63 16.61 -16.08
C VAL B 55 -38.26 16.36 -14.71
N GLY B 56 -37.61 16.85 -13.66
CA GLY B 56 -38.08 16.64 -12.32
C GLY B 56 -39.10 17.64 -11.82
N HIS B 57 -40.20 17.79 -12.54
CA HIS B 57 -41.30 18.67 -12.16
C HIS B 57 -42.60 17.91 -12.28
N VAL B 58 -43.55 18.22 -11.38
CA VAL B 58 -44.79 17.45 -11.32
C VAL B 58 -45.69 17.69 -12.52
N ASP B 59 -45.43 18.71 -13.32
CA ASP B 59 -46.21 18.95 -14.52
C ASP B 59 -45.59 18.32 -15.76
N TYR B 60 -44.31 17.95 -15.71
CA TYR B 60 -43.60 17.41 -16.87
C TYR B 60 -42.94 16.06 -16.66
N ALA B 61 -43.04 15.43 -15.49
CA ALA B 61 -42.28 14.21 -15.24
C ALA B 61 -42.81 13.02 -16.03
N PHE B 62 -44.12 12.75 -15.89
CA PHE B 62 -44.77 11.66 -16.63
C PHE B 62 -44.70 11.89 -18.13
N ALA B 63 -44.93 13.13 -18.56
CA ALA B 63 -44.90 13.46 -19.98
C ALA B 63 -43.50 13.29 -20.57
N SER B 64 -42.46 13.66 -19.82
CA SER B 64 -41.11 13.46 -20.31
C SER B 64 -40.74 11.99 -20.35
N VAL B 65 -41.28 11.19 -19.42
CA VAL B 65 -41.07 9.75 -19.47
C VAL B 65 -41.67 9.18 -20.75
N GLN B 66 -42.91 9.58 -21.08
CA GLN B 66 -43.55 9.13 -22.30
C GLN B 66 -42.80 9.57 -23.55
N HIS B 67 -42.35 10.84 -23.57
CA HIS B 67 -41.62 11.36 -24.72
C HIS B 67 -40.30 10.64 -24.93
N LEU B 68 -39.61 10.32 -23.83
CA LEU B 68 -38.41 9.50 -23.89
C LEU B 68 -38.71 8.09 -24.39
N MET B 69 -39.87 7.55 -24.03
CA MET B 69 -40.24 6.21 -24.47
C MET B 69 -40.48 6.17 -25.98
N THR B 70 -41.20 7.16 -26.51
CA THR B 70 -41.62 7.11 -27.91
C THR B 70 -40.69 7.85 -28.86
N ASP B 71 -40.25 9.06 -28.51
CA ASP B 71 -39.61 9.92 -29.49
C ASP B 71 -38.09 9.89 -29.45
N VAL B 72 -37.49 9.66 -28.30
CA VAL B 72 -36.03 9.62 -28.18
C VAL B 72 -35.52 8.35 -28.83
N PRO B 73 -34.53 8.41 -29.72
CA PRO B 73 -33.97 7.18 -30.29
C PRO B 73 -33.25 6.38 -29.21
N SER B 74 -33.53 5.08 -29.18
CA SER B 74 -33.10 4.11 -28.17
C SER B 74 -33.56 4.45 -26.77
N GLY B 75 -34.59 5.30 -26.61
CA GLY B 75 -35.02 5.68 -25.28
C GLY B 75 -35.79 4.61 -24.56
N MET B 76 -36.54 3.80 -25.32
CA MET B 76 -37.27 2.69 -24.72
C MET B 76 -36.33 1.62 -24.18
N ILE B 77 -35.26 1.33 -24.93
CA ILE B 77 -34.25 0.37 -24.48
C ILE B 77 -33.60 0.86 -23.19
N LEU B 78 -33.25 2.14 -23.12
CA LEU B 78 -32.63 2.69 -21.93
C LEU B 78 -33.57 2.69 -20.73
N ARG B 79 -34.84 3.03 -20.95
CA ARG B 79 -35.77 3.14 -19.84
C ARG B 79 -36.11 1.75 -19.29
N TYR B 80 -36.35 0.79 -20.18
CA TYR B 80 -36.61 -0.58 -19.75
C TYR B 80 -35.38 -1.22 -19.14
N ALA B 81 -34.20 -0.92 -19.69
CA ALA B 81 -32.96 -1.42 -19.14
C ALA B 81 -32.72 -0.91 -17.73
N HIS B 82 -33.02 0.36 -17.47
CA HIS B 82 -32.88 0.90 -16.13
C HIS B 82 -33.87 0.27 -15.15
N ALA B 83 -35.15 0.20 -15.56
CA ALA B 83 -36.19 -0.27 -14.66
C ALA B 83 -36.06 -1.76 -14.34
N ASN B 84 -35.58 -2.55 -15.29
CA ASN B 84 -35.37 -3.98 -15.03
C ASN B 84 -33.97 -4.30 -14.52
N GLY B 85 -33.00 -3.43 -14.78
CA GLY B 85 -31.70 -3.60 -14.19
C GLY B 85 -31.70 -3.33 -12.71
N ALA B 86 -32.64 -2.51 -12.23
CA ALA B 86 -32.80 -2.38 -10.78
C ALA B 86 -33.21 -3.72 -10.14
N SER B 87 -34.17 -4.42 -10.76
CA SER B 87 -34.60 -5.71 -10.25
C SER B 87 -33.50 -6.76 -10.35
N LEU B 88 -32.75 -6.77 -11.44
CA LEU B 88 -31.65 -7.73 -11.55
C LEU B 88 -30.51 -7.40 -10.58
N PHE B 89 -30.28 -6.12 -10.32
CA PHE B 89 -29.35 -5.70 -9.28
C PHE B 89 -29.75 -6.25 -7.92
N PHE B 90 -31.04 -6.16 -7.60
CA PHE B 90 -31.48 -6.68 -6.31
C PHE B 90 -31.44 -8.20 -6.25
N ILE B 91 -31.69 -8.88 -7.38
CA ILE B 91 -31.57 -10.34 -7.43
C ILE B 91 -30.14 -10.78 -7.14
N VAL B 92 -29.17 -10.16 -7.83
CA VAL B 92 -27.78 -10.53 -7.68
C VAL B 92 -27.27 -10.23 -6.28
N VAL B 93 -27.65 -9.07 -5.71
CA VAL B 93 -27.22 -8.73 -4.36
C VAL B 93 -27.85 -9.65 -3.31
N TYR B 94 -29.14 -9.99 -3.47
CA TYR B 94 -29.78 -10.90 -2.52
C TYR B 94 -29.15 -12.29 -2.56
N LEU B 95 -28.79 -12.77 -3.76
CA LEU B 95 -28.11 -14.07 -3.86
C LEU B 95 -26.70 -14.02 -3.27
N HIS B 96 -26.02 -12.89 -3.43
CA HIS B 96 -24.71 -12.67 -2.80
C HIS B 96 -24.80 -12.73 -1.27
N VAL B 97 -25.81 -12.07 -0.71
CA VAL B 97 -26.00 -12.07 0.75
C VAL B 97 -26.38 -13.46 1.23
N LEU B 98 -27.19 -14.19 0.47
CA LEU B 98 -27.57 -15.54 0.88
C LEU B 98 -26.38 -16.49 0.80
N ARG B 99 -25.47 -16.28 -0.16
CA ARG B 99 -24.20 -17.02 -0.18
C ARG B 99 -23.42 -16.77 1.11
N GLY B 100 -23.29 -15.50 1.50
CA GLY B 100 -22.58 -15.18 2.73
C GLY B 100 -23.23 -15.76 3.97
N MET B 101 -24.57 -15.81 3.99
CA MET B 101 -25.29 -16.40 5.11
C MET B 101 -25.09 -17.91 5.15
N TYR B 102 -25.07 -18.56 3.99
CA TYR B 102 -24.88 -20.00 3.94
C TYR B 102 -23.48 -20.41 4.39
N TYR B 103 -22.46 -19.71 3.91
CA TYR B 103 -21.09 -20.11 4.22
C TYR B 103 -20.56 -19.49 5.51
N GLY B 104 -21.30 -18.57 6.12
CA GLY B 104 -20.80 -17.84 7.28
C GLY B 104 -19.59 -17.00 6.95
N SER B 105 -19.61 -16.31 5.79
CA SER B 105 -18.44 -15.61 5.28
C SER B 105 -18.12 -14.34 6.06
N GLY B 106 -19.03 -13.87 6.90
CA GLY B 106 -18.79 -12.68 7.68
C GLY B 106 -17.88 -12.87 8.87
N ALA B 107 -17.48 -14.09 9.19
CA ALA B 107 -16.71 -14.38 10.39
C ALA B 107 -15.30 -13.81 10.28
N GLN B 108 -14.55 -13.96 11.37
CA GLN B 108 -13.21 -13.40 11.49
C GLN B 108 -12.27 -14.08 10.48
N PRO B 109 -11.39 -13.31 9.81
CA PRO B 109 -11.13 -11.87 9.95
C PRO B 109 -11.83 -11.01 8.91
N ARG B 110 -13.12 -11.23 8.66
CA ARG B 110 -13.83 -10.52 7.60
C ARG B 110 -15.09 -9.86 8.15
N GLU B 111 -15.00 -9.27 9.34
CA GLU B 111 -16.14 -8.55 9.92
C GLU B 111 -16.40 -7.23 9.20
N ILE B 112 -15.33 -6.56 8.76
CA ILE B 112 -15.45 -5.29 8.06
C ILE B 112 -16.16 -5.47 6.72
N VAL B 113 -15.90 -6.59 6.04
CA VAL B 113 -16.53 -6.87 4.75
C VAL B 113 -18.04 -7.03 4.92
N TRP B 114 -18.46 -7.78 5.93
CA TRP B 114 -19.88 -7.95 6.20
C TRP B 114 -20.55 -6.64 6.60
N ILE B 115 -19.87 -5.83 7.42
CA ILE B 115 -20.49 -4.59 7.89
C ILE B 115 -20.63 -3.58 6.75
N SER B 116 -19.58 -3.45 5.92
CA SER B 116 -19.70 -2.59 4.74
C SER B 116 -20.73 -3.11 3.75
N GLY B 117 -20.92 -4.44 3.69
CA GLY B 117 -21.99 -4.99 2.88
C GLY B 117 -23.37 -4.58 3.37
N VAL B 118 -23.60 -4.62 4.68
CA VAL B 118 -24.91 -4.23 5.21
C VAL B 118 -25.15 -2.73 4.97
N VAL B 119 -24.10 -1.93 5.07
CA VAL B 119 -24.19 -0.50 4.76
C VAL B 119 -24.56 -0.29 3.29
N ILE B 120 -23.92 -1.04 2.39
CA ILE B 120 -24.20 -0.98 0.96
C ILE B 120 -25.66 -1.33 0.68
N LEU B 121 -26.17 -2.39 1.33
CA LEU B 121 -27.54 -2.82 1.11
C LEU B 121 -28.55 -1.78 1.56
N LEU B 122 -28.29 -1.11 2.70
CA LEU B 122 -29.18 -0.05 3.15
C LEU B 122 -29.21 1.13 2.18
N VAL B 123 -28.02 1.53 1.68
CA VAL B 123 -27.95 2.61 0.70
C VAL B 123 -28.66 2.22 -0.60
N MET B 124 -28.54 0.96 -1.00
CA MET B 124 -29.21 0.45 -2.20
C MET B 124 -30.71 0.53 -2.08
N ILE B 125 -31.24 0.16 -0.91
CA ILE B 125 -32.68 0.18 -0.67
C ILE B 125 -33.21 1.61 -0.76
N ILE B 126 -32.50 2.55 -0.13
CA ILE B 126 -32.94 3.96 -0.17
C ILE B 126 -32.86 4.52 -1.60
N THR B 127 -31.81 4.16 -2.34
CA THR B 127 -31.64 4.62 -3.72
C THR B 127 -32.79 4.16 -4.60
N ALA B 128 -33.13 2.86 -4.54
CA ALA B 128 -34.22 2.34 -5.36
C ALA B 128 -35.57 2.94 -4.97
N PHE B 129 -35.80 3.13 -3.66
CA PHE B 129 -37.07 3.68 -3.22
C PHE B 129 -37.28 5.11 -3.72
N ILE B 130 -36.24 5.95 -3.67
CA ILE B 130 -36.46 7.30 -4.16
C ILE B 130 -36.39 7.38 -5.68
N GLY B 131 -35.78 6.39 -6.35
CA GLY B 131 -35.85 6.37 -7.79
C GLY B 131 -37.21 5.99 -8.33
N TYR B 132 -37.94 5.14 -7.60
CA TYR B 132 -39.27 4.76 -8.04
C TYR B 132 -40.27 5.90 -8.02
N VAL B 133 -40.03 6.95 -7.23
CA VAL B 133 -40.95 8.07 -7.17
C VAL B 133 -40.86 8.96 -8.41
N LEU B 134 -39.71 8.93 -9.10
CA LEU B 134 -39.47 9.83 -10.23
C LEU B 134 -40.46 9.74 -11.40
N PRO B 135 -40.98 8.57 -11.83
CA PRO B 135 -42.01 8.59 -12.88
C PRO B 135 -43.30 9.31 -12.49
N TRP B 136 -43.56 9.50 -11.20
CA TRP B 136 -44.71 10.24 -10.68
C TRP B 136 -46.04 9.63 -11.12
N GLY B 137 -46.10 8.30 -11.08
CA GLY B 137 -47.34 7.57 -11.28
C GLY B 137 -48.10 7.41 -9.98
N GLN B 138 -49.14 6.58 -10.04
CA GLN B 138 -49.98 6.36 -8.86
C GLN B 138 -49.24 5.60 -7.77
N MET B 139 -48.52 4.53 -8.15
CA MET B 139 -47.73 3.81 -7.17
C MET B 139 -46.57 4.66 -6.66
N SER B 140 -45.96 5.44 -7.55
CA SER B 140 -44.85 6.32 -7.17
C SER B 140 -45.28 7.36 -6.16
N PHE B 141 -46.48 7.90 -6.31
CA PHE B 141 -46.96 8.89 -5.35
C PHE B 141 -47.39 8.22 -4.05
N TRP B 142 -48.21 7.18 -4.14
CA TRP B 142 -48.88 6.67 -2.96
C TRP B 142 -47.95 5.83 -2.09
N GLY B 143 -46.95 5.18 -2.67
CA GLY B 143 -45.97 4.49 -1.86
C GLY B 143 -45.07 5.44 -1.09
N ALA B 144 -44.66 6.54 -1.73
CA ALA B 144 -43.93 7.58 -1.02
C ALA B 144 -44.78 8.20 0.07
N THR B 145 -46.09 8.33 -0.15
CA THR B 145 -46.97 8.85 0.89
C THR B 145 -47.06 7.90 2.07
N VAL B 146 -47.24 6.61 1.81
CA VAL B 146 -47.44 5.64 2.88
C VAL B 146 -46.15 5.42 3.67
N ILE B 147 -45.01 5.36 2.98
CA ILE B 147 -43.76 5.03 3.66
C ILE B 147 -43.20 6.21 4.42
N THR B 148 -43.25 7.42 3.85
CA THR B 148 -42.75 8.57 4.60
C THR B 148 -43.70 9.00 5.70
N SER B 149 -44.92 8.47 5.74
CA SER B 149 -45.83 8.69 6.86
C SER B 149 -45.52 7.80 8.05
N LEU B 150 -44.50 6.95 7.96
CA LEU B 150 -44.09 6.16 9.11
C LEU B 150 -43.30 6.97 10.11
N ALA B 151 -42.85 8.18 9.74
CA ALA B 151 -42.13 9.04 10.66
C ALA B 151 -43.01 9.56 11.79
N THR B 152 -44.32 9.59 11.60
CA THR B 152 -45.22 10.05 12.64
C THR B 152 -45.39 9.02 13.75
N ALA B 153 -44.85 7.81 13.58
CA ALA B 153 -44.80 6.85 14.68
C ALA B 153 -43.86 7.31 15.78
N ILE B 154 -42.83 8.06 15.44
CA ILE B 154 -41.96 8.67 16.46
C ILE B 154 -42.75 9.76 17.18
N PRO B 155 -42.84 9.73 18.51
CA PRO B 155 -43.65 10.73 19.22
C PRO B 155 -42.99 12.10 19.21
N VAL B 156 -43.79 13.11 19.57
CA VAL B 156 -43.41 14.52 19.72
C VAL B 156 -42.93 15.12 18.40
N VAL B 157 -41.82 14.64 17.87
CA VAL B 157 -41.18 15.27 16.72
C VAL B 157 -41.39 14.45 15.44
N GLY B 158 -42.49 13.72 15.33
CA GLY B 158 -42.71 12.90 14.14
C GLY B 158 -43.20 13.72 12.97
N LYS B 159 -44.27 14.49 13.17
CA LYS B 159 -44.87 15.28 12.10
C LYS B 159 -43.91 16.37 11.61
N HIS B 160 -43.06 16.90 12.49
CA HIS B 160 -42.11 17.91 12.09
C HIS B 160 -41.06 17.34 11.14
N ILE B 161 -40.57 16.13 11.42
CA ILE B 161 -39.62 15.48 10.51
C ILE B 161 -40.31 15.11 9.20
N MET B 162 -41.59 14.70 9.28
CA MET B 162 -42.34 14.38 8.06
C MET B 162 -42.52 15.60 7.17
N TYR B 163 -42.90 16.73 7.75
CA TYR B 163 -43.06 17.96 6.98
C TYR B 163 -41.73 18.50 6.49
N TRP B 164 -40.65 18.28 7.24
CA TRP B 164 -39.34 18.71 6.78
C TRP B 164 -38.88 17.87 5.59
N LEU B 165 -39.17 16.57 5.60
CA LEU B 165 -38.80 15.73 4.47
C LEU B 165 -39.67 16.03 3.25
N TRP B 166 -40.94 16.36 3.47
CA TRP B 166 -41.82 16.64 2.34
C TRP B 166 -41.58 18.01 1.73
N GLY B 167 -41.19 19.00 2.53
CA GLY B 167 -41.15 20.36 2.06
C GLY B 167 -42.48 21.06 2.06
N GLY B 168 -43.45 20.52 2.78
CA GLY B 168 -44.78 21.09 2.78
C GLY B 168 -45.68 20.27 3.67
N PHE B 169 -46.98 20.36 3.42
CA PHE B 169 -47.96 19.60 4.18
C PHE B 169 -48.33 18.27 3.50
N SER B 170 -47.78 17.99 2.32
CA SER B 170 -48.11 16.78 1.59
C SER B 170 -47.00 16.50 0.60
N VAL B 171 -47.02 15.29 0.03
CA VAL B 171 -46.08 14.93 -1.02
C VAL B 171 -46.45 15.68 -2.29
N ASP B 172 -45.52 16.50 -2.79
CA ASP B 172 -45.80 17.41 -3.88
C ASP B 172 -44.50 17.68 -4.63
N ASN B 173 -44.47 18.78 -5.39
CA ASN B 173 -43.30 19.10 -6.22
C ASN B 173 -41.96 19.23 -5.50
N PRO B 174 -41.82 19.88 -4.32
CA PRO B 174 -40.50 19.91 -3.67
C PRO B 174 -39.99 18.54 -3.27
N THR B 175 -40.91 17.63 -2.91
CA THR B 175 -40.53 16.25 -2.61
C THR B 175 -39.92 15.59 -3.83
N LEU B 176 -40.54 15.78 -5.00
CA LEU B 176 -40.04 15.18 -6.24
C LEU B 176 -38.69 15.76 -6.63
N ASN B 177 -38.51 17.08 -6.47
CA ASN B 177 -37.23 17.69 -6.83
C ASN B 177 -36.10 17.24 -5.92
N ARG B 178 -36.34 17.21 -4.60
CA ARG B 178 -35.28 16.77 -3.70
C ARG B 178 -35.02 15.27 -3.84
N PHE B 179 -36.05 14.48 -4.16
CA PHE B 179 -35.86 13.06 -4.39
C PHE B 179 -35.02 12.83 -5.63
N TYR B 180 -35.21 13.66 -6.66
CA TYR B 180 -34.39 13.56 -7.86
C TYR B 180 -32.92 13.87 -7.58
N SER B 181 -32.66 14.91 -6.77
CA SER B 181 -31.26 15.22 -6.45
C SER B 181 -30.60 14.12 -5.61
N PHE B 182 -31.31 13.65 -4.57
CA PHE B 182 -30.79 12.57 -3.74
C PHE B 182 -30.60 11.29 -4.53
N HIS B 183 -31.52 11.00 -5.45
CA HIS B 183 -31.40 9.84 -6.31
C HIS B 183 -30.27 9.96 -7.31
N TYR B 184 -29.91 11.18 -7.71
CA TYR B 184 -28.81 11.22 -8.66
C TYR B 184 -27.54 10.95 -7.85
N THR B 185 -27.51 11.47 -6.61
CA THR B 185 -26.32 11.49 -5.75
C THR B 185 -25.94 10.14 -5.15
N LEU B 186 -26.91 9.40 -4.61
CA LEU B 186 -26.59 8.19 -3.85
C LEU B 186 -25.89 7.05 -4.60
N PRO B 187 -26.03 6.85 -5.93
CA PRO B 187 -25.19 5.85 -6.60
C PRO B 187 -23.69 6.09 -6.56
N PHE B 188 -23.25 7.35 -6.46
CA PHE B 188 -21.82 7.57 -6.38
C PHE B 188 -21.26 7.20 -5.02
N ILE B 189 -22.07 7.39 -3.98
CA ILE B 189 -21.76 6.86 -2.66
C ILE B 189 -21.74 5.33 -2.70
N LEU B 190 -22.63 4.71 -3.47
CA LEU B 190 -22.59 3.27 -3.66
C LEU B 190 -21.30 2.81 -4.35
N ALA B 191 -20.83 3.56 -5.35
CA ALA B 191 -19.58 3.21 -6.00
C ALA B 191 -18.38 3.33 -5.05
N GLY B 192 -18.34 4.38 -4.24
CA GLY B 192 -17.30 4.52 -3.24
C GLY B 192 -17.31 3.44 -2.18
N LEU B 193 -18.52 3.12 -1.71
CA LEU B 193 -18.69 2.04 -0.73
C LEU B 193 -18.29 0.70 -1.31
N SER B 194 -18.57 0.47 -2.60
CA SER B 194 -18.16 -0.77 -3.23
C SER B 194 -16.64 -0.86 -3.37
N VAL B 195 -15.98 0.25 -3.68
CA VAL B 195 -14.52 0.25 -3.75
C VAL B 195 -13.91 -0.06 -2.39
N PHE B 196 -14.45 0.56 -1.33
CA PHE B 196 -13.98 0.28 0.03
C PHE B 196 -14.25 -1.18 0.43
N HIS B 197 -15.44 -1.68 0.08
CA HIS B 197 -15.84 -3.04 0.40
C HIS B 197 -14.94 -4.06 -0.27
N ILE B 198 -14.57 -3.82 -1.53
CA ILE B 198 -13.69 -4.75 -2.24
C ILE B 198 -12.27 -4.66 -1.70
N ALA B 199 -11.80 -3.45 -1.38
CA ALA B 199 -10.44 -3.32 -0.84
C ALA B 199 -10.33 -3.88 0.57
N ALA B 200 -11.43 -3.97 1.30
CA ALA B 200 -11.41 -4.65 2.58
C ALA B 200 -11.24 -6.16 2.42
N LEU B 201 -11.83 -6.74 1.38
CA LEU B 201 -11.71 -8.18 1.19
C LEU B 201 -10.31 -8.59 0.73
N HIS B 202 -9.63 -7.72 -0.02
CA HIS B 202 -8.31 -8.05 -0.54
C HIS B 202 -7.23 -8.10 0.52
N GLN B 203 -7.53 -7.68 1.74
CA GLN B 203 -6.58 -7.79 2.85
C GLN B 203 -6.30 -9.26 3.17
N TYR B 204 -7.34 -10.09 3.21
CA TYR B 204 -7.19 -11.50 3.57
C TYR B 204 -7.53 -12.49 2.46
N GLY B 205 -8.31 -12.08 1.45
CA GLY B 205 -8.72 -12.98 0.40
C GLY B 205 -10.13 -13.51 0.62
N SER B 206 -10.54 -14.38 -0.29
CA SER B 206 -11.86 -14.98 -0.21
C SER B 206 -11.80 -16.29 0.56
N THR B 207 -12.97 -16.71 1.05
CA THR B 207 -13.13 -18.07 1.53
C THR B 207 -13.47 -18.99 0.37
N ASN B 208 -13.33 -20.30 0.60
CA ASN B 208 -13.51 -21.31 -0.44
C ASN B 208 -14.72 -22.17 -0.08
N PRO B 209 -15.25 -22.97 -1.01
CA PRO B 209 -16.39 -23.85 -0.67
C PRO B 209 -16.08 -24.93 0.34
N LEU B 210 -14.81 -25.28 0.56
CA LEU B 210 -14.50 -26.28 1.58
C LEU B 210 -14.54 -25.70 2.99
N GLY B 211 -14.36 -24.40 3.13
CA GLY B 211 -14.35 -23.79 4.45
C GLY B 211 -13.06 -23.96 5.21
N VAL B 212 -11.98 -24.36 4.55
CA VAL B 212 -10.69 -24.55 5.18
C VAL B 212 -9.75 -23.43 4.73
N ASN B 213 -8.59 -23.38 5.37
CA ASN B 213 -7.54 -22.46 4.96
C ASN B 213 -7.02 -22.84 3.58
N SER B 214 -6.85 -21.85 2.71
CA SER B 214 -6.54 -22.10 1.30
C SER B 214 -5.23 -21.48 0.86
N GLN B 215 -4.35 -21.13 1.79
CA GLN B 215 -3.13 -20.41 1.42
C GLN B 215 -2.14 -21.29 0.68
N SER B 216 -2.31 -22.61 0.71
CA SER B 216 -1.43 -23.52 -0.02
C SER B 216 -1.78 -23.65 -1.49
N SER B 217 -2.98 -23.22 -1.92
CA SER B 217 -3.48 -23.44 -3.29
C SER B 217 -4.09 -22.16 -3.82
N LEU B 218 -3.25 -21.23 -4.30
CA LEU B 218 -3.72 -19.96 -4.80
C LEU B 218 -3.24 -19.73 -6.22
N ILE B 219 -4.10 -19.16 -7.05
CA ILE B 219 -3.79 -18.89 -8.45
C ILE B 219 -4.15 -17.44 -8.76
N SER B 220 -3.60 -16.95 -9.87
CA SER B 220 -3.76 -15.55 -10.26
C SER B 220 -5.20 -15.25 -10.66
N PHE B 221 -5.67 -14.07 -10.27
CA PHE B 221 -7.06 -13.72 -10.53
C PHE B 221 -7.30 -13.41 -12.00
N GLY B 222 -6.41 -12.63 -12.62
CA GLY B 222 -6.69 -12.10 -13.94
C GLY B 222 -6.72 -13.14 -15.04
N SER B 223 -5.80 -14.09 -14.99
CA SER B 223 -5.75 -15.10 -16.04
C SER B 223 -6.89 -16.10 -15.94
N TYR B 224 -7.34 -16.42 -14.73
CA TYR B 224 -8.27 -17.53 -14.52
C TYR B 224 -9.69 -17.09 -14.24
N PHE B 225 -9.90 -16.13 -13.35
CA PHE B 225 -11.25 -15.77 -12.95
C PHE B 225 -11.85 -14.66 -13.80
N GLY B 226 -11.10 -14.09 -14.74
CA GLY B 226 -11.70 -13.19 -15.72
C GLY B 226 -12.66 -13.90 -16.64
N ALA B 227 -12.23 -15.06 -17.17
CA ALA B 227 -13.09 -15.85 -18.05
C ALA B 227 -14.27 -16.45 -17.30
N LYS B 228 -14.02 -16.91 -16.08
CA LYS B 228 -15.08 -17.47 -15.25
C LYS B 228 -16.11 -16.42 -14.88
N ASP B 229 -15.70 -15.16 -14.74
CA ASP B 229 -16.66 -14.08 -14.53
C ASP B 229 -17.37 -13.69 -15.82
N LEU B 230 -16.70 -13.82 -16.97
CA LEU B 230 -17.32 -13.53 -18.25
C LEU B 230 -18.48 -14.49 -18.54
N VAL B 231 -18.32 -15.75 -18.16
CA VAL B 231 -19.38 -16.76 -18.38
C VAL B 231 -20.66 -16.37 -17.63
N GLY B 232 -20.51 -16.00 -16.35
CA GLY B 232 -21.66 -15.56 -15.56
C GLY B 232 -22.23 -14.24 -16.03
N ALA B 233 -21.38 -13.34 -16.53
CA ALA B 233 -21.88 -12.09 -17.11
C ALA B 233 -22.73 -12.35 -18.35
N LEU B 234 -22.35 -13.35 -19.15
CA LEU B 234 -23.16 -13.67 -20.33
C LEU B 234 -24.48 -14.33 -19.97
N PHE B 235 -24.48 -15.22 -18.96
CA PHE B 235 -25.76 -15.73 -18.46
C PHE B 235 -26.65 -14.62 -17.89
N LEU B 236 -26.06 -13.61 -17.25
CA LEU B 236 -26.88 -12.49 -16.80
C LEU B 236 -27.38 -11.63 -17.96
N ALA B 237 -26.56 -11.47 -18.99
CA ALA B 237 -26.97 -10.69 -20.16
C ALA B 237 -28.11 -11.34 -20.92
N LEU B 238 -28.18 -12.69 -20.91
CA LEU B 238 -29.32 -13.38 -21.53
C LEU B 238 -30.63 -13.05 -20.83
N VAL B 239 -30.64 -13.15 -19.49
CA VAL B 239 -31.83 -12.83 -18.71
C VAL B 239 -32.20 -11.37 -18.85
N PHE B 240 -31.19 -10.50 -18.90
CA PHE B 240 -31.41 -9.07 -19.10
C PHE B 240 -32.06 -8.80 -20.44
N SER B 241 -31.58 -9.45 -21.51
CA SER B 241 -32.17 -9.29 -22.84
C SER B 241 -33.61 -9.78 -22.89
N ILE B 242 -33.89 -10.93 -22.27
CA ILE B 242 -35.25 -11.46 -22.25
C ILE B 242 -36.19 -10.50 -21.53
N LEU B 243 -35.75 -9.96 -20.38
CA LEU B 243 -36.61 -9.07 -19.60
C LEU B 243 -36.83 -7.73 -20.31
N VAL B 244 -35.80 -7.20 -20.97
CA VAL B 244 -35.94 -5.92 -21.65
C VAL B 244 -36.83 -6.05 -22.88
N PHE B 245 -36.64 -7.09 -23.69
CA PHE B 245 -37.29 -7.12 -24.99
C PHE B 245 -38.59 -7.90 -25.03
N PHE B 246 -38.75 -8.95 -24.24
CA PHE B 246 -39.93 -9.80 -24.36
C PHE B 246 -40.97 -9.56 -23.28
N TYR B 247 -40.55 -9.29 -22.05
CA TYR B 247 -41.45 -9.06 -20.93
C TYR B 247 -41.01 -7.83 -20.16
N PRO B 248 -41.26 -6.63 -20.70
CA PRO B 248 -40.71 -5.42 -20.07
C PRO B 248 -41.50 -4.94 -18.86
N ASP B 249 -42.79 -5.23 -18.79
CA ASP B 249 -43.59 -4.84 -17.64
C ASP B 249 -43.95 -6.02 -16.75
N LEU B 250 -43.17 -7.10 -16.84
CA LEU B 250 -43.46 -8.29 -16.04
C LEU B 250 -43.22 -8.03 -14.55
N LEU B 251 -42.12 -7.38 -14.21
CA LEU B 251 -41.74 -7.10 -12.84
C LEU B 251 -42.21 -5.73 -12.36
N GLY B 252 -43.12 -5.09 -13.10
CA GLY B 252 -43.64 -3.80 -12.73
C GLY B 252 -45.06 -3.86 -12.21
N HIS B 253 -45.68 -2.70 -12.12
CA HIS B 253 -47.06 -2.60 -11.72
C HIS B 253 -47.83 -1.77 -12.74
N PRO B 254 -49.05 -2.17 -13.09
CA PRO B 254 -49.83 -1.39 -14.07
C PRO B 254 -50.29 -0.03 -13.56
N ASP B 255 -50.40 0.16 -12.24
CA ASP B 255 -50.89 1.43 -11.72
C ASP B 255 -49.87 2.55 -11.84
N ASN B 256 -48.60 2.23 -12.06
CA ASN B 256 -47.60 3.28 -12.24
C ASN B 256 -47.66 3.89 -13.63
N LEU B 257 -48.51 3.38 -14.52
CA LEU B 257 -48.79 3.98 -15.82
C LEU B 257 -49.99 4.93 -15.78
N ILE B 258 -50.63 5.08 -14.62
CA ILE B 258 -51.63 6.11 -14.42
C ILE B 258 -50.92 7.32 -13.81
N PRO B 259 -51.21 8.55 -14.24
CA PRO B 259 -50.63 9.71 -13.56
C PRO B 259 -51.12 9.86 -12.13
N ALA B 260 -50.28 10.47 -11.30
CA ALA B 260 -50.52 10.54 -9.87
C ALA B 260 -51.74 11.40 -9.54
N ASN B 261 -52.55 10.90 -8.62
CA ASN B 261 -53.76 11.60 -8.17
C ASN B 261 -53.79 11.57 -6.65
N PRO B 262 -53.62 12.72 -5.98
CA PRO B 262 -53.65 12.73 -4.51
C PRO B 262 -55.04 12.67 -3.92
N TYR B 263 -56.09 12.55 -4.73
CA TYR B 263 -57.45 12.53 -4.22
C TYR B 263 -58.16 11.21 -4.51
N SER B 264 -57.43 10.20 -4.99
CA SER B 264 -58.01 8.88 -5.24
C SER B 264 -56.88 7.86 -5.14
N THR B 265 -56.87 7.10 -4.05
CA THR B 265 -55.84 6.09 -3.84
C THR B 265 -56.20 4.80 -4.59
N PRO B 266 -55.20 4.01 -4.98
CA PRO B 266 -55.48 2.68 -5.53
C PRO B 266 -56.04 1.74 -4.47
N GLN B 267 -56.60 0.63 -4.95
CA GLN B 267 -57.15 -0.36 -4.03
C GLN B 267 -56.06 -1.20 -3.36
N HIS B 268 -54.94 -1.45 -4.04
CA HIS B 268 -53.88 -2.29 -3.50
C HIS B 268 -52.55 -1.58 -3.70
N ILE B 269 -52.11 -0.81 -2.72
CA ILE B 269 -50.82 -0.15 -2.77
C ILE B 269 -49.75 -1.17 -2.40
N VAL B 270 -48.91 -1.54 -3.37
CA VAL B 270 -47.83 -2.47 -3.12
C VAL B 270 -46.52 -1.90 -3.67
N PRO B 271 -45.40 -2.18 -3.04
CA PRO B 271 -44.11 -1.77 -3.61
C PRO B 271 -43.64 -2.68 -4.72
N GLU B 272 -42.41 -2.41 -5.17
CA GLU B 272 -41.68 -3.38 -5.97
C GLU B 272 -41.44 -4.64 -5.16
N TRP B 273 -41.15 -5.74 -5.87
CA TRP B 273 -41.05 -7.05 -5.24
C TRP B 273 -39.91 -7.13 -4.23
N TYR B 274 -38.82 -6.39 -4.45
CA TYR B 274 -37.65 -6.48 -3.59
C TYR B 274 -37.80 -5.73 -2.27
N PHE B 275 -38.91 -5.03 -2.04
CA PHE B 275 -39.19 -4.44 -0.75
C PHE B 275 -40.35 -5.13 -0.05
N LEU B 276 -40.81 -6.26 -0.58
CA LEU B 276 -42.04 -6.89 -0.09
C LEU B 276 -41.84 -7.62 1.22
N TRP B 277 -40.62 -8.11 1.51
CA TRP B 277 -40.42 -8.81 2.77
C TRP B 277 -40.38 -7.84 3.94
N VAL B 278 -39.75 -6.67 3.74
CA VAL B 278 -39.78 -5.61 4.76
C VAL B 278 -41.20 -5.12 4.95
N TYR B 279 -41.95 -4.99 3.86
CA TYR B 279 -43.34 -4.55 3.94
C TYR B 279 -44.21 -5.57 4.65
N ALA B 280 -43.93 -6.87 4.46
CA ALA B 280 -44.68 -7.90 5.17
C ALA B 280 -44.36 -7.88 6.66
N ILE B 281 -43.09 -7.65 7.01
CA ILE B 281 -42.70 -7.49 8.41
C ILE B 281 -43.42 -6.31 9.04
N LEU B 282 -43.52 -5.21 8.30
CA LEU B 282 -44.21 -4.03 8.81
C LEU B 282 -45.71 -4.26 8.95
N ARG B 283 -46.34 -4.92 7.97
CA ARG B 283 -47.79 -5.09 7.99
C ARG B 283 -48.23 -6.16 8.97
N SER B 284 -47.36 -7.11 9.31
CA SER B 284 -47.76 -8.20 10.19
C SER B 284 -47.98 -7.73 11.63
N ILE B 285 -47.33 -6.65 12.03
CA ILE B 285 -47.40 -6.15 13.41
C ILE B 285 -48.39 -5.00 13.45
N PRO B 286 -49.44 -5.09 14.27
CA PRO B 286 -50.46 -4.03 14.34
C PRO B 286 -50.07 -2.84 15.22
N ASN B 287 -48.85 -2.34 15.02
CA ASN B 287 -48.35 -1.18 15.74
C ASN B 287 -47.22 -0.60 14.90
N LYS B 288 -47.32 0.69 14.54
CA LYS B 288 -46.37 1.29 13.61
C LYS B 288 -44.98 1.39 14.23
N ALA B 289 -44.90 1.81 15.49
CA ALA B 289 -43.62 1.92 16.18
C ALA B 289 -42.96 0.56 16.34
N MET B 290 -43.75 -0.46 16.68
CA MET B 290 -43.21 -1.81 16.83
C MET B 290 -42.77 -2.38 15.49
N GLY B 291 -43.48 -2.05 14.41
CA GLY B 291 -43.04 -2.49 13.09
C GLY B 291 -41.74 -1.85 12.65
N VAL B 292 -41.59 -0.54 12.89
CA VAL B 292 -40.34 0.14 12.56
C VAL B 292 -39.20 -0.39 13.41
N LEU B 293 -39.47 -0.65 14.70
CA LEU B 293 -38.48 -1.25 15.58
C LEU B 293 -38.08 -2.64 15.12
N ALA B 294 -39.04 -3.43 14.64
CA ALA B 294 -38.73 -4.77 14.17
C ALA B 294 -37.85 -4.74 12.93
N ILE B 295 -38.10 -3.80 12.02
CA ILE B 295 -37.23 -3.66 10.85
C ILE B 295 -35.83 -3.24 11.27
N GLY B 296 -35.74 -2.29 12.22
CA GLY B 296 -34.43 -1.88 12.73
C GLY B 296 -33.69 -3.00 13.44
N LEU B 297 -34.43 -3.86 14.15
CA LEU B 297 -33.82 -5.01 14.80
C LEU B 297 -33.37 -6.08 13.80
N VAL B 298 -34.09 -6.22 12.69
CA VAL B 298 -33.62 -7.10 11.61
C VAL B 298 -32.28 -6.62 11.09
N PHE B 299 -32.16 -5.31 10.85
CA PHE B 299 -30.89 -4.81 10.32
C PHE B 299 -29.78 -4.79 11.38
N ALA B 300 -30.15 -4.64 12.66
CA ALA B 300 -29.18 -4.77 13.74
C ALA B 300 -28.67 -6.19 13.86
N SER B 301 -29.55 -7.17 13.69
CA SER B 301 -29.13 -8.57 13.69
C SER B 301 -28.24 -8.88 12.49
N LEU B 302 -28.49 -8.21 11.35
CA LEU B 302 -27.59 -8.35 10.21
C LEU B 302 -26.22 -7.75 10.50
N PHE B 303 -26.17 -6.60 11.18
CA PHE B 303 -24.88 -6.02 11.57
C PHE B 303 -24.14 -6.90 12.57
N ALA B 304 -24.86 -7.55 13.49
CA ALA B 304 -24.25 -8.32 14.57
C ALA B 304 -23.94 -9.76 14.17
N MET B 305 -24.15 -10.13 12.91
CA MET B 305 -23.81 -11.47 12.45
C MET B 305 -22.35 -11.89 12.62
N PRO B 306 -21.32 -11.06 12.33
CA PRO B 306 -19.95 -11.56 12.50
C PRO B 306 -19.53 -11.77 13.94
N PHE B 307 -20.31 -11.32 14.92
CA PHE B 307 -19.95 -11.44 16.32
C PHE B 307 -20.85 -12.37 17.11
N ILE B 308 -22.04 -12.69 16.61
CA ILE B 308 -22.89 -13.69 17.25
C ILE B 308 -23.01 -14.96 16.44
N GLY B 309 -22.53 -14.97 15.19
CA GLY B 309 -22.73 -16.12 14.33
C GLY B 309 -21.63 -17.15 14.39
N LEU B 310 -22.01 -18.39 14.69
CA LEU B 310 -21.11 -19.53 14.61
C LEU B 310 -21.74 -20.57 13.69
N GLY B 311 -20.93 -21.16 12.82
CA GLY B 311 -21.53 -22.11 11.91
C GLY B 311 -21.38 -21.64 10.48
N GLY B 312 -20.89 -22.54 9.63
CA GLY B 312 -20.55 -22.20 8.27
C GLY B 312 -21.09 -23.16 7.23
N GLY B 313 -20.21 -23.68 6.38
CA GLY B 313 -20.61 -24.36 5.17
C GLY B 313 -21.04 -25.81 5.29
N LYS B 314 -20.51 -26.66 4.41
CA LYS B 314 -21.07 -28.00 4.22
C LYS B 314 -20.82 -28.92 5.41
N PHE B 315 -19.67 -28.80 6.04
CA PHE B 315 -19.30 -29.73 7.09
C PHE B 315 -19.96 -29.42 8.43
N ARG B 316 -20.68 -28.32 8.54
CA ARG B 316 -21.43 -27.96 9.74
C ARG B 316 -22.90 -28.15 9.41
N ILE B 317 -23.41 -29.36 9.65
CA ILE B 317 -24.59 -29.84 8.95
C ILE B 317 -25.92 -29.39 9.55
N ILE B 318 -25.98 -29.13 10.85
CA ILE B 318 -27.24 -28.72 11.46
C ILE B 318 -27.61 -27.30 11.03
N THR B 319 -26.65 -26.38 11.07
CA THR B 319 -26.90 -25.03 10.58
C THR B 319 -27.07 -25.02 9.06
N GLU B 320 -26.39 -25.94 8.36
CA GLU B 320 -26.59 -26.07 6.92
C GLU B 320 -28.00 -26.50 6.60
N TRP B 321 -28.61 -27.33 7.45
CA TRP B 321 -30.00 -27.70 7.21
C TRP B 321 -30.94 -26.56 7.60
N LEU B 322 -30.62 -25.82 8.66
CA LEU B 322 -31.49 -24.72 9.06
C LEU B 322 -31.45 -23.53 8.10
N TYR B 323 -30.39 -23.45 7.28
CA TYR B 323 -30.31 -22.40 6.27
C TYR B 323 -31.48 -22.46 5.28
N TRP B 324 -31.88 -23.67 4.88
CA TRP B 324 -32.96 -23.80 3.91
C TRP B 324 -34.30 -23.41 4.53
N THR B 325 -34.47 -23.64 5.83
CA THR B 325 -35.65 -23.15 6.52
C THR B 325 -35.68 -21.63 6.55
N PHE B 326 -34.51 -21.01 6.76
CA PHE B 326 -34.43 -19.55 6.71
C PHE B 326 -34.76 -19.01 5.32
N LEU B 327 -34.29 -19.69 4.27
CA LEU B 327 -34.56 -19.27 2.90
C LEU B 327 -36.05 -19.38 2.57
N ALA B 328 -36.69 -20.48 3.00
CA ALA B 328 -38.13 -20.62 2.82
C ALA B 328 -38.89 -19.55 3.57
N ASP B 329 -38.39 -19.17 4.75
CA ASP B 329 -39.04 -18.11 5.52
C ASP B 329 -38.96 -16.75 4.82
N VAL B 330 -37.81 -16.41 4.25
CA VAL B 330 -37.73 -15.10 3.61
C VAL B 330 -38.53 -15.08 2.30
N LEU B 331 -38.61 -16.20 1.58
CA LEU B 331 -39.46 -16.19 0.40
C LEU B 331 -40.95 -16.18 0.75
N LEU B 332 -41.33 -16.78 1.88
CA LEU B 332 -42.71 -16.66 2.35
C LEU B 332 -43.02 -15.23 2.75
N LEU B 333 -42.04 -14.52 3.31
CA LEU B 333 -42.23 -13.10 3.62
C LEU B 333 -42.38 -12.28 2.35
N THR B 334 -41.62 -12.63 1.30
CA THR B 334 -41.77 -11.95 0.01
C THR B 334 -43.18 -12.17 -0.56
N TRP B 335 -43.68 -13.40 -0.50
CA TRP B 335 -45.01 -13.68 -1.03
C TRP B 335 -46.10 -13.00 -0.21
N LEU B 336 -45.94 -12.95 1.12
CA LEU B 336 -47.00 -12.42 1.98
C LEU B 336 -47.15 -10.92 1.83
N GLY B 337 -46.09 -10.21 1.44
CA GLY B 337 -46.17 -8.78 1.26
C GLY B 337 -47.08 -8.36 0.13
N GLY B 338 -47.14 -9.16 -0.93
CA GLY B 338 -48.00 -8.88 -2.06
C GLY B 338 -49.46 -9.19 -1.89
N ASN B 339 -49.87 -9.73 -0.73
CA ASN B 339 -51.24 -10.10 -0.49
C ASN B 339 -51.91 -9.13 0.48
N GLU B 340 -53.23 -9.11 0.47
CA GLU B 340 -53.99 -8.16 1.26
C GLU B 340 -54.04 -8.59 2.73
N ILE B 341 -54.43 -7.65 3.58
CA ILE B 341 -54.51 -7.88 5.02
C ILE B 341 -55.73 -8.75 5.33
N THR B 342 -55.48 -9.80 6.11
CA THR B 342 -56.41 -10.91 6.33
C THR B 342 -55.94 -11.56 7.61
N PRO B 343 -56.84 -12.07 8.47
CA PRO B 343 -56.40 -12.69 9.72
C PRO B 343 -55.40 -13.82 9.56
N ILE B 344 -55.57 -14.67 8.54
CA ILE B 344 -54.61 -15.76 8.37
C ILE B 344 -53.27 -15.23 7.85
N THR B 345 -53.29 -14.20 6.98
CA THR B 345 -52.03 -13.64 6.52
C THR B 345 -51.33 -12.86 7.62
N SER B 346 -52.09 -12.21 8.48
CA SER B 346 -51.49 -11.55 9.65
C SER B 346 -50.84 -12.56 10.58
N PHE B 347 -51.53 -13.67 10.86
CA PHE B 347 -50.96 -14.71 11.72
C PHE B 347 -49.72 -15.34 11.11
N VAL B 348 -49.78 -15.67 9.82
CA VAL B 348 -48.65 -16.33 9.15
C VAL B 348 -47.47 -15.39 9.04
N GLY B 349 -47.73 -14.09 8.79
CA GLY B 349 -46.65 -13.12 8.79
C GLY B 349 -46.00 -12.93 10.14
N GLN B 350 -46.81 -12.95 11.21
CA GLN B 350 -46.25 -12.87 12.56
C GLN B 350 -45.37 -14.06 12.88
N CYS B 351 -45.84 -15.27 12.54
CA CYS B 351 -45.05 -16.48 12.77
C CYS B 351 -43.77 -16.47 11.94
N CYS B 352 -43.85 -15.98 10.71
CA CYS B 352 -42.67 -15.96 9.85
C CYS B 352 -41.63 -14.95 10.33
N THR B 353 -42.08 -13.80 10.82
CA THR B 353 -41.16 -12.82 11.41
C THR B 353 -40.51 -13.37 12.68
N ALA B 354 -41.30 -14.05 13.52
CA ALA B 354 -40.76 -14.65 14.73
C ALA B 354 -39.73 -15.73 14.40
N TYR B 355 -39.98 -16.52 13.35
CA TYR B 355 -38.99 -17.51 12.95
C TYR B 355 -37.72 -16.87 12.39
N LEU B 356 -37.86 -15.75 11.68
CA LEU B 356 -36.66 -15.07 11.19
C LEU B 356 -35.80 -14.57 12.35
N PHE B 357 -36.44 -14.00 13.38
CA PHE B 357 -35.69 -13.57 14.56
C PHE B 357 -35.09 -14.74 15.31
N PHE B 358 -35.83 -15.85 15.41
CA PHE B 358 -35.34 -17.05 16.08
C PHE B 358 -34.11 -17.61 15.37
N TYR B 359 -34.14 -17.68 14.04
CA TYR B 359 -32.98 -18.16 13.28
C TYR B 359 -31.80 -17.22 13.42
N LEU B 360 -32.03 -15.91 13.39
CA LEU B 360 -30.90 -14.98 13.42
C LEU B 360 -30.25 -14.93 14.80
N LEU B 361 -31.05 -14.94 15.86
CA LEU B 361 -30.51 -14.66 17.18
C LEU B 361 -30.37 -15.87 18.09
N VAL B 362 -31.00 -17.01 17.77
CA VAL B 362 -30.98 -18.18 18.64
C VAL B 362 -30.28 -19.35 17.97
N CYS B 363 -30.57 -19.60 16.70
CA CYS B 363 -29.97 -20.74 16.01
C CYS B 363 -28.48 -20.51 15.73
N GLN B 364 -28.14 -19.34 15.19
CA GLN B 364 -26.76 -19.07 14.78
C GLN B 364 -25.75 -19.06 15.92
N PRO B 365 -25.97 -18.42 17.10
CA PRO B 365 -25.02 -18.63 18.19
C PRO B 365 -25.05 -20.03 18.81
N LEU B 366 -26.24 -20.47 19.25
CA LEU B 366 -26.33 -21.64 20.11
C LEU B 366 -26.09 -22.95 19.36
N VAL B 367 -26.76 -23.13 18.21
CA VAL B 367 -26.57 -24.35 17.42
C VAL B 367 -25.16 -24.39 16.84
N GLY B 368 -24.62 -23.23 16.49
CA GLY B 368 -23.23 -23.17 16.08
C GLY B 368 -22.28 -23.60 17.18
N TYR B 369 -22.56 -23.20 18.43
CA TYR B 369 -21.71 -23.61 19.53
C TYR B 369 -21.82 -25.11 19.80
N LEU B 370 -23.04 -25.66 19.75
CA LEU B 370 -23.20 -27.11 19.90
C LEU B 370 -22.48 -27.88 18.80
N GLU B 371 -22.51 -27.40 17.57
CA GLU B 371 -21.82 -28.19 16.55
C GLU B 371 -20.30 -28.00 16.61
N THR B 372 -19.80 -26.87 17.11
CA THR B 372 -18.37 -26.78 17.38
C THR B 372 -17.97 -27.73 18.51
N GLN B 373 -18.81 -27.87 19.53
CA GLN B 373 -18.50 -28.83 20.60
C GLN B 373 -18.63 -30.28 20.12
N PHE B 374 -19.55 -30.54 19.20
CA PHE B 374 -19.66 -31.88 18.62
C PHE B 374 -18.44 -32.21 17.79
N ALA B 375 -17.96 -31.25 16.99
CA ALA B 375 -16.88 -31.56 16.05
C ALA B 375 -15.50 -31.51 16.68
N HIS B 376 -15.28 -30.64 17.67
CA HIS B 376 -13.94 -30.42 18.20
C HIS B 376 -13.87 -30.44 19.72
N GLY B 377 -14.91 -30.86 20.40
CA GLY B 377 -14.89 -30.88 21.85
C GLY B 377 -14.24 -32.12 22.43
N SER C 56 25.75 -27.36 -6.81
CA SER C 56 25.66 -27.67 -5.39
C SER C 56 24.89 -28.95 -5.13
N ASP C 57 25.13 -29.58 -4.00
CA ASP C 57 24.44 -30.81 -3.64
C ASP C 57 23.02 -30.52 -3.18
N ALA C 58 22.13 -31.46 -3.45
CA ALA C 58 20.75 -31.31 -3.04
C ALA C 58 20.53 -31.57 -1.55
N VAL C 59 21.43 -32.32 -0.90
CA VAL C 59 21.27 -32.58 0.53
C VAL C 59 21.54 -31.34 1.35
N GLU C 60 22.41 -30.45 0.87
CA GLU C 60 22.75 -29.24 1.59
C GLU C 60 21.92 -28.05 1.17
N VAL C 61 21.24 -28.12 0.04
CA VAL C 61 20.48 -27.01 -0.51
C VAL C 61 18.98 -27.25 -0.36
N PHE C 62 18.49 -28.39 -0.85
CA PHE C 62 17.07 -28.69 -0.71
C PHE C 62 16.77 -29.28 0.66
N LYS C 63 17.74 -29.97 1.26
CA LYS C 63 17.70 -30.66 2.55
C LYS C 63 16.50 -31.59 2.65
N PRO C 64 16.48 -32.69 1.89
CA PRO C 64 15.33 -33.59 1.91
C PRO C 64 15.35 -34.55 3.10
N GLU C 65 14.19 -35.12 3.36
CA GLU C 65 14.10 -36.22 4.29
C GLU C 65 14.75 -37.46 3.67
N THR C 66 15.21 -38.37 4.52
CA THR C 66 15.84 -39.59 4.05
C THR C 66 14.82 -40.72 4.01
N GLY C 67 14.88 -41.51 2.96
CA GLY C 67 13.94 -42.60 2.80
C GLY C 67 13.47 -42.77 1.38
N LEU C 68 12.77 -43.86 1.12
CA LEU C 68 12.21 -44.11 -0.21
C LEU C 68 10.73 -43.75 -0.23
N THR C 69 10.46 -42.49 0.09
CA THR C 69 9.11 -41.94 0.03
C THR C 69 8.71 -41.76 -1.44
N PRO C 70 7.40 -41.62 -1.72
CA PRO C 70 6.98 -41.35 -3.10
C PRO C 70 7.56 -40.10 -3.73
N THR C 71 7.77 -39.02 -2.96
CA THR C 71 8.38 -37.83 -3.54
C THR C 71 9.87 -38.01 -3.77
N ASN C 72 10.55 -38.75 -2.90
CA ASN C 72 11.99 -38.95 -3.04
C ASN C 72 12.32 -39.83 -4.23
N ARG C 73 11.45 -40.78 -4.56
CA ARG C 73 11.68 -41.66 -5.70
C ARG C 73 11.65 -40.88 -7.02
N LEU C 74 10.67 -39.99 -7.17
CA LEU C 74 10.59 -39.14 -8.36
C LEU C 74 11.66 -38.07 -8.37
N SER C 75 12.17 -37.68 -7.21
CA SER C 75 13.23 -36.68 -7.16
C SER C 75 14.55 -37.26 -7.65
N MET C 76 14.88 -38.49 -7.27
CA MET C 76 16.12 -39.10 -7.72
C MET C 76 16.04 -39.62 -9.15
N ALA C 77 14.89 -40.14 -9.56
CA ALA C 77 14.70 -40.64 -10.92
C ALA C 77 13.27 -40.36 -11.33
N PRO C 78 13.01 -39.25 -12.02
CA PRO C 78 11.66 -38.98 -12.52
C PRO C 78 11.28 -39.94 -13.65
N THR C 79 10.00 -40.23 -13.75
CA THR C 79 9.58 -41.17 -14.78
C THR C 79 9.06 -40.42 -16.01
N PRO C 80 9.29 -40.95 -17.22
CA PRO C 80 8.70 -40.33 -18.41
C PRO C 80 7.25 -40.71 -18.66
N TYR C 81 6.66 -41.56 -17.83
CA TYR C 81 5.27 -42.00 -17.99
C TYR C 81 4.41 -41.22 -17.01
N ILE C 82 4.34 -39.91 -17.22
CA ILE C 82 3.53 -39.03 -16.40
C ILE C 82 2.06 -39.28 -16.69
N LYS C 83 1.29 -39.53 -15.64
CA LYS C 83 -0.16 -39.71 -15.76
C LYS C 83 -0.82 -38.45 -15.23
N TYR C 84 -1.61 -37.80 -16.08
CA TYR C 84 -2.43 -36.68 -15.65
C TYR C 84 -3.82 -37.18 -15.30
N ASP C 85 -4.60 -36.30 -14.69
CA ASP C 85 -5.99 -36.62 -14.41
C ASP C 85 -6.82 -36.43 -15.67
N GLU C 86 -7.62 -37.43 -16.03
CA GLU C 86 -8.39 -37.37 -17.27
C GLU C 86 -9.90 -37.41 -17.04
N HIS C 87 -10.37 -37.04 -15.85
CA HIS C 87 -11.80 -37.00 -15.61
C HIS C 87 -12.45 -35.83 -16.31
N ASN C 88 -11.74 -34.72 -16.46
CA ASN C 88 -12.29 -33.52 -17.08
C ASN C 88 -11.81 -33.31 -18.51
N HIS C 89 -10.58 -33.69 -18.83
CA HIS C 89 -10.03 -33.51 -20.16
C HIS C 89 -9.20 -34.73 -20.53
N LYS C 90 -9.43 -35.29 -21.70
CA LYS C 90 -8.59 -36.38 -22.21
C LYS C 90 -7.45 -35.79 -23.02
N ARG C 91 -6.24 -36.26 -22.78
CA ARG C 91 -5.09 -35.71 -23.45
C ARG C 91 -5.04 -36.14 -24.90
N PHE C 92 -4.38 -35.34 -25.72
CA PHE C 92 -4.02 -35.73 -27.07
C PHE C 92 -2.88 -36.74 -26.98
N PRO C 93 -2.62 -37.50 -28.04
CA PRO C 93 -1.40 -38.34 -28.07
C PRO C 93 -0.16 -37.49 -27.88
N PRO C 94 0.83 -37.99 -27.14
CA PRO C 94 2.02 -37.18 -26.85
C PRO C 94 2.82 -36.86 -28.10
N GLY C 95 3.42 -35.69 -28.11
CA GLY C 95 4.14 -35.24 -29.28
C GLY C 95 3.28 -34.78 -30.42
N THR C 96 2.04 -34.37 -30.16
CA THR C 96 1.17 -33.89 -31.22
C THR C 96 1.59 -32.49 -31.65
N GLU C 97 1.98 -32.33 -32.90
CA GLU C 97 2.52 -31.09 -33.42
C GLU C 97 1.43 -30.24 -34.07
N GLY C 98 1.80 -29.02 -34.39
CA GLY C 98 0.93 -28.13 -35.14
C GLY C 98 0.33 -27.03 -34.28
N ARG C 99 -0.01 -25.92 -34.92
CA ARG C 99 -0.63 -24.79 -34.24
C ARG C 99 -2.05 -25.17 -33.82
N PRO C 100 -2.44 -24.83 -32.59
CA PRO C 100 -3.67 -25.39 -32.03
C PRO C 100 -4.94 -24.92 -32.75
N PHE C 101 -5.93 -25.81 -32.76
CA PHE C 101 -7.22 -25.51 -33.35
C PHE C 101 -8.05 -24.54 -32.53
N ALA C 102 -7.65 -24.26 -31.28
CA ALA C 102 -8.42 -23.37 -30.42
C ALA C 102 -8.37 -21.91 -30.89
N TYR C 103 -7.36 -21.52 -31.66
CA TYR C 103 -7.31 -20.17 -32.22
C TYR C 103 -8.45 -19.95 -33.21
N PHE C 104 -8.71 -20.96 -34.04
CA PHE C 104 -9.81 -20.91 -35.00
C PHE C 104 -11.16 -20.81 -34.28
N VAL C 105 -11.31 -21.54 -33.17
CA VAL C 105 -12.54 -21.47 -32.39
C VAL C 105 -12.67 -20.11 -31.71
N GLN C 106 -11.55 -19.54 -31.27
CA GLN C 106 -11.61 -18.26 -30.56
C GLN C 106 -11.97 -17.10 -31.48
N THR C 107 -11.53 -17.17 -32.75
CA THR C 107 -11.85 -16.12 -33.71
C THR C 107 -13.35 -16.02 -33.96
N GLY C 108 -14.04 -17.16 -33.97
CA GLY C 108 -15.49 -17.16 -34.21
C GLY C 108 -16.26 -16.47 -33.11
N GLY C 109 -15.84 -16.67 -31.86
CA GLY C 109 -16.46 -15.93 -30.76
C GLY C 109 -16.12 -14.46 -30.80
N ARG C 110 -14.88 -14.12 -31.19
CA ARG C 110 -14.48 -12.73 -31.22
C ARG C 110 -15.21 -11.93 -32.31
N PHE C 111 -15.67 -12.61 -33.38
CA PHE C 111 -16.54 -11.97 -34.36
C PHE C 111 -17.79 -11.41 -33.69
N LEU C 112 -18.48 -12.24 -32.90
CA LEU C 112 -19.70 -11.80 -32.23
C LEU C 112 -19.40 -10.82 -31.11
N TYR C 113 -18.23 -10.93 -30.47
CA TYR C 113 -17.85 -9.94 -29.47
C TYR C 113 -17.70 -8.56 -30.09
N ALA C 114 -17.03 -8.47 -31.24
CA ALA C 114 -16.88 -7.19 -31.93
C ALA C 114 -18.22 -6.65 -32.42
N SER C 115 -19.09 -7.53 -32.93
CA SER C 115 -20.41 -7.10 -33.37
C SER C 115 -21.25 -6.55 -32.21
N ALA C 116 -21.25 -7.23 -31.07
CA ALA C 116 -22.03 -6.78 -29.92
C ALA C 116 -21.49 -5.47 -29.36
N ALA C 117 -20.16 -5.32 -29.33
CA ALA C 117 -19.57 -4.06 -28.86
C ALA C 117 -19.96 -2.89 -29.74
N ARG C 118 -19.89 -3.08 -31.07
CA ARG C 118 -20.28 -2.02 -31.99
C ARG C 118 -21.75 -1.67 -31.87
N LEU C 119 -22.61 -2.68 -31.74
CA LEU C 119 -24.05 -2.42 -31.63
C LEU C 119 -24.39 -1.66 -30.36
N ALA C 120 -23.76 -2.04 -29.24
CA ALA C 120 -24.01 -1.34 -27.98
C ALA C 120 -23.52 0.11 -28.02
N VAL C 121 -22.33 0.32 -28.61
CA VAL C 121 -21.79 1.67 -28.72
C VAL C 121 -22.68 2.55 -29.59
N LEU C 122 -23.18 2.00 -30.71
CA LEU C 122 -24.06 2.78 -31.57
C LEU C 122 -25.40 3.05 -30.92
N LYS C 123 -25.93 2.12 -30.12
CA LYS C 123 -27.17 2.38 -29.42
C LYS C 123 -27.01 3.46 -28.35
N ILE C 124 -25.84 3.53 -27.72
CA ILE C 124 -25.60 4.57 -26.72
C ILE C 124 -25.47 5.94 -27.38
N VAL C 125 -24.73 6.02 -28.49
CA VAL C 125 -24.47 7.29 -29.16
C VAL C 125 -25.74 7.85 -29.79
N MET C 126 -26.55 7.00 -30.42
CA MET C 126 -27.79 7.45 -31.07
C MET C 126 -28.93 7.54 -30.06
N SER C 127 -28.66 8.22 -28.96
CA SER C 127 -29.68 8.64 -28.02
C SER C 127 -29.59 10.12 -27.74
N LEU C 128 -28.48 10.76 -28.10
CA LEU C 128 -28.32 12.20 -28.11
C LEU C 128 -28.69 12.82 -29.45
N SER C 129 -29.04 12.00 -30.43
CA SER C 129 -29.50 12.50 -31.72
C SER C 129 -30.88 13.12 -31.57
N ALA C 130 -31.30 13.81 -32.63
CA ALA C 130 -32.55 14.57 -32.58
C ALA C 130 -33.75 13.65 -32.52
N ALA C 131 -34.68 13.96 -31.61
CA ALA C 131 -35.83 13.11 -31.37
C ALA C 131 -36.83 13.24 -32.53
N ALA C 132 -37.91 12.46 -32.43
CA ALA C 132 -38.89 12.40 -33.51
C ALA C 132 -39.71 13.68 -33.60
N ASP C 133 -40.09 14.26 -32.46
CA ASP C 133 -40.81 15.52 -32.49
C ASP C 133 -39.91 16.69 -32.85
N THR C 134 -38.61 16.59 -32.61
CA THR C 134 -37.68 17.59 -33.13
C THR C 134 -37.58 17.51 -34.64
N MET C 135 -37.52 16.30 -35.19
CA MET C 135 -37.45 16.12 -36.64
C MET C 135 -38.75 16.51 -37.31
N ALA C 136 -39.88 16.29 -36.66
CA ALA C 136 -41.17 16.67 -37.23
C ALA C 136 -41.34 18.17 -37.30
N LEU C 137 -40.70 18.90 -36.40
CA LEU C 137 -40.75 20.36 -36.41
C LEU C 137 -39.61 20.96 -37.22
N SER C 138 -39.37 20.46 -38.43
CA SER C 138 -38.47 21.11 -39.38
C SER C 138 -39.24 21.25 -40.70
N SER C 139 -40.10 22.26 -40.74
CA SER C 139 -41.01 22.63 -41.81
C SER C 139 -41.75 23.88 -41.35
N LEU C 140 -42.17 24.70 -42.32
CA LEU C 140 -42.84 25.95 -41.99
C LEU C 140 -43.60 26.44 -43.21
N GLU C 141 -44.84 26.88 -43.00
CA GLU C 141 -45.63 27.54 -44.03
C GLU C 141 -46.04 28.93 -43.54
N VAL C 142 -45.80 29.94 -44.36
CA VAL C 142 -46.01 31.33 -44.01
C VAL C 142 -46.93 31.96 -45.05
N ASP C 143 -47.97 32.66 -44.59
CA ASP C 143 -48.88 33.38 -45.47
C ASP C 143 -48.35 34.78 -45.73
N LEU C 144 -48.22 35.14 -47.00
CA LEU C 144 -47.68 36.44 -47.38
C LEU C 144 -48.74 37.52 -47.54
N SER C 145 -50.03 37.17 -47.38
CA SER C 145 -51.09 38.17 -47.41
C SER C 145 -51.07 39.06 -46.17
N GLY C 146 -50.55 38.56 -45.05
CA GLY C 146 -50.47 39.34 -43.83
C GLY C 146 -49.15 40.07 -43.67
N VAL C 147 -48.43 40.23 -44.78
CA VAL C 147 -47.16 40.95 -44.80
C VAL C 147 -47.37 42.29 -45.48
N GLU C 148 -46.95 43.37 -44.81
CA GLU C 148 -46.97 44.69 -45.39
C GLU C 148 -45.69 44.96 -46.15
N GLU C 149 -45.76 45.91 -47.08
CA GLU C 149 -44.59 46.27 -47.87
C GLU C 149 -43.64 47.15 -47.06
N GLY C 150 -42.34 46.90 -47.20
CA GLY C 150 -41.36 47.63 -46.44
C GLY C 150 -41.20 47.20 -45.00
N THR C 151 -41.81 46.08 -44.61
CA THR C 151 -41.75 45.58 -43.25
C THR C 151 -41.07 44.22 -43.24
N THR C 152 -40.24 43.99 -42.23
CA THR C 152 -39.51 42.74 -42.04
C THR C 152 -40.21 41.95 -40.95
N ILE C 153 -40.62 40.72 -41.28
CA ILE C 153 -41.16 39.80 -40.29
C ILE C 153 -40.12 38.72 -40.04
N THR C 154 -40.13 38.20 -38.81
CA THR C 154 -39.21 37.16 -38.39
C THR C 154 -40.01 35.91 -38.03
N VAL C 155 -39.62 34.78 -38.59
CA VAL C 155 -40.28 33.51 -38.34
C VAL C 155 -39.27 32.53 -37.75
N LYS C 156 -39.78 31.55 -37.02
CA LYS C 156 -38.94 30.52 -36.41
C LYS C 156 -38.87 29.35 -37.37
N TRP C 157 -37.79 29.28 -38.13
CA TRP C 157 -37.49 28.10 -38.95
C TRP C 157 -36.30 27.41 -38.32
N ARG C 158 -36.57 26.27 -37.67
CA ARG C 158 -35.57 25.43 -37.00
C ARG C 158 -34.79 26.23 -35.95
N GLY C 159 -35.49 27.11 -35.24
CA GLY C 159 -34.87 27.95 -34.23
C GLY C 159 -34.04 29.10 -34.77
N LYS C 160 -33.96 29.24 -36.08
CA LYS C 160 -33.15 30.27 -36.71
C LYS C 160 -34.05 31.41 -37.16
N PRO C 161 -33.81 32.64 -36.72
CA PRO C 161 -34.66 33.77 -37.14
C PRO C 161 -34.45 34.10 -38.62
N VAL C 162 -35.50 33.89 -39.41
CA VAL C 162 -35.47 34.11 -40.85
C VAL C 162 -36.20 35.42 -41.13
N PHE C 163 -35.51 36.33 -41.80
CA PHE C 163 -36.05 37.66 -42.08
C PHE C 163 -36.74 37.66 -43.43
N ILE C 164 -38.05 37.90 -43.43
CA ILE C 164 -38.85 38.02 -44.64
C ILE C 164 -39.27 39.48 -44.76
N ARG C 165 -38.72 40.19 -45.73
CA ARG C 165 -39.01 41.59 -45.96
C ARG C 165 -39.57 41.77 -47.36
N HIS C 166 -40.77 42.36 -47.44
CA HIS C 166 -41.39 42.66 -48.72
C HIS C 166 -40.66 43.87 -49.31
N ARG C 167 -39.71 43.58 -50.20
CA ARG C 167 -38.79 44.61 -50.68
C ARG C 167 -39.50 45.54 -51.66
N THR C 168 -39.33 46.84 -51.44
CA THR C 168 -39.87 47.83 -52.35
C THR C 168 -39.04 47.88 -53.63
N ASP C 169 -39.59 48.58 -54.64
CA ASP C 169 -38.88 48.70 -55.92
C ASP C 169 -37.62 49.55 -55.78
N ALA C 170 -37.63 50.54 -54.89
CA ALA C 170 -36.42 51.29 -54.61
C ALA C 170 -35.37 50.42 -53.93
N GLU C 171 -35.80 49.56 -53.01
CA GLU C 171 -34.88 48.62 -52.36
C GLU C 171 -34.34 47.60 -53.36
N ILE C 172 -35.19 47.13 -54.28
CA ILE C 172 -34.76 46.20 -55.32
C ILE C 172 -33.74 46.86 -56.24
N ALA C 173 -33.99 48.12 -56.62
CA ALA C 173 -33.05 48.86 -57.47
C ALA C 173 -31.73 49.13 -56.75
N GLN C 174 -31.78 49.44 -55.45
CA GLN C 174 -30.56 49.69 -54.70
C GLN C 174 -29.74 48.41 -54.51
N SER C 175 -30.42 47.28 -54.29
CA SER C 175 -29.71 46.00 -54.22
C SER C 175 -29.13 45.60 -55.56
N ALA C 176 -29.83 45.91 -56.65
CA ALA C 176 -29.30 45.64 -57.98
C ALA C 176 -28.17 46.60 -58.36
N GLU C 177 -28.10 47.77 -57.72
CA GLU C 177 -27.05 48.73 -58.00
C GLU C 177 -25.78 48.49 -57.20
N VAL C 178 -25.77 47.51 -56.31
CA VAL C 178 -24.57 47.21 -55.52
C VAL C 178 -23.59 46.44 -56.39
N ALA C 179 -22.40 46.99 -56.56
CA ALA C 179 -21.35 46.32 -57.32
C ALA C 179 -20.77 45.17 -56.52
N LEU C 180 -20.35 44.12 -57.25
CA LEU C 180 -19.75 42.96 -56.60
C LEU C 180 -18.35 43.23 -56.07
N SER C 181 -17.70 44.31 -56.54
CA SER C 181 -16.36 44.64 -56.06
C SER C 181 -16.38 45.08 -54.60
N GLU C 182 -17.41 45.83 -54.19
CA GLU C 182 -17.50 46.29 -52.81
C GLU C 182 -17.84 45.15 -51.86
N LEU C 183 -18.50 44.11 -52.35
CA LEU C 183 -18.83 42.97 -51.51
C LEU C 183 -17.59 42.13 -51.25
N ARG C 184 -17.37 41.78 -49.98
CA ARG C 184 -16.27 40.89 -49.63
C ARG C 184 -16.49 39.50 -50.22
N ASP C 185 -17.72 38.99 -50.13
CA ASP C 185 -18.11 37.77 -50.82
C ASP C 185 -19.08 38.14 -51.93
N PRO C 186 -18.64 38.22 -53.18
CA PRO C 186 -19.51 38.75 -54.24
C PRO C 186 -20.57 37.75 -54.67
N GLN C 187 -21.82 38.23 -54.70
CA GLN C 187 -22.96 37.48 -55.20
C GLN C 187 -24.03 38.47 -55.62
N LYS C 188 -24.57 38.28 -56.83
CA LYS C 188 -25.58 39.21 -57.31
C LYS C 188 -26.93 38.95 -56.63
N ASP C 189 -27.78 39.97 -56.66
CA ASP C 189 -29.08 39.87 -56.02
C ASP C 189 -30.00 38.88 -56.73
N VAL C 190 -29.79 38.66 -58.02
CA VAL C 190 -30.57 37.68 -58.75
C VAL C 190 -30.15 36.25 -58.45
N ASP C 191 -28.97 36.06 -57.88
CA ASP C 191 -28.46 34.72 -57.56
C ASP C 191 -28.92 34.22 -56.20
N ARG C 192 -29.63 35.04 -55.42
CA ARG C 192 -30.08 34.69 -54.09
C ARG C 192 -31.57 34.38 -54.03
N ALA C 193 -32.40 35.29 -54.52
CA ALA C 193 -33.85 35.14 -54.49
C ALA C 193 -34.37 35.05 -55.92
N ILE C 194 -35.26 34.09 -56.16
CA ILE C 194 -35.86 33.97 -57.48
C ILE C 194 -36.78 35.16 -57.77
N ASN C 195 -37.54 35.60 -56.77
CA ASN C 195 -38.37 36.79 -56.88
C ASN C 195 -37.70 37.92 -56.13
N PRO C 196 -37.31 39.02 -56.77
CA PRO C 196 -36.65 40.11 -56.04
C PRO C 196 -37.54 40.82 -55.05
N LYS C 197 -38.87 40.73 -55.19
CA LYS C 197 -39.77 41.38 -54.23
C LYS C 197 -39.74 40.67 -52.88
N TYR C 198 -39.84 39.35 -52.87
CA TYR C 198 -39.91 38.57 -51.65
C TYR C 198 -38.56 37.96 -51.35
N LEU C 199 -37.98 38.31 -50.21
CA LEU C 199 -36.64 37.89 -49.83
C LEU C 199 -36.75 37.01 -48.58
N VAL C 200 -36.18 35.81 -48.66
CA VAL C 200 -36.15 34.86 -47.54
C VAL C 200 -34.69 34.63 -47.20
N VAL C 201 -34.25 35.18 -46.06
CA VAL C 201 -32.85 35.16 -45.64
C VAL C 201 -32.77 34.70 -44.19
N VAL C 202 -31.92 33.73 -43.91
CA VAL C 202 -31.69 33.26 -42.55
C VAL C 202 -30.73 34.21 -41.85
N GLY C 203 -31.12 34.69 -40.67
CA GLY C 203 -30.32 35.64 -39.93
C GLY C 203 -29.39 35.05 -38.90
N ILE C 204 -28.40 34.27 -39.36
CA ILE C 204 -27.35 33.73 -38.50
C ILE C 204 -26.01 34.12 -39.11
N CYS C 205 -25.15 34.72 -38.28
CA CYS C 205 -23.80 35.05 -38.72
C CYS C 205 -22.99 33.78 -38.93
N THR C 206 -22.26 33.73 -40.04
CA THR C 206 -21.27 32.68 -40.25
C THR C 206 -19.99 32.92 -39.47
N HIS C 207 -19.83 34.12 -38.91
CA HIS C 207 -18.66 34.44 -38.10
C HIS C 207 -18.65 33.63 -36.81
N LEU C 208 -19.66 33.84 -35.96
CA LEU C 208 -19.80 33.06 -34.73
C LEU C 208 -21.20 32.52 -34.47
N GLY C 209 -22.25 33.16 -34.98
CA GLY C 209 -23.60 32.67 -34.79
C GLY C 209 -24.59 33.67 -34.21
N CYS C 210 -24.36 34.96 -34.42
CA CYS C 210 -25.21 36.00 -33.88
C CYS C 210 -26.41 36.26 -34.79
N VAL C 211 -27.21 37.27 -34.45
CA VAL C 211 -28.43 37.60 -35.17
C VAL C 211 -28.36 39.07 -35.57
N PRO C 212 -28.52 39.42 -36.85
CA PRO C 212 -28.52 40.82 -37.24
C PRO C 212 -29.83 41.51 -36.88
N ILE C 213 -29.80 42.84 -36.93
CA ILE C 213 -30.94 43.66 -36.58
C ILE C 213 -31.42 44.38 -37.83
N SER C 214 -32.66 44.11 -38.23
CA SER C 214 -33.25 44.77 -39.38
C SER C 214 -33.64 46.21 -39.02
N GLY C 215 -33.64 47.08 -40.03
CA GLY C 215 -33.98 48.47 -39.83
C GLY C 215 -32.89 49.31 -39.20
N ALA C 216 -31.68 48.76 -39.03
CA ALA C 216 -30.56 49.50 -38.46
C ALA C 216 -29.32 49.22 -39.29
N GLY C 217 -28.52 50.24 -39.49
CA GLY C 217 -27.31 50.15 -40.29
C GLY C 217 -27.20 51.34 -41.23
N ASN C 218 -25.96 51.61 -41.66
CA ASN C 218 -25.72 52.74 -42.55
C ASN C 218 -26.22 52.47 -43.97
N TYR C 219 -26.31 51.20 -44.36
CA TYR C 219 -26.78 50.82 -45.69
C TYR C 219 -28.29 50.59 -45.73
N GLN C 220 -29.01 51.06 -44.70
CA GLN C 220 -30.47 50.85 -44.54
C GLN C 220 -30.83 49.37 -44.57
N GLY C 221 -30.00 48.55 -43.91
CA GLY C 221 -30.18 47.11 -43.95
C GLY C 221 -30.07 46.42 -42.60
N TRP C 222 -29.15 45.47 -42.49
CA TRP C 222 -28.97 44.67 -41.29
C TRP C 222 -27.64 44.98 -40.64
N PHE C 223 -27.66 45.26 -39.35
CA PHE C 223 -26.45 45.53 -38.58
C PHE C 223 -26.33 44.50 -37.46
N CYS C 224 -25.17 43.86 -37.37
CA CYS C 224 -24.93 42.86 -36.34
C CYS C 224 -24.23 43.52 -35.16
N PRO C 225 -24.81 43.45 -33.96
CA PRO C 225 -24.22 44.20 -32.82
C PRO C 225 -23.09 43.49 -32.11
N CYS C 226 -22.85 42.20 -32.40
CA CYS C 226 -21.86 41.45 -31.63
C CYS C 226 -20.44 41.90 -31.92
N HIS C 227 -20.08 42.04 -33.20
CA HIS C 227 -18.70 42.35 -33.55
C HIS C 227 -18.57 43.39 -34.65
N GLY C 228 -19.59 44.23 -34.85
CA GLY C 228 -19.52 45.24 -35.87
C GLY C 228 -19.76 44.74 -37.28
N SER C 229 -20.35 43.56 -37.43
CA SER C 229 -20.64 43.05 -38.76
C SER C 229 -21.82 43.80 -39.37
N HIS C 230 -21.75 44.05 -40.68
CA HIS C 230 -22.72 44.87 -41.37
C HIS C 230 -23.24 44.13 -42.59
N TYR C 231 -24.54 44.27 -42.85
CA TYR C 231 -25.17 43.63 -43.99
C TYR C 231 -26.08 44.63 -44.70
N ASP C 232 -26.27 44.40 -46.00
CA ASP C 232 -27.11 45.27 -46.81
C ASP C 232 -28.56 44.77 -46.77
N ILE C 233 -29.40 45.29 -47.66
CA ILE C 233 -30.78 44.83 -47.73
C ILE C 233 -30.93 43.46 -48.36
N SER C 234 -29.86 42.94 -49.00
CA SER C 234 -29.93 41.67 -49.71
C SER C 234 -29.23 40.53 -49.00
N GLY C 235 -28.66 40.76 -47.81
CA GLY C 235 -27.95 39.71 -47.11
C GLY C 235 -26.52 39.49 -47.55
N ARG C 236 -25.82 40.56 -47.91
CA ARG C 236 -24.45 40.48 -48.38
C ARG C 236 -23.55 41.28 -47.45
N ILE C 237 -22.33 40.78 -47.22
CA ILE C 237 -21.43 41.39 -46.25
C ILE C 237 -20.91 42.72 -46.78
N ARG C 238 -20.94 43.75 -45.95
CA ARG C 238 -20.48 45.09 -46.29
C ARG C 238 -19.29 45.56 -45.46
N GLU C 239 -19.31 45.32 -44.16
CA GLU C 239 -18.18 45.65 -43.30
C GLU C 239 -18.21 44.76 -42.07
N GLY C 240 -17.03 44.44 -41.56
CA GLY C 240 -16.91 43.67 -40.33
C GLY C 240 -16.20 42.35 -40.50
N PRO C 241 -16.07 41.59 -39.42
CA PRO C 241 -15.33 40.32 -39.45
C PRO C 241 -16.14 39.13 -39.93
N ALA C 242 -17.37 39.32 -40.38
CA ALA C 242 -18.15 38.22 -40.94
C ALA C 242 -17.61 37.88 -42.33
N PRO C 243 -17.13 36.66 -42.58
CA PRO C 243 -16.45 36.38 -43.84
C PRO C 243 -17.34 35.93 -44.97
N TYR C 244 -18.58 35.54 -44.66
CA TYR C 244 -19.46 34.91 -45.64
C TYR C 244 -20.84 35.53 -45.60
N ASN C 245 -21.54 35.43 -46.73
CA ASN C 245 -22.86 36.02 -46.85
C ASN C 245 -23.90 35.23 -46.07
N LEU C 246 -25.02 35.89 -45.79
CA LEU C 246 -26.12 35.24 -45.09
C LEU C 246 -26.77 34.20 -45.99
N GLU C 247 -27.12 33.06 -45.40
CA GLU C 247 -27.62 31.93 -46.18
C GLU C 247 -29.07 32.16 -46.57
N VAL C 248 -29.39 31.81 -47.82
CA VAL C 248 -30.77 31.76 -48.29
C VAL C 248 -31.23 30.31 -48.20
N PRO C 249 -32.30 30.01 -47.47
CA PRO C 249 -32.74 28.62 -47.31
C PRO C 249 -33.45 28.13 -48.56
N GLU C 250 -33.73 26.83 -48.56
CA GLU C 250 -34.50 26.23 -49.64
C GLU C 250 -35.98 26.52 -49.42
N TYR C 251 -36.62 27.13 -50.43
CA TYR C 251 -38.04 27.42 -50.35
C TYR C 251 -38.61 27.47 -51.76
N ARG C 252 -39.93 27.31 -51.85
CA ARG C 252 -40.63 27.34 -53.12
C ARG C 252 -41.90 28.17 -52.96
N PHE C 253 -42.35 28.75 -54.08
CA PHE C 253 -43.51 29.63 -54.07
C PHE C 253 -44.79 28.82 -54.26
N THR C 254 -45.78 29.10 -53.43
CA THR C 254 -47.10 28.48 -53.52
C THR C 254 -48.07 29.47 -54.16
N GLU C 255 -49.03 28.94 -54.93
CA GLU C 255 -49.97 29.76 -55.68
C GLU C 255 -50.84 30.62 -54.78
N GLY C 256 -51.14 30.16 -53.56
CA GLY C 256 -51.98 30.90 -52.66
C GLY C 256 -51.24 31.91 -51.80
N GLN C 257 -50.21 32.55 -52.37
CA GLN C 257 -49.37 33.54 -51.69
C GLN C 257 -48.74 32.98 -50.41
N LYS C 258 -48.16 31.79 -50.52
CA LYS C 258 -47.52 31.13 -49.40
C LYS C 258 -46.09 30.72 -49.79
N VAL C 259 -45.25 30.57 -48.78
CA VAL C 259 -43.87 30.14 -48.95
C VAL C 259 -43.60 29.02 -47.95
N VAL C 260 -43.20 27.86 -48.45
CA VAL C 260 -42.87 26.71 -47.62
C VAL C 260 -41.36 26.57 -47.57
N ILE C 261 -40.78 26.68 -46.37
CA ILE C 261 -39.34 26.63 -46.18
C ILE C 261 -38.93 25.21 -45.85
N GLY C 262 -37.93 24.71 -46.56
CA GLY C 262 -37.42 23.37 -46.33
C GLY C 262 -37.36 22.56 -47.61
N SER D 56 26.78 -0.69 27.65
CA SER D 56 27.47 -0.68 26.38
C SER D 56 28.25 0.61 26.16
N ASP D 57 29.44 0.50 25.58
CA ASP D 57 30.27 1.65 25.28
C ASP D 57 29.72 2.41 24.08
N ALA D 58 29.96 3.72 24.06
CA ALA D 58 29.57 4.54 22.92
C ALA D 58 30.51 4.41 21.74
N VAL D 59 31.73 3.91 21.96
CA VAL D 59 32.66 3.71 20.86
C VAL D 59 32.17 2.59 19.94
N GLU D 60 31.64 1.53 20.52
CA GLU D 60 31.20 0.40 19.73
C GLU D 60 29.76 0.52 19.25
N VAL D 61 28.93 1.25 19.99
CA VAL D 61 27.52 1.37 19.65
C VAL D 61 27.27 2.56 18.73
N PHE D 62 27.77 3.73 19.08
CA PHE D 62 27.52 4.94 18.30
C PHE D 62 28.56 5.17 17.22
N LYS D 63 29.79 4.69 17.44
CA LYS D 63 30.96 4.84 16.57
C LYS D 63 31.23 6.29 16.20
N PRO D 64 31.67 7.12 17.13
CA PRO D 64 31.89 8.54 16.82
C PRO D 64 33.20 8.75 16.07
N GLU D 65 33.38 9.97 15.60
CA GLU D 65 34.64 10.39 15.03
C GLU D 65 35.62 10.76 16.13
N THR D 66 36.90 10.52 15.88
CA THR D 66 37.94 10.78 16.86
C THR D 66 38.38 12.24 16.75
N GLY D 67 38.23 12.98 17.82
CA GLY D 67 38.62 14.38 17.84
C GLY D 67 37.71 15.20 18.71
N LEU D 68 38.10 16.45 18.92
CA LEU D 68 37.31 17.39 19.71
C LEU D 68 36.52 18.31 18.80
N THR D 69 35.44 17.77 18.25
CA THR D 69 34.52 18.51 17.39
C THR D 69 33.45 19.19 18.23
N PRO D 70 32.73 20.17 17.67
CA PRO D 70 31.61 20.79 18.41
C PRO D 70 30.54 19.81 18.87
N THR D 71 30.24 18.78 18.08
CA THR D 71 29.25 17.79 18.49
C THR D 71 29.82 16.81 19.51
N ASN D 72 31.10 16.46 19.38
CA ASN D 72 31.69 15.50 20.31
C ASN D 72 31.90 16.11 21.69
N ARG D 73 32.19 17.41 21.76
CA ARG D 73 32.38 18.05 23.05
C ARG D 73 31.07 18.14 23.82
N LEU D 74 29.96 18.37 23.12
CA LEU D 74 28.67 18.41 23.79
C LEU D 74 28.16 17.02 24.14
N SER D 75 28.49 16.02 23.32
CA SER D 75 28.11 14.65 23.63
C SER D 75 28.80 14.15 24.89
N MET D 76 30.09 14.44 25.00
CA MET D 76 30.85 14.00 26.18
C MET D 76 30.51 14.85 27.40
N ALA D 77 30.39 16.16 27.24
CA ALA D 77 30.08 17.07 28.36
C ALA D 77 28.94 18.01 27.97
N PRO D 78 27.69 17.58 28.18
CA PRO D 78 26.55 18.47 27.90
C PRO D 78 26.52 19.69 28.83
N THR D 79 25.96 20.79 28.31
CA THR D 79 25.91 22.00 29.11
C THR D 79 24.49 22.34 29.51
N PRO D 80 24.28 22.92 30.69
CA PRO D 80 22.96 23.42 31.06
C PRO D 80 22.66 24.85 30.63
N TYR D 81 23.47 25.43 29.75
CA TYR D 81 23.23 26.77 29.21
C TYR D 81 22.93 26.60 27.73
N ILE D 82 21.67 26.33 27.44
CA ILE D 82 21.23 25.98 26.09
C ILE D 82 20.63 27.23 25.44
N LYS D 83 21.18 27.62 24.30
CA LYS D 83 20.81 28.86 23.64
C LYS D 83 19.84 28.55 22.51
N TYR D 84 18.55 28.74 22.76
CA TYR D 84 17.55 28.60 21.71
C TYR D 84 17.52 29.86 20.85
N ASP D 85 17.15 29.69 19.59
CA ASP D 85 16.97 30.82 18.68
C ASP D 85 15.79 31.66 19.13
N GLU D 86 16.02 32.96 19.31
CA GLU D 86 15.02 33.85 19.89
C GLU D 86 14.55 34.93 18.92
N HIS D 87 14.73 34.71 17.61
CA HIS D 87 14.29 35.68 16.62
C HIS D 87 12.77 35.66 16.48
N ASN D 88 12.16 34.48 16.57
CA ASN D 88 10.72 34.33 16.37
C ASN D 88 9.94 34.25 17.67
N HIS D 89 10.46 33.56 18.68
CA HIS D 89 9.82 33.47 19.98
C HIS D 89 10.85 33.76 21.06
N LYS D 90 10.44 34.52 22.06
CA LYS D 90 11.32 34.87 23.17
C LYS D 90 10.99 34.04 24.39
N ARG D 91 12.03 33.61 25.07
CA ARG D 91 11.94 32.63 26.15
C ARG D 91 11.31 33.21 27.41
N PHE D 92 10.60 32.35 28.14
CA PHE D 92 10.28 32.62 29.53
C PHE D 92 11.53 32.42 30.37
N PRO D 93 11.59 32.96 31.59
CA PRO D 93 12.64 32.55 32.52
C PRO D 93 12.52 31.07 32.82
N PRO D 94 13.64 30.33 32.85
CA PRO D 94 13.57 28.88 33.03
C PRO D 94 13.05 28.48 34.40
N GLY D 95 12.28 27.39 34.42
CA GLY D 95 11.66 26.93 35.64
C GLY D 95 10.30 27.53 35.91
N THR D 96 9.68 28.17 34.92
CA THR D 96 8.37 28.77 35.10
C THR D 96 7.33 27.68 35.26
N GLU D 97 6.52 27.76 36.31
CA GLU D 97 5.58 26.71 36.63
C GLU D 97 4.15 27.19 36.39
N GLY D 98 3.21 26.27 36.54
CA GLY D 98 1.81 26.56 36.40
C GLY D 98 1.24 26.03 35.09
N ARG D 99 -0.08 25.96 35.04
CA ARG D 99 -0.76 25.57 33.82
C ARG D 99 -0.62 26.68 32.77
N PRO D 100 -0.39 26.34 31.51
CA PRO D 100 -0.16 27.36 30.49
C PRO D 100 -1.42 28.17 30.19
N PHE D 101 -1.20 29.44 29.86
CA PHE D 101 -2.30 30.35 29.55
C PHE D 101 -2.84 30.16 28.14
N ALA D 102 -2.19 29.33 27.31
CA ALA D 102 -2.64 29.11 25.94
C ALA D 102 -3.98 28.39 25.91
N TYR D 103 -4.32 27.64 26.96
CA TYR D 103 -5.61 26.95 27.01
C TYR D 103 -6.76 27.93 27.09
N PHE D 104 -6.58 29.05 27.79
CA PHE D 104 -7.58 30.10 27.87
C PHE D 104 -7.88 30.71 26.50
N VAL D 105 -6.82 30.99 25.74
CA VAL D 105 -6.97 31.59 24.43
C VAL D 105 -7.60 30.61 23.45
N GLN D 106 -7.21 29.33 23.53
CA GLN D 106 -7.80 28.33 22.65
C GLN D 106 -9.27 28.09 22.97
N THR D 107 -9.66 28.18 24.24
CA THR D 107 -11.07 28.13 24.59
C THR D 107 -11.83 29.31 24.01
N GLY D 108 -11.20 30.49 24.01
CA GLY D 108 -11.82 31.65 23.39
C GLY D 108 -12.05 31.46 21.89
N GLY D 109 -11.10 30.84 21.21
CA GLY D 109 -11.30 30.52 19.80
C GLY D 109 -12.38 29.48 19.55
N ARG D 110 -12.44 28.48 20.43
CA ARG D 110 -13.44 27.42 20.26
C ARG D 110 -14.85 27.90 20.52
N PHE D 111 -15.01 28.94 21.37
CA PHE D 111 -16.31 29.63 21.49
C PHE D 111 -16.86 30.08 20.15
N LEU D 112 -16.01 30.59 19.28
CA LEU D 112 -16.50 31.04 17.97
C LEU D 112 -16.59 29.90 16.97
N TYR D 113 -15.69 28.91 17.06
CA TYR D 113 -15.75 27.76 16.15
C TYR D 113 -17.05 26.99 16.30
N ALA D 114 -17.50 26.77 17.55
CA ALA D 114 -18.73 26.02 17.78
C ALA D 114 -19.96 26.75 17.25
N SER D 115 -20.03 28.07 17.47
CA SER D 115 -21.16 28.85 17.00
C SER D 115 -21.19 28.93 15.48
N ALA D 116 -20.02 29.04 14.84
CA ALA D 116 -19.95 29.05 13.39
C ALA D 116 -20.43 27.73 12.80
N ALA D 117 -20.02 26.60 13.40
CA ALA D 117 -20.49 25.30 12.93
C ALA D 117 -21.99 25.13 13.10
N ARG D 118 -22.53 25.58 14.24
CA ARG D 118 -23.98 25.49 14.46
C ARG D 118 -24.75 26.33 13.46
N LEU D 119 -24.24 27.54 13.16
CA LEU D 119 -24.90 28.40 12.20
C LEU D 119 -24.88 27.81 10.80
N ALA D 120 -23.76 27.23 10.39
CA ALA D 120 -23.68 26.60 9.06
C ALA D 120 -24.62 25.41 8.93
N VAL D 121 -24.67 24.55 9.95
CA VAL D 121 -25.55 23.40 9.91
C VAL D 121 -27.01 23.83 9.91
N LEU D 122 -27.35 24.85 10.69
CA LEU D 122 -28.72 25.34 10.71
C LEU D 122 -29.12 25.97 9.38
N LYS D 123 -28.17 26.63 8.69
CA LYS D 123 -28.48 27.16 7.37
C LYS D 123 -28.72 26.05 6.36
N ILE D 124 -27.95 24.95 6.46
CA ILE D 124 -28.11 23.86 5.49
C ILE D 124 -29.43 23.11 5.73
N VAL D 125 -29.77 22.86 6.99
CA VAL D 125 -30.95 22.07 7.33
C VAL D 125 -32.24 22.80 6.98
N MET D 126 -32.29 24.11 7.22
CA MET D 126 -33.51 24.88 7.02
C MET D 126 -33.87 25.08 5.55
N SER D 127 -32.97 24.79 4.61
CA SER D 127 -33.29 24.96 3.20
C SER D 127 -34.25 23.89 2.69
N LEU D 128 -34.39 22.77 3.39
CA LEU D 128 -35.36 21.76 3.02
C LEU D 128 -36.74 22.04 3.58
N SER D 129 -36.88 23.04 4.43
CA SER D 129 -38.16 23.40 5.02
C SER D 129 -39.04 24.10 4.00
N ALA D 130 -40.29 24.35 4.39
CA ALA D 130 -41.30 24.81 3.44
C ALA D 130 -41.02 26.23 2.96
N ALA D 131 -41.19 26.44 1.66
CA ALA D 131 -40.93 27.73 1.04
C ALA D 131 -42.09 28.69 1.33
N ALA D 132 -41.89 29.95 0.94
CA ALA D 132 -42.82 31.01 1.30
C ALA D 132 -44.15 30.86 0.56
N ASP D 133 -44.12 30.44 -0.70
CA ASP D 133 -45.36 30.25 -1.46
C ASP D 133 -46.14 29.03 -0.98
N THR D 134 -45.43 27.99 -0.55
CA THR D 134 -46.09 26.83 0.04
C THR D 134 -46.78 27.20 1.35
N MET D 135 -46.10 28.01 2.18
CA MET D 135 -46.69 28.45 3.43
C MET D 135 -47.85 29.41 3.19
N ALA D 136 -47.79 30.17 2.10
CA ALA D 136 -48.89 31.08 1.75
C ALA D 136 -50.12 30.30 1.29
N LEU D 137 -49.92 29.15 0.65
CA LEU D 137 -51.01 28.30 0.18
C LEU D 137 -51.43 27.30 1.24
N SER D 138 -51.70 27.79 2.45
CA SER D 138 -52.16 26.94 3.54
C SER D 138 -53.51 27.38 4.08
N SER D 139 -54.15 28.35 3.44
CA SER D 139 -55.47 28.81 3.82
C SER D 139 -56.32 28.95 2.56
N LEU D 140 -57.54 28.45 2.62
CA LEU D 140 -58.41 28.45 1.45
C LEU D 140 -59.85 28.66 1.89
N GLU D 141 -60.61 29.39 1.08
CA GLU D 141 -62.00 29.68 1.35
C GLU D 141 -62.90 28.78 0.52
N VAL D 142 -63.94 28.25 1.16
CA VAL D 142 -64.85 27.28 0.55
C VAL D 142 -66.25 27.87 0.57
N ASP D 143 -66.88 27.93 -0.61
CA ASP D 143 -68.23 28.42 -0.72
C ASP D 143 -69.22 27.30 -0.43
N LEU D 144 -70.23 27.62 0.37
CA LEU D 144 -71.29 26.66 0.71
C LEU D 144 -72.58 26.93 -0.03
N SER D 145 -72.65 27.99 -0.83
CA SER D 145 -73.88 28.27 -1.58
C SER D 145 -74.03 27.34 -2.77
N GLY D 146 -72.93 26.86 -3.34
CA GLY D 146 -72.97 25.99 -4.49
C GLY D 146 -72.98 24.51 -4.15
N VAL D 147 -73.34 24.19 -2.91
CA VAL D 147 -73.41 22.81 -2.43
C VAL D 147 -74.86 22.49 -2.14
N GLU D 148 -75.37 21.43 -2.75
CA GLU D 148 -76.74 20.96 -2.53
C GLU D 148 -76.75 19.77 -1.56
N GLU D 149 -77.92 19.52 -1.01
CA GLU D 149 -78.06 18.48 0.01
C GLU D 149 -77.99 17.10 -0.62
N GLY D 150 -77.14 16.23 -0.06
CA GLY D 150 -76.97 14.89 -0.56
C GLY D 150 -75.74 14.68 -1.43
N THR D 151 -74.90 15.70 -1.60
CA THR D 151 -73.72 15.62 -2.44
C THR D 151 -72.48 16.00 -1.64
N THR D 152 -71.33 15.47 -2.06
CA THR D 152 -70.06 15.73 -1.41
C THR D 152 -69.19 16.56 -2.35
N ILE D 153 -68.70 17.69 -1.85
CA ILE D 153 -67.73 18.48 -2.61
C ILE D 153 -66.34 18.19 -2.06
N THR D 154 -65.35 18.33 -2.91
CA THR D 154 -63.96 18.13 -2.55
C THR D 154 -63.21 19.44 -2.76
N VAL D 155 -62.56 19.92 -1.70
CA VAL D 155 -61.73 21.10 -1.77
C VAL D 155 -60.33 20.75 -1.29
N LYS D 156 -59.33 21.21 -2.03
CA LYS D 156 -57.93 21.02 -1.67
C LYS D 156 -57.57 22.09 -0.64
N TRP D 157 -57.48 21.69 0.62
CA TRP D 157 -56.94 22.55 1.67
C TRP D 157 -55.62 21.97 2.15
N ARG D 158 -54.55 22.76 2.03
CA ARG D 158 -53.18 22.35 2.37
C ARG D 158 -52.77 21.09 1.60
N GLY D 159 -53.19 21.02 0.34
CA GLY D 159 -52.89 19.86 -0.49
C GLY D 159 -53.70 18.62 -0.18
N LYS D 160 -54.73 18.75 0.64
CA LYS D 160 -55.44 17.61 1.19
C LYS D 160 -56.90 17.64 0.81
N PRO D 161 -57.51 16.49 0.50
CA PRO D 161 -58.95 16.47 0.21
C PRO D 161 -59.77 16.64 1.48
N VAL D 162 -60.73 17.57 1.42
CA VAL D 162 -61.64 17.84 2.53
C VAL D 162 -63.04 17.47 2.06
N PHE D 163 -63.68 16.56 2.79
CA PHE D 163 -64.97 16.02 2.37
C PHE D 163 -66.08 16.81 3.03
N ILE D 164 -66.25 18.05 2.56
CA ILE D 164 -67.37 18.87 2.99
C ILE D 164 -68.62 18.34 2.32
N ARG D 165 -69.61 17.94 3.12
CA ARG D 165 -70.81 17.31 2.62
C ARG D 165 -72.03 17.97 3.26
N HIS D 166 -72.97 18.41 2.42
CA HIS D 166 -74.24 18.95 2.89
C HIS D 166 -75.13 17.81 3.33
N ARG D 167 -75.55 17.81 4.59
CA ARG D 167 -76.29 16.70 5.17
C ARG D 167 -77.77 17.05 5.31
N THR D 168 -78.62 16.05 5.05
CA THR D 168 -80.05 16.17 5.21
C THR D 168 -80.45 15.84 6.65
N ASP D 169 -81.72 16.08 6.97
CA ASP D 169 -82.22 15.84 8.32
C ASP D 169 -82.25 14.35 8.65
N ALA D 170 -82.64 13.52 7.68
CA ALA D 170 -82.60 12.07 7.89
C ALA D 170 -81.17 11.57 8.04
N GLU D 171 -80.23 12.13 7.27
CA GLU D 171 -78.83 11.77 7.40
C GLU D 171 -78.26 12.23 8.74
N ILE D 172 -78.67 13.41 9.20
CA ILE D 172 -78.25 13.92 10.50
C ILE D 172 -78.76 13.02 11.62
N ALA D 173 -80.03 12.60 11.52
CA ALA D 173 -80.59 11.69 12.52
C ALA D 173 -79.91 10.32 12.48
N GLN D 174 -79.57 9.83 11.28
CA GLN D 174 -78.88 8.54 11.18
C GLN D 174 -77.48 8.61 11.77
N SER D 175 -76.78 9.73 11.57
CA SER D 175 -75.46 9.89 12.19
C SER D 175 -75.58 10.06 13.69
N ALA D 176 -76.65 10.69 14.18
CA ALA D 176 -76.82 10.89 15.61
C ALA D 176 -77.22 9.61 16.33
N GLU D 177 -77.97 8.73 15.66
CA GLU D 177 -78.50 7.53 16.30
C GLU D 177 -77.44 6.47 16.56
N VAL D 178 -76.24 6.61 16.01
CA VAL D 178 -75.17 5.66 16.26
C VAL D 178 -74.60 5.93 17.64
N ALA D 179 -74.59 4.90 18.49
CA ALA D 179 -74.10 5.03 19.85
C ALA D 179 -72.58 4.82 19.90
N LEU D 180 -72.03 5.06 21.08
CA LEU D 180 -70.58 5.01 21.27
C LEU D 180 -70.05 3.59 21.47
N SER D 181 -70.92 2.62 21.74
CA SER D 181 -70.46 1.25 21.95
C SER D 181 -70.08 0.56 20.65
N GLU D 182 -70.53 1.07 19.51
CA GLU D 182 -70.17 0.53 18.21
C GLU D 182 -68.98 1.24 17.57
N LEU D 183 -68.35 2.17 18.29
CA LEU D 183 -67.23 2.94 17.77
C LEU D 183 -65.94 2.48 18.44
N ARG D 184 -64.88 2.31 17.62
CA ARG D 184 -63.56 2.04 18.18
C ARG D 184 -63.05 3.24 18.95
N ASP D 185 -63.31 4.45 18.44
CA ASP D 185 -63.05 5.70 19.14
C ASP D 185 -64.39 6.36 19.46
N PRO D 186 -64.88 6.29 20.69
CA PRO D 186 -66.21 6.84 21.01
C PRO D 186 -66.19 8.36 21.04
N GLN D 187 -67.05 8.96 20.21
CA GLN D 187 -67.22 10.41 20.14
C GLN D 187 -68.55 10.69 19.44
N LYS D 188 -69.25 11.73 19.89
CA LYS D 188 -70.57 12.01 19.33
C LYS D 188 -70.47 12.90 18.10
N ASP D 189 -71.58 12.97 17.37
CA ASP D 189 -71.63 13.77 16.14
C ASP D 189 -71.57 15.27 16.42
N VAL D 190 -72.13 15.71 17.55
CA VAL D 190 -72.10 17.12 17.90
C VAL D 190 -70.69 17.57 18.24
N ASP D 191 -69.90 16.70 18.87
CA ASP D 191 -68.53 17.06 19.23
C ASP D 191 -67.63 17.17 18.01
N ARG D 192 -67.93 16.43 16.95
CA ARG D 192 -67.13 16.46 15.74
C ARG D 192 -67.63 17.44 14.68
N ALA D 193 -68.72 18.17 14.96
CA ALA D 193 -69.28 19.08 13.97
C ALA D 193 -70.01 20.20 14.70
N ILE D 194 -69.54 21.43 14.49
CA ILE D 194 -70.24 22.60 15.01
C ILE D 194 -71.60 22.74 14.33
N ASN D 195 -71.63 22.55 13.01
CA ASN D 195 -72.87 22.57 12.25
C ASN D 195 -73.19 21.15 11.80
N PRO D 196 -74.31 20.57 12.25
CA PRO D 196 -74.67 19.21 11.80
C PRO D 196 -75.00 19.13 10.31
N LYS D 197 -75.39 20.23 9.69
CA LYS D 197 -75.69 20.22 8.26
C LYS D 197 -74.43 20.21 7.40
N TYR D 198 -73.39 20.92 7.83
CA TYR D 198 -72.15 21.05 7.07
C TYR D 198 -71.02 20.42 7.88
N LEU D 199 -70.64 19.20 7.50
CA LEU D 199 -69.58 18.45 8.16
C LEU D 199 -68.27 18.67 7.42
N VAL D 200 -67.31 19.30 8.10
CA VAL D 200 -66.00 19.59 7.54
C VAL D 200 -65.03 18.58 8.14
N VAL D 201 -64.45 17.73 7.28
CA VAL D 201 -63.64 16.61 7.73
C VAL D 201 -62.45 16.46 6.80
N VAL D 202 -61.37 15.88 7.33
CA VAL D 202 -60.15 15.66 6.57
C VAL D 202 -60.18 14.25 6.01
N GLY D 203 -60.04 14.13 4.70
CA GLY D 203 -60.17 12.85 4.04
C GLY D 203 -58.88 12.07 3.88
N ILE D 204 -58.08 12.01 4.93
CA ILE D 204 -56.86 11.21 4.96
C ILE D 204 -56.92 10.31 6.17
N CYS D 205 -56.81 9.00 5.94
CA CYS D 205 -56.87 8.04 7.02
C CYS D 205 -55.59 8.08 7.85
N THR D 206 -55.74 8.02 9.16
CA THR D 206 -54.61 8.05 10.08
C THR D 206 -53.82 6.75 10.10
N HIS D 207 -54.34 5.70 9.46
CA HIS D 207 -53.68 4.41 9.35
C HIS D 207 -52.36 4.52 8.61
N LEU D 208 -52.41 4.89 7.33
CA LEU D 208 -51.19 5.03 6.53
C LEU D 208 -51.14 6.31 5.70
N GLY D 209 -52.25 7.00 5.50
CA GLY D 209 -52.25 8.19 4.67
C GLY D 209 -53.06 8.04 3.39
N CYS D 210 -54.09 7.20 3.41
CA CYS D 210 -54.92 6.94 2.25
C CYS D 210 -56.16 7.82 2.25
N VAL D 211 -56.71 8.02 1.05
CA VAL D 211 -57.85 8.92 0.83
C VAL D 211 -59.08 8.07 0.53
N PRO D 212 -60.09 8.06 1.40
CA PRO D 212 -61.34 7.34 1.09
C PRO D 212 -62.12 8.03 -0.02
N ILE D 213 -63.18 7.35 -0.44
CA ILE D 213 -64.01 7.78 -1.56
C ILE D 213 -65.39 8.14 -1.05
N SER D 214 -65.92 9.27 -1.50
CA SER D 214 -67.23 9.74 -1.05
C SER D 214 -68.35 8.91 -1.68
N GLY D 215 -69.44 8.78 -0.93
CA GLY D 215 -70.61 8.06 -1.40
C GLY D 215 -70.41 6.57 -1.58
N ALA D 216 -69.66 5.94 -0.67
CA ALA D 216 -69.40 4.51 -0.76
C ALA D 216 -69.20 3.95 0.64
N GLY D 217 -69.42 2.64 0.77
CA GLY D 217 -69.26 1.97 2.04
C GLY D 217 -70.55 1.35 2.53
N ASN D 218 -70.43 0.39 3.47
CA ASN D 218 -71.61 -0.26 4.02
C ASN D 218 -72.39 0.65 4.96
N TYR D 219 -71.77 1.71 5.46
CA TYR D 219 -72.40 2.66 6.35
C TYR D 219 -72.82 3.93 5.62
N GLN D 220 -72.81 3.90 4.27
CA GLN D 220 -73.19 5.01 3.40
C GLN D 220 -72.34 6.26 3.64
N GLY D 221 -71.08 6.08 4.02
CA GLY D 221 -70.20 7.19 4.27
C GLY D 221 -69.01 7.25 3.32
N TRP D 222 -67.82 6.95 3.83
CA TRP D 222 -66.59 6.96 3.05
C TRP D 222 -65.95 5.59 3.10
N PHE D 223 -65.67 5.02 1.93
CA PHE D 223 -65.03 3.72 1.82
C PHE D 223 -63.57 3.95 1.46
N CYS D 224 -62.68 3.71 2.41
CA CYS D 224 -61.26 3.73 2.12
C CYS D 224 -60.87 2.42 1.46
N PRO D 225 -60.33 2.45 0.24
CA PRO D 225 -60.08 1.20 -0.50
C PRO D 225 -58.71 0.60 -0.28
N CYS D 226 -57.82 1.25 0.48
CA CYS D 226 -56.48 0.70 0.70
C CYS D 226 -56.51 -0.59 1.52
N HIS D 227 -57.35 -0.64 2.55
CA HIS D 227 -57.41 -1.80 3.44
C HIS D 227 -58.83 -2.28 3.66
N GLY D 228 -59.76 -1.88 2.80
CA GLY D 228 -61.16 -2.24 2.97
C GLY D 228 -61.77 -1.66 4.23
N SER D 229 -61.34 -0.47 4.64
CA SER D 229 -61.82 0.14 5.86
C SER D 229 -62.95 1.11 5.54
N HIS D 230 -64.07 0.92 6.23
CA HIS D 230 -65.28 1.70 6.01
C HIS D 230 -65.36 2.82 7.03
N TYR D 231 -65.99 3.92 6.62
CA TYR D 231 -66.31 5.01 7.53
C TYR D 231 -67.79 5.35 7.39
N ASP D 232 -68.37 5.85 8.48
CA ASP D 232 -69.78 6.23 8.48
C ASP D 232 -69.94 7.58 7.80
N ILE D 233 -71.14 8.16 7.85
CA ILE D 233 -71.35 9.46 7.26
C ILE D 233 -70.81 10.57 8.14
N SER D 234 -70.57 10.30 9.42
CA SER D 234 -70.12 11.30 10.38
C SER D 234 -68.62 11.25 10.63
N GLY D 235 -67.87 10.53 9.82
CA GLY D 235 -66.42 10.56 9.90
C GLY D 235 -65.82 9.79 11.06
N ARG D 236 -66.53 8.81 11.61
CA ARG D 236 -66.03 8.00 12.71
C ARG D 236 -65.75 6.59 12.24
N ILE D 237 -64.74 5.98 12.86
CA ILE D 237 -64.28 4.66 12.42
C ILE D 237 -65.26 3.59 12.89
N ARG D 238 -65.64 2.70 11.98
CA ARG D 238 -66.55 1.59 12.24
C ARG D 238 -65.97 0.23 11.87
N GLU D 239 -65.10 0.17 10.86
CA GLU D 239 -64.55 -1.08 10.39
C GLU D 239 -63.22 -0.82 9.71
N GLY D 240 -62.26 -1.72 9.93
CA GLY D 240 -60.95 -1.62 9.30
C GLY D 240 -59.83 -1.62 10.30
N PRO D 241 -58.59 -1.49 9.82
CA PRO D 241 -57.43 -1.46 10.72
C PRO D 241 -57.10 -0.08 11.29
N ALA D 242 -57.89 0.94 10.97
CA ALA D 242 -57.60 2.30 11.40
C ALA D 242 -57.94 2.48 12.88
N PRO D 243 -56.99 2.86 13.73
CA PRO D 243 -57.29 3.05 15.15
C PRO D 243 -58.02 4.34 15.44
N TYR D 244 -57.63 5.44 14.80
CA TYR D 244 -58.19 6.74 15.09
C TYR D 244 -59.40 7.02 14.19
N ASN D 245 -60.03 8.15 14.43
CA ASN D 245 -61.12 8.64 13.60
C ASN D 245 -60.61 9.68 12.62
N LEU D 246 -61.49 10.12 11.73
CA LEU D 246 -61.12 11.12 10.74
C LEU D 246 -60.95 12.49 11.40
N GLU D 247 -59.95 13.23 10.95
CA GLU D 247 -59.63 14.52 11.56
C GLU D 247 -60.65 15.59 11.13
N VAL D 248 -61.02 16.44 12.08
CA VAL D 248 -61.90 17.58 11.83
C VAL D 248 -61.05 18.84 11.93
N PRO D 249 -60.84 19.57 10.85
CA PRO D 249 -59.95 20.74 10.89
C PRO D 249 -60.65 21.94 11.51
N GLU D 250 -59.84 22.91 11.93
CA GLU D 250 -60.38 24.11 12.55
C GLU D 250 -61.08 24.98 11.50
N TYR D 251 -62.32 25.36 11.78
CA TYR D 251 -63.13 26.09 10.83
C TYR D 251 -64.20 26.88 11.58
N ARG D 252 -64.71 27.90 10.91
CA ARG D 252 -65.71 28.78 11.49
C ARG D 252 -66.61 29.30 10.38
N PHE D 253 -67.78 29.77 10.77
CA PHE D 253 -68.78 30.25 9.82
C PHE D 253 -68.83 31.77 9.83
N THR D 254 -68.85 32.35 8.64
CA THR D 254 -68.93 33.79 8.47
C THR D 254 -70.36 34.20 8.11
N GLU D 255 -70.56 35.48 7.85
CA GLU D 255 -71.87 36.02 7.55
C GLU D 255 -72.24 35.93 6.07
N GLY D 256 -71.35 35.41 5.23
CA GLY D 256 -71.63 35.29 3.81
C GLY D 256 -71.56 33.87 3.30
N GLN D 257 -71.81 32.90 4.20
CA GLN D 257 -71.73 31.47 3.91
C GLN D 257 -70.35 31.08 3.38
N LYS D 258 -69.30 31.67 3.96
CA LYS D 258 -67.93 31.40 3.59
C LYS D 258 -67.19 30.80 4.78
N VAL D 259 -66.54 29.67 4.58
CA VAL D 259 -65.90 28.90 5.64
C VAL D 259 -64.39 29.04 5.48
N VAL D 260 -63.73 29.52 6.53
CA VAL D 260 -62.28 29.65 6.55
C VAL D 260 -61.70 28.35 7.10
N ILE D 261 -60.82 27.71 6.33
CA ILE D 261 -60.20 26.45 6.72
C ILE D 261 -58.70 26.65 6.80
N GLY D 262 -58.12 26.28 7.94
CA GLY D 262 -56.70 26.45 8.16
C GLY D 262 -56.41 27.69 8.98
N ASN E 72 -62.58 -7.97 -0.53
CA ASN E 72 -63.97 -8.19 -0.90
C ASN E 72 -64.07 -8.56 -2.38
N GLU E 73 -64.94 -9.52 -2.70
CA GLU E 73 -65.07 -9.99 -4.08
C GLU E 73 -65.72 -8.94 -4.96
N ALA E 74 -66.77 -8.28 -4.45
CA ALA E 74 -67.50 -7.30 -5.25
C ALA E 74 -66.64 -6.08 -5.57
N ALA E 75 -65.78 -5.68 -4.62
CA ALA E 75 -64.86 -4.59 -4.89
C ALA E 75 -63.78 -4.98 -5.88
N ASP E 76 -63.41 -6.26 -5.92
CA ASP E 76 -62.40 -6.72 -6.86
C ASP E 76 -62.98 -6.82 -8.28
N GLY E 77 -64.23 -7.25 -8.40
CA GLY E 77 -64.85 -7.44 -9.69
C GLY E 77 -64.51 -8.78 -10.30
N LEU E 78 -65.23 -9.12 -11.36
CA LEU E 78 -65.06 -10.41 -12.02
C LEU E 78 -63.81 -10.38 -12.88
N HIS E 79 -63.00 -11.43 -12.77
CA HIS E 79 -61.78 -11.54 -13.57
C HIS E 79 -62.12 -11.86 -15.02
N ALA E 80 -61.24 -11.44 -15.91
CA ALA E 80 -61.51 -11.64 -17.33
C ALA E 80 -60.79 -12.88 -17.86
N PRO E 81 -61.44 -13.64 -18.74
CA PRO E 81 -60.79 -14.84 -19.29
C PRO E 81 -59.68 -14.49 -20.25
N HIS E 82 -58.80 -15.47 -20.49
CA HIS E 82 -57.66 -15.29 -21.37
C HIS E 82 -58.06 -15.65 -22.79
N TYR E 83 -58.11 -14.65 -23.66
CA TYR E 83 -58.51 -14.76 -25.06
C TYR E 83 -57.29 -15.04 -25.94
N PRO E 84 -57.45 -15.80 -27.01
CA PRO E 84 -56.29 -16.13 -27.87
C PRO E 84 -55.89 -15.02 -28.84
N TRP E 85 -55.25 -13.99 -28.30
CA TRP E 85 -54.76 -12.88 -29.11
C TRP E 85 -53.62 -13.36 -30.00
N GLY E 86 -53.62 -12.85 -31.24
CA GLY E 86 -52.61 -13.29 -32.19
C GLY E 86 -51.25 -12.67 -32.03
N HIS E 87 -51.09 -11.70 -31.11
CA HIS E 87 -49.82 -11.05 -30.89
C HIS E 87 -49.16 -11.44 -29.57
N GLU E 88 -49.72 -12.45 -28.88
CA GLU E 88 -49.28 -12.76 -27.52
C GLU E 88 -47.89 -13.40 -27.50
N GLY E 89 -47.61 -14.27 -28.47
CA GLY E 89 -46.33 -14.96 -28.47
C GLY E 89 -45.19 -14.04 -28.86
N VAL E 90 -43.99 -14.39 -28.38
CA VAL E 90 -42.82 -13.55 -28.63
C VAL E 90 -42.36 -13.58 -30.07
N LEU E 91 -42.85 -14.53 -30.87
CA LEU E 91 -42.54 -14.61 -32.29
C LEU E 91 -43.59 -13.92 -33.15
N ASP E 92 -44.64 -13.39 -32.57
CA ASP E 92 -45.80 -12.91 -33.31
C ASP E 92 -45.83 -11.39 -33.38
N SER E 93 -46.25 -10.88 -34.53
CA SER E 93 -46.40 -9.44 -34.73
C SER E 93 -47.82 -9.01 -34.41
N TYR E 94 -48.05 -7.70 -34.51
CA TYR E 94 -49.40 -7.17 -34.47
C TYR E 94 -50.14 -7.50 -35.76
N ASP E 95 -51.47 -7.46 -35.68
CA ASP E 95 -52.32 -7.51 -36.87
C ASP E 95 -52.61 -6.08 -37.29
N HIS E 96 -51.85 -5.57 -38.26
CA HIS E 96 -51.92 -4.15 -38.62
C HIS E 96 -53.21 -3.77 -39.32
N ALA E 97 -53.92 -4.75 -39.92
CA ALA E 97 -55.25 -4.45 -40.43
C ALA E 97 -56.23 -4.20 -39.31
N ALA E 98 -56.04 -4.87 -38.16
CA ALA E 98 -56.91 -4.66 -37.02
C ALA E 98 -56.60 -3.35 -36.30
N ILE E 99 -55.36 -2.88 -36.37
CA ILE E 99 -55.03 -1.57 -35.82
C ILE E 99 -55.74 -0.47 -36.60
N ARG E 100 -55.75 -0.57 -37.93
CA ARG E 100 -56.46 0.39 -38.79
C ARG E 100 -57.97 0.39 -38.52
N ARG E 101 -58.56 -0.79 -38.38
CA ARG E 101 -59.98 -0.85 -38.07
C ARG E 101 -60.26 -0.41 -36.63
N GLY E 102 -59.28 -0.58 -35.75
CA GLY E 102 -59.45 -0.14 -34.37
C GLY E 102 -59.38 1.36 -34.23
N HIS E 103 -58.56 2.02 -35.04
CA HIS E 103 -58.52 3.48 -35.04
C HIS E 103 -59.82 4.09 -35.54
N LYS E 104 -60.49 3.41 -36.46
CA LYS E 104 -61.75 3.94 -36.97
C LYS E 104 -62.86 3.83 -35.93
N VAL E 105 -62.81 2.80 -35.09
CA VAL E 105 -63.71 2.75 -33.94
C VAL E 105 -63.38 3.87 -32.95
N TYR E 106 -62.10 4.22 -32.82
CA TYR E 106 -61.70 5.30 -31.91
C TYR E 106 -62.26 6.64 -32.37
N GLN E 107 -62.15 6.94 -33.67
CA GLN E 107 -62.58 8.23 -34.18
C GLN E 107 -64.09 8.42 -34.10
N GLN E 108 -64.87 7.35 -34.26
CA GLN E 108 -66.30 7.48 -34.39
C GLN E 108 -67.07 7.23 -33.09
N VAL E 109 -66.52 6.47 -32.16
CA VAL E 109 -67.20 6.13 -30.92
C VAL E 109 -66.43 6.61 -29.69
N CYS E 110 -65.13 6.30 -29.63
CA CYS E 110 -64.34 6.61 -28.44
C CYS E 110 -64.12 8.10 -28.26
N ALA E 111 -63.70 8.77 -29.33
CA ALA E 111 -63.11 10.11 -29.24
C ALA E 111 -64.10 11.19 -28.89
N ALA E 112 -65.40 10.88 -28.78
CA ALA E 112 -66.35 11.85 -28.26
C ALA E 112 -66.09 12.18 -26.81
N CYS E 113 -65.45 11.26 -26.07
CA CYS E 113 -65.16 11.51 -24.66
C CYS E 113 -63.81 11.02 -24.16
N HIS E 114 -62.89 10.61 -25.04
CA HIS E 114 -61.58 10.15 -24.61
C HIS E 114 -60.49 10.83 -25.42
N SER E 115 -59.38 11.14 -24.76
CA SER E 115 -58.43 12.10 -25.32
C SER E 115 -57.30 11.47 -26.11
N MET E 116 -56.62 10.46 -25.56
CA MET E 116 -55.38 9.88 -26.10
C MET E 116 -54.34 10.97 -26.39
N GLN E 117 -53.91 11.65 -25.33
CA GLN E 117 -53.14 12.88 -25.45
C GLN E 117 -51.67 12.66 -25.78
N TYR E 118 -51.16 11.43 -25.71
CA TYR E 118 -49.77 11.18 -26.03
C TYR E 118 -49.58 10.59 -27.43
N LEU E 119 -50.65 10.52 -28.23
CA LEU E 119 -50.51 10.10 -29.62
C LEU E 119 -50.46 11.28 -30.56
N HIS E 120 -49.68 11.14 -31.62
CA HIS E 120 -49.58 12.10 -32.70
C HIS E 120 -49.80 11.37 -34.02
N TRP E 121 -50.26 12.10 -35.02
CA TRP E 121 -50.52 11.51 -36.33
C TRP E 121 -49.25 11.03 -37.01
N ARG E 122 -48.09 11.56 -36.62
CA ARG E 122 -46.82 11.12 -37.18
C ARG E 122 -46.52 9.66 -36.82
N GLN E 123 -46.95 9.23 -35.64
CA GLN E 123 -46.66 7.88 -35.18
C GLN E 123 -47.53 6.81 -35.84
N LEU E 124 -48.65 7.20 -36.47
CA LEU E 124 -49.49 6.25 -37.18
C LEU E 124 -48.95 5.90 -38.55
N VAL E 125 -47.93 6.62 -39.03
CA VAL E 125 -47.42 6.43 -40.39
C VAL E 125 -46.49 5.21 -40.41
N GLY E 126 -46.72 4.32 -41.36
CA GLY E 126 -45.94 3.11 -41.48
C GLY E 126 -46.41 1.98 -40.60
N VAL E 127 -47.42 2.21 -39.78
CA VAL E 127 -47.98 1.22 -38.87
C VAL E 127 -49.41 0.96 -39.29
N CYS E 128 -50.10 2.03 -39.60
CA CYS E 128 -51.54 2.08 -39.73
C CYS E 128 -52.01 2.75 -41.01
N TYR E 129 -51.28 3.73 -41.53
CA TYR E 129 -51.65 4.50 -42.70
C TYR E 129 -50.38 4.83 -43.47
N THR E 130 -50.56 5.31 -44.70
CA THR E 130 -49.47 5.95 -45.40
C THR E 130 -49.34 7.41 -44.94
N GLU E 131 -48.34 8.10 -45.47
CA GLU E 131 -48.15 9.51 -45.13
C GLU E 131 -49.32 10.36 -45.58
N GLU E 132 -49.82 10.11 -46.80
CA GLU E 132 -50.86 10.95 -47.37
C GLU E 132 -52.21 10.70 -46.69
N GLU E 133 -52.48 9.45 -46.32
CA GLU E 133 -53.70 9.14 -45.59
C GLU E 133 -53.71 9.80 -44.22
N ALA E 134 -52.57 9.75 -43.51
CA ALA E 134 -52.49 10.36 -42.20
C ALA E 134 -52.55 11.88 -42.28
N LYS E 135 -51.96 12.46 -43.34
CA LYS E 135 -52.07 13.90 -43.56
C LYS E 135 -53.51 14.31 -43.81
N ALA E 136 -54.25 13.52 -44.60
CA ALA E 136 -55.64 13.83 -44.87
C ALA E 136 -56.50 13.66 -43.62
N LEU E 137 -56.15 12.70 -42.76
CA LEU E 137 -56.87 12.54 -41.50
C LEU E 137 -56.59 13.69 -40.55
N ALA E 138 -55.33 14.13 -40.48
CA ALA E 138 -54.97 15.22 -39.58
C ALA E 138 -55.53 16.55 -40.07
N ALA E 139 -55.64 16.74 -41.39
CA ALA E 139 -56.14 17.99 -41.96
C ALA E 139 -57.64 18.18 -41.73
N GLU E 140 -58.36 17.15 -41.31
CA GLU E 140 -59.78 17.28 -41.00
C GLU E 140 -60.05 17.70 -39.57
N THR E 141 -59.00 17.96 -38.79
CA THR E 141 -59.15 18.38 -37.40
C THR E 141 -58.78 19.85 -37.25
N GLU E 142 -59.42 20.51 -36.28
CA GLU E 142 -59.17 21.91 -35.97
C GLU E 142 -58.25 22.00 -34.76
N VAL E 143 -57.10 22.66 -34.94
CA VAL E 143 -56.08 22.76 -33.90
C VAL E 143 -55.88 24.23 -33.56
N GLU E 144 -55.97 24.56 -32.28
CA GLU E 144 -55.69 25.92 -31.83
C GLU E 144 -54.19 26.19 -31.92
N ASP E 145 -53.85 27.35 -32.49
CA ASP E 145 -52.45 27.74 -32.65
C ASP E 145 -52.34 29.22 -32.30
N GLY E 146 -51.09 29.66 -32.12
CA GLY E 146 -50.82 31.05 -31.89
C GLY E 146 -49.61 31.27 -31.00
N PRO E 147 -49.42 32.51 -30.55
CA PRO E 147 -50.17 33.72 -30.89
C PRO E 147 -49.66 34.32 -32.20
N ASN E 148 -50.49 35.07 -32.92
CA ASN E 148 -50.09 35.70 -34.16
C ASN E 148 -49.37 37.02 -33.87
N ASP E 149 -49.19 37.84 -34.90
CA ASP E 149 -48.53 39.13 -34.71
C ASP E 149 -49.38 40.14 -33.96
N GLU E 150 -50.68 39.88 -33.81
CA GLU E 150 -51.57 40.73 -33.06
C GLU E 150 -51.86 40.20 -31.66
N GLY E 151 -51.16 39.15 -31.24
CA GLY E 151 -51.33 38.59 -29.91
C GLY E 151 -52.67 37.94 -29.65
N GLU E 152 -53.19 37.17 -30.61
CA GLU E 152 -54.48 36.51 -30.48
C GLU E 152 -54.34 35.04 -30.82
N MET E 153 -55.33 34.26 -30.37
CA MET E 153 -55.36 32.82 -30.61
C MET E 153 -56.28 32.51 -31.77
N PHE E 154 -55.81 31.69 -32.70
CA PHE E 154 -56.55 31.31 -33.89
C PHE E 154 -56.56 29.80 -34.03
N THR E 155 -57.25 29.32 -35.06
CA THR E 155 -57.34 27.90 -35.36
C THR E 155 -56.74 27.62 -36.73
N ARG E 156 -56.42 26.35 -36.97
CA ARG E 156 -55.78 25.96 -38.22
C ARG E 156 -56.06 24.48 -38.47
N GLU E 157 -55.63 24.00 -39.63
CA GLU E 157 -55.69 22.58 -39.94
C GLU E 157 -54.62 21.82 -39.18
N GLY E 158 -54.97 20.64 -38.69
CA GLY E 158 -54.00 19.79 -38.05
C GLY E 158 -52.97 19.27 -39.02
N ARG E 159 -51.79 18.95 -38.50
CA ARG E 159 -50.71 18.42 -39.32
C ARG E 159 -50.18 17.14 -38.69
N LEU E 160 -49.09 16.61 -39.23
CA LEU E 160 -48.57 15.34 -38.74
C LEU E 160 -48.01 15.47 -37.32
N PHE E 161 -47.36 16.58 -37.01
CA PHE E 161 -46.77 16.76 -35.69
C PHE E 161 -47.79 17.06 -34.61
N ASP E 162 -49.04 17.35 -34.98
CA ASP E 162 -50.06 17.64 -33.99
C ASP E 162 -50.49 16.38 -33.27
N ALA E 163 -50.92 16.54 -32.02
CA ALA E 163 -51.44 15.45 -31.23
C ALA E 163 -52.93 15.25 -31.52
N PHE E 164 -53.45 14.11 -31.07
CA PHE E 164 -54.85 13.79 -31.29
C PHE E 164 -55.73 14.77 -30.53
N PRO E 165 -56.84 15.21 -31.12
CA PRO E 165 -57.68 16.22 -30.46
C PRO E 165 -58.32 15.70 -29.19
N SER E 166 -58.39 16.56 -28.20
CA SER E 166 -59.06 16.21 -26.95
C SER E 166 -60.49 16.73 -26.99
N PRO E 167 -61.49 15.93 -26.61
CA PRO E 167 -62.88 16.39 -26.68
C PRO E 167 -63.21 17.49 -25.70
N TYR E 168 -62.40 17.70 -24.66
CA TYR E 168 -62.64 18.71 -23.65
C TYR E 168 -61.37 19.49 -23.38
N ALA E 169 -61.53 20.72 -22.91
CA ALA E 169 -60.37 21.57 -22.65
C ALA E 169 -59.66 21.21 -21.35
N ASN E 170 -60.34 20.53 -20.43
CA ASN E 170 -59.84 20.33 -19.09
C ASN E 170 -60.59 19.18 -18.43
N GLU E 171 -60.08 18.75 -17.28
CA GLU E 171 -60.69 17.62 -16.57
C GLU E 171 -62.06 17.98 -16.01
N GLN E 172 -62.27 19.23 -15.63
CA GLN E 172 -63.51 19.60 -14.94
C GLN E 172 -64.72 19.59 -15.87
N ALA E 173 -64.55 20.07 -17.11
CA ALA E 173 -65.65 19.99 -18.06
C ALA E 173 -65.91 18.56 -18.51
N ALA E 174 -64.86 17.73 -18.56
CA ALA E 174 -65.03 16.31 -18.82
C ALA E 174 -65.84 15.63 -17.73
N ARG E 175 -65.58 16.00 -16.47
CA ARG E 175 -66.38 15.50 -15.36
C ARG E 175 -67.81 16.02 -15.44
N TYR E 176 -67.98 17.29 -15.83
CA TYR E 176 -69.30 17.89 -15.89
C TYR E 176 -70.17 17.28 -16.98
N ALA E 177 -69.56 16.88 -18.09
CA ALA E 177 -70.28 16.26 -19.19
C ALA E 177 -70.65 14.81 -18.91
N ASN E 178 -70.15 14.21 -17.83
CA ASN E 178 -70.32 12.79 -17.61
C ASN E 178 -70.73 12.46 -16.19
N GLY E 179 -71.52 13.33 -15.56
CA GLY E 179 -72.06 13.04 -14.24
C GLY E 179 -71.06 13.04 -13.11
N GLY E 180 -69.90 13.66 -13.29
CA GLY E 180 -68.88 13.71 -12.28
C GLY E 180 -67.71 12.78 -12.51
N ALA E 181 -67.86 11.79 -13.37
CA ALA E 181 -66.80 10.83 -13.65
C ALA E 181 -65.96 11.30 -14.81
N TYR E 182 -64.65 11.17 -14.67
CA TYR E 182 -63.71 11.60 -15.70
C TYR E 182 -63.33 10.42 -16.56
N PRO E 183 -63.66 10.41 -17.85
CA PRO E 183 -63.19 9.34 -18.73
C PRO E 183 -61.70 9.43 -18.94
N PRO E 184 -60.96 8.39 -18.58
CA PRO E 184 -59.50 8.49 -18.55
C PRO E 184 -58.87 8.41 -19.94
N ASP E 185 -57.61 8.84 -20.00
CA ASP E 185 -56.84 8.80 -21.22
C ASP E 185 -56.55 7.36 -21.63
N LEU E 186 -56.61 7.10 -22.94
CA LEU E 186 -56.54 5.74 -23.45
C LEU E 186 -55.22 5.41 -24.12
N THR E 187 -54.22 6.28 -24.03
CA THR E 187 -52.93 5.97 -24.63
C THR E 187 -52.26 4.81 -23.89
N LEU E 188 -52.38 4.79 -22.57
CA LEU E 188 -51.74 3.76 -21.75
C LEU E 188 -52.74 3.02 -20.87
N ILE E 189 -53.99 2.88 -21.33
CA ILE E 189 -54.98 2.15 -20.57
C ILE E 189 -54.80 0.64 -20.69
N SER E 190 -54.14 0.16 -21.75
CA SER E 190 -53.91 -1.27 -21.90
C SER E 190 -52.84 -1.77 -20.95
N GLY E 191 -51.72 -1.06 -20.85
CA GLY E 191 -50.70 -1.40 -19.89
C GLY E 191 -50.94 -0.88 -18.49
N GLY E 192 -51.95 -0.03 -18.32
CA GLY E 192 -52.34 0.53 -17.05
C GLY E 192 -53.42 -0.22 -16.32
N ARG E 193 -53.84 -1.39 -16.80
CA ARG E 193 -54.79 -2.23 -16.09
C ARG E 193 -54.22 -3.64 -16.00
N HIS E 194 -54.57 -4.33 -14.93
CA HIS E 194 -54.18 -5.73 -14.80
C HIS E 194 -54.96 -6.56 -15.79
N ASN E 195 -54.26 -7.43 -16.52
CA ASN E 195 -54.81 -8.26 -17.59
C ASN E 195 -55.47 -7.38 -18.66
N GLY E 196 -54.65 -6.52 -19.24
CA GLY E 196 -55.08 -5.37 -20.01
C GLY E 196 -56.07 -5.58 -21.15
N PRO E 197 -55.63 -6.23 -22.23
CA PRO E 197 -56.53 -6.44 -23.38
C PRO E 197 -57.74 -7.29 -23.06
N ASN E 198 -57.58 -8.34 -22.24
CA ASN E 198 -58.70 -9.19 -21.88
C ASN E 198 -59.73 -8.43 -21.04
N TYR E 199 -59.25 -7.60 -20.10
CA TYR E 199 -60.16 -6.79 -19.30
C TYR E 199 -60.89 -5.77 -20.15
N ILE E 200 -60.19 -5.16 -21.12
CA ILE E 200 -60.82 -4.15 -21.98
C ILE E 200 -61.92 -4.78 -22.84
N PHE E 201 -61.61 -5.93 -23.46
CA PHE E 201 -62.61 -6.61 -24.30
C PHE E 201 -63.81 -7.08 -23.48
N SER E 202 -63.56 -7.67 -22.31
CA SER E 202 -64.66 -8.16 -21.48
C SER E 202 -65.47 -7.03 -20.89
N LEU E 203 -64.85 -5.87 -20.65
CA LEU E 203 -65.60 -4.72 -20.17
C LEU E 203 -66.49 -4.14 -21.26
N LEU E 204 -65.97 -4.08 -22.49
CA LEU E 204 -66.74 -3.51 -23.58
C LEU E 204 -67.89 -4.39 -24.00
N THR E 205 -67.74 -5.71 -23.93
CA THR E 205 -68.79 -6.64 -24.33
C THR E 205 -69.53 -7.23 -23.15
N GLY E 206 -69.41 -6.64 -21.96
CA GLY E 206 -69.91 -7.31 -20.77
C GLY E 206 -70.90 -6.57 -19.92
N TYR E 207 -71.85 -5.86 -20.53
CA TYR E 207 -72.86 -5.11 -19.78
C TYR E 207 -74.04 -6.04 -19.48
N ARG E 208 -73.91 -6.77 -18.38
CA ARG E 208 -74.86 -7.82 -18.03
C ARG E 208 -75.88 -7.33 -17.01
N ASP E 209 -76.87 -8.17 -16.76
CA ASP E 209 -77.93 -7.93 -15.79
C ASP E 209 -77.36 -8.05 -14.38
N PRO E 210 -77.73 -7.14 -13.46
CA PRO E 210 -77.15 -7.20 -12.12
C PRO E 210 -77.70 -8.37 -11.32
N PRO E 211 -76.93 -8.91 -10.39
CA PRO E 211 -77.39 -10.04 -9.58
C PRO E 211 -78.33 -9.57 -8.48
N ALA E 212 -78.84 -10.52 -7.72
CA ALA E 212 -79.85 -10.23 -6.71
C ALA E 212 -79.26 -9.44 -5.55
N GLY E 213 -80.01 -8.43 -5.10
CA GLY E 213 -79.58 -7.59 -4.02
C GLY E 213 -78.65 -6.46 -4.40
N ILE E 214 -78.26 -6.35 -5.67
CA ILE E 214 -77.40 -5.28 -6.15
C ILE E 214 -78.27 -4.29 -6.92
N SER E 215 -78.36 -3.08 -6.40
CA SER E 215 -79.09 -1.99 -7.05
C SER E 215 -78.10 -0.96 -7.56
N ILE E 216 -78.45 -0.33 -8.67
CA ILE E 216 -77.60 0.65 -9.34
C ILE E 216 -78.31 2.00 -9.32
N ARG E 217 -77.59 3.04 -8.91
CA ARG E 217 -78.20 4.36 -8.91
C ARG E 217 -78.30 4.91 -10.33
N GLU E 218 -79.06 6.00 -10.46
CA GLU E 218 -79.26 6.62 -11.76
C GLU E 218 -77.96 7.28 -12.24
N GLY E 219 -77.72 7.19 -13.55
CA GLY E 219 -76.47 7.64 -14.12
C GLY E 219 -75.37 6.61 -14.12
N LEU E 220 -75.61 5.42 -13.56
CA LEU E 220 -74.62 4.36 -13.52
C LEU E 220 -75.20 3.10 -14.16
N TYR E 221 -74.31 2.26 -14.67
CA TYR E 221 -74.69 1.05 -15.38
C TYR E 221 -73.88 -0.13 -14.86
N TYR E 222 -74.49 -1.31 -14.85
CA TYR E 222 -73.83 -2.48 -14.30
C TYR E 222 -72.86 -3.10 -15.29
N ASN E 223 -71.68 -3.45 -14.79
CA ASN E 223 -70.65 -4.18 -15.52
C ASN E 223 -69.79 -4.93 -14.52
N PRO E 224 -69.90 -6.27 -14.47
CA PRO E 224 -69.19 -7.03 -13.42
C PRO E 224 -67.67 -7.05 -13.59
N TYR E 225 -67.16 -6.63 -14.73
CA TYR E 225 -65.72 -6.54 -14.92
C TYR E 225 -65.15 -5.25 -14.37
N PHE E 226 -65.95 -4.21 -14.27
CA PHE E 226 -65.52 -2.98 -13.61
C PHE E 226 -65.47 -3.20 -12.11
N PRO E 227 -64.38 -2.85 -11.44
CA PRO E 227 -64.29 -3.06 -9.99
C PRO E 227 -65.28 -2.20 -9.23
N GLY E 228 -66.13 -2.86 -8.44
CA GLY E 228 -67.26 -2.24 -7.81
C GLY E 228 -68.57 -2.50 -8.52
N GLY E 229 -68.53 -2.78 -9.82
CA GLY E 229 -69.70 -3.20 -10.55
C GLY E 229 -70.58 -2.08 -11.08
N ALA E 230 -70.27 -0.82 -10.80
CA ALA E 230 -71.11 0.30 -11.20
C ALA E 230 -70.24 1.30 -11.97
N ILE E 231 -70.33 1.25 -13.30
CA ILE E 231 -69.52 2.09 -14.16
C ILE E 231 -70.39 3.24 -14.68
N ALA E 232 -69.75 4.36 -15.02
CA ALA E 232 -70.44 5.51 -15.58
C ALA E 232 -70.40 5.54 -17.10
N MET E 233 -69.74 4.59 -17.74
CA MET E 233 -69.72 4.51 -19.20
C MET E 233 -70.85 3.63 -19.68
N PRO E 234 -71.76 4.12 -20.52
CA PRO E 234 -72.84 3.28 -21.03
C PRO E 234 -72.36 2.38 -22.16
N LYS E 235 -73.26 1.53 -22.64
CA LYS E 235 -73.00 0.69 -23.80
C LYS E 235 -72.83 1.56 -25.03
N MET E 236 -71.65 1.51 -25.65
CA MET E 236 -71.38 2.37 -26.80
C MET E 236 -71.18 1.62 -28.10
N LEU E 237 -70.87 0.33 -28.07
CA LEU E 237 -70.66 -0.43 -29.29
C LEU E 237 -71.99 -1.09 -29.68
N VAL E 238 -72.41 -0.86 -30.91
CA VAL E 238 -73.66 -1.39 -31.45
C VAL E 238 -73.31 -2.05 -32.77
N ASP E 239 -74.17 -2.97 -33.20
CA ASP E 239 -73.95 -3.69 -34.45
C ASP E 239 -74.07 -2.74 -35.63
N GLY E 240 -73.06 -2.74 -36.49
CA GLY E 240 -73.08 -1.90 -37.68
C GLY E 240 -72.85 -0.42 -37.43
N GLY E 241 -72.40 -0.04 -36.23
CA GLY E 241 -72.19 1.36 -35.92
C GLY E 241 -70.93 1.96 -36.49
N VAL E 242 -70.10 1.16 -37.15
CA VAL E 242 -68.91 1.60 -37.85
C VAL E 242 -68.94 0.94 -39.23
N GLU E 243 -68.60 1.69 -40.26
CA GLU E 243 -68.55 1.16 -41.62
C GLU E 243 -67.10 1.00 -42.04
N TYR E 244 -66.56 -0.20 -41.88
CA TYR E 244 -65.17 -0.47 -42.23
C TYR E 244 -64.96 -0.37 -43.74
N GLU E 245 -63.75 0.02 -44.12
CA GLU E 245 -63.44 0.21 -45.53
C GLU E 245 -62.83 -1.01 -46.20
N ASP E 246 -62.66 -2.11 -45.47
CA ASP E 246 -62.14 -3.34 -46.04
C ASP E 246 -63.20 -4.43 -46.17
N GLY E 247 -64.47 -4.09 -45.96
CA GLY E 247 -65.55 -5.03 -46.10
C GLY E 247 -65.83 -5.90 -44.90
N THR E 248 -65.14 -5.69 -43.79
CA THR E 248 -65.34 -6.51 -42.59
C THR E 248 -66.68 -6.15 -41.95
N PRO E 249 -67.55 -7.12 -41.69
CA PRO E 249 -68.82 -6.83 -41.02
C PRO E 249 -68.61 -6.43 -39.56
N ALA E 250 -69.28 -5.36 -39.15
CA ALA E 250 -68.99 -4.71 -37.88
C ALA E 250 -70.06 -5.06 -36.87
N SER E 251 -69.91 -6.22 -36.24
CA SER E 251 -70.67 -6.51 -35.05
C SER E 251 -70.03 -5.80 -33.86
N ALA E 252 -70.70 -5.89 -32.71
CA ALA E 252 -70.16 -5.28 -31.50
C ALA E 252 -68.87 -5.95 -31.06
N SER E 253 -68.80 -7.29 -31.19
CA SER E 253 -67.62 -8.01 -30.77
C SER E 253 -66.43 -7.72 -31.69
N GLN E 254 -66.67 -7.59 -33.00
CA GLN E 254 -65.60 -7.28 -33.92
C GLN E 254 -65.06 -5.88 -33.68
N GLN E 255 -65.95 -4.91 -33.41
CA GLN E 255 -65.54 -3.56 -33.06
C GLN E 255 -64.73 -3.54 -31.78
N ALA E 256 -65.19 -4.28 -30.77
CA ALA E 256 -64.48 -4.34 -29.49
C ALA E 256 -63.10 -4.97 -29.64
N LYS E 257 -63.00 -6.04 -30.43
CA LYS E 257 -61.71 -6.69 -30.65
C LYS E 257 -60.75 -5.77 -31.39
N ASP E 258 -61.25 -5.02 -32.38
CA ASP E 258 -60.39 -4.12 -33.13
C ASP E 258 -59.91 -2.94 -32.27
N ILE E 259 -60.80 -2.34 -31.48
CA ILE E 259 -60.37 -1.21 -30.64
C ILE E 259 -59.46 -1.70 -29.52
N THR E 260 -59.65 -2.93 -29.03
CA THR E 260 -58.74 -3.48 -28.05
C THR E 260 -57.35 -3.70 -28.65
N THR E 261 -57.30 -4.14 -29.92
CA THR E 261 -56.03 -4.28 -30.62
C THR E 261 -55.34 -2.94 -30.80
N PHE E 262 -56.10 -1.90 -31.15
CA PHE E 262 -55.52 -0.56 -31.31
C PHE E 262 -55.00 -0.02 -29.99
N LEU E 263 -55.72 -0.26 -28.88
CA LEU E 263 -55.26 0.22 -27.58
C LEU E 263 -54.04 -0.55 -27.10
N ALA E 264 -53.97 -1.85 -27.41
CA ALA E 264 -52.80 -2.63 -27.08
C ALA E 264 -51.59 -2.18 -27.87
N TRP E 265 -51.80 -1.75 -29.12
CA TRP E 265 -50.71 -1.12 -29.86
C TRP E 265 -50.31 0.21 -29.22
N ALA E 266 -51.29 0.97 -28.75
CA ALA E 266 -51.01 2.30 -28.18
C ALA E 266 -50.18 2.20 -26.91
N SER E 267 -50.40 1.16 -26.10
CA SER E 267 -49.57 1.01 -24.91
C SER E 267 -48.15 0.56 -25.24
N TYR E 268 -47.98 -0.31 -26.24
CA TYR E 268 -46.65 -0.82 -26.61
C TYR E 268 -46.44 -0.64 -28.10
N PRO E 269 -46.10 0.56 -28.54
CA PRO E 269 -46.02 0.84 -29.99
C PRO E 269 -44.85 0.19 -30.70
N TYR E 270 -43.84 -0.28 -29.97
CA TYR E 270 -42.65 -0.81 -30.59
C TYR E 270 -42.46 -2.30 -30.28
N GLN E 271 -43.55 -3.01 -30.02
CA GLN E 271 -43.49 -4.40 -29.60
C GLN E 271 -42.86 -5.30 -30.66
N ASP E 272 -43.15 -5.05 -31.94
CA ASP E 272 -42.59 -5.85 -33.02
C ASP E 272 -41.09 -5.63 -33.14
N GLU E 273 -40.65 -4.38 -33.09
CA GLU E 273 -39.22 -4.06 -33.16
C GLU E 273 -38.48 -4.60 -31.95
N MET E 274 -39.09 -4.48 -30.76
CA MET E 274 -38.50 -5.04 -29.54
C MET E 274 -38.35 -6.55 -29.64
N ARG E 275 -39.34 -7.23 -30.21
CA ARG E 275 -39.25 -8.68 -30.32
C ARG E 275 -38.20 -9.12 -31.35
N VAL E 276 -38.06 -8.38 -32.46
CA VAL E 276 -37.03 -8.70 -33.43
C VAL E 276 -35.64 -8.51 -32.83
N MET E 277 -35.44 -7.40 -32.11
CA MET E 277 -34.17 -7.16 -31.43
C MET E 277 -33.91 -8.20 -30.35
N GLY E 278 -34.97 -8.62 -29.64
CA GLY E 278 -34.80 -9.64 -28.62
C GLY E 278 -34.44 -11.00 -29.18
N ILE E 279 -34.98 -11.35 -30.35
CA ILE E 279 -34.62 -12.60 -30.99
C ILE E 279 -33.15 -12.57 -31.42
N LYS E 280 -32.71 -11.45 -31.99
CA LYS E 280 -31.30 -11.34 -32.38
C LYS E 280 -30.38 -11.37 -31.16
N ALA E 281 -30.77 -10.68 -30.08
CA ALA E 281 -29.95 -10.65 -28.88
C ALA E 281 -29.87 -12.01 -28.21
N CYS E 282 -30.99 -12.73 -28.12
CA CYS E 282 -31.00 -14.06 -27.51
C CYS E 282 -30.16 -15.04 -28.30
N LEU E 283 -30.25 -14.99 -29.64
CA LEU E 283 -29.41 -15.85 -30.47
C LEU E 283 -27.93 -15.54 -30.29
N MET E 284 -27.56 -14.24 -30.31
CA MET E 284 -26.17 -13.86 -30.19
C MET E 284 -25.59 -14.23 -28.82
N ILE E 285 -26.34 -13.97 -27.75
CA ILE E 285 -25.86 -14.28 -26.41
C ILE E 285 -25.79 -15.79 -26.20
N SER E 286 -26.72 -16.55 -26.79
CA SER E 286 -26.66 -18.00 -26.66
C SER E 286 -25.44 -18.58 -27.38
N ILE E 287 -25.06 -18.04 -28.53
CA ILE E 287 -23.82 -18.49 -29.16
C ILE E 287 -22.60 -18.06 -28.35
N LEU E 288 -22.63 -16.84 -27.81
CA LEU E 288 -21.50 -16.32 -27.05
C LEU E 288 -21.32 -17.05 -25.73
N ILE E 289 -22.38 -17.62 -25.17
CA ILE E 289 -22.26 -18.41 -23.95
C ILE E 289 -21.43 -19.67 -24.21
N GLY E 290 -21.67 -20.33 -25.34
CA GLY E 290 -20.87 -21.48 -25.70
C GLY E 290 -19.43 -21.12 -26.00
N PHE E 291 -19.21 -20.02 -26.70
CA PHE E 291 -17.83 -19.59 -26.99
C PHE E 291 -17.08 -19.21 -25.72
N ALA E 292 -17.75 -18.53 -24.78
CA ALA E 292 -17.11 -18.16 -23.52
C ALA E 292 -16.88 -19.37 -22.63
N ALA E 293 -17.77 -20.36 -22.66
CA ALA E 293 -17.53 -21.60 -21.92
C ALA E 293 -16.34 -22.35 -22.50
N TYR E 294 -16.18 -22.32 -23.83
CA TYR E 294 -15.02 -22.90 -24.47
C TYR E 294 -13.74 -22.19 -24.03
N SER E 295 -13.75 -20.86 -24.01
CA SER E 295 -12.53 -20.15 -23.63
C SER E 295 -12.26 -20.24 -22.13
N LYS E 296 -13.29 -20.45 -21.33
CA LYS E 296 -13.08 -20.68 -19.90
C LYS E 296 -12.45 -22.04 -19.67
N ARG E 297 -12.94 -23.07 -20.35
CA ARG E 297 -12.43 -24.41 -20.12
C ARG E 297 -11.04 -24.59 -20.70
N LEU E 298 -10.69 -23.83 -21.74
CA LEU E 298 -9.34 -23.90 -22.30
C LEU E 298 -8.32 -23.32 -21.33
N ARG E 299 -8.66 -22.24 -20.66
CA ARG E 299 -7.73 -21.60 -19.73
C ARG E 299 -7.56 -22.43 -18.46
N TRP E 300 -8.62 -23.09 -18.01
CA TRP E 300 -8.59 -23.85 -16.77
C TRP E 300 -8.14 -25.30 -16.95
N ALA E 301 -7.84 -25.71 -18.18
CA ALA E 301 -7.46 -27.10 -18.43
C ALA E 301 -6.15 -27.55 -17.79
N PRO E 302 -5.04 -26.77 -17.79
CA PRO E 302 -3.85 -27.24 -17.05
C PRO E 302 -4.04 -27.38 -15.55
N ILE E 303 -5.06 -26.77 -14.97
CA ILE E 303 -5.34 -26.90 -13.54
C ILE E 303 -6.27 -28.08 -13.27
N LYS E 304 -7.31 -28.25 -14.10
CA LYS E 304 -8.27 -29.33 -13.88
C LYS E 304 -7.67 -30.71 -14.14
N SER E 305 -6.55 -30.80 -14.84
CA SER E 305 -5.94 -32.09 -15.15
C SER E 305 -4.55 -32.24 -14.55
N GLN E 306 -4.19 -31.44 -13.55
CA GLN E 306 -2.87 -31.50 -12.97
C GLN E 306 -2.73 -32.74 -12.07
N ARG E 307 -1.50 -33.21 -11.93
CA ARG E 307 -1.19 -34.37 -11.11
C ARG E 307 -0.36 -33.92 -9.91
N ILE E 308 -0.87 -34.20 -8.71
CA ILE E 308 -0.19 -33.90 -7.46
C ILE E 308 0.13 -35.22 -6.79
N VAL E 309 1.40 -35.47 -6.53
CA VAL E 309 1.81 -36.64 -5.75
C VAL E 309 2.59 -36.17 -4.52
N MET E 310 2.19 -36.70 -3.36
CA MET E 310 2.74 -36.32 -2.08
C MET E 310 2.95 -37.59 -1.26
N ASP E 311 3.63 -37.45 -0.13
CA ASP E 311 3.92 -38.58 0.74
C ASP E 311 2.81 -38.85 1.73
N VAL E 312 1.79 -38.01 1.79
CA VAL E 312 0.72 -38.19 2.75
C VAL E 312 -0.21 -39.28 2.27
N VAL E 313 -0.56 -40.19 3.18
CA VAL E 313 -1.53 -41.24 2.92
C VAL E 313 -2.78 -41.05 3.79
N ASN E 314 -2.56 -40.67 5.05
CA ASN E 314 -3.54 -40.52 6.13
C ASN E 314 -4.18 -41.85 6.52
N ASN F 72 -18.62 51.75 -31.98
CA ASN F 72 -19.10 53.11 -32.19
C ASN F 72 -19.54 53.74 -30.88
N GLU F 73 -19.45 55.08 -30.80
CA GLU F 73 -19.94 55.77 -29.63
C GLU F 73 -21.46 55.85 -29.62
N ALA F 74 -22.07 55.94 -30.81
CA ALA F 74 -23.53 56.04 -30.87
C ALA F 74 -24.19 54.72 -30.49
N ALA F 75 -23.57 53.60 -30.85
CA ALA F 75 -24.11 52.30 -30.47
C ALA F 75 -24.02 52.08 -28.97
N ASP F 76 -22.94 52.54 -28.34
CA ASP F 76 -22.80 52.39 -26.89
C ASP F 76 -23.70 53.35 -26.14
N GLY F 77 -23.84 54.57 -26.63
CA GLY F 77 -24.62 55.57 -25.92
C GLY F 77 -23.80 56.35 -24.91
N LEU F 78 -24.51 57.08 -24.08
CA LEU F 78 -23.91 57.94 -23.07
C LEU F 78 -24.04 57.30 -21.70
N HIS F 79 -22.92 57.17 -20.99
CA HIS F 79 -22.91 56.52 -19.69
C HIS F 79 -23.46 57.44 -18.61
N ALA F 80 -24.17 56.85 -17.67
CA ALA F 80 -24.77 57.61 -16.58
C ALA F 80 -23.71 58.00 -15.55
N PRO F 81 -23.90 59.13 -14.86
CA PRO F 81 -23.01 59.49 -13.76
C PRO F 81 -23.37 58.71 -12.50
N HIS F 82 -22.46 58.74 -11.53
CA HIS F 82 -22.65 58.03 -10.27
C HIS F 82 -23.36 58.95 -9.28
N TYR F 83 -24.52 58.64 -8.98
CA TYR F 83 -25.34 59.43 -8.07
C TYR F 83 -25.11 58.98 -6.63
N PRO F 84 -25.24 59.90 -5.66
CA PRO F 84 -25.09 59.52 -4.24
C PRO F 84 -26.31 58.80 -3.68
N TRP F 85 -26.41 57.51 -3.99
CA TRP F 85 -27.52 56.71 -3.50
C TRP F 85 -27.36 56.44 -2.00
N GLY F 86 -28.48 56.51 -1.28
CA GLY F 86 -28.41 56.36 0.17
C GLY F 86 -28.17 54.95 0.65
N HIS F 87 -28.45 53.95 -0.19
CA HIS F 87 -28.28 52.55 0.17
C HIS F 87 -26.99 51.96 -0.39
N GLU F 88 -26.09 52.79 -0.89
CA GLU F 88 -24.91 52.30 -1.59
C GLU F 88 -23.87 51.74 -0.65
N GLY F 89 -23.82 52.23 0.59
CA GLY F 89 -22.78 51.82 1.50
C GLY F 89 -22.99 50.41 2.04
N VAL F 90 -21.90 49.85 2.56
CA VAL F 90 -21.93 48.50 3.12
C VAL F 90 -22.80 48.45 4.37
N LEU F 91 -22.79 49.51 5.17
CA LEU F 91 -23.54 49.56 6.42
C LEU F 91 -24.88 50.25 6.28
N ASP F 92 -25.32 50.54 5.07
CA ASP F 92 -26.52 51.35 4.83
C ASP F 92 -27.69 50.48 4.42
N SER F 93 -28.89 50.88 4.83
CA SER F 93 -30.12 50.17 4.50
C SER F 93 -30.85 50.86 3.36
N TYR F 94 -31.97 50.28 2.98
CA TYR F 94 -32.90 50.90 2.04
C TYR F 94 -33.70 51.98 2.74
N ASP F 95 -34.16 52.95 1.96
CA ASP F 95 -35.11 53.94 2.44
C ASP F 95 -36.51 53.37 2.20
N HIS F 96 -37.12 52.86 3.27
CA HIS F 96 -38.39 52.16 3.11
C HIS F 96 -39.56 53.09 2.86
N ALA F 97 -39.40 54.39 3.12
CA ALA F 97 -40.42 55.35 2.71
C ALA F 97 -40.33 55.62 1.21
N ALA F 98 -39.12 55.56 0.64
CA ALA F 98 -38.97 55.75 -0.79
C ALA F 98 -39.41 54.52 -1.57
N ILE F 99 -39.33 53.34 -0.97
CA ILE F 99 -39.85 52.13 -1.59
C ILE F 99 -41.37 52.17 -1.66
N ARG F 100 -42.00 52.67 -0.59
CA ARG F 100 -43.45 52.84 -0.58
C ARG F 100 -43.88 53.92 -1.57
N ARG F 101 -43.07 54.96 -1.72
CA ARG F 101 -43.36 55.99 -2.70
C ARG F 101 -43.05 55.50 -4.12
N GLY F 102 -42.02 54.69 -4.27
CA GLY F 102 -41.67 54.18 -5.59
C GLY F 102 -42.66 53.17 -6.13
N HIS F 103 -43.36 52.46 -5.25
CA HIS F 103 -44.40 51.54 -5.71
C HIS F 103 -45.62 52.30 -6.20
N LYS F 104 -45.93 53.44 -5.59
CA LYS F 104 -47.05 54.26 -6.06
C LYS F 104 -46.81 54.81 -7.46
N VAL F 105 -45.54 55.09 -7.80
CA VAL F 105 -45.22 55.53 -9.14
C VAL F 105 -45.43 54.40 -10.15
N TYR F 106 -45.02 53.18 -9.79
CA TYR F 106 -45.21 52.03 -10.68
C TYR F 106 -46.69 51.75 -10.90
N GLN F 107 -47.47 51.79 -9.82
CA GLN F 107 -48.88 51.43 -9.89
C GLN F 107 -49.71 52.43 -10.68
N GLN F 108 -49.25 53.68 -10.80
CA GLN F 108 -50.02 54.71 -11.47
C GLN F 108 -49.40 55.17 -12.79
N VAL F 109 -48.20 54.70 -13.14
CA VAL F 109 -47.62 55.04 -14.43
C VAL F 109 -47.39 53.79 -15.28
N CYS F 110 -46.50 52.90 -14.85
CA CYS F 110 -46.12 51.79 -15.71
C CYS F 110 -46.74 50.45 -15.30
N ALA F 111 -47.73 50.47 -14.42
CA ALA F 111 -48.54 49.26 -14.27
C ALA F 111 -49.43 49.03 -15.48
N ALA F 112 -49.65 50.06 -16.30
CA ALA F 112 -50.44 49.92 -17.51
C ALA F 112 -49.63 49.37 -18.68
N CYS F 113 -48.31 49.34 -18.60
CA CYS F 113 -47.52 48.89 -19.72
C CYS F 113 -46.32 48.01 -19.38
N HIS F 114 -46.03 47.77 -18.11
CA HIS F 114 -44.85 46.99 -17.74
C HIS F 114 -45.23 45.88 -16.76
N SER F 115 -44.56 44.75 -16.88
CA SER F 115 -44.86 43.60 -16.05
C SER F 115 -43.92 43.51 -14.85
N MET F 116 -44.42 42.93 -13.77
CA MET F 116 -43.66 42.62 -12.56
C MET F 116 -43.87 41.18 -12.15
N GLN F 117 -43.71 40.24 -13.09
CA GLN F 117 -43.71 38.85 -12.70
C GLN F 117 -42.49 38.56 -11.83
N TYR F 118 -42.54 37.43 -11.12
CA TYR F 118 -41.70 37.03 -9.99
C TYR F 118 -41.87 37.93 -8.78
N LEU F 119 -42.92 38.74 -8.74
CA LEU F 119 -43.20 39.61 -7.60
C LEU F 119 -44.64 39.42 -7.17
N HIS F 120 -44.85 39.21 -5.88
CA HIS F 120 -46.15 38.94 -5.31
C HIS F 120 -46.44 39.95 -4.21
N TRP F 121 -47.72 40.09 -3.87
CA TRP F 121 -48.13 41.04 -2.84
C TRP F 121 -47.64 40.65 -1.46
N ARG F 122 -47.34 39.37 -1.23
CA ARG F 122 -46.82 38.94 0.06
C ARG F 122 -45.39 39.37 0.28
N GLN F 123 -44.67 39.78 -0.77
CA GLN F 123 -43.29 40.22 -0.64
C GLN F 123 -43.17 41.69 -0.30
N LEU F 124 -44.29 42.39 -0.14
CA LEU F 124 -44.32 43.78 0.27
C LEU F 124 -44.69 43.97 1.74
N VAL F 125 -45.12 42.91 2.41
CA VAL F 125 -45.56 43.03 3.81
C VAL F 125 -44.33 43.13 4.68
N GLY F 126 -44.23 44.22 5.46
CA GLY F 126 -43.07 44.46 6.29
C GLY F 126 -41.91 45.15 5.60
N VAL F 127 -42.04 45.45 4.32
CA VAL F 127 -41.05 46.20 3.57
C VAL F 127 -41.51 47.63 3.33
N CYS F 128 -42.72 47.79 2.80
CA CYS F 128 -43.31 49.11 2.61
C CYS F 128 -44.79 49.16 2.93
N TYR F 129 -45.41 48.05 3.33
CA TYR F 129 -46.81 48.03 3.71
C TYR F 129 -46.99 47.07 4.88
N THR F 130 -48.07 47.28 5.62
CA THR F 130 -48.46 46.31 6.62
C THR F 130 -49.24 45.18 5.95
N GLU F 131 -49.75 44.24 6.76
CA GLU F 131 -50.49 43.12 6.20
C GLU F 131 -51.84 43.57 5.65
N GLU F 132 -52.56 44.42 6.40
CA GLU F 132 -53.89 44.83 5.98
C GLU F 132 -53.84 45.77 4.78
N GLU F 133 -52.81 46.62 4.69
CA GLU F 133 -52.66 47.50 3.54
C GLU F 133 -52.35 46.72 2.27
N ALA F 134 -51.51 45.69 2.36
CA ALA F 134 -51.23 44.86 1.20
C ALA F 134 -52.44 44.01 0.81
N LYS F 135 -53.22 43.55 1.80
CA LYS F 135 -54.46 42.85 1.51
C LYS F 135 -55.46 43.75 0.79
N ALA F 136 -55.62 44.99 1.25
CA ALA F 136 -56.55 45.91 0.61
C ALA F 136 -56.05 46.35 -0.77
N LEU F 137 -54.73 46.40 -0.96
CA LEU F 137 -54.22 46.72 -2.29
C LEU F 137 -54.42 45.57 -3.27
N ALA F 138 -54.18 44.33 -2.82
CA ALA F 138 -54.33 43.19 -3.72
C ALA F 138 -55.80 42.90 -3.99
N ALA F 139 -56.70 43.25 -3.07
CA ALA F 139 -58.12 43.03 -3.28
C ALA F 139 -58.73 43.95 -4.31
N GLU F 140 -58.00 44.96 -4.79
CA GLU F 140 -58.47 45.86 -5.83
C GLU F 140 -58.13 45.39 -7.24
N THR F 141 -57.43 44.26 -7.38
CA THR F 141 -57.10 43.71 -8.68
C THR F 141 -58.01 42.54 -9.00
N GLU F 142 -58.08 42.19 -10.28
CA GLU F 142 -58.82 41.03 -10.75
C GLU F 142 -57.86 40.08 -11.45
N VAL F 143 -57.86 38.82 -11.03
CA VAL F 143 -56.99 37.81 -11.61
C VAL F 143 -57.84 36.64 -12.09
N GLU F 144 -57.33 35.92 -13.08
CA GLU F 144 -58.03 34.78 -13.63
C GLU F 144 -57.84 33.57 -12.72
N ASP F 145 -58.95 32.94 -12.34
CA ASP F 145 -58.90 31.73 -11.53
C ASP F 145 -59.83 30.70 -12.13
N GLY F 146 -59.56 29.44 -11.81
CA GLY F 146 -60.38 28.36 -12.26
C GLY F 146 -59.55 27.17 -12.70
N PRO F 147 -60.19 26.18 -13.33
CA PRO F 147 -61.61 26.10 -13.73
C PRO F 147 -62.53 25.73 -12.58
N ASN F 148 -63.81 26.12 -12.65
CA ASN F 148 -64.78 25.76 -11.62
C ASN F 148 -65.31 24.35 -11.89
N ASP F 149 -66.40 23.98 -11.23
CA ASP F 149 -66.96 22.65 -11.40
C ASP F 149 -67.51 22.41 -12.80
N GLU F 150 -67.90 23.47 -13.51
CA GLU F 150 -68.31 23.36 -14.90
C GLU F 150 -67.14 23.44 -15.86
N GLY F 151 -65.92 23.63 -15.37
CA GLY F 151 -64.77 23.71 -16.25
C GLY F 151 -64.54 25.04 -16.90
N GLU F 152 -65.06 26.12 -16.31
CA GLU F 152 -64.97 27.46 -16.88
C GLU F 152 -64.05 28.33 -16.05
N MET F 153 -63.28 29.19 -16.72
CA MET F 153 -62.47 30.16 -16.01
C MET F 153 -63.33 31.32 -15.52
N PHE F 154 -62.88 31.95 -14.44
CA PHE F 154 -63.58 33.08 -13.86
C PHE F 154 -62.56 34.07 -13.31
N THR F 155 -63.05 35.17 -12.76
CA THR F 155 -62.22 36.19 -12.14
C THR F 155 -62.60 36.37 -10.68
N ARG F 156 -61.59 36.64 -9.86
CA ARG F 156 -61.79 36.86 -8.43
C ARG F 156 -60.92 38.02 -7.98
N GLU F 157 -61.20 38.54 -6.79
CA GLU F 157 -60.34 39.53 -6.17
C GLU F 157 -59.01 38.91 -5.78
N GLY F 158 -57.93 39.67 -5.98
CA GLY F 158 -56.61 39.17 -5.70
C GLY F 158 -56.35 38.99 -4.21
N ARG F 159 -55.36 38.14 -3.92
CA ARG F 159 -54.97 37.83 -2.56
C ARG F 159 -53.46 38.06 -2.41
N LEU F 160 -52.92 37.74 -1.22
CA LEU F 160 -51.51 38.02 -0.97
C LEU F 160 -50.60 37.07 -1.74
N PHE F 161 -51.03 35.84 -1.97
CA PHE F 161 -50.21 34.90 -2.72
C PHE F 161 -50.21 35.15 -4.22
N ASP F 162 -51.09 36.02 -4.72
CA ASP F 162 -51.15 36.30 -6.13
C ASP F 162 -49.98 37.18 -6.57
N ALA F 163 -49.58 37.02 -7.82
CA ALA F 163 -48.53 37.84 -8.38
C ALA F 163 -49.08 39.20 -8.79
N PHE F 164 -48.17 40.08 -9.17
CA PHE F 164 -48.55 41.39 -9.68
C PHE F 164 -49.23 41.23 -11.03
N PRO F 165 -50.34 41.92 -11.26
CA PRO F 165 -51.07 41.73 -12.53
C PRO F 165 -50.31 42.25 -13.73
N SER F 166 -50.43 41.52 -14.83
CA SER F 166 -49.78 41.87 -16.08
C SER F 166 -50.69 42.77 -16.93
N PRO F 167 -50.13 43.79 -17.58
CA PRO F 167 -50.96 44.66 -18.43
C PRO F 167 -51.50 43.97 -19.65
N TYR F 168 -50.78 42.97 -20.19
CA TYR F 168 -51.19 42.32 -21.43
C TYR F 168 -51.31 40.81 -21.23
N ALA F 169 -51.58 40.08 -22.31
CA ALA F 169 -51.73 38.63 -22.23
C ALA F 169 -50.48 37.88 -22.64
N ASN F 170 -49.66 38.45 -23.52
CA ASN F 170 -48.46 37.79 -24.01
C ASN F 170 -47.53 38.85 -24.58
N GLU F 171 -46.37 38.39 -25.06
CA GLU F 171 -45.38 39.29 -25.64
C GLU F 171 -45.89 39.95 -26.92
N GLN F 172 -46.63 39.20 -27.74
CA GLN F 172 -47.06 39.71 -29.04
C GLN F 172 -48.09 40.82 -28.90
N ALA F 173 -49.00 40.72 -27.92
CA ALA F 173 -49.93 41.81 -27.67
C ALA F 173 -49.23 43.04 -27.11
N ALA F 174 -48.15 42.83 -26.35
CA ALA F 174 -47.34 43.94 -25.86
C ALA F 174 -46.62 44.65 -27.00
N ARG F 175 -46.11 43.89 -27.97
CA ARG F 175 -45.51 44.50 -29.15
C ARG F 175 -46.56 45.17 -30.01
N TYR F 176 -47.77 44.62 -30.04
CA TYR F 176 -48.83 45.20 -30.86
C TYR F 176 -49.31 46.53 -30.28
N ALA F 177 -49.38 46.64 -28.96
CA ALA F 177 -49.83 47.86 -28.32
C ALA F 177 -48.75 48.93 -28.21
N ASN F 178 -47.51 48.64 -28.62
CA ASN F 178 -46.41 49.58 -28.45
C ASN F 178 -45.54 49.67 -29.69
N GLY F 179 -46.13 49.49 -30.87
CA GLY F 179 -45.43 49.69 -32.13
C GLY F 179 -44.32 48.72 -32.43
N GLY F 180 -44.49 47.44 -32.07
CA GLY F 180 -43.47 46.45 -32.36
C GLY F 180 -42.30 46.42 -31.42
N ALA F 181 -42.43 47.00 -30.23
CA ALA F 181 -41.37 47.02 -29.23
C ALA F 181 -41.92 46.43 -27.94
N TYR F 182 -41.11 45.59 -27.29
CA TYR F 182 -41.56 44.91 -26.09
C TYR F 182 -41.10 45.66 -24.85
N PRO F 183 -42.01 46.17 -24.03
CA PRO F 183 -41.60 46.74 -22.75
C PRO F 183 -41.13 45.65 -21.80
N PRO F 184 -39.86 45.65 -21.43
CA PRO F 184 -39.29 44.51 -20.69
C PRO F 184 -39.82 44.44 -19.27
N ASP F 185 -39.71 43.24 -18.70
CA ASP F 185 -40.11 43.00 -17.32
C ASP F 185 -39.21 43.75 -16.36
N LEU F 186 -39.81 44.42 -15.40
CA LEU F 186 -39.07 45.34 -14.53
C LEU F 186 -38.69 44.77 -13.18
N THR F 187 -38.83 43.45 -12.98
CA THR F 187 -38.47 42.87 -11.69
C THR F 187 -36.97 42.82 -11.50
N LEU F 188 -36.23 42.41 -12.52
CA LEU F 188 -34.77 42.31 -12.44
C LEU F 188 -34.09 43.27 -13.39
N ILE F 189 -34.73 44.40 -13.69
CA ILE F 189 -34.18 45.32 -14.67
C ILE F 189 -33.00 46.11 -14.11
N SER F 190 -32.97 46.34 -12.79
CA SER F 190 -31.87 47.11 -12.21
C SER F 190 -30.59 46.28 -12.17
N GLY F 191 -30.69 45.01 -11.82
CA GLY F 191 -29.55 44.14 -11.91
C GLY F 191 -29.22 43.70 -13.30
N GLY F 192 -30.13 43.90 -14.25
CA GLY F 192 -29.98 43.52 -15.63
C GLY F 192 -29.28 44.50 -16.52
N ARG F 193 -28.89 45.67 -16.02
CA ARG F 193 -28.20 46.68 -16.82
C ARG F 193 -26.89 47.07 -16.14
N HIS F 194 -25.89 47.40 -16.94
CA HIS F 194 -24.63 47.92 -16.41
C HIS F 194 -24.87 49.26 -15.75
N ASN F 195 -24.39 49.40 -14.50
CA ASN F 195 -24.57 50.59 -13.66
C ASN F 195 -26.05 50.92 -13.51
N GLY F 196 -26.76 49.98 -12.88
CA GLY F 196 -28.21 49.86 -12.98
C GLY F 196 -29.05 51.05 -12.58
N PRO F 197 -29.10 51.38 -11.29
CA PRO F 197 -29.96 52.49 -10.84
C PRO F 197 -29.57 53.85 -11.39
N ASN F 198 -28.28 54.10 -11.60
CA ASN F 198 -27.85 55.34 -12.24
C ASN F 198 -28.36 55.43 -13.67
N TYR F 199 -28.27 54.31 -14.41
CA TYR F 199 -28.75 54.27 -15.78
C TYR F 199 -30.26 54.46 -15.84
N ILE F 200 -30.99 53.87 -14.91
CA ILE F 200 -32.43 53.99 -14.91
C ILE F 200 -32.86 55.44 -14.61
N PHE F 201 -32.20 56.08 -13.63
CA PHE F 201 -32.53 57.46 -13.32
C PHE F 201 -32.21 58.40 -14.48
N SER F 202 -31.04 58.22 -15.10
CA SER F 202 -30.65 59.06 -16.23
C SER F 202 -31.58 58.86 -17.42
N LEU F 203 -31.97 57.60 -17.69
CA LEU F 203 -32.87 57.31 -18.80
C LEU F 203 -34.26 57.88 -18.55
N LEU F 204 -34.71 57.86 -17.30
CA LEU F 204 -36.03 58.37 -16.99
C LEU F 204 -36.08 59.89 -17.09
N THR F 205 -34.98 60.56 -16.77
CA THR F 205 -34.97 62.02 -16.80
C THR F 205 -34.08 62.59 -17.89
N GLY F 206 -33.86 61.86 -18.98
CA GLY F 206 -32.89 62.28 -19.97
C GLY F 206 -33.39 62.33 -21.40
N TYR F 207 -34.64 62.71 -21.60
CA TYR F 207 -35.20 62.88 -22.93
C TYR F 207 -34.85 64.29 -23.41
N ARG F 208 -33.73 64.43 -24.10
CA ARG F 208 -33.26 65.73 -24.57
C ARG F 208 -33.23 65.76 -26.10
N ASP F 209 -32.89 66.92 -26.63
CA ASP F 209 -32.89 67.14 -28.07
C ASP F 209 -31.74 66.41 -28.73
N PRO F 210 -31.91 65.97 -29.98
CA PRO F 210 -30.85 65.20 -30.66
C PRO F 210 -29.67 66.08 -31.00
N PRO F 211 -28.50 65.48 -31.25
CA PRO F 211 -27.38 66.25 -31.80
C PRO F 211 -27.63 66.60 -33.26
N ALA F 212 -26.71 67.39 -33.81
CA ALA F 212 -26.78 67.75 -35.21
C ALA F 212 -26.44 66.54 -36.08
N GLY F 213 -27.24 66.31 -37.11
CA GLY F 213 -27.03 65.18 -38.00
C GLY F 213 -27.75 63.91 -37.61
N ILE F 214 -28.49 63.91 -36.51
CA ILE F 214 -29.23 62.74 -36.04
C ILE F 214 -30.72 63.02 -36.22
N SER F 215 -31.40 62.15 -36.95
CA SER F 215 -32.85 62.24 -37.12
C SER F 215 -33.48 60.94 -36.64
N ILE F 216 -34.43 61.05 -35.75
CA ILE F 216 -35.11 59.88 -35.19
C ILE F 216 -36.32 59.56 -36.06
N ARG F 217 -36.66 58.28 -36.08
CA ARG F 217 -37.80 57.79 -36.86
C ARG F 217 -39.12 58.22 -36.20
N GLU F 218 -40.20 58.06 -36.95
CA GLU F 218 -41.52 58.35 -36.40
C GLU F 218 -41.93 57.26 -35.42
N GLY F 219 -42.43 57.66 -34.26
CA GLY F 219 -42.75 56.74 -33.20
C GLY F 219 -41.60 56.42 -32.27
N LEU F 220 -40.41 56.92 -32.56
CA LEU F 220 -39.24 56.75 -31.71
C LEU F 220 -38.81 58.10 -31.16
N TYR F 221 -38.43 58.11 -29.89
CA TYR F 221 -38.05 59.33 -29.18
C TYR F 221 -36.57 59.28 -28.83
N TYR F 222 -35.93 60.44 -28.84
CA TYR F 222 -34.49 60.49 -28.59
C TYR F 222 -34.20 60.44 -27.09
N ASN F 223 -33.21 59.64 -26.73
CA ASN F 223 -32.68 59.51 -25.39
C ASN F 223 -31.23 59.06 -25.53
N PRO F 224 -30.26 59.90 -25.16
CA PRO F 224 -28.86 59.51 -25.36
C PRO F 224 -28.39 58.38 -24.46
N TYR F 225 -29.05 58.13 -23.34
CA TYR F 225 -28.62 57.04 -22.46
C TYR F 225 -29.03 55.68 -23.02
N PHE F 226 -30.08 55.63 -23.83
CA PHE F 226 -30.47 54.40 -24.49
C PHE F 226 -29.43 54.05 -25.54
N PRO F 227 -28.95 52.81 -25.59
CA PRO F 227 -27.91 52.44 -26.58
C PRO F 227 -28.45 52.42 -28.00
N GLY F 228 -28.01 53.38 -28.82
CA GLY F 228 -28.54 53.58 -30.15
C GLY F 228 -29.19 54.94 -30.33
N GLY F 229 -29.76 55.49 -29.27
CA GLY F 229 -30.29 56.83 -29.25
C GLY F 229 -31.80 56.91 -29.37
N ALA F 230 -32.42 56.02 -30.13
CA ALA F 230 -33.84 56.07 -30.39
C ALA F 230 -34.55 55.02 -29.53
N ILE F 231 -35.43 55.48 -28.66
CA ILE F 231 -36.18 54.61 -27.77
C ILE F 231 -37.66 54.72 -28.14
N ALA F 232 -38.40 53.64 -27.91
CA ALA F 232 -39.82 53.60 -28.21
C ALA F 232 -40.69 54.01 -27.03
N MET F 233 -40.11 54.18 -25.85
CA MET F 233 -40.85 54.65 -24.69
C MET F 233 -40.89 56.16 -24.70
N PRO F 234 -42.06 56.79 -24.68
CA PRO F 234 -42.13 58.25 -24.52
C PRO F 234 -41.86 58.66 -23.08
N LYS F 235 -41.57 59.94 -22.91
CA LYS F 235 -41.46 60.53 -21.58
C LYS F 235 -42.85 60.68 -20.98
N MET F 236 -43.08 60.10 -19.81
CA MET F 236 -44.31 60.44 -19.11
C MET F 236 -44.12 60.55 -17.60
N LEU F 237 -42.91 60.83 -17.15
CA LEU F 237 -42.71 61.31 -15.78
C LEU F 237 -42.86 62.83 -15.80
N VAL F 238 -43.96 63.33 -15.25
CA VAL F 238 -44.26 64.76 -15.23
C VAL F 238 -44.46 65.19 -13.80
N ASP F 239 -44.37 66.50 -13.58
CA ASP F 239 -44.60 67.07 -12.26
C ASP F 239 -46.07 66.96 -11.90
N GLY F 240 -46.35 66.50 -10.68
CA GLY F 240 -47.71 66.30 -10.24
C GLY F 240 -48.42 65.11 -10.84
N GLY F 241 -47.68 64.18 -11.47
CA GLY F 241 -48.30 63.03 -12.08
C GLY F 241 -48.93 62.08 -11.09
N VAL F 242 -48.28 61.86 -9.95
CA VAL F 242 -48.83 61.06 -8.86
C VAL F 242 -49.01 61.96 -7.65
N GLU F 243 -49.70 61.44 -6.65
CA GLU F 243 -49.86 62.12 -5.37
C GLU F 243 -49.40 61.20 -4.25
N TYR F 244 -48.49 61.70 -3.43
CA TYR F 244 -47.94 60.92 -2.33
C TYR F 244 -48.75 61.19 -1.06
N GLU F 245 -49.01 60.13 -0.29
CA GLU F 245 -49.80 60.29 0.92
C GLU F 245 -49.00 60.85 2.09
N ASP F 246 -47.68 60.92 1.99
CA ASP F 246 -46.86 61.46 3.06
C ASP F 246 -46.49 62.92 2.84
N GLY F 247 -47.07 63.57 1.84
CA GLY F 247 -46.86 65.00 1.62
C GLY F 247 -45.64 65.37 0.82
N THR F 248 -44.96 64.40 0.24
CA THR F 248 -43.79 64.70 -0.59
C THR F 248 -44.24 65.34 -1.91
N PRO F 249 -43.60 66.41 -2.35
CA PRO F 249 -43.95 66.99 -3.65
C PRO F 249 -43.47 66.13 -4.80
N ALA F 250 -44.37 65.82 -5.72
CA ALA F 250 -44.13 64.81 -6.75
C ALA F 250 -43.66 65.48 -8.05
N SER F 251 -42.42 65.96 -8.01
CA SER F 251 -41.79 66.40 -9.24
C SER F 251 -41.33 65.18 -10.04
N ALA F 252 -40.91 65.43 -11.28
CA ALA F 252 -40.52 64.34 -12.17
C ALA F 252 -39.24 63.67 -11.71
N SER F 253 -38.25 64.46 -11.26
CA SER F 253 -36.99 63.89 -10.78
C SER F 253 -37.18 63.13 -9.48
N GLN F 254 -38.05 63.62 -8.60
CA GLN F 254 -38.35 62.92 -7.36
C GLN F 254 -39.03 61.59 -7.63
N GLN F 255 -39.97 61.57 -8.57
CA GLN F 255 -40.63 60.33 -8.95
C GLN F 255 -39.65 59.36 -9.58
N ALA F 256 -38.71 59.86 -10.38
CA ALA F 256 -37.68 59.00 -10.97
C ALA F 256 -36.79 58.38 -9.91
N LYS F 257 -36.40 59.16 -8.90
CA LYS F 257 -35.59 58.64 -7.82
C LYS F 257 -36.35 57.60 -7.00
N ASP F 258 -37.64 57.83 -6.77
CA ASP F 258 -38.45 56.89 -5.99
C ASP F 258 -38.64 55.57 -6.72
N ILE F 259 -39.00 55.63 -8.02
CA ILE F 259 -39.19 54.40 -8.77
C ILE F 259 -37.87 53.68 -8.98
N THR F 260 -36.75 54.40 -9.03
CA THR F 260 -35.45 53.74 -9.14
C THR F 260 -35.08 53.04 -7.84
N THR F 261 -35.42 53.63 -6.69
CA THR F 261 -35.23 52.95 -5.41
C THR F 261 -36.08 51.69 -5.33
N PHE F 262 -37.32 51.77 -5.81
CA PHE F 262 -38.19 50.59 -5.83
C PHE F 262 -37.65 49.50 -6.75
N LEU F 263 -37.14 49.86 -7.92
CA LEU F 263 -36.57 48.87 -8.83
C LEU F 263 -35.31 48.24 -8.25
N ALA F 264 -34.46 49.04 -7.61
CA ALA F 264 -33.25 48.51 -6.98
C ALA F 264 -33.60 47.60 -5.81
N TRP F 265 -34.71 47.85 -5.12
CA TRP F 265 -35.17 46.89 -4.13
C TRP F 265 -35.68 45.62 -4.79
N ALA F 266 -36.40 45.73 -5.90
CA ALA F 266 -36.95 44.54 -6.53
C ALA F 266 -35.86 43.63 -7.10
N SER F 267 -34.70 44.18 -7.46
CA SER F 267 -33.60 43.33 -7.88
C SER F 267 -32.92 42.63 -6.71
N TYR F 268 -32.81 43.30 -5.57
CA TYR F 268 -32.14 42.74 -4.38
C TYR F 268 -32.99 42.95 -3.14
N PRO F 269 -34.06 42.16 -2.97
CA PRO F 269 -35.02 42.44 -1.90
C PRO F 269 -34.54 42.05 -0.51
N TYR F 270 -33.42 41.35 -0.38
CA TYR F 270 -32.90 40.93 0.92
C TYR F 270 -31.53 41.53 1.18
N GLN F 271 -31.28 42.74 0.69
CA GLN F 271 -29.96 43.36 0.83
C GLN F 271 -29.67 43.76 2.26
N ASP F 272 -30.68 44.17 3.01
CA ASP F 272 -30.49 44.55 4.42
C ASP F 272 -30.10 43.33 5.26
N GLU F 273 -30.85 42.24 5.12
CA GLU F 273 -30.58 41.03 5.89
C GLU F 273 -29.24 40.40 5.51
N MET F 274 -28.93 40.40 4.21
CA MET F 274 -27.63 39.88 3.78
C MET F 274 -26.49 40.76 4.25
N ARG F 275 -26.71 42.07 4.36
CA ARG F 275 -25.64 42.95 4.86
C ARG F 275 -25.41 42.75 6.35
N VAL F 276 -26.49 42.57 7.12
CA VAL F 276 -26.34 42.29 8.55
C VAL F 276 -25.62 40.97 8.77
N MET F 277 -25.99 39.94 7.99
CA MET F 277 -25.29 38.66 8.06
C MET F 277 -23.83 38.79 7.66
N GLY F 278 -23.54 39.62 6.66
CA GLY F 278 -22.16 39.80 6.24
C GLY F 278 -21.31 40.52 7.26
N ILE F 279 -21.89 41.51 7.96
CA ILE F 279 -21.17 42.20 9.02
C ILE F 279 -20.83 41.24 10.16
N LYS F 280 -21.82 40.43 10.57
CA LYS F 280 -21.58 39.43 11.61
C LYS F 280 -20.54 38.40 11.18
N ALA F 281 -20.64 37.93 9.93
CA ALA F 281 -19.72 36.93 9.42
C ALA F 281 -18.29 37.46 9.33
N CYS F 282 -18.13 38.69 8.85
CA CYS F 282 -16.80 39.27 8.73
C CYS F 282 -16.18 39.51 10.09
N LEU F 283 -17.00 39.92 11.07
CA LEU F 283 -16.50 40.11 12.43
C LEU F 283 -16.01 38.78 13.03
N MET F 284 -16.83 37.73 12.90
CA MET F 284 -16.49 36.43 13.47
C MET F 284 -15.26 35.83 12.79
N ILE F 285 -15.17 35.92 11.46
CA ILE F 285 -14.03 35.37 10.74
C ILE F 285 -12.77 36.18 11.02
N SER F 286 -12.89 37.50 11.20
CA SER F 286 -11.72 38.31 11.52
C SER F 286 -11.16 37.99 12.90
N ILE F 287 -12.04 37.72 13.88
CA ILE F 287 -11.54 37.28 15.19
C ILE F 287 -10.94 35.88 15.10
N LEU F 288 -11.60 34.98 14.35
CA LEU F 288 -11.14 33.61 14.24
C LEU F 288 -9.82 33.50 13.50
N ILE F 289 -9.52 34.46 12.62
CA ILE F 289 -8.21 34.48 11.96
C ILE F 289 -7.09 34.69 12.98
N GLY F 290 -7.30 35.63 13.90
CA GLY F 290 -6.32 35.85 14.96
C GLY F 290 -6.21 34.69 15.91
N PHE F 291 -7.34 34.07 16.26
CA PHE F 291 -7.30 32.90 17.14
C PHE F 291 -6.60 31.72 16.49
N ALA F 292 -6.86 31.49 15.20
CA ALA F 292 -6.18 30.40 14.50
C ALA F 292 -4.72 30.71 14.27
N ALA F 293 -4.37 31.99 14.09
CA ALA F 293 -2.96 32.36 13.99
C ALA F 293 -2.22 32.10 15.29
N TYR F 294 -2.87 32.40 16.42
CA TYR F 294 -2.30 32.08 17.73
C TYR F 294 -2.11 30.58 17.88
N SER F 295 -3.14 29.80 17.54
CA SER F 295 -3.06 28.35 17.71
C SER F 295 -2.05 27.72 16.76
N LYS F 296 -1.83 28.33 15.60
CA LYS F 296 -0.82 27.83 14.68
C LYS F 296 0.58 28.15 15.19
N ARG F 297 0.77 29.38 15.68
CA ARG F 297 2.11 29.79 16.11
C ARG F 297 2.53 29.07 17.39
N LEU F 298 1.56 28.64 18.21
CA LEU F 298 1.87 27.88 19.41
C LEU F 298 2.42 26.50 19.08
N ARG F 299 1.85 25.82 18.08
CA ARG F 299 2.32 24.49 17.74
C ARG F 299 3.67 24.52 17.05
N TRP F 300 3.95 25.57 16.27
CA TRP F 300 5.19 25.65 15.53
C TRP F 300 6.34 26.23 16.34
N ALA F 301 6.10 26.62 17.59
CA ALA F 301 7.15 27.23 18.41
C ALA F 301 8.36 26.35 18.70
N PRO F 302 8.25 25.04 19.00
CA PRO F 302 9.49 24.25 19.16
C PRO F 302 10.30 24.10 17.89
N ILE F 303 9.69 24.21 16.71
CA ILE F 303 10.47 24.09 15.49
C ILE F 303 11.17 25.39 15.16
N LYS F 304 10.47 26.52 15.28
CA LYS F 304 11.03 27.78 14.85
C LYS F 304 12.05 28.36 15.82
N SER F 305 12.07 27.90 17.07
CA SER F 305 13.07 28.33 18.03
C SER F 305 14.09 27.25 18.36
N GLN F 306 14.15 26.20 17.55
CA GLN F 306 15.05 25.09 17.82
C GLN F 306 16.49 25.46 17.51
N ARG F 307 17.42 24.72 18.12
CA ARG F 307 18.84 24.97 17.96
C ARG F 307 19.51 23.69 17.51
N ILE F 308 20.28 23.79 16.42
CA ILE F 308 20.96 22.64 15.83
C ILE F 308 22.45 22.91 15.85
N VAL F 309 23.20 22.00 16.45
CA VAL F 309 24.65 22.12 16.56
C VAL F 309 25.29 21.05 15.68
N MET F 310 26.13 21.50 14.75
CA MET F 310 26.77 20.61 13.79
C MET F 310 28.25 20.94 13.74
N ASP F 311 29.02 20.06 13.12
CA ASP F 311 30.45 20.27 12.94
C ASP F 311 30.78 20.94 11.61
N VAL F 312 29.79 21.22 10.78
CA VAL F 312 30.07 21.62 9.41
C VAL F 312 30.34 23.12 9.34
N VAL F 313 31.45 23.48 8.70
CA VAL F 313 31.70 24.82 8.19
C VAL F 313 32.09 24.63 6.73
N ASN F 314 31.88 25.67 5.94
CA ASN F 314 32.11 25.53 4.51
C ASN F 314 33.57 25.87 4.22
N VAL G 2 -5.85 -33.78 -32.36
CA VAL G 2 -6.32 -34.49 -33.55
C VAL G 2 -6.49 -33.50 -34.69
N MET G 3 -7.55 -32.70 -34.62
CA MET G 3 -7.73 -31.62 -35.58
C MET G 3 -6.84 -30.45 -35.21
N ARG G 4 -6.20 -29.85 -36.21
CA ARG G 4 -5.12 -28.91 -35.96
C ARG G 4 -5.11 -27.83 -37.03
N LEU G 5 -4.93 -26.58 -36.59
CA LEU G 5 -4.89 -25.44 -37.50
C LEU G 5 -3.68 -25.50 -38.44
N SER G 6 -3.90 -25.12 -39.69
CA SER G 6 -2.86 -25.22 -40.71
C SER G 6 -1.77 -24.19 -40.49
N GLU G 7 -0.54 -24.57 -40.85
CA GLU G 7 0.61 -23.69 -40.65
C GLU G 7 0.58 -22.52 -41.62
N ALA G 8 0.26 -22.77 -42.89
CA ALA G 8 0.24 -21.69 -43.89
C ALA G 8 -0.90 -20.71 -43.61
N LEU G 9 -2.03 -21.22 -43.11
CA LEU G 9 -3.10 -20.32 -42.69
C LEU G 9 -2.76 -19.62 -41.38
N TYR G 10 -1.86 -20.18 -40.58
CA TYR G 10 -1.42 -19.51 -39.37
C TYR G 10 -0.52 -18.33 -39.68
N GLN G 11 0.43 -18.51 -40.61
CA GLN G 11 1.43 -17.49 -40.92
C GLN G 11 0.83 -16.26 -41.58
N THR G 12 -0.40 -16.33 -42.08
CA THR G 12 -1.01 -15.22 -42.81
C THR G 12 -1.94 -14.40 -41.93
N PHE G 13 -2.93 -15.03 -41.30
CA PHE G 13 -4.00 -14.30 -40.62
C PHE G 13 -3.89 -14.32 -39.10
N PHE G 14 -2.87 -14.94 -38.52
CA PHE G 14 -2.84 -15.15 -37.08
C PHE G 14 -1.57 -14.70 -36.38
N LYS G 15 -0.44 -14.58 -37.08
CA LYS G 15 0.83 -14.33 -36.40
C LYS G 15 0.98 -12.88 -35.94
N ARG G 16 0.39 -11.92 -36.64
CA ARG G 16 0.47 -10.51 -36.26
C ARG G 16 -0.93 -10.01 -35.90
N SER G 17 -1.00 -9.19 -34.85
CA SER G 17 -2.28 -8.64 -34.42
C SER G 17 -2.79 -7.59 -35.39
N THR G 18 -1.89 -6.87 -36.07
CA THR G 18 -2.29 -5.85 -37.03
C THR G 18 -2.88 -6.44 -38.31
N VAL G 19 -2.76 -7.74 -38.53
CA VAL G 19 -3.42 -8.41 -39.64
C VAL G 19 -4.64 -9.15 -39.09
N TYR G 20 -4.53 -9.61 -37.84
CA TYR G 20 -5.63 -10.36 -37.23
C TYR G 20 -6.86 -9.48 -36.98
N ILE G 21 -6.66 -8.25 -36.52
CA ILE G 21 -7.76 -7.35 -36.19
C ILE G 21 -8.61 -6.93 -37.39
N PRO G 22 -8.06 -6.51 -38.56
CA PRO G 22 -8.95 -6.22 -39.69
C PRO G 22 -9.73 -7.43 -40.21
N MET G 23 -9.12 -8.62 -40.17
CA MET G 23 -9.83 -9.85 -40.49
C MET G 23 -10.96 -10.09 -39.50
N LEU G 24 -10.72 -9.78 -38.23
CA LEU G 24 -11.74 -9.90 -37.20
C LEU G 24 -12.91 -8.97 -37.49
N LEU G 25 -12.62 -7.75 -37.95
CA LEU G 25 -13.69 -6.79 -38.21
C LEU G 25 -14.50 -7.17 -39.44
N VAL G 26 -13.86 -7.68 -40.50
CA VAL G 26 -14.66 -8.09 -41.66
C VAL G 26 -15.49 -9.34 -41.35
N GLY G 27 -14.96 -10.27 -40.55
CA GLY G 27 -15.74 -11.41 -40.12
C GLY G 27 -16.91 -11.01 -39.24
N ALA G 28 -16.71 -10.00 -38.38
CA ALA G 28 -17.78 -9.49 -37.55
C ALA G 28 -18.89 -8.86 -38.38
N TYR G 29 -18.50 -8.11 -39.43
CA TYR G 29 -19.48 -7.51 -40.33
C TYR G 29 -20.33 -8.57 -41.01
N PHE G 30 -19.68 -9.60 -41.55
CA PHE G 30 -20.44 -10.62 -42.28
C PHE G 30 -21.29 -11.47 -41.34
N SER G 31 -20.81 -11.73 -40.13
CA SER G 31 -21.61 -12.47 -39.15
C SER G 31 -22.86 -11.70 -38.74
N ASN G 32 -22.73 -10.38 -38.56
CA ASN G 32 -23.91 -9.56 -38.24
C ASN G 32 -24.89 -9.57 -39.40
N GLU G 33 -24.38 -9.50 -40.64
CA GLU G 33 -25.27 -9.53 -41.80
C GLU G 33 -26.04 -10.85 -41.89
N ALA G 34 -25.36 -11.97 -41.66
CA ALA G 34 -26.02 -13.28 -41.72
C ALA G 34 -27.07 -13.43 -40.63
N ILE G 35 -26.76 -12.99 -39.40
CA ILE G 35 -27.73 -13.10 -38.31
C ILE G 35 -28.95 -12.21 -38.57
N ASP G 36 -28.72 -11.00 -39.10
CA ASP G 36 -29.83 -10.12 -39.46
C ASP G 36 -30.72 -10.73 -40.52
N TYR G 37 -30.11 -11.34 -41.54
CA TYR G 37 -30.85 -11.97 -42.62
C TYR G 37 -31.71 -13.13 -42.12
N ALA G 38 -31.13 -13.98 -41.28
CA ALA G 38 -31.86 -15.16 -40.80
C ALA G 38 -33.03 -14.76 -39.90
N VAL G 39 -32.80 -13.81 -38.99
CA VAL G 39 -33.86 -13.36 -38.08
C VAL G 39 -34.98 -12.67 -38.86
N ASP G 40 -34.63 -11.81 -39.82
CA ASP G 40 -35.65 -11.09 -40.58
C ASP G 40 -36.46 -12.03 -41.47
N LYS G 41 -35.79 -13.01 -42.09
CA LYS G 41 -36.49 -13.97 -42.94
C LYS G 41 -37.46 -14.82 -42.14
N MET G 42 -37.03 -15.29 -40.96
CA MET G 42 -37.91 -16.08 -40.11
C MET G 42 -39.12 -15.26 -39.61
N TRP G 43 -38.89 -14.01 -39.22
CA TRP G 43 -39.97 -13.15 -38.74
C TRP G 43 -40.96 -12.83 -39.86
N THR G 44 -40.46 -12.52 -41.06
CA THR G 44 -41.36 -12.16 -42.15
C THR G 44 -42.13 -13.37 -42.67
N THR G 45 -41.50 -14.55 -42.66
CA THR G 45 -42.20 -15.76 -43.07
C THR G 45 -43.30 -16.12 -42.08
N ARG G 46 -43.03 -16.01 -40.79
CA ARG G 46 -44.03 -16.39 -39.80
C ARG G 46 -45.23 -15.46 -39.81
N ASN G 47 -45.00 -14.16 -39.90
CA ASN G 47 -46.05 -13.17 -39.76
C ASN G 47 -46.54 -12.64 -41.10
N LYS G 48 -46.54 -13.48 -42.13
CA LYS G 48 -46.93 -13.06 -43.47
C LYS G 48 -48.43 -12.75 -43.53
N GLY G 49 -48.77 -11.62 -44.15
CA GLY G 49 -50.13 -11.17 -44.25
C GLY G 49 -50.59 -10.26 -43.13
N LYS G 50 -49.78 -10.04 -42.10
CA LYS G 50 -50.17 -9.22 -40.96
C LYS G 50 -49.45 -7.89 -40.91
N LEU G 51 -48.31 -7.76 -41.57
CA LEU G 51 -47.52 -6.54 -41.53
C LEU G 51 -48.17 -5.44 -42.34
N PHE G 52 -47.66 -4.22 -42.17
CA PHE G 52 -48.17 -3.07 -42.91
C PHE G 52 -47.76 -3.13 -44.38
N SER G 53 -46.53 -3.60 -44.64
CA SER G 53 -46.04 -3.69 -46.01
C SER G 53 -46.82 -4.70 -46.82
N ASP G 54 -47.33 -5.75 -46.18
CA ASP G 54 -48.18 -6.72 -46.87
C ASP G 54 -49.49 -6.08 -47.32
N ILE G 55 -50.08 -5.23 -46.48
CA ILE G 55 -51.29 -4.52 -46.87
C ILE G 55 -51.00 -3.54 -47.99
N ILE G 56 -49.85 -2.84 -47.94
CA ILE G 56 -49.52 -1.85 -48.96
C ILE G 56 -49.25 -2.52 -50.30
N ALA G 57 -48.48 -3.61 -50.30
CA ALA G 57 -48.25 -4.36 -51.53
C ALA G 57 -49.51 -5.05 -52.02
N GLU G 58 -50.45 -5.36 -51.12
CA GLU G 58 -51.72 -5.93 -51.52
C GLU G 58 -52.59 -4.90 -52.25
N ARG G 59 -52.47 -3.62 -51.89
CA ARG G 59 -53.31 -2.58 -52.48
C ARG G 59 -52.79 -2.09 -53.81
N THR G 60 -51.64 -2.58 -54.28
CA THR G 60 -51.10 -2.16 -55.56
C THR G 60 -51.95 -2.71 -56.71
N VAL H 2 4.94 34.55 32.14
CA VAL H 2 4.53 35.28 33.33
C VAL H 2 3.09 34.95 33.68
N MET H 3 2.16 35.24 32.76
CA MET H 3 0.75 34.98 33.01
C MET H 3 0.46 33.50 32.78
N ARG H 4 -0.18 32.88 33.77
CA ARG H 4 -0.45 31.45 33.73
C ARG H 4 -1.90 31.19 34.12
N LEU H 5 -2.43 30.07 33.62
CA LEU H 5 -3.74 29.61 34.05
C LEU H 5 -3.65 29.07 35.48
N SER H 6 -4.60 29.48 36.32
CA SER H 6 -4.56 29.10 37.72
C SER H 6 -4.94 27.63 37.89
N GLU H 7 -4.49 27.05 39.01
CA GLU H 7 -4.78 25.65 39.29
C GLU H 7 -6.24 25.42 39.63
N ALA H 8 -6.91 26.42 40.21
CA ALA H 8 -8.29 26.26 40.63
C ALA H 8 -9.23 26.15 39.43
N LEU H 9 -9.04 27.01 38.43
CA LEU H 9 -9.86 26.93 37.23
C LEU H 9 -9.46 25.79 36.31
N TYR H 10 -8.23 25.29 36.43
CA TYR H 10 -7.83 24.13 35.62
C TYR H 10 -8.59 22.89 36.03
N GLN H 11 -8.68 22.63 37.34
CA GLN H 11 -9.32 21.41 37.82
C GLN H 11 -10.83 21.48 37.76
N THR H 12 -11.41 22.67 37.60
CA THR H 12 -12.85 22.80 37.53
C THR H 12 -13.38 22.61 36.11
N PHE H 13 -12.66 23.12 35.11
CA PHE H 13 -13.18 23.16 33.75
C PHE H 13 -12.27 22.51 32.72
N PHE H 14 -10.96 22.60 32.87
CA PHE H 14 -10.05 22.23 31.80
C PHE H 14 -9.51 20.81 31.89
N LYS H 15 -9.88 20.04 32.91
CA LYS H 15 -9.26 18.75 33.12
C LYS H 15 -9.99 17.63 32.38
N ARG H 16 -11.32 17.70 32.34
CA ARG H 16 -12.16 16.66 31.75
C ARG H 16 -12.82 17.22 30.50
N SER H 17 -12.85 16.42 29.43
CA SER H 17 -13.60 16.81 28.24
C SER H 17 -15.10 16.83 28.52
N THR H 18 -15.54 15.98 29.44
CA THR H 18 -16.95 15.86 29.80
C THR H 18 -17.46 17.12 30.52
N VAL H 19 -16.58 17.87 31.17
CA VAL H 19 -16.98 19.16 31.70
C VAL H 19 -16.54 20.32 30.81
N TYR H 20 -15.58 20.09 29.92
CA TYR H 20 -15.12 21.16 29.03
C TYR H 20 -16.16 21.46 27.97
N ILE H 21 -16.75 20.43 27.37
CA ILE H 21 -17.66 20.61 26.24
C ILE H 21 -18.98 21.30 26.59
N PRO H 22 -19.72 20.96 27.66
CA PRO H 22 -20.92 21.76 27.98
C PRO H 22 -20.63 23.21 28.33
N MET H 23 -19.50 23.48 28.99
CA MET H 23 -19.05 24.85 29.20
C MET H 23 -18.81 25.55 27.88
N LEU H 24 -18.19 24.84 26.92
CA LEU H 24 -17.91 25.40 25.61
C LEU H 24 -19.19 25.75 24.87
N LEU H 25 -20.20 24.88 24.94
CA LEU H 25 -21.44 25.14 24.23
C LEU H 25 -22.23 26.29 24.85
N VAL H 26 -22.27 26.36 26.19
CA VAL H 26 -22.97 27.47 26.86
C VAL H 26 -22.27 28.79 26.56
N GLY H 27 -20.93 28.80 26.61
CA GLY H 27 -20.20 30.02 26.27
C GLY H 27 -20.36 30.42 24.82
N ALA H 28 -20.44 29.45 23.91
CA ALA H 28 -20.65 29.76 22.50
C ALA H 28 -22.03 30.36 22.27
N TYR H 29 -23.04 29.85 22.98
CA TYR H 29 -24.38 30.42 22.89
C TYR H 29 -24.42 31.87 23.35
N PHE H 30 -23.80 32.15 24.50
CA PHE H 30 -23.84 33.52 25.03
C PHE H 30 -22.98 34.47 24.20
N SER H 31 -21.86 33.99 23.66
CA SER H 31 -21.06 34.81 22.76
C SER H 31 -21.80 35.14 21.49
N ASN H 32 -22.58 34.19 20.95
CA ASN H 32 -23.39 34.46 19.78
C ASN H 32 -24.48 35.49 20.06
N GLU H 33 -25.12 35.39 21.23
CA GLU H 33 -26.13 36.39 21.60
C GLU H 33 -25.51 37.78 21.74
N ALA H 34 -24.31 37.87 22.31
CA ALA H 34 -23.64 39.17 22.44
C ALA H 34 -23.27 39.76 21.08
N ILE H 35 -22.74 38.93 20.17
CA ILE H 35 -22.35 39.40 18.84
C ILE H 35 -23.58 39.87 18.06
N ASP H 36 -24.67 39.10 18.14
CA ASP H 36 -25.93 39.49 17.49
C ASP H 36 -26.44 40.81 18.02
N TYR H 37 -26.40 40.99 19.35
CA TYR H 37 -26.87 42.25 19.94
C TYR H 37 -26.03 43.43 19.48
N ALA H 38 -24.71 43.27 19.45
CA ALA H 38 -23.84 44.38 19.05
C ALA H 38 -24.05 44.78 17.60
N VAL H 39 -24.14 43.79 16.70
CA VAL H 39 -24.32 44.08 15.27
C VAL H 39 -25.69 44.70 15.03
N ASP H 40 -26.73 44.19 15.69
CA ASP H 40 -28.07 44.73 15.54
C ASP H 40 -28.16 46.16 16.08
N LYS H 41 -27.49 46.44 17.20
CA LYS H 41 -27.51 47.78 17.77
C LYS H 41 -26.81 48.77 16.85
N MET H 42 -25.67 48.38 16.27
CA MET H 42 -24.97 49.25 15.33
C MET H 42 -25.82 49.53 14.09
N TRP H 43 -26.46 48.50 13.54
CA TRP H 43 -27.29 48.68 12.35
C TRP H 43 -28.51 49.53 12.63
N THR H 44 -29.16 49.34 13.78
CA THR H 44 -30.34 50.10 14.11
C THR H 44 -30.01 51.56 14.43
N THR H 45 -28.82 51.80 15.01
CA THR H 45 -28.44 53.18 15.30
C THR H 45 -28.03 53.91 14.02
N ARG H 46 -27.32 53.24 13.11
CA ARG H 46 -26.81 53.95 11.94
C ARG H 46 -27.93 54.31 10.97
N ASN H 47 -28.92 53.43 10.80
CA ASN H 47 -29.97 53.62 9.82
C ASN H 47 -31.29 53.99 10.48
N LYS H 48 -31.24 54.82 11.52
CA LYS H 48 -32.43 55.19 12.27
C LYS H 48 -33.35 56.06 11.43
N GLY H 49 -34.64 55.70 11.39
CA GLY H 49 -35.62 56.40 10.60
C GLY H 49 -35.83 55.86 9.21
N LYS H 50 -34.91 55.05 8.69
CA LYS H 50 -35.02 54.49 7.35
C LYS H 50 -35.66 53.12 7.32
N LEU H 51 -35.75 52.43 8.45
CA LEU H 51 -36.35 51.10 8.48
C LEU H 51 -37.86 51.20 8.58
N PHE H 52 -38.52 50.10 8.19
CA PHE H 52 -39.97 50.06 8.15
C PHE H 52 -40.60 50.12 9.53
N SER H 53 -39.94 49.52 10.53
CA SER H 53 -40.44 49.57 11.89
C SER H 53 -40.44 50.99 12.43
N ASP H 54 -39.47 51.81 12.03
CA ASP H 54 -39.46 53.22 12.39
C ASP H 54 -40.66 53.96 11.78
N ILE H 55 -40.97 53.68 10.52
CA ILE H 55 -42.07 54.34 9.84
C ILE H 55 -43.41 53.94 10.45
N ILE H 56 -43.53 52.68 10.88
CA ILE H 56 -44.72 52.26 11.61
C ILE H 56 -44.76 52.90 13.00
N ALA H 57 -43.60 53.02 13.65
CA ALA H 57 -43.55 53.54 15.02
C ALA H 57 -43.88 55.02 15.07
N GLU H 58 -43.54 55.77 14.03
CA GLU H 58 -43.87 57.20 14.00
C GLU H 58 -45.32 57.46 13.58
N ARG H 59 -46.06 56.43 13.21
CA ARG H 59 -47.45 56.60 12.81
C ARG H 59 -48.37 56.84 14.00
N THR H 60 -47.92 56.52 15.21
CA THR H 60 -48.71 56.74 16.42
C THR H 60 -48.82 58.23 16.72
N VAL I 2 -64.38 -19.21 -42.08
CA VAL I 2 -65.77 -19.14 -41.61
C VAL I 2 -66.43 -17.85 -42.05
N GLU I 3 -67.76 -17.87 -42.12
CA GLU I 3 -68.52 -16.69 -42.50
C GLU I 3 -68.68 -15.77 -41.31
N TYR I 4 -68.37 -14.49 -41.52
CA TYR I 4 -68.51 -13.49 -40.47
C TYR I 4 -69.86 -12.79 -40.62
N THR I 5 -70.57 -12.66 -39.51
CA THR I 5 -71.93 -12.16 -39.50
C THR I 5 -71.99 -10.74 -38.96
N GLU I 6 -72.90 -9.94 -39.51
CA GLU I 6 -73.08 -8.58 -39.03
C GLU I 6 -73.73 -8.56 -37.65
N ASP I 7 -74.46 -9.62 -37.30
CA ASP I 7 -75.00 -9.75 -35.96
C ASP I 7 -73.92 -10.24 -35.00
N ASP I 8 -74.18 -10.07 -33.73
CA ASP I 8 -73.18 -10.36 -32.70
C ASP I 8 -73.22 -11.85 -32.36
N PRO I 9 -72.14 -12.60 -32.58
CA PRO I 9 -72.16 -14.03 -32.23
C PRO I 9 -71.96 -14.33 -30.75
N LYS I 10 -71.43 -13.36 -30.00
CA LYS I 10 -71.11 -13.59 -28.59
C LYS I 10 -72.31 -13.93 -27.70
N PRO I 11 -73.49 -13.27 -27.77
CA PRO I 11 -74.61 -13.75 -26.95
C PRO I 11 -75.06 -15.17 -27.25
N GLN I 12 -75.00 -15.58 -28.52
CA GLN I 12 -75.39 -16.95 -28.86
C GLN I 12 -74.39 -17.96 -28.32
N ILE I 13 -73.08 -17.66 -28.43
CA ILE I 13 -72.07 -18.56 -27.89
C ILE I 13 -72.18 -18.65 -26.37
N GLU I 14 -72.42 -17.51 -25.71
CA GLU I 14 -72.58 -17.50 -24.26
C GLU I 14 -73.80 -18.29 -23.83
N GLU I 15 -74.89 -18.21 -24.59
CA GLU I 15 -76.06 -19.03 -24.30
C GLU I 15 -75.77 -20.50 -24.53
N ASP I 16 -74.90 -20.83 -25.50
CA ASP I 16 -74.56 -22.22 -25.75
C ASP I 16 -73.75 -22.81 -24.60
N CYS I 17 -72.80 -22.06 -24.02
CA CYS I 17 -72.03 -22.61 -22.91
C CYS I 17 -72.80 -22.70 -21.59
N LYS I 18 -74.00 -22.15 -21.49
CA LYS I 18 -74.70 -22.14 -20.20
C LYS I 18 -75.14 -23.50 -19.67
N PRO I 19 -75.47 -24.53 -20.48
CA PRO I 19 -75.63 -25.87 -19.90
C PRO I 19 -74.37 -26.48 -19.29
N HIS I 20 -73.17 -26.00 -19.65
CA HIS I 20 -71.96 -26.54 -19.06
C HIS I 20 -71.72 -26.06 -17.63
N CYS I 21 -72.50 -25.10 -17.14
CA CYS I 21 -72.31 -24.52 -15.81
C CYS I 21 -73.64 -24.47 -15.06
N VAL I 22 -74.36 -25.60 -15.08
CA VAL I 22 -75.65 -25.67 -14.41
C VAL I 22 -75.52 -25.68 -12.88
N LYS I 23 -74.41 -26.22 -12.35
CA LYS I 23 -74.21 -26.28 -10.91
C LYS I 23 -74.07 -24.90 -10.30
N GLU I 24 -73.26 -24.04 -10.94
CA GLU I 24 -73.07 -22.68 -10.46
C GLU I 24 -74.35 -21.86 -10.61
N TRP I 25 -75.12 -22.10 -11.67
CA TRP I 25 -76.40 -21.44 -11.82
C TRP I 25 -77.37 -21.85 -10.71
N ALA I 26 -77.35 -23.13 -10.34
CA ALA I 26 -78.19 -23.60 -9.24
C ALA I 26 -77.79 -22.95 -7.92
N ALA I 27 -76.48 -22.82 -7.69
CA ALA I 27 -76.00 -22.16 -6.47
C ALA I 27 -76.41 -20.69 -6.44
N TYR I 28 -76.32 -20.00 -7.59
CA TYR I 28 -76.74 -18.61 -7.65
C TYR I 28 -78.23 -18.45 -7.42
N LYS I 29 -79.05 -19.35 -7.99
CA LYS I 29 -80.49 -19.25 -7.79
C LYS I 29 -80.88 -19.58 -6.35
N ALA I 30 -80.14 -20.50 -5.72
CA ALA I 30 -80.35 -20.78 -4.30
C ALA I 30 -80.04 -19.56 -3.45
N CYS I 31 -78.94 -18.86 -3.76
CA CYS I 31 -78.62 -17.62 -3.06
C CYS I 31 -79.70 -16.57 -3.28
N ALA I 32 -80.17 -16.42 -4.51
CA ALA I 32 -81.18 -15.42 -4.83
C ALA I 32 -82.50 -15.71 -4.15
N GLU I 33 -82.81 -16.98 -3.94
CA GLU I 33 -84.02 -17.32 -3.19
C GLU I 33 -83.82 -17.07 -1.70
N ARG I 34 -82.62 -17.30 -1.18
CA ARG I 34 -82.45 -17.23 0.27
C ARG I 34 -82.35 -15.81 0.81
N ILE I 35 -82.05 -14.82 -0.03
CA ILE I 35 -81.99 -13.42 0.39
C ILE I 35 -83.21 -12.65 -0.09
N LYS I 36 -84.29 -13.35 -0.42
CA LYS I 36 -85.48 -12.72 -0.97
C LYS I 36 -86.18 -11.85 0.07
N ASP I 37 -86.21 -12.29 1.33
CA ASP I 37 -86.93 -11.59 2.39
C ASP I 37 -86.05 -10.61 3.15
N ASP I 38 -84.97 -10.12 2.53
CA ASP I 38 -84.06 -9.21 3.22
C ASP I 38 -84.69 -7.83 3.37
N THR I 39 -84.29 -7.14 4.43
CA THR I 39 -84.72 -5.77 4.67
C THR I 39 -83.59 -4.80 4.94
N THR I 40 -82.36 -5.28 5.16
CA THR I 40 -81.26 -4.38 5.52
C THR I 40 -80.59 -3.78 4.30
N GLY I 41 -80.77 -4.37 3.12
CA GLY I 41 -80.19 -3.85 1.91
C GLY I 41 -78.74 -4.20 1.69
N GLN I 42 -78.19 -5.13 2.47
CA GLN I 42 -76.78 -5.52 2.33
C GLN I 42 -76.59 -6.91 1.77
N ALA I 43 -77.63 -7.75 1.77
CA ALA I 43 -77.49 -9.10 1.26
C ALA I 43 -77.48 -9.08 -0.27
N HIS I 44 -76.46 -9.71 -0.84
CA HIS I 44 -76.31 -9.78 -2.29
C HIS I 44 -75.66 -11.10 -2.65
N CYS I 45 -75.76 -11.45 -3.93
CA CYS I 45 -75.23 -12.72 -4.40
C CYS I 45 -74.20 -12.54 -5.50
N SER I 46 -73.27 -11.61 -5.30
CA SER I 46 -72.30 -11.30 -6.34
C SER I 46 -71.26 -12.40 -6.52
N GLY I 47 -70.92 -13.13 -5.45
CA GLY I 47 -69.89 -14.15 -5.54
C GLY I 47 -70.31 -15.35 -6.36
N GLN I 48 -71.52 -15.86 -6.14
CA GLN I 48 -72.02 -17.00 -6.90
C GLN I 48 -72.29 -16.61 -8.35
N TYR I 49 -72.75 -15.38 -8.56
CA TYR I 49 -72.87 -14.80 -9.89
C TYR I 49 -71.52 -14.76 -10.60
N PHE I 50 -70.46 -14.38 -9.88
CA PHE I 50 -69.12 -14.35 -10.46
C PHE I 50 -68.64 -15.75 -10.79
N ASP I 51 -68.97 -16.74 -9.94
CA ASP I 51 -68.60 -18.13 -10.22
C ASP I 51 -69.24 -18.62 -11.52
N PHE I 52 -70.55 -18.36 -11.66
CA PHE I 52 -71.27 -18.80 -12.86
C PHE I 52 -70.73 -18.12 -14.11
N TRP I 53 -70.52 -16.80 -14.05
CA TRP I 53 -70.05 -16.13 -15.24
C TRP I 53 -68.58 -16.39 -15.52
N LYS I 54 -67.78 -16.76 -14.52
CA LYS I 54 -66.42 -17.17 -14.78
C LYS I 54 -66.37 -18.51 -15.50
N CYS I 55 -67.26 -19.44 -15.11
CA CYS I 55 -67.36 -20.72 -15.83
C CYS I 55 -67.79 -20.51 -17.28
N VAL I 56 -68.83 -19.68 -17.49
CA VAL I 56 -69.33 -19.44 -18.84
C VAL I 56 -68.29 -18.72 -19.69
N ASP I 57 -67.59 -17.75 -19.10
CA ASP I 57 -66.55 -17.02 -19.82
C ASP I 57 -65.40 -17.91 -20.21
N HIS I 58 -64.99 -18.82 -19.32
CA HIS I 58 -63.91 -19.74 -19.63
C HIS I 58 -64.31 -20.73 -20.73
N CYS I 59 -65.58 -21.15 -20.75
CA CYS I 59 -66.05 -21.95 -21.88
C CYS I 59 -66.02 -21.16 -23.18
N ALA I 60 -66.60 -19.97 -23.19
CA ALA I 60 -66.91 -19.27 -24.43
C ALA I 60 -65.76 -18.44 -24.98
N ALA I 61 -64.67 -18.27 -24.22
CA ALA I 61 -63.57 -17.42 -24.68
C ALA I 61 -62.90 -17.86 -25.97
N PRO I 62 -62.48 -19.13 -26.18
CA PRO I 62 -61.87 -19.46 -27.47
C PRO I 62 -62.86 -19.57 -28.61
N LYS I 63 -64.13 -19.83 -28.31
CA LYS I 63 -65.14 -19.93 -29.37
C LYS I 63 -65.65 -18.57 -29.82
N ILE I 64 -65.40 -17.52 -29.05
CA ILE I 64 -65.79 -16.18 -29.49
C ILE I 64 -64.84 -15.67 -30.57
N PHE I 65 -63.52 -15.82 -30.34
CA PHE I 65 -62.59 -15.34 -31.36
C PHE I 65 -62.51 -16.22 -32.59
N ALA I 66 -63.10 -17.42 -32.57
CA ALA I 66 -63.15 -18.23 -33.79
C ALA I 66 -64.07 -17.60 -34.82
N HIS I 67 -65.08 -16.86 -34.37
CA HIS I 67 -66.06 -16.23 -35.24
C HIS I 67 -65.72 -14.80 -35.61
N LEU I 68 -64.57 -14.28 -35.20
CA LEU I 68 -64.21 -12.89 -35.45
C LEU I 68 -62.95 -12.82 -36.29
N LYS I 69 -62.90 -11.81 -37.16
CA LYS I 69 -61.74 -11.60 -37.99
C LYS I 69 -60.64 -10.92 -37.19
N VAL J 2 -33.02 71.65 3.42
CA VAL J 2 -33.30 71.85 2.01
C VAL J 2 -34.79 71.73 1.76
N GLU J 3 -35.39 72.79 1.20
CA GLU J 3 -36.80 72.76 0.86
C GLU J 3 -37.03 71.97 -0.41
N TYR J 4 -38.20 71.34 -0.48
CA TYR J 4 -38.59 70.51 -1.62
C TYR J 4 -39.78 71.16 -2.32
N THR J 5 -39.69 71.29 -3.64
CA THR J 5 -40.67 72.03 -4.41
C THR J 5 -41.39 71.10 -5.39
N GLU J 6 -42.46 71.63 -5.98
CA GLU J 6 -43.27 70.86 -6.91
C GLU J 6 -42.66 70.80 -8.30
N ASP J 7 -41.92 71.84 -8.69
CA ASP J 7 -41.28 71.85 -10.00
C ASP J 7 -39.93 71.14 -9.96
N ASP J 8 -39.41 70.85 -11.14
CA ASP J 8 -38.21 70.04 -11.29
C ASP J 8 -36.97 70.91 -11.11
N PRO J 9 -36.09 70.59 -10.16
CA PRO J 9 -34.85 71.37 -10.03
C PRO J 9 -33.74 70.92 -10.97
N LYS J 10 -33.89 69.73 -11.56
CA LYS J 10 -32.83 69.19 -12.42
C LYS J 10 -32.54 70.02 -13.67
N PRO J 11 -33.52 70.56 -14.44
CA PRO J 11 -33.13 71.46 -15.55
C PRO J 11 -32.40 72.72 -15.12
N GLN J 12 -32.77 73.29 -13.97
CA GLN J 12 -32.08 74.49 -13.49
C GLN J 12 -30.65 74.17 -13.06
N ILE J 13 -30.45 73.03 -12.39
CA ILE J 13 -29.11 72.64 -11.98
C ILE J 13 -28.26 72.32 -13.20
N GLU J 14 -28.86 71.69 -14.21
CA GLU J 14 -28.14 71.42 -15.46
C GLU J 14 -27.78 72.69 -16.20
N GLU J 15 -28.64 73.72 -16.12
CA GLU J 15 -28.27 75.02 -16.68
C GLU J 15 -27.15 75.67 -15.89
N ASP J 16 -27.16 75.50 -14.57
CA ASP J 16 -26.13 76.11 -13.72
C ASP J 16 -24.77 75.47 -13.93
N CYS J 17 -24.72 74.17 -14.24
CA CYS J 17 -23.45 73.50 -14.49
C CYS J 17 -22.91 73.71 -15.89
N LYS J 18 -23.67 74.34 -16.77
CA LYS J 18 -23.27 74.54 -18.16
C LYS J 18 -22.07 75.49 -18.41
N PRO J 19 -21.85 76.56 -17.64
CA PRO J 19 -20.60 77.32 -17.83
C PRO J 19 -19.33 76.57 -17.48
N HIS J 20 -19.41 75.45 -16.76
CA HIS J 20 -18.21 74.71 -16.39
C HIS J 20 -17.63 73.87 -17.51
N CYS J 21 -18.35 73.72 -18.63
CA CYS J 21 -17.94 72.83 -19.72
C CYS J 21 -17.98 73.57 -21.05
N VAL J 22 -17.36 74.75 -21.09
CA VAL J 22 -17.45 75.62 -22.27
C VAL J 22 -16.62 75.07 -23.43
N LYS J 23 -15.49 74.42 -23.15
CA LYS J 23 -14.65 73.87 -24.21
C LYS J 23 -15.36 72.75 -24.97
N GLU J 24 -16.09 71.91 -24.23
CA GLU J 24 -16.87 70.84 -24.86
C GLU J 24 -17.98 71.42 -25.74
N TRP J 25 -18.64 72.48 -25.27
CA TRP J 25 -19.69 73.11 -26.08
C TRP J 25 -19.12 73.77 -27.31
N ALA J 26 -17.93 74.37 -27.20
CA ALA J 26 -17.26 74.96 -28.36
C ALA J 26 -16.91 73.88 -29.39
N ALA J 27 -16.42 72.73 -28.92
CA ALA J 27 -16.11 71.63 -29.83
C ALA J 27 -17.36 71.08 -30.50
N TYR J 28 -18.47 70.99 -29.76
CA TYR J 28 -19.72 70.53 -30.35
C TYR J 28 -20.25 71.50 -31.39
N LYS J 29 -20.16 72.82 -31.12
CA LYS J 29 -20.60 73.81 -32.10
C LYS J 29 -19.72 73.78 -33.35
N ALA J 30 -18.41 73.55 -33.16
CA ALA J 30 -17.51 73.41 -34.31
C ALA J 30 -17.86 72.18 -35.15
N CYS J 31 -18.23 71.08 -34.49
CA CYS J 31 -18.69 69.91 -35.21
C CYS J 31 -19.97 70.21 -35.98
N ALA J 32 -20.91 70.90 -35.34
CA ALA J 32 -22.21 71.18 -35.96
C ALA J 32 -22.08 72.08 -37.18
N GLU J 33 -21.20 73.08 -37.12
CA GLU J 33 -20.96 73.91 -38.29
C GLU J 33 -20.07 73.22 -39.33
N ARG J 34 -19.26 72.24 -38.92
CA ARG J 34 -18.40 71.57 -39.87
C ARG J 34 -19.18 70.63 -40.79
N ILE J 35 -20.21 69.98 -40.27
CA ILE J 35 -20.96 68.96 -41.01
C ILE J 35 -22.18 69.54 -41.70
N LYS J 36 -22.29 70.87 -41.79
CA LYS J 36 -23.45 71.49 -42.41
C LYS J 36 -23.49 71.27 -43.93
N ASP J 37 -22.36 70.94 -44.54
CA ASP J 37 -22.28 70.73 -45.98
C ASP J 37 -22.46 69.28 -46.39
N ASP J 38 -22.63 68.36 -45.43
CA ASP J 38 -22.73 66.94 -45.77
C ASP J 38 -24.09 66.63 -46.38
N THR J 39 -24.07 65.93 -47.51
CA THR J 39 -25.28 65.55 -48.21
C THR J 39 -25.57 64.06 -48.16
N THR J 40 -24.66 63.25 -47.63
CA THR J 40 -24.83 61.81 -47.64
C THR J 40 -25.79 61.31 -46.57
N GLY J 41 -26.11 62.15 -45.59
CA GLY J 41 -26.90 61.70 -44.46
C GLY J 41 -26.16 60.84 -43.47
N GLN J 42 -24.83 60.74 -43.61
CA GLN J 42 -24.01 59.87 -42.79
C GLN J 42 -22.97 60.66 -42.02
N ALA J 43 -23.38 61.76 -41.40
CA ALA J 43 -22.50 62.53 -40.54
C ALA J 43 -23.31 63.12 -39.40
N HIS J 44 -22.88 62.85 -38.17
CA HIS J 44 -23.57 63.32 -36.97
C HIS J 44 -22.59 64.07 -36.08
N CYS J 45 -23.00 64.37 -34.84
CA CYS J 45 -22.09 64.96 -33.87
C CYS J 45 -22.28 64.33 -32.51
N SER J 46 -22.37 63.00 -32.47
CA SER J 46 -22.74 62.32 -31.25
C SER J 46 -21.62 62.31 -30.22
N GLY J 47 -20.36 62.20 -30.67
CA GLY J 47 -19.25 62.10 -29.73
C GLY J 47 -19.04 63.37 -28.92
N GLN J 48 -19.07 64.53 -29.59
CA GLN J 48 -18.88 65.79 -28.89
C GLN J 48 -20.07 66.13 -28.00
N TYR J 49 -21.27 65.80 -28.47
CA TYR J 49 -22.48 65.94 -27.66
C TYR J 49 -22.39 65.09 -26.40
N PHE J 50 -21.91 63.86 -26.53
CA PHE J 50 -21.74 62.97 -25.39
C PHE J 50 -20.70 63.50 -24.42
N ASP J 51 -19.59 64.05 -24.94
CA ASP J 51 -18.56 64.61 -24.06
C ASP J 51 -19.10 65.79 -23.27
N PHE J 52 -19.85 66.68 -23.93
CA PHE J 52 -20.41 67.84 -23.25
C PHE J 52 -21.42 67.44 -22.19
N TRP J 53 -22.32 66.51 -22.52
CA TRP J 53 -23.35 66.16 -21.55
C TRP J 53 -22.79 65.28 -20.45
N LYS J 54 -21.72 64.54 -20.71
CA LYS J 54 -21.04 63.80 -19.65
C LYS J 54 -20.37 64.77 -18.66
N CYS J 55 -19.77 65.84 -19.17
CA CYS J 55 -19.21 66.86 -18.29
C CYS J 55 -20.30 67.53 -17.45
N VAL J 56 -21.44 67.86 -18.08
CA VAL J 56 -22.53 68.51 -17.36
C VAL J 56 -23.11 67.58 -16.29
N ASP J 57 -23.27 66.30 -16.61
CA ASP J 57 -23.79 65.34 -15.64
C ASP J 57 -22.83 65.11 -14.50
N HIS J 58 -21.52 65.06 -14.78
CA HIS J 58 -20.53 64.91 -13.72
C HIS J 58 -20.52 66.11 -12.80
N CYS J 59 -20.77 67.30 -13.33
CA CYS J 59 -20.94 68.46 -12.45
C CYS J 59 -22.21 68.36 -11.63
N ALA J 60 -23.32 67.99 -12.25
CA ALA J 60 -24.62 68.21 -11.65
C ALA J 60 -25.17 67.03 -10.84
N ALA J 61 -24.47 65.89 -10.83
CA ALA J 61 -25.01 64.71 -10.13
C ALA J 61 -25.20 64.88 -8.62
N PRO J 62 -24.25 65.38 -7.82
CA PRO J 62 -24.54 65.49 -6.38
C PRO J 62 -25.48 66.61 -6.01
N LYS J 63 -25.62 67.63 -6.85
CA LYS J 63 -26.50 68.75 -6.53
C LYS J 63 -27.96 68.39 -6.71
N ILE J 64 -28.26 67.45 -7.60
CA ILE J 64 -29.65 67.07 -7.85
C ILE J 64 -30.22 66.31 -6.66
N PHE J 65 -29.47 65.32 -6.15
CA PHE J 65 -29.95 64.56 -5.00
C PHE J 65 -29.87 65.34 -3.71
N ALA J 66 -29.11 66.43 -3.66
CA ALA J 66 -29.16 67.32 -2.51
C ALA J 66 -30.51 68.03 -2.44
N HIS J 67 -31.12 68.28 -3.58
CA HIS J 67 -32.42 68.94 -3.66
C HIS J 67 -33.58 67.95 -3.66
N LEU J 68 -33.30 66.66 -3.61
CA LEU J 68 -34.31 65.62 -3.71
C LEU J 68 -34.44 64.89 -2.39
N LYS J 69 -35.68 64.56 -2.03
CA LYS J 69 -35.95 63.86 -0.77
C LYS J 69 -35.50 62.41 -0.83
N ARG K 4 5.31 -13.48 0.82
CA ARG K 4 3.87 -13.64 0.66
C ARG K 4 3.40 -14.96 1.22
N GLN K 5 3.48 -15.09 2.55
CA GLN K 5 2.96 -16.23 3.31
C GLN K 5 3.59 -17.54 2.83
N ASN K 6 4.88 -17.70 3.17
CA ASN K 6 5.60 -18.95 2.97
C ASN K 6 4.83 -20.13 3.57
N ILE K 7 4.63 -21.15 2.75
CA ILE K 7 3.92 -22.36 3.16
C ILE K 7 4.87 -23.56 3.03
N PRO K 8 5.18 -24.25 4.13
CA PRO K 8 6.02 -25.45 4.02
C PRO K 8 5.23 -26.64 3.49
N LEU K 9 5.75 -27.26 2.44
CA LEU K 9 5.04 -28.29 1.70
C LEU K 9 6.02 -29.11 0.88
N ARG K 10 5.75 -30.40 0.74
CA ARG K 10 6.55 -31.30 -0.09
C ARG K 10 5.66 -31.98 -1.11
N GLU K 11 5.94 -31.78 -2.39
CA GLU K 11 5.08 -32.28 -3.45
C GLU K 11 5.85 -32.37 -4.76
N ILE K 12 5.26 -33.09 -5.72
CA ILE K 12 5.60 -33.01 -7.13
C ILE K 12 4.33 -32.59 -7.86
N LEU K 13 4.42 -31.55 -8.69
CA LEU K 13 3.27 -31.08 -9.45
C LEU K 13 3.55 -31.25 -10.93
N TYR K 14 2.57 -31.78 -11.66
CA TYR K 14 2.66 -31.93 -13.10
C TYR K 14 1.52 -31.14 -13.75
N GLN K 15 1.80 -30.49 -14.88
CA GLN K 15 0.79 -29.77 -15.62
C GLN K 15 1.02 -29.95 -17.11
N LEU K 16 -0.07 -30.09 -17.86
CA LEU K 16 -0.03 -30.27 -19.31
C LEU K 16 -0.49 -28.99 -20.01
N SER K 17 0.02 -28.78 -21.22
CA SER K 17 -0.36 -27.64 -22.03
C SER K 17 -1.85 -27.69 -22.38
N PRO K 18 -2.55 -26.55 -22.42
CA PRO K 18 -3.97 -26.59 -22.77
C PRO K 18 -4.22 -26.87 -24.26
N TYR K 19 -3.18 -26.88 -25.08
CA TYR K 19 -3.26 -27.27 -26.47
C TYR K 19 -2.80 -28.70 -26.69
N GLN K 20 -2.71 -29.50 -25.62
CA GLN K 20 -2.39 -30.91 -25.70
C GLN K 20 -3.51 -31.77 -25.12
N GLN K 21 -4.69 -31.19 -24.92
CA GLN K 21 -5.82 -31.94 -24.42
C GLN K 21 -7.08 -31.34 -25.03
N ASP K 22 -8.21 -32.00 -24.80
CA ASP K 22 -9.47 -31.51 -25.34
C ASP K 22 -10.11 -30.51 -24.37
N VAL K 23 -11.12 -29.80 -24.86
CA VAL K 23 -11.69 -28.66 -24.15
C VAL K 23 -13.09 -28.96 -23.64
N ILE K 24 -14.00 -29.42 -24.51
CA ILE K 24 -15.39 -29.56 -24.10
C ILE K 24 -15.96 -30.94 -24.42
N ARG K 25 -15.12 -31.87 -24.87
CA ARG K 25 -15.66 -33.15 -25.31
C ARG K 25 -16.11 -34.02 -24.13
N GLN K 26 -15.40 -33.97 -23.02
CA GLN K 26 -15.80 -34.73 -21.83
C GLN K 26 -17.01 -34.15 -21.13
N THR K 27 -17.42 -32.95 -21.52
CA THR K 27 -18.54 -32.29 -20.86
C THR K 27 -19.86 -32.99 -21.16
N PHE K 28 -19.96 -33.63 -22.33
CA PHE K 28 -21.15 -34.39 -22.68
C PHE K 28 -21.23 -35.73 -21.96
N THR K 29 -20.09 -36.37 -21.72
CA THR K 29 -20.08 -37.63 -20.99
C THR K 29 -20.46 -37.43 -19.53
N ASN K 30 -19.89 -36.41 -18.89
CA ASN K 30 -20.08 -36.23 -17.44
C ASN K 30 -21.36 -35.50 -17.09
N ALA K 31 -22.10 -34.99 -18.07
CA ALA K 31 -23.29 -34.18 -17.77
C ALA K 31 -24.41 -34.91 -17.03
N PRO K 32 -24.82 -36.14 -17.39
CA PRO K 32 -25.85 -36.80 -16.56
C PRO K 32 -25.37 -37.17 -15.17
N LYS K 33 -24.11 -37.60 -15.04
CA LYS K 33 -23.55 -37.94 -13.73
C LYS K 33 -23.48 -36.72 -12.82
N THR K 34 -23.10 -35.56 -13.38
CA THR K 34 -23.02 -34.35 -12.59
C THR K 34 -24.40 -33.87 -12.17
N PHE K 35 -25.39 -34.05 -13.02
CA PHE K 35 -26.79 -33.74 -12.69
C PHE K 35 -27.27 -34.58 -11.52
N LEU K 36 -27.03 -35.89 -11.58
CA LEU K 36 -27.44 -36.78 -10.49
C LEU K 36 -26.67 -36.51 -9.21
N ARG K 37 -25.36 -36.19 -9.33
CA ARG K 37 -24.55 -35.88 -8.15
C ARG K 37 -25.00 -34.59 -7.49
N PHE K 38 -25.37 -33.58 -8.29
CA PHE K 38 -25.87 -32.33 -7.74
C PHE K 38 -27.15 -32.56 -6.97
N PHE K 39 -28.08 -33.35 -7.53
CA PHE K 39 -29.34 -33.57 -6.82
C PHE K 39 -29.16 -34.50 -5.62
N LYS K 40 -28.19 -35.41 -5.67
CA LYS K 40 -27.89 -36.23 -4.51
C LYS K 40 -27.33 -35.39 -3.37
N GLU K 41 -26.46 -34.42 -3.68
CA GLU K 41 -25.86 -33.60 -2.64
C GLU K 41 -26.83 -32.58 -2.07
N LYS K 42 -27.65 -31.93 -2.92
CA LYS K 42 -28.54 -30.89 -2.45
C LYS K 42 -30.00 -31.33 -2.35
N GLY K 43 -30.25 -32.64 -2.30
CA GLY K 43 -31.61 -33.13 -2.29
C GLY K 43 -32.39 -32.79 -1.04
N VAL K 44 -31.76 -32.90 0.14
CA VAL K 44 -32.47 -32.72 1.39
C VAL K 44 -32.86 -31.26 1.61
N GLY K 45 -31.92 -30.34 1.33
CA GLY K 45 -32.20 -28.92 1.52
C GLY K 45 -33.26 -28.38 0.58
N LEU K 46 -33.17 -28.75 -0.70
CA LEU K 46 -34.18 -28.32 -1.66
C LEU K 46 -35.54 -28.90 -1.33
N ALA K 47 -35.58 -30.14 -0.86
CA ALA K 47 -36.85 -30.74 -0.47
C ALA K 47 -37.46 -30.08 0.74
N THR K 48 -36.66 -29.77 1.78
CA THR K 48 -37.25 -29.15 2.96
C THR K 48 -37.68 -27.71 2.68
N PHE K 49 -36.93 -26.99 1.83
CA PHE K 49 -37.37 -25.70 1.33
C PHE K 49 -38.70 -25.79 0.59
N GLY K 50 -38.81 -26.74 -0.35
CA GLY K 50 -40.04 -26.87 -1.12
C GLY K 50 -41.23 -27.26 -0.27
N VAL K 51 -41.04 -28.20 0.66
CA VAL K 51 -42.11 -28.64 1.54
C VAL K 51 -42.60 -27.48 2.40
N LEU K 52 -41.68 -26.75 3.03
CA LEU K 52 -42.10 -25.66 3.92
C LEU K 52 -42.79 -24.53 3.16
N PHE K 53 -42.17 -24.08 2.06
CA PHE K 53 -42.71 -22.96 1.29
C PHE K 53 -44.06 -23.29 0.68
N PHE K 54 -44.16 -24.42 -0.03
CA PHE K 54 -45.40 -24.73 -0.71
C PHE K 54 -46.49 -25.19 0.26
N GLY K 55 -46.13 -25.86 1.37
CA GLY K 55 -47.13 -26.22 2.35
C GLY K 55 -47.72 -25.02 3.07
N ILE K 56 -46.87 -24.07 3.48
CA ILE K 56 -47.39 -22.90 4.19
C ILE K 56 -48.17 -22.01 3.23
N LYS K 57 -47.69 -21.86 1.99
CA LYS K 57 -48.43 -21.11 0.97
C LYS K 57 -49.78 -21.75 0.65
N GLY K 58 -49.82 -23.08 0.53
CA GLY K 58 -51.07 -23.75 0.24
C GLY K 58 -52.08 -23.68 1.37
N TYR K 59 -51.60 -23.83 2.61
CA TYR K 59 -52.47 -23.68 3.77
C TYR K 59 -53.03 -22.26 3.86
N THR K 60 -52.18 -21.26 3.61
CA THR K 60 -52.62 -19.87 3.66
C THR K 60 -53.64 -19.56 2.57
N GLU K 61 -53.40 -20.03 1.35
CA GLU K 61 -54.34 -19.79 0.25
C GLU K 61 -55.67 -20.51 0.46
N HIS K 62 -55.62 -21.73 0.99
CA HIS K 62 -56.84 -22.45 1.33
C HIS K 62 -57.66 -21.71 2.38
N GLU K 63 -57.00 -21.21 3.43
CA GLU K 63 -57.77 -20.56 4.47
C GLU K 63 -58.27 -19.20 4.01
N MET K 64 -57.53 -18.54 3.09
CA MET K 64 -58.02 -17.30 2.49
C MET K 64 -59.27 -17.54 1.67
N HIS K 65 -59.30 -18.64 0.90
CA HIS K 65 -60.49 -18.97 0.13
C HIS K 65 -61.67 -19.27 1.04
N GLN K 66 -61.42 -19.96 2.17
CA GLN K 66 -62.48 -20.19 3.14
C GLN K 66 -62.97 -18.89 3.76
N GLU K 67 -62.07 -17.93 3.97
CA GLU K 67 -62.45 -16.62 4.50
C GLU K 67 -63.33 -15.87 3.51
N ARG K 68 -63.01 -15.95 2.22
CA ARG K 68 -63.85 -15.33 1.20
C ARG K 68 -65.22 -15.99 1.14
N LEU K 69 -65.27 -17.32 1.27
CA LEU K 69 -66.55 -18.03 1.25
C LEU K 69 -67.39 -17.71 2.49
N ALA K 70 -66.77 -17.42 3.62
CA ALA K 70 -67.53 -17.11 4.83
C ALA K 70 -68.23 -15.76 4.77
N GLU K 71 -67.76 -14.85 3.91
CA GLU K 71 -68.38 -13.55 3.77
C GLU K 71 -69.61 -13.55 2.87
N ARG K 72 -69.89 -14.66 2.18
CA ARG K 72 -71.00 -14.73 1.26
C ARG K 72 -72.32 -14.86 2.01
N TYR K 73 -73.40 -14.54 1.32
CA TYR K 73 -74.73 -14.58 1.92
C TYR K 73 -75.50 -15.83 1.52
N ARG L 4 10.83 4.25 5.63
CA ARG L 4 11.35 5.60 5.46
C ARG L 4 12.86 5.52 5.32
N GLN L 5 13.47 6.50 4.65
CA GLN L 5 14.88 6.43 4.30
C GLN L 5 15.77 6.57 5.53
N ASN L 6 17.02 6.17 5.35
CA ASN L 6 18.07 6.31 6.36
C ASN L 6 19.05 7.38 5.91
N ILE L 7 19.11 8.48 6.65
CA ILE L 7 19.92 9.64 6.32
C ILE L 7 21.08 9.70 7.30
N PRO L 8 22.32 9.44 6.87
CA PRO L 8 23.47 9.59 7.78
C PRO L 8 23.74 11.06 8.08
N LEU L 9 23.73 11.40 9.37
CA LEU L 9 23.77 12.79 9.82
C LEU L 9 24.29 12.86 11.25
N ARG L 10 25.15 13.83 11.51
CA ARG L 10 25.74 14.05 12.84
C ARG L 10 25.36 15.43 13.34
N GLU L 11 24.53 15.49 14.37
CA GLU L 11 24.01 16.75 14.87
C GLU L 11 23.59 16.58 16.33
N ILE L 12 23.27 17.71 16.96
CA ILE L 12 22.57 17.75 18.25
C ILE L 12 21.43 18.76 18.14
N LEU L 13 20.21 18.31 18.38
CA LEU L 13 19.02 19.14 18.24
C LEU L 13 18.45 19.46 19.62
N TYR L 14 18.14 20.74 19.84
CA TYR L 14 17.50 21.20 21.06
C TYR L 14 16.13 21.76 20.73
N GLN L 15 15.11 21.34 21.46
CA GLN L 15 13.78 21.92 21.31
C GLN L 15 13.22 22.30 22.66
N LEU L 16 12.50 23.41 22.70
CA LEU L 16 11.89 23.93 23.92
C LEU L 16 10.38 23.73 23.85
N SER L 17 9.76 23.64 25.03
CA SER L 17 8.33 23.43 25.10
C SER L 17 7.58 24.64 24.54
N PRO L 18 6.41 24.43 23.94
CA PRO L 18 5.60 25.58 23.49
C PRO L 18 5.09 26.43 24.63
N TYR L 19 5.05 25.90 25.85
CA TYR L 19 4.52 26.62 27.00
C TYR L 19 5.61 27.28 27.83
N GLN L 20 6.84 27.28 27.34
CA GLN L 20 7.94 28.04 27.93
C GLN L 20 8.40 29.15 26.99
N GLN L 21 7.48 29.70 26.20
CA GLN L 21 7.79 30.66 25.16
C GLN L 21 6.59 31.56 24.94
N ASP L 22 6.84 32.73 24.37
CA ASP L 22 5.73 33.58 23.98
C ASP L 22 5.21 33.16 22.61
N VAL L 23 3.94 33.46 22.35
CA VAL L 23 3.31 33.00 21.12
C VAL L 23 3.31 34.12 20.09
N ILE L 24 2.59 35.22 20.36
CA ILE L 24 2.53 36.34 19.44
C ILE L 24 2.96 37.66 20.10
N ARG L 25 4.27 37.84 20.24
CA ARG L 25 4.84 39.09 20.75
C ARG L 25 6.08 39.56 20.00
N GLN L 26 6.71 38.72 19.20
CA GLN L 26 7.78 39.16 18.33
C GLN L 26 7.28 39.50 16.93
N THR L 27 5.99 39.27 16.66
CA THR L 27 5.42 39.69 15.39
C THR L 27 5.35 41.20 15.30
N PHE L 28 4.98 41.87 16.41
CA PHE L 28 4.90 43.32 16.43
C PHE L 28 6.26 43.99 16.31
N THR L 29 7.33 43.28 16.63
CA THR L 29 8.68 43.82 16.52
C THR L 29 9.29 43.53 15.14
N ASN L 30 9.08 42.34 14.60
CA ASN L 30 9.65 41.95 13.33
C ASN L 30 8.80 42.36 12.13
N ALA L 31 7.65 42.98 12.36
CA ALA L 31 6.76 43.33 11.25
C ALA L 31 7.33 44.31 10.22
N PRO L 32 8.01 45.42 10.57
CA PRO L 32 8.56 46.26 9.49
C PRO L 32 9.73 45.63 8.78
N LYS L 33 10.57 44.89 9.50
CA LYS L 33 11.71 44.23 8.88
C LYS L 33 11.26 43.14 7.91
N THR L 34 10.20 42.41 8.25
CA THR L 34 9.65 41.39 7.36
C THR L 34 9.07 42.02 6.10
N PHE L 35 8.36 43.14 6.24
CA PHE L 35 7.82 43.88 5.11
C PHE L 35 8.92 44.35 4.16
N LEU L 36 9.96 44.98 4.73
CA LEU L 36 11.04 45.50 3.91
C LEU L 36 11.85 44.38 3.26
N ARG L 37 12.06 43.27 3.98
CA ARG L 37 12.80 42.15 3.41
C ARG L 37 12.02 41.48 2.29
N PHE L 38 10.69 41.38 2.44
CA PHE L 38 9.85 40.82 1.39
C PHE L 38 9.93 41.68 0.13
N PHE L 39 9.85 42.99 0.29
CA PHE L 39 9.85 43.85 -0.89
C PHE L 39 11.24 43.96 -1.50
N LYS L 40 12.29 43.83 -0.69
CA LYS L 40 13.63 43.79 -1.25
C LYS L 40 13.88 42.50 -2.03
N GLU L 41 13.37 41.37 -1.51
CA GLU L 41 13.63 40.09 -2.16
C GLU L 41 12.81 39.93 -3.44
N LYS L 42 11.56 40.38 -3.43
CA LYS L 42 10.69 40.24 -4.60
C LYS L 42 10.39 41.58 -5.26
N GLY L 43 11.29 42.55 -5.13
CA GLY L 43 11.03 43.87 -5.71
C GLY L 43 11.12 43.91 -7.22
N VAL L 44 12.12 43.21 -7.77
CA VAL L 44 12.40 43.32 -9.21
C VAL L 44 11.29 42.66 -10.03
N GLY L 45 10.83 41.48 -9.60
CA GLY L 45 9.79 40.78 -10.35
C GLY L 45 8.44 41.48 -10.30
N LEU L 46 8.07 41.99 -9.12
CA LEU L 46 6.80 42.71 -9.00
C LEU L 46 6.82 43.99 -9.82
N ALA L 47 7.96 44.69 -9.83
CA ALA L 47 8.11 45.88 -10.67
C ALA L 47 8.05 45.54 -12.15
N THR L 48 8.68 44.43 -12.55
CA THR L 48 8.65 44.02 -13.96
C THR L 48 7.24 43.69 -14.41
N PHE L 49 6.50 42.93 -13.58
CA PHE L 49 5.12 42.59 -13.89
C PHE L 49 4.24 43.83 -13.97
N GLY L 50 4.38 44.74 -13.00
CA GLY L 50 3.56 45.93 -13.00
C GLY L 50 3.85 46.86 -14.16
N VAL L 51 5.13 47.05 -14.49
CA VAL L 51 5.51 47.92 -15.59
C VAL L 51 5.00 47.37 -16.92
N LEU L 52 5.19 46.07 -17.16
CA LEU L 52 4.74 45.48 -18.42
C LEU L 52 3.22 45.52 -18.55
N PHE L 53 2.51 45.10 -17.50
CA PHE L 53 1.06 45.05 -17.54
C PHE L 53 0.45 46.44 -17.72
N PHE L 54 0.86 47.40 -16.89
CA PHE L 54 0.23 48.71 -16.93
C PHE L 54 0.69 49.53 -18.12
N GLY L 55 1.94 49.38 -18.57
CA GLY L 55 2.37 50.09 -19.75
C GLY L 55 1.70 49.61 -21.03
N ILE L 56 1.58 48.29 -21.19
CA ILE L 56 0.91 47.77 -22.38
C ILE L 56 -0.58 48.07 -22.33
N LYS L 57 -1.20 48.00 -21.14
CA LYS L 57 -2.61 48.36 -21.01
C LYS L 57 -2.86 49.84 -21.30
N GLY L 58 -1.96 50.71 -20.84
CA GLY L 58 -2.11 52.13 -21.13
C GLY L 58 -1.91 52.46 -22.59
N TYR L 59 -0.94 51.80 -23.24
CA TYR L 59 -0.73 52.02 -24.67
C TYR L 59 -1.94 51.54 -25.47
N THR L 60 -2.50 50.38 -25.12
CA THR L 60 -3.68 49.88 -25.81
C THR L 60 -4.90 50.78 -25.60
N GLU L 61 -5.10 51.26 -24.37
CA GLU L 61 -6.24 52.15 -24.10
C GLU L 61 -6.09 53.48 -24.82
N HIS L 62 -4.88 54.03 -24.88
CA HIS L 62 -4.64 55.27 -25.60
C HIS L 62 -4.88 55.09 -27.10
N GLU L 63 -4.43 53.98 -27.67
CA GLU L 63 -4.66 53.75 -29.09
C GLU L 63 -6.14 53.48 -29.38
N MET L 64 -6.87 52.85 -28.45
CA MET L 64 -8.31 52.66 -28.62
C MET L 64 -9.05 54.00 -28.62
N HIS L 65 -8.66 54.91 -27.72
CA HIS L 65 -9.27 56.23 -27.72
C HIS L 65 -8.94 57.00 -28.98
N GLN L 66 -7.70 56.86 -29.48
CA GLN L 66 -7.31 57.52 -30.73
C GLN L 66 -8.11 56.99 -31.91
N GLU L 67 -8.36 55.67 -31.94
CA GLU L 67 -9.11 55.10 -33.04
C GLU L 67 -10.59 55.46 -32.97
N ARG L 68 -11.13 55.64 -31.75
CA ARG L 68 -12.49 56.17 -31.66
C ARG L 68 -12.56 57.63 -32.08
N LEU L 69 -11.51 58.40 -31.83
CA LEU L 69 -11.51 59.80 -32.25
C LEU L 69 -11.28 59.96 -33.75
N ALA L 70 -10.61 58.98 -34.38
CA ALA L 70 -10.31 59.09 -35.81
C ALA L 70 -11.56 58.91 -36.66
N GLU L 71 -12.50 58.07 -36.21
CA GLU L 71 -13.77 57.90 -36.89
C GLU L 71 -14.83 58.88 -36.41
N ARG L 72 -14.50 59.76 -35.48
CA ARG L 72 -15.48 60.67 -34.91
C ARG L 72 -15.78 61.79 -35.90
N TYR L 73 -17.07 62.02 -36.15
CA TYR L 73 -17.50 63.16 -36.94
C TYR L 73 -17.53 64.40 -36.06
N ASP M 32 45.01 11.20 -25.08
CA ASP M 32 45.21 9.93 -25.76
C ASP M 32 46.64 9.41 -25.62
N ALA M 33 46.78 8.21 -25.07
CA ALA M 33 48.09 7.58 -25.03
C ALA M 33 48.43 7.05 -26.40
N ASN M 34 49.65 7.35 -26.88
CA ASN M 34 50.08 6.78 -28.15
C ASN M 34 50.23 5.26 -28.10
N PRO M 35 50.99 4.64 -27.17
CA PRO M 35 51.16 3.18 -27.29
C PRO M 35 50.05 2.36 -26.65
N PHE M 36 49.29 2.95 -25.73
CA PHE M 36 48.30 2.22 -24.96
C PHE M 36 46.89 2.30 -25.55
N LEU M 37 46.71 2.96 -26.69
CA LEU M 37 45.39 3.14 -27.26
C LEU M 37 45.29 2.75 -28.73
N ARG M 38 46.34 2.20 -29.31
CA ARG M 38 46.23 1.65 -30.65
C ARG M 38 45.61 0.26 -30.58
N PHE M 39 45.36 -0.32 -31.76
CA PHE M 39 45.07 -1.73 -31.96
C PHE M 39 43.76 -2.26 -31.36
N SER M 40 43.07 -1.48 -30.52
CA SER M 40 41.98 -2.04 -29.75
C SER M 40 40.90 -0.99 -29.53
N ASN M 41 39.64 -1.42 -29.66
CA ASN M 41 38.49 -0.53 -29.57
C ASN M 41 37.26 -1.37 -29.29
N PRO M 42 36.25 -0.82 -28.61
CA PRO M 42 35.09 -1.63 -28.22
C PRO M 42 34.02 -1.79 -29.29
N ARG M 43 34.29 -1.44 -30.54
CA ARG M 43 33.27 -1.55 -31.59
C ARG M 43 33.31 -2.95 -32.18
N PRO M 44 32.23 -3.73 -32.11
CA PRO M 44 32.28 -5.12 -32.56
C PRO M 44 32.28 -5.19 -34.08
N SER M 45 33.32 -5.80 -34.63
CA SER M 45 33.47 -5.96 -36.06
C SER M 45 33.76 -7.42 -36.36
N PRO M 46 33.32 -7.92 -37.52
CA PRO M 46 33.62 -9.31 -37.89
C PRO M 46 35.10 -9.53 -38.09
N ILE M 47 35.59 -10.68 -37.60
CA ILE M 47 36.99 -11.07 -37.71
C ILE M 47 37.08 -12.25 -38.66
N ASP M 48 38.06 -12.22 -39.55
CA ASP M 48 38.32 -13.32 -40.46
C ASP M 48 39.32 -14.27 -39.81
N HIS M 49 38.90 -15.50 -39.55
CA HIS M 49 39.75 -16.51 -38.92
C HIS M 49 40.40 -17.44 -39.93
N THR M 50 40.42 -17.03 -41.20
CA THR M 50 41.05 -17.84 -42.24
C THR M 50 42.55 -18.13 -42.04
N PRO M 51 43.43 -17.19 -41.63
CA PRO M 51 44.85 -17.56 -41.48
C PRO M 51 45.13 -18.56 -40.36
N LEU M 52 44.19 -18.78 -39.45
CA LEU M 52 44.36 -19.80 -38.42
C LEU M 52 44.24 -21.22 -38.97
N LEU M 53 43.73 -21.39 -40.19
CA LEU M 53 43.51 -22.71 -40.78
C LEU M 53 44.76 -23.30 -41.42
N SER M 54 45.82 -22.52 -41.56
CA SER M 54 46.99 -23.00 -42.30
C SER M 54 47.79 -24.03 -41.50
N THR M 55 47.76 -23.96 -40.18
CA THR M 55 48.58 -24.81 -39.34
C THR M 55 47.77 -25.81 -38.52
N LEU M 56 46.45 -25.80 -38.64
CA LEU M 56 45.64 -26.78 -37.93
C LEU M 56 45.87 -28.17 -38.51
N PRO M 57 45.98 -29.19 -37.67
CA PRO M 57 46.30 -30.54 -38.16
C PRO M 57 45.11 -31.19 -38.85
N GLU M 58 45.40 -32.31 -39.49
CA GLU M 58 44.45 -33.06 -40.29
C GLU M 58 44.06 -34.35 -39.58
N THR M 59 42.84 -34.80 -39.84
CA THR M 59 42.32 -36.02 -39.27
C THR M 59 42.36 -37.13 -40.31
N ARG M 60 42.91 -38.27 -39.94
CA ARG M 60 42.94 -39.45 -40.79
C ARG M 60 42.00 -40.50 -40.22
N ILE M 61 41.14 -41.07 -41.05
CA ILE M 61 40.17 -42.07 -40.63
C ILE M 61 40.39 -43.35 -41.42
N THR M 62 40.45 -44.47 -40.72
CA THR M 62 40.57 -45.80 -41.32
C THR M 62 39.46 -46.68 -40.79
N THR M 63 38.71 -47.31 -41.69
CA THR M 63 37.62 -48.20 -41.32
C THR M 63 38.09 -49.64 -41.39
N LEU M 64 38.02 -50.35 -40.27
CA LEU M 64 38.39 -51.75 -40.21
C LEU M 64 37.30 -52.62 -40.84
N PRO M 65 37.63 -53.87 -41.22
CA PRO M 65 36.59 -54.78 -41.69
C PRO M 65 35.53 -55.10 -40.65
N ASN M 66 35.84 -54.92 -39.38
CA ASN M 66 34.86 -55.04 -38.31
C ASN M 66 33.75 -54.01 -38.44
N GLY M 67 34.05 -52.86 -39.07
CA GLY M 67 33.17 -51.71 -39.05
C GLY M 67 33.61 -50.62 -38.10
N LEU M 68 34.67 -50.84 -37.33
CA LEU M 68 35.15 -49.84 -36.39
C LEU M 68 36.08 -48.86 -37.09
N ARG M 69 35.84 -47.57 -36.85
CA ARG M 69 36.64 -46.50 -37.43
C ARG M 69 37.77 -46.13 -36.47
N VAL M 70 38.96 -45.94 -37.01
CA VAL M 70 40.13 -45.52 -36.25
C VAL M 70 40.52 -44.14 -36.76
N ALA M 71 40.44 -43.14 -35.90
CA ALA M 71 40.66 -41.75 -36.31
C ALA M 71 41.67 -41.08 -35.40
N THR M 72 42.72 -40.52 -36.00
CA THR M 72 43.79 -39.85 -35.25
C THR M 72 43.94 -38.42 -35.72
N GLU M 73 44.55 -37.60 -34.85
CA GLU M 73 44.90 -36.22 -35.18
C GLU M 73 46.23 -35.91 -34.48
N ALA M 74 47.31 -35.87 -35.25
CA ALA M 74 48.65 -35.74 -34.69
C ALA M 74 49.01 -34.27 -34.54
N ILE M 75 49.25 -33.85 -33.30
CA ILE M 75 49.75 -32.52 -32.98
C ILE M 75 51.27 -32.60 -33.00
N PRO M 76 51.96 -31.73 -33.74
CA PRO M 76 53.37 -32.00 -34.11
C PRO M 76 54.38 -32.13 -32.98
N PHE M 77 54.21 -31.39 -31.87
CA PHE M 77 55.20 -31.45 -30.80
C PHE M 77 54.53 -31.78 -29.47
N ALA M 78 53.44 -32.54 -29.53
CA ALA M 78 52.75 -32.92 -28.31
C ALA M 78 53.53 -33.98 -27.55
N GLU M 79 53.42 -33.93 -26.23
CA GLU M 79 54.02 -34.93 -25.36
C GLU M 79 53.00 -35.85 -24.73
N THR M 80 51.73 -35.46 -24.72
CA THR M 80 50.65 -36.23 -24.12
C THR M 80 49.69 -36.71 -25.21
N THR M 81 48.88 -37.69 -24.84
CA THR M 81 47.94 -38.32 -25.76
C THR M 81 46.65 -38.63 -25.01
N THR M 82 45.53 -38.25 -25.59
CA THR M 82 44.22 -38.72 -25.15
C THR M 82 43.69 -39.69 -26.19
N LEU M 83 43.26 -40.87 -25.73
CA LEU M 83 42.74 -41.88 -26.64
C LEU M 83 41.66 -42.66 -25.93
N GLY M 84 40.70 -43.15 -26.71
CA GLY M 84 39.58 -43.85 -26.09
C GLY M 84 38.64 -44.41 -27.12
N ILE M 85 37.52 -44.92 -26.62
CA ILE M 85 36.51 -45.59 -27.43
C ILE M 85 35.19 -44.87 -27.22
N TRP M 86 34.61 -44.35 -28.30
CA TRP M 86 33.33 -43.65 -28.25
C TRP M 86 32.26 -44.53 -28.87
N ILE M 87 31.14 -44.68 -28.19
CA ILE M 87 30.11 -45.64 -28.58
C ILE M 87 28.78 -44.89 -28.75
N ASN M 88 28.12 -45.17 -29.87
CA ASN M 88 26.80 -44.61 -30.15
C ASN M 88 25.73 -45.43 -29.43
N SER M 89 25.72 -45.32 -28.11
CA SER M 89 24.78 -46.05 -27.27
C SER M 89 24.66 -45.33 -25.93
N GLY M 90 23.69 -45.76 -25.15
CA GLY M 90 23.47 -45.14 -23.85
C GLY M 90 22.08 -45.44 -23.34
N SER M 91 21.58 -44.53 -22.49
CA SER M 91 20.32 -44.74 -21.79
C SER M 91 19.11 -44.72 -22.72
N ARG M 92 19.23 -44.14 -23.90
CA ARG M 92 18.10 -44.09 -24.83
C ARG M 92 17.77 -45.48 -25.37
N PHE M 93 18.78 -46.29 -25.64
CA PHE M 93 18.63 -47.57 -26.29
C PHE M 93 18.40 -48.72 -25.31
N GLU M 94 18.11 -48.43 -24.05
CA GLU M 94 17.74 -49.44 -23.09
C GLU M 94 16.24 -49.70 -23.18
N THR M 95 15.73 -50.55 -22.31
CA THR M 95 14.30 -50.79 -22.17
C THR M 95 13.85 -50.36 -20.78
N ASP M 96 12.57 -50.57 -20.49
CA ASP M 96 12.06 -50.30 -19.16
C ASP M 96 12.58 -51.30 -18.14
N ALA M 97 12.87 -52.53 -18.57
CA ALA M 97 13.30 -53.59 -17.66
C ALA M 97 14.74 -53.45 -17.23
N ASN M 98 15.61 -52.92 -18.08
CA ASN M 98 17.03 -52.82 -17.77
C ASN M 98 17.51 -51.37 -17.78
N ASN M 99 16.64 -50.43 -17.41
CA ASN M 99 17.03 -49.03 -17.39
C ASN M 99 18.01 -48.77 -16.25
N GLY M 100 19.20 -48.31 -16.60
CA GLY M 100 20.29 -48.14 -15.65
C GLY M 100 21.45 -49.08 -15.86
N VAL M 101 21.43 -49.93 -16.90
CA VAL M 101 22.50 -50.92 -17.08
C VAL M 101 23.79 -50.25 -17.56
N ALA M 102 23.68 -49.22 -18.40
CA ALA M 102 24.86 -48.58 -18.98
C ALA M 102 25.60 -47.75 -17.93
N HIS M 103 24.88 -47.12 -17.01
CA HIS M 103 25.52 -46.43 -15.90
C HIS M 103 26.13 -47.40 -14.91
N PHE M 104 25.52 -48.57 -14.71
CA PHE M 104 26.06 -49.53 -13.77
C PHE M 104 27.31 -50.19 -14.33
N LEU M 105 27.42 -50.17 -15.67
CA LEU M 105 28.57 -50.76 -16.35
C LEU M 105 29.86 -50.01 -16.04
N GLU M 106 29.81 -48.69 -15.86
CA GLU M 106 31.02 -47.97 -15.49
C GLU M 106 31.35 -48.09 -14.01
N HIS M 107 30.42 -48.58 -13.19
CA HIS M 107 30.77 -49.01 -11.84
C HIS M 107 31.47 -50.36 -11.85
N ILE M 108 31.07 -51.25 -12.76
CA ILE M 108 31.55 -52.64 -12.73
C ILE M 108 32.83 -52.82 -13.54
N LEU M 109 32.96 -52.13 -14.68
CA LEU M 109 33.95 -52.49 -15.70
C LEU M 109 35.40 -52.33 -15.22
N PHE M 110 35.65 -51.44 -14.25
CA PHE M 110 36.99 -51.19 -13.78
C PHE M 110 37.36 -52.02 -12.56
N LYS M 111 36.56 -53.03 -12.23
CA LYS M 111 36.75 -53.83 -11.01
C LYS M 111 37.37 -55.19 -11.31
N GLY M 112 38.07 -55.34 -12.43
CA GLY M 112 38.71 -56.62 -12.66
C GLY M 112 38.26 -57.25 -13.97
N THR M 113 39.23 -57.71 -14.74
CA THR M 113 39.00 -58.37 -16.02
C THR M 113 39.38 -59.85 -15.89
N LYS M 114 39.31 -60.56 -17.02
CA LYS M 114 39.67 -61.98 -17.02
C LYS M 114 41.16 -62.21 -17.17
N ASN M 115 41.93 -61.19 -17.60
CA ASN M 115 43.38 -61.29 -17.70
C ASN M 115 44.11 -60.49 -16.65
N ARG M 116 43.48 -59.49 -16.06
CA ARG M 116 44.11 -58.64 -15.06
C ARG M 116 43.18 -58.49 -13.87
N SER M 117 43.75 -58.48 -12.67
CA SER M 117 42.97 -58.31 -11.45
C SER M 117 42.77 -56.82 -11.19
N VAL M 118 42.25 -56.49 -10.00
CA VAL M 118 42.08 -55.08 -9.63
C VAL M 118 43.44 -54.45 -9.40
N LYS M 119 44.29 -55.13 -8.63
CA LYS M 119 45.61 -54.57 -8.31
C LYS M 119 46.52 -54.56 -9.52
N GLU M 120 46.40 -55.57 -10.40
CA GLU M 120 47.22 -55.61 -11.60
C GLU M 120 46.87 -54.45 -12.53
N LEU M 121 45.58 -54.19 -12.71
CA LEU M 121 45.12 -53.05 -13.49
C LEU M 121 45.57 -51.74 -12.86
N GLU M 122 45.47 -51.63 -11.54
CA GLU M 122 45.88 -50.41 -10.85
C GLU M 122 47.36 -50.13 -11.02
N VAL M 123 48.20 -51.16 -10.85
CA VAL M 123 49.65 -51.00 -11.00
C VAL M 123 50.00 -50.65 -12.45
N GLU M 124 49.39 -51.34 -13.42
CA GLU M 124 49.74 -51.09 -14.82
C GLU M 124 49.28 -49.71 -15.28
N VAL M 125 48.15 -49.22 -14.77
CA VAL M 125 47.72 -47.86 -15.10
C VAL M 125 48.61 -46.84 -14.41
N GLU M 126 49.01 -47.09 -13.16
CA GLU M 126 49.89 -46.19 -12.44
C GLU M 126 51.25 -46.07 -13.12
N ASN M 127 51.75 -47.16 -13.69
CA ASN M 127 53.07 -47.15 -14.30
C ASN M 127 53.09 -46.42 -15.64
N MET M 128 51.96 -46.27 -16.31
CA MET M 128 51.92 -45.46 -17.52
C MET M 128 51.54 -44.01 -17.24
N GLY M 129 51.36 -43.65 -15.96
CA GLY M 129 51.27 -42.26 -15.56
C GLY M 129 50.02 -41.54 -15.96
N GLY M 130 48.94 -42.27 -16.21
CA GLY M 130 47.71 -41.63 -16.63
C GLY M 130 46.52 -42.01 -15.79
N GLN M 131 45.33 -41.63 -16.24
CA GLN M 131 44.11 -42.00 -15.56
C GLN M 131 43.08 -42.44 -16.59
N LEU M 132 42.32 -43.47 -16.25
CA LEU M 132 41.18 -43.89 -17.06
C LEU M 132 39.96 -43.12 -16.61
N ASN M 133 39.04 -42.89 -17.55
CA ASN M 133 37.84 -42.15 -17.25
C ASN M 133 36.72 -42.62 -18.15
N ALA M 134 35.49 -42.33 -17.73
CA ALA M 134 34.32 -42.83 -18.43
C ALA M 134 33.18 -41.85 -18.29
N TYR M 135 32.42 -41.67 -19.37
CA TYR M 135 31.19 -40.90 -19.34
C TYR M 135 30.10 -41.72 -20.02
N THR M 136 28.88 -41.64 -19.50
CA THR M 136 27.73 -42.35 -20.07
C THR M 136 26.58 -41.36 -20.21
N GLY M 137 26.25 -41.00 -21.45
CA GLY M 137 25.17 -40.08 -21.73
C GLY M 137 23.87 -40.80 -22.05
N ARG M 138 22.90 -40.02 -22.53
CA ARG M 138 21.67 -40.62 -23.03
C ARG M 138 21.90 -41.30 -24.37
N GLU M 139 22.80 -40.79 -25.19
CA GLU M 139 23.04 -41.34 -26.52
C GLU M 139 24.50 -41.65 -26.80
N GLN M 140 25.42 -41.27 -25.93
CA GLN M 140 26.84 -41.46 -26.18
C GLN M 140 27.52 -42.01 -24.94
N THR M 141 28.53 -42.82 -25.15
CA THR M 141 29.35 -43.37 -24.08
C THR M 141 30.81 -43.31 -24.52
N CYS M 142 31.69 -42.91 -23.62
CA CYS M 142 33.12 -42.96 -23.90
C CYS M 142 33.86 -43.56 -22.73
N TYR M 143 34.90 -44.34 -23.04
CA TYR M 143 35.91 -44.78 -22.09
C TYR M 143 37.26 -44.40 -22.67
N TYR M 144 38.04 -43.59 -21.95
CA TYR M 144 39.24 -43.02 -22.52
C TYR M 144 40.37 -42.98 -21.49
N ALA M 145 41.58 -42.75 -21.99
CA ALA M 145 42.79 -42.67 -21.17
C ALA M 145 43.59 -41.45 -21.58
N LYS M 146 44.06 -40.69 -20.59
CA LYS M 146 44.95 -39.55 -20.80
C LYS M 146 46.35 -39.98 -20.37
N VAL M 147 47.17 -40.39 -21.33
CA VAL M 147 48.49 -40.89 -21.01
C VAL M 147 49.55 -40.03 -21.66
N MET M 148 50.81 -40.43 -21.52
CA MET M 148 51.90 -39.83 -22.28
C MET M 148 52.09 -40.58 -23.59
N GLY M 149 52.90 -39.99 -24.48
CA GLY M 149 53.04 -40.52 -25.83
C GLY M 149 53.72 -41.86 -25.92
N LYS M 150 54.53 -42.23 -24.92
CA LYS M 150 55.19 -43.52 -24.92
C LYS M 150 54.28 -44.68 -24.54
N ASP M 151 53.08 -44.40 -24.04
CA ASP M 151 52.17 -45.40 -23.52
C ASP M 151 50.89 -45.48 -24.36
N VAL M 152 51.03 -45.41 -25.68
CA VAL M 152 49.87 -45.52 -26.54
C VAL M 152 49.42 -46.96 -26.68
N GLY M 153 50.37 -47.86 -26.96
CA GLY M 153 50.03 -49.27 -27.13
C GLY M 153 49.56 -49.92 -25.85
N LYS M 154 50.17 -49.56 -24.72
CA LYS M 154 49.72 -50.08 -23.43
C LYS M 154 48.31 -49.62 -23.10
N ALA M 155 47.99 -48.37 -23.44
CA ALA M 155 46.64 -47.86 -23.21
C ALA M 155 45.63 -48.54 -24.12
N VAL M 156 46.01 -48.81 -25.37
CA VAL M 156 45.14 -49.54 -26.29
C VAL M 156 44.84 -50.94 -25.74
N ASN M 157 45.90 -51.63 -25.29
CA ASN M 157 45.74 -52.98 -24.75
C ASN M 157 44.88 -52.99 -23.51
N ILE M 158 45.07 -52.03 -22.61
CA ILE M 158 44.29 -51.97 -21.38
C ILE M 158 42.82 -51.67 -21.69
N LEU M 159 42.57 -50.69 -22.56
CA LEU M 159 41.20 -50.32 -22.92
C LEU M 159 40.46 -51.48 -23.57
N SER M 160 41.12 -52.20 -24.48
CA SER M 160 40.52 -53.38 -25.08
C SER M 160 40.31 -54.49 -24.06
N ASP M 161 41.17 -54.57 -23.04
CA ASP M 161 41.03 -55.62 -22.04
C ASP M 161 39.81 -55.41 -21.16
N ILE M 162 39.60 -54.18 -20.67
CA ILE M 162 38.34 -53.89 -19.97
C ILE M 162 37.13 -54.01 -20.89
N LEU M 163 37.24 -53.56 -22.15
CA LEU M 163 36.05 -53.56 -22.99
C LEU M 163 35.63 -54.97 -23.42
N LEU M 164 36.57 -55.89 -23.62
CA LEU M 164 36.23 -57.19 -24.19
C LEU M 164 36.23 -58.34 -23.19
N ASN M 165 37.13 -58.33 -22.20
CA ASN M 165 37.34 -59.49 -21.35
C ASN M 165 37.08 -59.18 -19.88
N SER M 166 35.98 -58.48 -19.59
CA SER M 166 35.69 -58.12 -18.22
C SER M 166 35.10 -59.29 -17.43
N ASN M 167 35.35 -59.29 -16.13
CA ASN M 167 34.84 -60.36 -15.26
C ASN M 167 33.34 -60.24 -15.05
N LEU M 168 32.88 -59.02 -14.75
CA LEU M 168 31.49 -58.73 -14.36
C LEU M 168 31.05 -59.61 -13.19
N ASP M 169 31.88 -59.64 -12.15
CA ASP M 169 31.68 -60.54 -11.03
C ASP M 169 30.45 -60.16 -10.22
N ALA M 170 29.72 -61.17 -9.74
CA ALA M 170 28.50 -60.92 -8.99
C ALA M 170 28.77 -60.31 -7.63
N ARG M 171 29.95 -60.58 -7.07
CA ARG M 171 30.30 -60.00 -5.77
C ARG M 171 30.56 -58.50 -5.90
N ALA M 172 31.20 -58.07 -6.98
CA ALA M 172 31.38 -56.65 -7.22
C ALA M 172 30.06 -55.96 -7.54
N ILE M 173 29.15 -56.65 -8.23
CA ILE M 173 27.82 -56.12 -8.49
C ILE M 173 27.07 -55.90 -7.18
N ASP M 174 27.14 -56.87 -6.27
CA ASP M 174 26.52 -56.68 -4.97
C ASP M 174 27.21 -55.60 -4.15
N LYS M 175 28.53 -55.45 -4.33
CA LYS M 175 29.29 -54.43 -3.61
C LYS M 175 29.03 -53.02 -4.13
N GLU M 176 28.53 -52.87 -5.36
CA GLU M 176 28.15 -51.56 -5.88
C GLU M 176 26.68 -51.25 -5.78
N ARG M 177 25.81 -52.28 -5.75
CA ARG M 177 24.38 -52.07 -5.64
C ARG M 177 24.01 -51.35 -4.35
N ASP M 178 24.57 -51.77 -3.23
CA ASP M 178 24.27 -51.16 -1.94
C ASP M 178 24.73 -49.71 -1.83
N VAL M 179 25.88 -49.37 -2.43
CA VAL M 179 26.34 -47.98 -2.42
C VAL M 179 25.42 -47.10 -3.25
N ILE M 180 25.00 -47.60 -4.43
CA ILE M 180 24.06 -46.84 -5.24
C ILE M 180 22.72 -46.70 -4.54
N LEU M 181 22.28 -47.73 -3.82
CA LEU M 181 21.02 -47.65 -3.09
C LEU M 181 21.09 -46.69 -1.91
N ARG M 182 22.23 -46.61 -1.22
CA ARG M 182 22.39 -45.60 -0.17
C ARG M 182 22.37 -44.19 -0.73
N GLU M 183 23.08 -43.95 -1.85
CA GLU M 183 23.07 -42.59 -2.39
C GLU M 183 21.74 -42.24 -3.03
N MET M 184 20.95 -43.24 -3.42
CA MET M 184 19.58 -42.98 -3.86
C MET M 184 18.65 -42.67 -2.70
N GLU M 185 18.78 -43.39 -1.59
CA GLU M 185 17.95 -43.11 -0.42
C GLU M 185 18.28 -41.75 0.20
N GLU M 186 19.53 -41.31 0.12
CA GLU M 186 19.91 -40.01 0.68
C GLU M 186 19.52 -38.84 -0.20
N VAL M 187 19.08 -39.10 -1.43
CA VAL M 187 18.88 -38.12 -2.50
C VAL M 187 20.18 -37.35 -2.70
N ASN M 188 21.24 -38.07 -3.03
CA ASN M 188 22.56 -37.49 -3.23
C ASN M 188 22.73 -37.17 -4.71
N LYS M 189 22.42 -35.93 -5.07
CA LYS M 189 22.38 -35.52 -6.47
C LYS M 189 22.70 -34.02 -6.55
N GLN M 190 23.28 -33.61 -7.66
CA GLN M 190 23.42 -32.18 -7.94
C GLN M 190 22.04 -31.58 -8.23
N THR M 191 21.89 -30.30 -7.90
CA THR M 191 20.61 -29.63 -8.12
C THR M 191 20.34 -29.43 -9.61
N SER M 192 21.37 -29.06 -10.37
CA SER M 192 21.21 -28.84 -11.80
C SER M 192 20.89 -30.14 -12.53
N GLU M 193 21.54 -31.23 -12.13
CA GLU M 193 21.25 -32.52 -12.73
C GLU M 193 19.84 -32.99 -12.39
N LEU M 194 19.38 -32.68 -11.17
CA LEU M 194 18.02 -32.99 -10.76
C LEU M 194 17.00 -32.24 -11.63
N VAL M 195 17.24 -30.95 -11.85
CA VAL M 195 16.34 -30.14 -12.66
C VAL M 195 16.35 -30.60 -14.11
N PHE M 196 17.53 -30.90 -14.66
CA PHE M 196 17.61 -31.33 -16.05
C PHE M 196 17.02 -32.71 -16.27
N ASP M 197 17.11 -33.60 -15.27
CA ASP M 197 16.46 -34.90 -15.40
C ASP M 197 14.94 -34.76 -15.36
N HIS M 198 14.42 -33.88 -14.50
CA HIS M 198 12.99 -33.58 -14.52
C HIS M 198 12.57 -32.97 -15.85
N LEU M 199 13.42 -32.10 -16.42
CA LEU M 199 13.12 -31.45 -17.70
C LEU M 199 13.08 -32.46 -18.84
N HIS M 200 14.04 -33.37 -18.89
CA HIS M 200 14.02 -34.42 -19.92
C HIS M 200 12.84 -35.36 -19.73
N ALA M 201 12.45 -35.61 -18.47
CA ALA M 201 11.34 -36.52 -18.22
C ALA M 201 10.01 -35.91 -18.63
N THR M 202 9.83 -34.60 -18.44
CA THR M 202 8.55 -34.00 -18.79
C THR M 202 8.49 -33.49 -20.22
N ALA M 203 9.62 -33.15 -20.84
CA ALA M 203 9.59 -32.73 -22.24
C ALA M 203 9.54 -33.89 -23.20
N PHE M 204 10.05 -35.05 -22.82
CA PHE M 204 10.11 -36.20 -23.69
C PHE M 204 9.30 -37.34 -23.09
N GLN M 205 8.08 -37.05 -22.64
CA GLN M 205 7.17 -38.07 -22.14
C GLN M 205 6.93 -39.14 -23.20
N TYR M 206 6.92 -40.40 -22.77
CA TYR M 206 6.56 -41.55 -23.58
C TYR M 206 7.47 -41.70 -24.81
N SER M 207 8.73 -41.36 -24.65
CA SER M 207 9.77 -41.55 -25.65
C SER M 207 11.02 -42.00 -24.91
N PRO M 208 11.98 -42.63 -25.59
CA PRO M 208 13.18 -43.12 -24.90
C PRO M 208 14.05 -42.04 -24.27
N LEU M 209 13.99 -40.79 -24.74
CA LEU M 209 14.85 -39.75 -24.20
C LEU M 209 14.36 -39.20 -22.86
N GLY M 210 13.19 -39.62 -22.39
CA GLY M 210 12.67 -39.19 -21.11
C GLY M 210 13.17 -39.98 -19.92
N ARG M 211 13.91 -41.06 -20.14
CA ARG M 211 14.48 -41.84 -19.05
C ARG M 211 15.76 -41.20 -18.54
N THR M 212 16.03 -41.38 -17.25
CA THR M 212 17.28 -40.93 -16.67
C THR M 212 18.39 -41.95 -16.96
N ILE M 213 19.63 -41.45 -16.94
CA ILE M 213 20.78 -42.33 -17.13
C ILE M 213 20.94 -43.27 -15.93
N LEU M 214 20.63 -42.77 -14.74
CA LEU M 214 20.82 -43.55 -13.52
C LEU M 214 19.84 -44.72 -13.45
N GLY M 215 18.59 -44.50 -13.84
CA GLY M 215 17.60 -45.54 -13.77
C GLY M 215 16.84 -45.51 -12.45
N PRO M 216 15.74 -46.24 -12.38
CA PRO M 216 14.93 -46.25 -11.16
C PRO M 216 15.56 -47.12 -10.08
N VAL M 217 14.94 -47.09 -8.90
CA VAL M 217 15.48 -47.82 -7.75
C VAL M 217 15.27 -49.33 -7.92
N GLU M 218 14.19 -49.75 -8.58
CA GLU M 218 13.86 -51.16 -8.65
C GLU M 218 14.81 -51.92 -9.57
N ASN M 219 15.22 -51.29 -10.66
CA ASN M 219 16.17 -51.92 -11.58
C ASN M 219 17.54 -52.11 -10.92
N ILE M 220 17.94 -51.18 -10.07
CA ILE M 220 19.18 -51.34 -9.31
C ILE M 220 19.01 -52.43 -8.27
N LYS M 221 17.85 -52.47 -7.61
CA LYS M 221 17.57 -53.51 -6.62
C LYS M 221 17.45 -54.90 -7.23
N SER M 222 17.26 -55.01 -8.54
CA SER M 222 17.17 -56.30 -9.21
C SER M 222 18.08 -56.36 -10.45
N ILE M 223 19.32 -55.93 -10.29
CA ILE M 223 20.29 -56.00 -11.38
C ILE M 223 21.14 -57.25 -11.20
N ASN M 224 21.72 -57.73 -12.30
CA ASN M 224 22.55 -58.92 -12.26
C ASN M 224 23.50 -58.91 -13.45
N ARG M 225 24.31 -59.96 -13.54
CA ARG M 225 25.37 -60.03 -14.53
C ARG M 225 24.83 -60.30 -15.94
N ASP M 226 23.69 -60.99 -16.02
CA ASP M 226 23.11 -61.37 -17.30
C ASP M 226 22.68 -60.15 -18.11
N GLN M 227 22.05 -59.17 -17.46
CA GLN M 227 21.62 -57.96 -18.17
C GLN M 227 22.80 -57.17 -18.69
N LEU M 228 23.89 -57.09 -17.91
CA LEU M 228 25.09 -56.40 -18.36
C LEU M 228 25.71 -57.08 -19.56
N VAL M 229 25.76 -58.42 -19.54
CA VAL M 229 26.29 -59.18 -20.68
C VAL M 229 25.43 -58.95 -21.91
N GLU M 230 24.11 -58.99 -21.76
CA GLU M 230 23.21 -58.83 -22.90
C GLU M 230 23.29 -57.43 -23.49
N TYR M 231 23.38 -56.39 -22.64
CA TYR M 231 23.52 -55.03 -23.13
C TYR M 231 24.80 -54.84 -23.91
N MET M 232 25.93 -55.33 -23.36
CA MET M 232 27.20 -55.19 -24.06
C MET M 232 27.23 -56.01 -25.34
N LYS M 233 26.56 -57.15 -25.36
CA LYS M 233 26.54 -57.97 -26.57
C LYS M 233 25.69 -57.33 -27.65
N THR M 234 24.57 -56.72 -27.26
CA THR M 234 23.68 -56.12 -28.25
C THR M 234 24.25 -54.83 -28.82
N HIS M 235 24.79 -53.95 -27.98
CA HIS M 235 25.02 -52.58 -28.43
C HIS M 235 26.48 -52.25 -28.75
N TYR M 236 27.44 -52.97 -28.18
CA TYR M 236 28.85 -52.61 -28.34
C TYR M 236 29.39 -53.35 -29.56
N ARG M 237 29.06 -52.84 -30.74
CA ARG M 237 29.41 -53.50 -32.00
C ARG M 237 30.22 -52.55 -32.88
N GLY M 238 30.72 -53.11 -33.98
CA GLY M 238 31.66 -52.47 -34.86
C GLY M 238 31.25 -51.13 -35.49
N PRO M 239 30.09 -51.07 -36.16
CA PRO M 239 29.68 -49.79 -36.77
C PRO M 239 29.26 -48.71 -35.79
N ARG M 240 29.20 -49.00 -34.49
CA ARG M 240 28.80 -48.02 -33.50
C ARG M 240 29.95 -47.54 -32.63
N MET M 241 31.19 -47.89 -32.96
CA MET M 241 32.34 -47.67 -32.09
C MET M 241 33.44 -46.95 -32.84
N VAL M 242 33.97 -45.88 -32.25
CA VAL M 242 35.07 -45.11 -32.81
C VAL M 242 36.23 -45.12 -31.81
N LEU M 243 37.41 -45.48 -32.28
CA LEU M 243 38.64 -45.36 -31.51
C LEU M 243 39.33 -44.06 -31.92
N ALA M 244 39.23 -43.03 -31.08
CA ALA M 244 39.70 -41.70 -31.41
C ALA M 244 40.89 -41.35 -30.53
N ALA M 245 41.99 -40.94 -31.15
CA ALA M 245 43.20 -40.58 -30.44
C ALA M 245 43.73 -39.25 -30.95
N ALA M 246 44.16 -38.39 -30.02
CA ALA M 246 44.70 -37.08 -30.36
C ALA M 246 45.95 -36.82 -29.54
N GLY M 247 46.80 -35.95 -30.06
CA GLY M 247 48.04 -35.62 -29.38
C GLY M 247 49.25 -36.16 -30.11
N ALA M 248 50.03 -36.98 -29.43
CA ALA M 248 51.23 -37.59 -30.01
C ALA M 248 50.89 -39.05 -30.34
N VAL M 249 50.57 -39.31 -31.60
CA VAL M 249 50.11 -40.63 -32.02
C VAL M 249 50.34 -40.75 -33.52
N ASN M 250 50.80 -41.92 -33.95
CA ASN M 250 50.94 -42.25 -35.35
C ASN M 250 49.70 -43.00 -35.82
N HIS M 251 49.26 -42.71 -37.04
CA HIS M 251 48.00 -43.29 -37.51
C HIS M 251 48.17 -44.77 -37.87
N ASP M 252 49.25 -45.13 -38.56
CA ASP M 252 49.44 -46.51 -38.99
C ASP M 252 49.65 -47.46 -37.81
N GLU M 253 50.40 -47.01 -36.82
CA GLU M 253 50.63 -47.84 -35.64
C GLU M 253 49.35 -48.04 -34.84
N LEU M 254 48.52 -47.00 -34.75
CA LEU M 254 47.23 -47.16 -34.08
C LEU M 254 46.29 -48.06 -34.89
N VAL M 255 46.40 -48.02 -36.22
CA VAL M 255 45.62 -48.95 -37.05
C VAL M 255 46.03 -50.39 -36.78
N LYS M 256 47.34 -50.65 -36.72
CA LYS M 256 47.83 -52.00 -36.43
C LYS M 256 47.43 -52.47 -35.04
N LEU M 257 47.54 -51.58 -34.05
CA LEU M 257 47.21 -51.95 -32.68
C LEU M 257 45.70 -52.18 -32.52
N ALA M 258 44.88 -51.38 -33.20
CA ALA M 258 43.44 -51.57 -33.14
C ALA M 258 43.01 -52.83 -33.87
N SER M 259 43.68 -53.17 -34.98
CA SER M 259 43.33 -54.41 -35.67
C SER M 259 43.74 -55.63 -34.85
N ASP M 260 44.86 -55.54 -34.11
CA ASP M 260 45.22 -56.63 -33.21
C ASP M 260 44.24 -56.75 -32.05
N ALA M 261 43.86 -55.62 -31.44
CA ALA M 261 43.10 -55.66 -30.19
C ALA M 261 41.60 -55.68 -30.42
N PHE M 262 41.07 -54.63 -31.06
CA PHE M 262 39.65 -54.47 -31.28
C PHE M 262 39.16 -55.13 -32.56
N GLY M 263 39.92 -56.06 -33.13
CA GLY M 263 39.48 -56.72 -34.35
C GLY M 263 38.42 -57.78 -34.16
N SER M 264 38.13 -58.19 -32.93
CA SER M 264 37.24 -59.30 -32.65
C SER M 264 35.84 -58.87 -32.23
N VAL M 265 35.53 -57.58 -32.31
CA VAL M 265 34.19 -57.10 -31.95
C VAL M 265 33.19 -57.60 -32.99
N PRO M 266 31.99 -58.00 -32.60
CA PRO M 266 31.00 -58.41 -33.60
C PRO M 266 30.56 -57.27 -34.51
N ASP M 267 30.26 -57.62 -35.75
CA ASP M 267 29.65 -56.69 -36.69
C ASP M 267 28.18 -56.49 -36.34
N GLU M 268 27.50 -55.63 -37.07
CA GLU M 268 26.11 -55.31 -36.78
C GLU M 268 25.21 -55.84 -37.87
N ASP M 269 24.07 -56.39 -37.47
CA ASP M 269 23.01 -56.71 -38.40
C ASP M 269 22.43 -55.44 -39.00
N ALA M 270 21.98 -55.52 -40.25
CA ALA M 270 21.37 -54.36 -40.88
C ALA M 270 20.02 -54.02 -40.25
N ALA M 271 19.31 -55.03 -39.74
CA ALA M 271 18.00 -54.81 -39.14
C ALA M 271 18.07 -54.21 -37.75
N THR M 272 19.23 -54.24 -37.10
CA THR M 272 19.38 -53.73 -35.74
C THR M 272 20.38 -52.58 -35.68
N SER M 273 20.42 -51.73 -36.71
CA SER M 273 21.33 -50.61 -36.73
C SER M 273 20.80 -49.47 -35.84
N VAL M 274 21.58 -48.40 -35.75
CA VAL M 274 21.17 -47.25 -34.94
C VAL M 274 19.98 -46.53 -35.57
N ARG M 275 19.95 -46.44 -36.91
CA ARG M 275 18.88 -45.74 -37.60
C ARG M 275 17.56 -46.48 -37.49
N SER M 276 17.60 -47.81 -37.53
CA SER M 276 16.38 -48.60 -37.37
C SER M 276 15.81 -48.46 -35.98
N LEU M 277 16.68 -48.38 -34.97
CA LEU M 277 16.21 -48.16 -33.60
C LEU M 277 15.67 -46.76 -33.42
N LEU M 278 16.25 -45.77 -34.10
CA LEU M 278 15.74 -44.41 -34.04
C LEU M 278 14.37 -44.31 -34.69
N VAL M 279 14.18 -44.99 -35.83
CA VAL M 279 12.89 -45.00 -36.51
C VAL M 279 11.85 -45.74 -35.67
N LYS M 280 12.25 -46.84 -35.04
CA LYS M 280 11.30 -47.69 -34.32
C LYS M 280 10.74 -47.01 -33.08
N GLU M 281 11.57 -46.28 -32.34
CA GLU M 281 11.14 -45.55 -31.14
C GLU M 281 11.55 -44.09 -31.26
N PRO M 282 10.70 -43.25 -31.85
CA PRO M 282 11.09 -41.86 -32.09
C PRO M 282 10.84 -40.97 -30.88
N SER M 283 11.48 -39.80 -30.91
CA SER M 283 11.33 -38.83 -29.85
C SER M 283 10.05 -38.02 -30.04
N ARG M 284 9.42 -37.65 -28.93
CA ARG M 284 8.21 -36.84 -28.94
C ARG M 284 8.36 -35.72 -27.93
N PHE M 285 8.01 -34.50 -28.32
CA PHE M 285 8.09 -33.33 -27.45
C PHE M 285 6.68 -32.94 -27.02
N THR M 286 6.49 -32.75 -25.72
CA THR M 286 5.20 -32.37 -25.16
C THR M 286 5.38 -31.14 -24.29
N GLY M 287 4.55 -30.12 -24.52
CA GLY M 287 4.61 -28.91 -23.73
C GLY M 287 4.01 -29.15 -22.36
N SER M 288 4.81 -28.97 -21.32
CA SER M 288 4.41 -29.43 -20.00
C SER M 288 5.19 -28.67 -18.93
N TYR M 289 4.89 -28.98 -17.68
CA TYR M 289 5.35 -28.24 -16.52
C TYR M 289 5.54 -29.21 -15.36
N VAL M 290 6.65 -29.07 -14.64
CA VAL M 290 6.86 -29.84 -13.43
C VAL M 290 7.61 -28.97 -12.41
N HIS M 291 7.22 -29.07 -11.14
CA HIS M 291 8.09 -28.56 -10.08
C HIS M 291 8.21 -29.57 -8.95
N ASP M 292 9.38 -29.56 -8.34
CA ASP M 292 9.76 -30.43 -7.24
C ASP M 292 9.88 -29.57 -5.99
N ARG M 293 8.84 -29.51 -5.18
CA ARG M 293 8.77 -28.60 -4.05
C ARG M 293 9.35 -29.23 -2.80
N PHE M 294 10.14 -28.44 -2.05
CA PHE M 294 10.69 -28.87 -0.78
C PHE M 294 10.27 -27.93 0.33
N PRO M 295 10.01 -28.44 1.53
CA PRO M 295 9.40 -27.58 2.57
C PRO M 295 10.34 -26.57 3.20
N ASP M 296 11.64 -26.84 3.26
CA ASP M 296 12.56 -25.91 3.92
C ASP M 296 13.84 -25.79 3.08
N ALA M 297 13.68 -25.49 1.81
CA ALA M 297 14.85 -25.27 0.97
C ALA M 297 15.17 -23.78 0.88
N SER M 298 16.36 -23.48 0.40
CA SER M 298 16.82 -22.10 0.27
C SER M 298 16.85 -21.63 -1.18
N GLU M 299 17.45 -22.40 -2.08
CA GLU M 299 17.54 -21.99 -3.47
C GLU M 299 16.26 -22.31 -4.23
N CYS M 300 16.19 -21.80 -5.46
CA CYS M 300 15.10 -22.08 -6.38
C CYS M 300 15.72 -22.21 -7.77
N CYS M 301 16.03 -23.44 -8.17
CA CYS M 301 16.58 -23.69 -9.49
C CYS M 301 15.46 -23.92 -10.48
N MET M 302 15.64 -23.41 -11.69
CA MET M 302 14.59 -23.52 -12.71
C MET M 302 15.22 -23.51 -14.09
N ALA M 303 14.61 -24.27 -15.00
CA ALA M 303 15.01 -24.30 -16.39
C ALA M 303 13.78 -24.21 -17.27
N VAL M 304 13.87 -23.40 -18.33
CA VAL M 304 12.85 -23.31 -19.36
C VAL M 304 13.50 -23.64 -20.68
N ALA M 305 12.94 -24.60 -21.40
CA ALA M 305 13.50 -25.01 -22.68
C ALA M 305 12.40 -25.08 -23.73
N PHE M 306 12.81 -24.84 -24.97
CA PHE M 306 11.96 -25.05 -26.14
C PHE M 306 12.48 -26.26 -26.90
N LYS M 307 11.62 -26.82 -27.74
CA LYS M 307 12.06 -27.89 -28.64
C LYS M 307 13.05 -27.34 -29.65
N GLY M 308 14.28 -27.83 -29.59
CA GLY M 308 15.36 -27.35 -30.42
C GLY M 308 15.59 -28.19 -31.65
N ALA M 309 16.82 -28.20 -32.11
CA ALA M 309 17.19 -28.86 -33.34
C ALA M 309 17.97 -30.13 -33.06
N SER M 310 17.87 -31.09 -33.98
CA SER M 310 18.69 -32.27 -33.94
C SER M 310 20.13 -31.91 -34.34
N TRP M 311 21.01 -32.90 -34.27
CA TRP M 311 22.41 -32.67 -34.64
C TRP M 311 22.55 -32.39 -36.13
N THR M 312 21.74 -33.02 -36.97
CA THR M 312 21.89 -32.91 -38.41
C THR M 312 21.10 -31.77 -39.04
N ASP M 313 20.31 -31.05 -38.25
CA ASP M 313 19.59 -29.90 -38.75
C ASP M 313 20.58 -28.78 -39.10
N PRO M 314 20.49 -28.17 -40.28
CA PRO M 314 21.35 -27.01 -40.58
C PRO M 314 21.05 -25.78 -39.76
N ASP M 315 19.93 -25.74 -39.03
CA ASP M 315 19.62 -24.65 -38.11
C ASP M 315 20.33 -24.79 -36.78
N SER M 316 21.17 -25.81 -36.61
CA SER M 316 21.88 -25.98 -35.35
C SER M 316 23.02 -24.99 -35.18
N ILE M 317 23.64 -24.54 -36.28
CA ILE M 317 24.65 -23.48 -36.18
C ILE M 317 24.06 -22.14 -35.75
N PRO M 318 22.94 -21.64 -36.31
CA PRO M 318 22.33 -20.44 -35.70
C PRO M 318 21.89 -20.60 -34.26
N LEU M 319 21.50 -21.81 -33.84
CA LEU M 319 21.17 -22.01 -32.44
C LEU M 319 22.41 -21.93 -31.56
N MET M 320 23.57 -22.36 -32.07
CA MET M 320 24.83 -22.14 -31.37
C MET M 320 25.14 -20.65 -31.22
N VAL M 321 24.92 -19.88 -32.29
CA VAL M 321 25.15 -18.44 -32.24
C VAL M 321 24.19 -17.76 -31.27
N MET M 322 22.93 -18.19 -31.25
CA MET M 322 21.95 -17.61 -30.34
C MET M 322 22.26 -17.95 -28.89
N GLN M 323 22.76 -19.16 -28.64
CA GLN M 323 23.17 -19.53 -27.29
C GLN M 323 24.36 -18.69 -26.83
N THR M 324 25.30 -18.40 -27.74
CA THR M 324 26.37 -17.46 -27.40
C THR M 324 25.83 -16.06 -27.13
N MET M 325 24.80 -15.64 -27.88
CA MET M 325 24.19 -14.33 -27.67
C MET M 325 23.53 -14.22 -26.31
N LEU M 326 22.90 -15.30 -25.84
CA LEU M 326 22.31 -15.27 -24.51
C LEU M 326 23.38 -15.38 -23.43
N GLY M 327 24.41 -16.21 -23.63
CA GLY M 327 25.54 -16.28 -22.72
C GLY M 327 25.24 -16.93 -21.38
N GLY M 328 26.03 -16.52 -20.39
CA GLY M 328 25.87 -17.02 -19.03
C GLY M 328 26.65 -16.18 -18.05
N TRP M 329 26.30 -16.29 -16.78
CA TRP M 329 26.85 -15.42 -15.76
C TRP M 329 26.69 -16.05 -14.38
N ASP M 330 27.68 -15.85 -13.53
CA ASP M 330 27.59 -16.19 -12.11
C ASP M 330 28.13 -15.04 -11.28
N LYS M 331 27.65 -14.94 -10.04
CA LYS M 331 27.86 -13.74 -9.24
C LYS M 331 29.26 -13.62 -8.63
N ASN M 332 30.19 -14.52 -8.95
CA ASN M 332 31.56 -14.27 -8.54
C ASN M 332 32.28 -13.29 -9.46
N SER M 333 31.71 -12.99 -10.62
CA SER M 333 32.23 -11.97 -11.52
C SER M 333 31.65 -10.62 -11.15
N THR M 334 32.44 -9.57 -11.36
CA THR M 334 32.03 -8.22 -11.05
C THR M 334 31.91 -7.32 -12.27
N VAL M 335 32.09 -7.86 -13.48
CA VAL M 335 31.99 -7.07 -14.70
C VAL M 335 30.73 -7.47 -15.45
N GLY M 336 29.74 -7.99 -14.73
CA GLY M 336 28.51 -8.44 -15.36
C GLY M 336 27.64 -7.32 -15.87
N LYS M 337 27.78 -6.11 -15.32
CA LYS M 337 27.01 -4.97 -15.78
C LYS M 337 27.56 -4.37 -17.06
N HIS M 338 28.78 -4.72 -17.46
CA HIS M 338 29.37 -4.28 -18.71
C HIS M 338 29.36 -5.37 -19.76
N SER M 339 28.46 -6.34 -19.62
CA SER M 339 28.39 -7.45 -20.55
C SER M 339 27.81 -7.01 -21.89
N SER M 340 28.18 -7.73 -22.94
CA SER M 340 27.57 -7.51 -24.24
C SER M 340 26.15 -8.05 -24.29
N SER M 341 25.88 -9.16 -23.61
CA SER M 341 24.56 -9.77 -23.62
C SER M 341 23.58 -8.99 -22.77
N ALA M 342 22.39 -8.75 -23.33
CA ALA M 342 21.38 -7.98 -22.63
C ALA M 342 20.73 -8.76 -21.49
N LEU M 343 20.63 -10.09 -21.61
CA LEU M 343 20.10 -10.90 -20.52
C LEU M 343 21.07 -10.92 -19.34
N VAL M 344 22.37 -11.08 -19.63
CA VAL M 344 23.39 -11.03 -18.59
C VAL M 344 23.40 -9.66 -17.93
N GLN M 345 23.24 -8.59 -18.72
CA GLN M 345 23.16 -7.24 -18.18
C GLN M 345 21.97 -7.07 -17.24
N THR M 346 20.80 -7.56 -17.66
CA THR M 346 19.60 -7.42 -16.85
C THR M 346 19.70 -8.19 -15.54
N VAL M 347 20.16 -9.43 -15.61
CA VAL M 347 20.25 -10.27 -14.42
C VAL M 347 21.34 -9.76 -13.48
N ALA M 348 22.48 -9.31 -14.02
CA ALA M 348 23.56 -8.82 -13.17
C ALA M 348 23.22 -7.47 -12.54
N THR M 349 22.56 -6.59 -13.29
CA THR M 349 22.23 -5.27 -12.76
C THR M 349 21.12 -5.36 -11.72
N GLU M 350 20.04 -6.08 -12.03
CA GLU M 350 18.95 -6.12 -11.07
C GLU M 350 19.11 -7.20 -10.01
N GLY M 351 20.14 -8.04 -10.11
CA GLY M 351 20.35 -9.11 -9.15
C GLY M 351 19.26 -10.16 -9.15
N LEU M 352 18.86 -10.63 -10.32
CA LEU M 352 17.73 -11.55 -10.42
C LEU M 352 18.10 -12.98 -10.09
N ALA M 353 19.36 -13.37 -10.28
CA ALA M 353 19.78 -14.74 -10.07
C ALA M 353 21.21 -14.76 -9.55
N ASP M 354 21.54 -15.82 -8.82
CA ASP M 354 22.92 -16.01 -8.38
C ASP M 354 23.79 -16.52 -9.51
N ALA M 355 23.23 -17.36 -10.37
CA ALA M 355 23.93 -17.87 -11.54
C ALA M 355 22.89 -18.30 -12.56
N PHE M 356 23.25 -18.21 -13.83
CA PHE M 356 22.43 -18.75 -14.89
C PHE M 356 23.30 -19.08 -16.09
N MET M 357 22.73 -19.85 -17.01
CA MET M 357 23.42 -20.26 -18.23
C MET M 357 22.38 -20.62 -19.28
N ALA M 358 22.67 -20.29 -20.53
CA ALA M 358 21.86 -20.73 -21.66
C ALA M 358 22.46 -22.00 -22.25
N PHE M 359 21.59 -22.98 -22.54
CA PHE M 359 22.04 -24.27 -23.03
C PHE M 359 21.43 -24.57 -24.39
N ASN M 360 22.14 -25.40 -25.16
CA ASN M 360 21.71 -25.84 -26.49
C ASN M 360 22.07 -27.32 -26.61
N THR M 361 21.11 -28.18 -26.28
CA THR M 361 21.33 -29.62 -26.28
C THR M 361 20.83 -30.20 -27.60
N ASN M 362 21.66 -31.01 -28.24
CA ASN M 362 21.31 -31.63 -29.52
C ASN M 362 21.32 -33.14 -29.41
N TYR M 363 20.28 -33.78 -29.94
CA TYR M 363 20.21 -35.24 -29.98
C TYR M 363 20.12 -35.73 -31.43
N HIS M 364 19.92 -37.05 -31.62
CA HIS M 364 19.91 -37.62 -32.96
C HIS M 364 18.71 -37.15 -33.77
N ASP M 365 17.56 -36.96 -33.13
CA ASP M 365 16.36 -36.60 -33.87
C ASP M 365 15.57 -35.46 -33.22
N THR M 366 16.09 -34.83 -32.18
CA THR M 366 15.45 -33.68 -31.55
C THR M 366 16.52 -32.90 -30.80
N GLY M 367 16.08 -31.89 -30.04
CA GLY M 367 17.03 -31.10 -29.27
C GLY M 367 16.31 -30.26 -28.23
N LEU M 368 17.11 -29.50 -27.48
CA LEU M 368 16.60 -28.63 -26.43
C LEU M 368 17.38 -27.33 -26.42
N PHE M 369 16.67 -26.20 -26.34
CA PHE M 369 17.28 -24.88 -26.32
C PHE M 369 16.60 -24.05 -25.25
N GLY M 370 17.38 -23.45 -24.36
CA GLY M 370 16.79 -22.66 -23.30
C GLY M 370 17.81 -22.15 -22.30
N VAL M 371 17.31 -21.72 -21.15
CA VAL M 371 18.11 -21.06 -20.10
C VAL M 371 17.85 -21.76 -18.78
N TYR M 372 18.91 -22.09 -18.05
CA TYR M 372 18.82 -22.63 -16.70
C TYR M 372 19.43 -21.63 -15.71
N GLY M 373 18.78 -21.45 -14.55
CA GLY M 373 19.28 -20.51 -13.57
C GLY M 373 18.96 -20.89 -12.14
N VAL M 374 19.69 -20.27 -11.22
CA VAL M 374 19.51 -20.47 -9.78
C VAL M 374 19.16 -19.14 -9.15
N THR M 375 18.06 -19.11 -8.41
CA THR M 375 17.60 -17.90 -7.73
C THR M 375 16.98 -18.32 -6.40
N ASP M 376 16.23 -17.43 -5.78
CA ASP M 376 15.42 -17.77 -4.62
C ASP M 376 13.97 -17.41 -4.90
N ARG M 377 13.11 -17.62 -3.92
CA ARG M 377 11.67 -17.55 -4.16
C ARG M 377 11.16 -16.13 -4.35
N ASP M 378 11.92 -15.12 -3.92
CA ASP M 378 11.45 -13.74 -4.10
C ASP M 378 11.86 -13.14 -5.42
N ARG M 379 12.83 -13.74 -6.13
CA ARG M 379 13.28 -13.25 -7.41
C ARG M 379 12.99 -14.22 -8.55
N SER M 380 12.17 -15.24 -8.30
CA SER M 380 11.96 -16.28 -9.31
C SER M 380 11.06 -15.80 -10.45
N GLU M 381 10.01 -15.04 -10.13
CA GLU M 381 9.11 -14.56 -11.18
C GLU M 381 9.80 -13.53 -12.08
N ASP M 382 10.59 -12.63 -11.50
CA ASP M 382 11.26 -11.62 -12.30
C ASP M 382 12.35 -12.22 -13.18
N PHE M 383 13.04 -13.25 -12.67
CA PHE M 383 13.99 -13.99 -13.49
C PHE M 383 13.29 -14.73 -14.62
N ALA M 384 12.11 -15.32 -14.34
CA ALA M 384 11.33 -15.99 -15.37
C ALA M 384 10.89 -15.00 -16.45
N TYR M 385 10.47 -13.81 -16.04
CA TYR M 385 10.07 -12.79 -17.00
C TYR M 385 11.24 -12.33 -17.84
N ALA M 386 12.43 -12.19 -17.22
CA ALA M 386 13.61 -11.79 -17.98
C ALA M 386 13.99 -12.84 -19.02
N ILE M 387 13.90 -14.12 -18.65
CA ILE M 387 14.18 -15.20 -19.59
C ILE M 387 13.20 -15.17 -20.76
N MET M 388 11.90 -15.10 -20.46
CA MET M 388 10.89 -15.15 -21.51
C MET M 388 10.96 -13.92 -22.41
N SER M 389 11.21 -12.75 -21.82
CA SER M 389 11.25 -11.52 -22.60
C SER M 389 12.50 -11.45 -23.47
N ASN M 390 13.63 -11.99 -23.00
CA ASN M 390 14.80 -12.01 -23.86
C ASN M 390 14.75 -13.10 -24.91
N LEU M 391 14.02 -14.20 -24.69
CA LEU M 391 13.89 -15.20 -25.73
C LEU M 391 12.99 -14.72 -26.86
N THR M 392 11.85 -14.12 -26.54
CA THR M 392 10.92 -13.63 -27.56
C THR M 392 11.45 -12.41 -28.29
N ARG M 393 12.36 -11.65 -27.67
CA ARG M 393 12.89 -10.45 -28.30
C ARG M 393 13.76 -10.77 -29.50
N MET M 394 14.34 -11.98 -29.56
CA MET M 394 15.22 -12.33 -30.67
C MET M 394 14.46 -12.57 -31.97
N CYS M 395 13.14 -12.77 -31.90
CA CYS M 395 12.37 -12.91 -33.12
C CYS M 395 12.19 -11.59 -33.83
N PHE M 396 12.09 -10.48 -33.08
CA PHE M 396 11.79 -9.18 -33.65
C PHE M 396 13.02 -8.33 -33.89
N GLU M 397 13.74 -7.96 -32.84
CA GLU M 397 14.85 -7.02 -32.95
C GLU M 397 16.17 -7.73 -32.64
N VAL M 398 17.01 -7.85 -33.66
CA VAL M 398 18.37 -8.35 -33.52
C VAL M 398 19.29 -7.40 -34.25
N ARG M 399 20.25 -6.83 -33.54
CA ARG M 399 21.18 -5.91 -34.18
C ARG M 399 22.43 -6.66 -34.65
N ASP M 400 23.12 -6.06 -35.61
CA ASP M 400 24.22 -6.75 -36.30
C ASP M 400 25.46 -6.85 -35.42
N ALA M 401 25.65 -5.90 -34.50
CA ALA M 401 26.82 -5.91 -33.63
C ALA M 401 26.81 -7.11 -32.70
N ASP M 402 25.63 -7.47 -32.18
CA ASP M 402 25.52 -8.63 -31.32
C ASP M 402 25.84 -9.92 -32.06
N VAL M 403 25.39 -10.03 -33.31
CA VAL M 403 25.64 -11.22 -34.11
C VAL M 403 27.12 -11.35 -34.44
N ALA M 404 27.77 -10.24 -34.81
CA ALA M 404 29.20 -10.26 -35.08
C ALA M 404 30.00 -10.63 -33.84
N ARG M 405 29.62 -10.07 -32.68
CA ARG M 405 30.26 -10.39 -31.41
C ARG M 405 30.11 -11.87 -31.07
N ALA M 406 28.91 -12.41 -31.24
CA ALA M 406 28.67 -13.81 -30.89
C ALA M 406 29.38 -14.76 -31.85
N LYS M 407 29.46 -14.39 -33.13
CA LYS M 407 30.22 -15.21 -34.07
C LYS M 407 31.69 -15.24 -33.72
N ASN M 408 32.26 -14.09 -33.35
CA ASN M 408 33.67 -14.05 -32.94
C ASN M 408 33.89 -14.85 -31.66
N GLN M 409 32.98 -14.74 -30.69
CA GLN M 409 33.12 -15.49 -29.44
C GLN M 409 32.99 -16.99 -29.67
N LEU M 410 32.09 -17.41 -30.56
CA LEU M 410 31.91 -18.83 -30.83
C LEU M 410 33.11 -19.41 -31.57
N LYS M 411 33.66 -18.66 -32.53
CA LYS M 411 34.86 -19.12 -33.21
C LYS M 411 36.07 -19.17 -32.27
N ALA M 412 36.17 -18.21 -31.35
CA ALA M 412 37.25 -18.23 -30.37
C ALA M 412 37.09 -19.41 -29.40
N SER M 413 35.85 -19.71 -29.02
CA SER M 413 35.59 -20.87 -28.17
C SER M 413 35.94 -22.17 -28.88
N LEU M 414 35.69 -22.25 -30.19
CA LEU M 414 36.09 -23.42 -30.95
C LEU M 414 37.61 -23.53 -31.05
N MET M 415 38.32 -22.40 -31.09
CA MET M 415 39.78 -22.47 -31.12
C MET M 415 40.37 -22.86 -29.77
N PHE M 416 39.66 -22.57 -28.68
CA PHE M 416 40.15 -22.96 -27.36
C PHE M 416 40.08 -24.47 -27.15
N PHE M 417 39.10 -25.13 -27.77
CA PHE M 417 39.00 -26.59 -27.67
C PHE M 417 40.12 -27.28 -28.43
N GLN M 418 40.68 -26.63 -29.45
CA GLN M 418 41.81 -27.18 -30.18
C GLN M 418 43.08 -27.20 -29.35
N ASP M 419 43.12 -26.45 -28.25
CA ASP M 419 44.33 -26.39 -27.44
C ASP M 419 44.52 -27.63 -26.57
N SER M 420 43.45 -28.28 -26.14
CA SER M 420 43.54 -29.46 -25.30
C SER M 420 43.25 -30.71 -26.13
N THR M 421 44.17 -31.69 -26.06
CA THR M 421 44.03 -32.92 -26.84
C THR M 421 42.84 -33.75 -26.39
N HIS M 422 42.42 -33.60 -25.13
CA HIS M 422 41.23 -34.28 -24.67
C HIS M 422 39.99 -33.80 -25.42
N HIS M 423 39.87 -32.49 -25.62
CA HIS M 423 38.74 -31.96 -26.36
C HIS M 423 38.83 -32.29 -27.84
N VAL M 424 40.04 -32.38 -28.39
CA VAL M 424 40.22 -32.79 -29.78
C VAL M 424 39.74 -34.22 -29.98
N ALA M 425 40.13 -35.13 -29.08
CA ALA M 425 39.69 -36.52 -29.18
C ALA M 425 38.19 -36.66 -28.94
N GLU M 426 37.64 -35.90 -27.99
CA GLU M 426 36.21 -35.92 -27.74
C GLU M 426 35.42 -35.43 -28.95
N SER M 427 35.90 -34.37 -29.61
CA SER M 427 35.22 -33.86 -30.78
C SER M 427 35.33 -34.82 -31.97
N ILE M 428 36.47 -35.51 -32.11
CA ILE M 428 36.62 -36.50 -33.18
C ILE M 428 35.62 -37.64 -32.98
N GLY M 429 35.53 -38.15 -31.76
CA GLY M 429 34.59 -39.24 -31.47
C GLY M 429 33.14 -38.82 -31.66
N ARG M 430 32.79 -37.64 -31.15
CA ARG M 430 31.42 -37.16 -31.27
C ARG M 430 31.04 -36.89 -32.73
N GLU M 431 31.94 -36.25 -33.48
CA GLU M 431 31.63 -35.91 -34.87
C GLU M 431 31.53 -37.13 -35.76
N LEU M 432 32.34 -38.17 -35.52
CA LEU M 432 32.16 -39.37 -36.31
C LEU M 432 30.92 -40.13 -35.90
N LEU M 433 30.52 -40.06 -34.62
CA LEU M 433 29.33 -40.78 -34.24
C LEU M 433 28.05 -40.12 -34.76
N VAL M 434 27.95 -38.78 -34.70
CA VAL M 434 26.65 -38.17 -34.84
C VAL M 434 26.49 -37.43 -36.18
N TYR M 435 27.58 -36.99 -36.80
CA TYR M 435 27.48 -36.41 -38.13
C TYR M 435 27.78 -37.43 -39.22
N GLY M 436 28.45 -38.52 -38.88
CA GLY M 436 28.89 -39.47 -39.87
C GLY M 436 30.23 -39.17 -40.50
N ARG M 437 30.83 -38.02 -40.18
CA ARG M 437 32.07 -37.60 -40.83
C ARG M 437 32.75 -36.55 -39.96
N ARG M 438 34.03 -36.32 -40.27
CA ARG M 438 34.81 -35.30 -39.60
C ARG M 438 34.64 -33.99 -40.36
N ILE M 439 33.90 -33.06 -39.77
CA ILE M 439 33.68 -31.75 -40.38
C ILE M 439 34.99 -30.97 -40.30
N PRO M 440 35.53 -30.51 -41.43
CA PRO M 440 36.76 -29.72 -41.40
C PRO M 440 36.53 -28.37 -40.76
N LYS M 441 37.64 -27.77 -40.30
CA LYS M 441 37.56 -26.48 -39.63
C LYS M 441 37.19 -25.36 -40.58
N ALA M 442 37.61 -25.45 -41.85
CA ALA M 442 37.24 -24.45 -42.85
C ALA M 442 35.74 -24.48 -43.11
N GLU M 443 35.16 -25.66 -43.20
CA GLU M 443 33.71 -25.76 -43.39
C GLU M 443 32.95 -25.24 -42.18
N MET M 444 33.48 -25.49 -40.97
CA MET M 444 32.83 -25.00 -39.76
C MET M 444 32.88 -23.48 -39.66
N PHE M 445 34.04 -22.89 -40.00
CA PHE M 445 34.14 -21.43 -40.03
C PHE M 445 33.24 -20.83 -41.10
N ALA M 446 33.14 -21.46 -42.27
CA ALA M 446 32.28 -20.96 -43.32
C ALA M 446 30.81 -21.06 -42.95
N ARG M 447 30.43 -22.14 -42.26
CA ARG M 447 29.05 -22.30 -41.84
C ARG M 447 28.69 -21.34 -40.71
N ILE M 448 29.67 -20.99 -39.86
CA ILE M 448 29.42 -19.99 -38.82
C ILE M 448 29.32 -18.59 -39.46
N ASP M 449 30.20 -18.29 -40.41
CA ASP M 449 30.23 -16.96 -41.02
C ASP M 449 29.03 -16.67 -41.90
N ALA M 450 28.25 -17.69 -42.28
CA ALA M 450 27.06 -17.50 -43.08
C ALA M 450 25.85 -17.10 -42.24
N VAL M 451 26.00 -16.99 -40.93
CA VAL M 451 24.91 -16.60 -40.06
C VAL M 451 24.86 -15.08 -39.97
N ASP M 452 23.69 -14.50 -40.23
CA ASP M 452 23.49 -13.07 -40.08
C ASP M 452 22.24 -12.82 -39.26
N ALA M 453 21.84 -11.55 -39.14
CA ALA M 453 20.72 -11.20 -38.26
C ALA M 453 19.39 -11.71 -38.78
N ASN M 454 19.22 -11.77 -40.10
CA ASN M 454 18.00 -12.32 -40.67
C ASN M 454 17.87 -13.81 -40.38
N ALA M 455 18.99 -14.54 -40.42
CA ALA M 455 18.98 -15.95 -40.05
C ALA M 455 18.62 -16.15 -38.59
N ILE M 456 19.13 -15.30 -37.71
CA ILE M 456 18.81 -15.38 -36.29
C ILE M 456 17.33 -15.11 -36.06
N ARG M 457 16.78 -14.10 -36.74
CA ARG M 457 15.35 -13.80 -36.63
C ARG M 457 14.49 -14.95 -37.16
N ALA M 458 14.91 -15.57 -38.27
CA ALA M 458 14.16 -16.68 -38.85
C ALA M 458 14.19 -17.91 -37.94
N VAL M 459 15.36 -18.24 -37.39
CA VAL M 459 15.48 -19.42 -36.53
C VAL M 459 14.73 -19.20 -35.21
N ALA M 460 14.79 -17.99 -34.67
CA ALA M 460 14.03 -17.67 -33.47
C ALA M 460 12.52 -17.69 -33.75
N ASP M 461 12.11 -17.27 -34.93
CA ASP M 461 10.69 -17.36 -35.31
C ASP M 461 10.26 -18.81 -35.45
N ARG M 462 11.13 -19.66 -36.00
CA ARG M 462 10.78 -21.06 -36.17
C ARG M 462 10.65 -21.78 -34.84
N PHE M 463 11.60 -21.57 -33.93
CA PHE M 463 11.70 -22.40 -32.74
C PHE M 463 10.97 -21.82 -31.53
N ILE M 464 10.87 -20.50 -31.39
CA ILE M 464 10.45 -19.87 -30.15
C ILE M 464 9.02 -19.33 -30.22
N TYR M 465 8.72 -18.56 -31.28
CA TYR M 465 7.54 -17.69 -31.27
C TYR M 465 6.25 -18.50 -31.28
N ASP M 466 5.41 -18.28 -30.26
CA ASP M 466 4.09 -18.90 -30.10
C ASP M 466 4.16 -20.42 -30.11
N GLN M 467 5.21 -20.97 -29.51
CA GLN M 467 5.39 -22.40 -29.42
C GLN M 467 5.23 -22.85 -27.97
N ASP M 468 4.95 -24.14 -27.80
CA ASP M 468 4.92 -24.73 -26.48
C ASP M 468 6.34 -24.87 -25.94
N MET M 469 6.47 -24.74 -24.62
CA MET M 469 7.75 -24.90 -23.95
C MET M 469 7.63 -25.92 -22.83
N ALA M 470 8.76 -26.32 -22.29
CA ALA M 470 8.84 -27.22 -21.14
C ALA M 470 9.46 -26.46 -19.97
N VAL M 471 8.82 -26.54 -18.81
CA VAL M 471 9.24 -25.82 -17.62
C VAL M 471 9.52 -26.82 -16.51
N ALA M 472 10.70 -26.71 -15.89
CA ALA M 472 11.09 -27.56 -14.77
C ALA M 472 11.71 -26.72 -13.68
N SER M 473 11.35 -27.02 -12.42
CA SER M 473 11.89 -26.30 -11.28
C SER M 473 12.03 -27.24 -10.10
N ALA M 474 12.88 -26.86 -9.15
CA ALA M 474 13.08 -27.65 -7.94
C ALA M 474 13.53 -26.75 -6.81
N GLY M 475 13.11 -27.08 -5.59
CA GLY M 475 13.51 -26.32 -4.42
C GLY M 475 12.40 -25.52 -3.80
N ASP M 476 12.65 -24.23 -3.59
CA ASP M 476 11.64 -23.31 -3.06
C ASP M 476 10.90 -22.70 -4.23
N VAL M 477 9.87 -23.39 -4.70
CA VAL M 477 9.27 -23.08 -5.99
C VAL M 477 7.79 -22.72 -5.85
N GLN M 478 7.40 -22.21 -4.68
CA GLN M 478 6.01 -21.84 -4.48
C GLN M 478 5.61 -20.57 -5.21
N PHE M 479 6.57 -19.75 -5.62
CA PHE M 479 6.28 -18.49 -6.28
C PHE M 479 6.62 -18.52 -7.77
N VAL M 480 7.06 -19.67 -8.28
CA VAL M 480 7.26 -19.85 -9.72
C VAL M 480 5.90 -19.75 -10.41
N PRO M 481 5.79 -19.01 -11.52
CA PRO M 481 4.51 -18.95 -12.23
C PRO M 481 4.14 -20.27 -12.87
N ASP M 482 2.84 -20.50 -13.07
CA ASP M 482 2.36 -21.77 -13.59
C ASP M 482 2.59 -21.84 -15.10
N TYR M 483 1.96 -22.81 -15.77
CA TYR M 483 2.24 -23.00 -17.19
C TYR M 483 1.58 -21.93 -18.05
N ASN M 484 0.41 -21.44 -17.66
CA ASN M 484 -0.29 -20.46 -18.49
C ASN M 484 0.43 -19.13 -18.54
N TRP M 485 1.11 -18.76 -17.46
CA TRP M 485 1.93 -17.56 -17.45
C TRP M 485 3.09 -17.66 -18.42
N PHE M 486 3.72 -18.84 -18.47
CA PHE M 486 4.83 -19.06 -19.39
C PHE M 486 4.35 -19.15 -20.83
N ARG M 487 3.18 -19.75 -21.04
CA ARG M 487 2.63 -19.91 -22.39
C ARG M 487 2.20 -18.57 -22.97
N ARG M 488 1.68 -17.67 -22.13
CA ARG M 488 1.23 -16.36 -22.58
C ARG M 488 2.40 -15.51 -23.06
N ARG M 489 3.57 -15.66 -22.45
CA ARG M 489 4.72 -14.81 -22.76
C ARG M 489 5.62 -15.39 -23.84
N SER M 490 5.11 -16.25 -24.71
CA SER M 490 5.87 -16.68 -25.87
C SER M 490 5.53 -15.87 -27.13
N TYR M 491 4.67 -14.86 -27.01
CA TYR M 491 4.28 -14.04 -28.13
C TYR M 491 3.95 -12.65 -27.61
N TRP M 492 3.94 -11.68 -28.51
CA TRP M 492 3.62 -10.30 -28.17
C TRP M 492 2.34 -9.87 -28.87
N LEU M 493 1.42 -9.27 -28.12
CA LEU M 493 0.18 -8.76 -28.68
C LEU M 493 0.30 -7.37 -29.25
N ARG M 494 1.47 -6.73 -29.15
CA ARG M 494 1.61 -5.35 -29.58
C ARG M 494 2.12 -5.20 -31.00
N TYR M 495 2.51 -6.29 -31.65
CA TYR M 495 2.94 -6.23 -33.04
C TYR M 495 2.01 -7.02 -33.95
N ASP N 32 -2.42 -32.39 39.69
CA ASP N 32 -2.67 -31.85 41.02
C ASP N 32 -1.98 -32.68 42.09
N ALA N 33 -0.69 -32.40 42.32
CA ALA N 33 0.04 -33.08 43.37
C ALA N 33 -0.34 -32.48 44.73
N ASN N 34 -0.70 -33.33 45.67
CA ASN N 34 -0.89 -32.88 47.05
C ASN N 34 0.36 -32.27 47.68
N PRO N 35 1.57 -32.87 47.62
CA PRO N 35 2.71 -32.21 48.29
C PRO N 35 3.21 -30.97 47.57
N PHE N 36 2.93 -30.81 46.28
CA PHE N 36 3.50 -29.71 45.52
C PHE N 36 2.57 -28.52 45.37
N LEU N 37 1.26 -28.70 45.56
CA LEU N 37 0.30 -27.62 45.34
C LEU N 37 -0.31 -27.14 46.65
N ARG N 38 0.50 -27.07 47.70
CA ARG N 38 0.09 -26.45 48.94
C ARG N 38 1.01 -25.26 49.21
N PHE N 39 0.49 -24.30 49.98
CA PHE N 39 1.14 -23.08 50.46
C PHE N 39 1.51 -22.07 49.38
N SER N 40 1.22 -22.32 48.10
CA SER N 40 1.59 -21.39 47.04
C SER N 40 0.45 -21.24 46.04
N ASN N 41 0.23 -20.01 45.59
CA ASN N 41 -0.81 -19.67 44.63
C ASN N 41 -0.46 -18.33 44.01
N PRO N 42 -0.88 -18.06 42.77
CA PRO N 42 -0.46 -16.82 42.09
C PRO N 42 -1.29 -15.59 42.38
N ARG N 43 -2.34 -15.68 43.19
CA ARG N 43 -3.19 -14.54 43.45
C ARG N 43 -2.51 -13.60 44.45
N PRO N 44 -2.26 -12.34 44.11
CA PRO N 44 -1.53 -11.46 45.02
C PRO N 44 -2.40 -11.03 46.19
N SER N 45 -1.79 -11.05 47.37
CA SER N 45 -2.43 -10.69 48.63
C SER N 45 -1.43 -9.87 49.43
N PRO N 46 -1.92 -8.96 50.28
CA PRO N 46 -1.01 -8.23 51.16
C PRO N 46 -0.29 -9.16 52.13
N ILE N 47 1.00 -8.87 52.34
CA ILE N 47 1.86 -9.68 53.20
C ILE N 47 2.36 -8.80 54.34
N ASP N 48 2.13 -9.26 55.57
CA ASP N 48 2.57 -8.53 56.76
C ASP N 48 4.01 -8.89 57.07
N HIS N 49 4.92 -7.93 56.90
CA HIS N 49 6.34 -8.13 57.09
C HIS N 49 6.80 -7.81 58.50
N THR N 50 5.87 -7.69 59.45
CA THR N 50 6.22 -7.37 60.83
C THR N 50 7.16 -8.36 61.53
N PRO N 51 7.02 -9.69 61.43
CA PRO N 51 7.95 -10.57 62.16
C PRO N 51 9.39 -10.55 61.65
N LEU N 52 9.70 -9.83 60.58
CA LEU N 52 11.09 -9.70 60.16
C LEU N 52 11.87 -8.75 61.06
N LEU N 53 11.20 -7.75 61.64
CA LEU N 53 11.88 -6.65 62.29
C LEU N 53 12.44 -6.99 63.66
N SER N 54 12.06 -8.13 64.25
CA SER N 54 12.56 -8.51 65.56
C SER N 54 14.06 -8.80 65.52
N THR N 55 14.53 -9.39 64.44
CA THR N 55 15.92 -9.80 64.32
C THR N 55 16.80 -8.76 63.65
N LEU N 56 16.22 -7.66 63.18
CA LEU N 56 17.01 -6.62 62.52
C LEU N 56 17.81 -5.83 63.53
N PRO N 57 19.06 -5.49 63.23
CA PRO N 57 19.89 -4.74 64.18
C PRO N 57 19.47 -3.28 64.25
N GLU N 58 19.86 -2.63 65.34
CA GLU N 58 19.60 -1.22 65.55
C GLU N 58 20.83 -0.40 65.23
N THR N 59 20.61 0.88 64.95
CA THR N 59 21.67 1.82 64.61
C THR N 59 21.93 2.75 65.78
N ARG N 60 23.21 2.91 66.13
CA ARG N 60 23.61 3.80 67.21
C ARG N 60 24.38 4.98 66.61
N ILE N 61 23.92 6.20 66.92
CA ILE N 61 24.47 7.41 66.33
C ILE N 61 25.07 8.27 67.43
N THR N 62 26.32 8.68 67.23
CA THR N 62 26.97 9.67 68.09
C THR N 62 27.37 10.88 67.25
N THR N 63 27.65 11.99 67.94
CA THR N 63 28.05 13.21 67.27
C THR N 63 29.33 13.74 67.91
N LEU N 64 30.37 13.91 67.10
CA LEU N 64 31.60 14.53 67.54
C LEU N 64 31.37 16.04 67.77
N PRO N 65 32.25 16.70 68.52
CA PRO N 65 32.10 18.15 68.71
C PRO N 65 32.21 18.99 67.44
N ASN N 66 32.84 18.49 66.37
CA ASN N 66 32.89 19.27 65.14
C ASN N 66 31.66 19.09 64.27
N GLY N 67 30.70 18.28 64.69
CA GLY N 67 29.50 18.04 63.92
C GLY N 67 29.49 16.74 63.15
N LEU N 68 30.62 16.05 63.07
CA LEU N 68 30.71 14.79 62.37
C LEU N 68 29.95 13.70 63.12
N ARG N 69 29.10 12.97 62.40
CA ARG N 69 28.32 11.89 62.98
C ARG N 69 29.00 10.56 62.71
N VAL N 70 28.98 9.68 63.72
CA VAL N 70 29.39 8.29 63.59
C VAL N 70 28.19 7.41 63.90
N ALA N 71 27.78 6.62 62.93
CA ALA N 71 26.64 5.74 63.07
C ALA N 71 27.05 4.33 62.67
N THR N 72 26.68 3.34 63.48
CA THR N 72 27.03 1.96 63.23
C THR N 72 25.81 1.08 63.38
N GLU N 73 25.80 -0.02 62.62
CA GLU N 73 24.80 -1.07 62.78
C GLU N 73 25.54 -2.40 62.86
N ALA N 74 25.36 -3.10 63.99
CA ALA N 74 26.14 -4.29 64.31
C ALA N 74 25.36 -5.54 63.92
N ILE N 75 25.84 -6.24 62.91
CA ILE N 75 25.27 -7.51 62.50
C ILE N 75 25.79 -8.61 63.42
N PRO N 76 24.90 -9.42 64.02
CA PRO N 76 25.31 -10.29 65.15
C PRO N 76 26.40 -11.31 64.86
N PHE N 77 26.44 -11.91 63.67
CA PHE N 77 27.48 -12.88 63.33
C PHE N 77 28.03 -12.50 61.97
N ALA N 78 29.04 -11.64 61.98
CA ALA N 78 29.64 -11.15 60.76
C ALA N 78 31.15 -11.18 60.90
N GLU N 79 31.83 -11.33 59.78
CA GLU N 79 33.28 -11.34 59.74
C GLU N 79 33.87 -10.19 58.95
N THR N 80 33.26 -9.85 57.82
CA THR N 80 33.68 -8.71 57.02
C THR N 80 32.92 -7.46 57.42
N THR N 81 33.60 -6.32 57.31
CA THR N 81 33.03 -5.03 57.65
C THR N 81 33.34 -4.04 56.54
N THR N 82 32.37 -3.20 56.20
CA THR N 82 32.62 -2.07 55.33
C THR N 82 32.37 -0.77 56.08
N LEU N 83 33.10 0.27 55.68
CA LEU N 83 33.12 1.52 56.40
C LEU N 83 33.64 2.60 55.48
N GLY N 84 33.24 3.83 55.74
CA GLY N 84 33.74 4.92 54.93
C GLY N 84 33.08 6.23 55.32
N ILE N 85 33.42 7.27 54.57
CA ILE N 85 32.95 8.62 54.82
C ILE N 85 31.98 9.02 53.72
N TRP N 86 30.78 9.41 54.11
CA TRP N 86 29.78 9.94 53.20
C TRP N 86 29.71 11.44 53.37
N ILE N 87 29.98 12.18 52.30
CA ILE N 87 30.07 13.64 52.33
C ILE N 87 28.88 14.21 51.57
N ASN N 88 28.21 15.19 52.18
CA ASN N 88 27.08 15.87 51.56
C ASN N 88 27.57 16.97 50.62
N SER N 89 28.24 16.54 49.56
CA SER N 89 28.80 17.46 48.58
C SER N 89 28.88 16.76 47.23
N GLY N 90 29.04 17.56 46.19
CA GLY N 90 29.12 17.00 44.86
C GLY N 90 29.23 18.08 43.82
N SER N 91 28.98 17.69 42.56
CA SER N 91 29.14 18.61 41.44
C SER N 91 28.08 19.69 41.40
N ARG N 92 26.97 19.55 42.14
CA ARG N 92 26.00 20.63 42.23
C ARG N 92 26.59 21.84 42.95
N PHE N 93 27.40 21.62 43.98
CA PHE N 93 27.95 22.68 44.81
C PHE N 93 29.26 23.23 44.27
N GLU N 94 29.53 23.07 42.98
CA GLU N 94 30.65 23.71 42.32
C GLU N 94 30.18 24.95 41.59
N THR N 95 31.13 25.65 40.98
CA THR N 95 30.86 26.78 40.11
C THR N 95 31.22 26.42 38.68
N ASP N 96 30.98 27.35 37.76
CA ASP N 96 31.34 27.12 36.38
C ASP N 96 32.85 27.13 36.16
N ALA N 97 33.60 27.78 37.05
CA ALA N 97 35.05 27.84 36.90
C ALA N 97 35.73 26.54 37.30
N ASN N 98 35.17 25.81 38.27
CA ASN N 98 35.82 24.61 38.80
C ASN N 98 34.93 23.38 38.65
N ASN N 99 34.20 23.27 37.56
CA ASN N 99 33.35 22.10 37.37
C ASN N 99 34.19 20.88 37.05
N GLY N 100 33.95 19.80 37.78
CA GLY N 100 34.78 18.62 37.67
C GLY N 100 35.93 18.54 38.66
N VAL N 101 35.93 19.37 39.71
CA VAL N 101 36.96 19.26 40.73
C VAL N 101 36.71 18.03 41.60
N ALA N 102 35.44 17.72 41.86
CA ALA N 102 35.10 16.61 42.75
C ALA N 102 35.40 15.26 42.11
N HIS N 103 35.23 15.14 40.79
CA HIS N 103 35.59 13.90 40.13
C HIS N 103 37.10 13.75 39.98
N PHE N 104 37.82 14.86 39.82
CA PHE N 104 39.28 14.79 39.78
C PHE N 104 39.85 14.44 41.15
N LEU N 105 39.11 14.76 42.21
CA LEU N 105 39.57 14.43 43.57
C LEU N 105 39.71 12.93 43.75
N GLU N 106 38.75 12.15 43.24
CA GLU N 106 38.87 10.70 43.37
C GLU N 106 39.90 10.12 42.40
N HIS N 107 40.36 10.89 41.43
CA HIS N 107 41.52 10.49 40.64
C HIS N 107 42.82 10.74 41.37
N ILE N 108 42.89 11.81 42.16
CA ILE N 108 44.17 12.24 42.74
C ILE N 108 44.37 11.82 44.19
N LEU N 109 43.30 11.50 44.93
CA LEU N 109 43.38 11.29 46.38
C LEU N 109 44.07 9.99 46.77
N PHE N 110 44.36 9.10 45.83
CA PHE N 110 44.98 7.82 46.13
C PHE N 110 46.41 7.71 45.63
N LYS N 111 47.06 8.84 45.32
CA LYS N 111 48.40 8.84 44.76
C LYS N 111 49.46 9.19 45.80
N GLY N 112 49.14 9.07 47.09
CA GLY N 112 50.10 9.33 48.14
C GLY N 112 49.66 10.37 49.14
N THR N 113 50.20 10.29 50.36
CA THR N 113 49.88 11.25 51.40
C THR N 113 51.16 11.86 51.96
N LYS N 114 51.04 12.64 53.04
CA LYS N 114 52.20 13.21 53.69
C LYS N 114 52.93 12.22 54.59
N ASN N 115 52.26 11.14 55.00
CA ASN N 115 52.87 10.11 55.84
C ASN N 115 53.14 8.81 55.11
N ARG N 116 52.39 8.52 54.05
CA ARG N 116 52.57 7.31 53.26
C ARG N 116 52.85 7.69 51.82
N SER N 117 53.78 6.99 51.20
CA SER N 117 54.06 7.16 49.78
C SER N 117 53.09 6.30 48.98
N VAL N 118 53.36 6.17 47.68
CA VAL N 118 52.49 5.35 46.83
C VAL N 118 52.61 3.88 47.17
N LYS N 119 53.85 3.40 47.28
CA LYS N 119 54.09 1.98 47.54
C LYS N 119 53.71 1.59 48.96
N GLU N 120 53.95 2.50 49.91
CA GLU N 120 53.56 2.25 51.30
C GLU N 120 52.05 2.17 51.44
N LEU N 121 51.33 3.06 50.76
CA LEU N 121 49.87 3.00 50.76
C LEU N 121 49.38 1.72 50.10
N GLU N 122 50.03 1.30 49.01
CA GLU N 122 49.64 0.06 48.34
C GLU N 122 49.82 -1.15 49.23
N VAL N 123 50.97 -1.26 49.91
CA VAL N 123 51.22 -2.43 50.74
C VAL N 123 50.36 -2.41 51.99
N GLU N 124 50.02 -1.20 52.48
CA GLU N 124 49.17 -1.12 53.66
C GLU N 124 47.73 -1.49 53.33
N VAL N 125 47.26 -1.13 52.14
CA VAL N 125 45.90 -1.53 51.74
C VAL N 125 45.86 -3.03 51.46
N GLU N 126 46.85 -3.55 50.74
CA GLU N 126 46.82 -4.95 50.37
C GLU N 126 47.14 -5.88 51.54
N ASN N 127 47.74 -5.37 52.61
CA ASN N 127 47.90 -6.18 53.82
C ASN N 127 46.57 -6.42 54.52
N MET N 128 45.62 -5.49 54.36
CA MET N 128 44.31 -5.64 54.98
C MET N 128 43.43 -6.69 54.31
N GLY N 129 43.80 -7.14 53.12
CA GLY N 129 42.97 -8.07 52.37
C GLY N 129 41.66 -7.47 51.91
N GLY N 130 41.68 -6.24 51.44
CA GLY N 130 40.45 -5.57 51.05
C GLY N 130 40.59 -4.57 49.93
N GLN N 131 39.55 -3.74 49.76
CA GLN N 131 39.46 -2.81 48.64
C GLN N 131 39.18 -1.40 49.13
N LEU N 132 39.67 -0.43 48.37
CA LEU N 132 39.29 0.97 48.53
C LEU N 132 38.46 1.37 47.31
N ASN N 133 37.36 2.07 47.54
CA ASN N 133 36.54 2.55 46.43
C ASN N 133 35.93 3.89 46.76
N ALA N 134 35.71 4.69 45.72
CA ALA N 134 35.17 6.03 45.83
C ALA N 134 34.11 6.23 44.77
N TYR N 135 33.09 7.03 45.10
CA TYR N 135 32.01 7.34 44.18
C TYR N 135 31.62 8.80 44.36
N THR N 136 31.65 9.57 43.27
CA THR N 136 31.29 10.98 43.29
C THR N 136 30.00 11.17 42.50
N GLY N 137 28.97 11.71 43.16
CA GLY N 137 27.70 11.99 42.54
C GLY N 137 27.48 13.47 42.32
N ARG N 138 26.21 13.84 42.22
CA ARG N 138 25.86 15.25 42.09
C ARG N 138 25.64 15.91 43.44
N GLU N 139 25.04 15.20 44.38
CA GLU N 139 24.79 15.73 45.71
C GLU N 139 25.42 14.91 46.82
N GLN N 140 26.20 13.88 46.49
CA GLN N 140 26.73 12.97 47.51
C GLN N 140 28.03 12.37 47.01
N THR N 141 29.02 12.31 47.90
CA THR N 141 30.31 11.71 47.62
C THR N 141 30.62 10.67 48.69
N CYS N 142 31.23 9.57 48.28
CA CYS N 142 31.59 8.49 49.18
C CYS N 142 33.04 8.11 49.01
N TYR N 143 33.70 7.78 50.12
CA TYR N 143 35.03 7.18 50.13
C TYR N 143 34.99 6.05 51.15
N TYR N 144 34.87 4.81 50.69
CA TYR N 144 34.61 3.69 51.58
C TYR N 144 35.63 2.57 51.34
N ALA N 145 35.69 1.66 52.31
CA ALA N 145 36.59 0.52 52.27
C ALA N 145 35.82 -0.74 52.67
N LYS N 146 36.30 -1.89 52.20
CA LYS N 146 35.72 -3.19 52.53
C LYS N 146 36.83 -4.05 53.11
N VAL N 147 36.77 -4.30 54.41
CA VAL N 147 37.82 -5.03 55.12
C VAL N 147 37.21 -6.16 55.92
N MET N 148 38.04 -6.86 56.68
CA MET N 148 37.56 -7.85 57.63
C MET N 148 37.33 -7.18 58.98
N GLY N 149 36.80 -7.93 59.94
CA GLY N 149 36.45 -7.35 61.23
C GLY N 149 37.64 -7.03 62.12
N LYS N 150 38.82 -7.53 61.78
CA LYS N 150 40.02 -7.28 62.56
C LYS N 150 40.81 -6.09 62.07
N ASP N 151 40.39 -5.45 60.97
CA ASP N 151 41.14 -4.35 60.37
C ASP N 151 40.31 -3.08 60.26
N VAL N 152 39.42 -2.86 61.23
CA VAL N 152 38.61 -1.65 61.24
C VAL N 152 39.47 -0.43 61.58
N GLY N 153 40.34 -0.56 62.58
CA GLY N 153 41.14 0.58 63.01
C GLY N 153 42.15 1.03 61.97
N LYS N 154 42.78 0.08 61.28
CA LYS N 154 43.69 0.42 60.19
C LYS N 154 42.95 1.09 59.05
N ALA N 155 41.72 0.65 58.79
CA ALA N 155 40.90 1.28 57.75
C ALA N 155 40.51 2.70 58.13
N VAL N 156 40.19 2.94 59.40
CA VAL N 156 39.88 4.30 59.87
C VAL N 156 41.10 5.19 59.72
N ASN N 157 42.27 4.68 60.12
CA ASN N 157 43.51 5.45 60.04
C ASN N 157 43.85 5.79 58.60
N ILE N 158 43.71 4.82 57.69
CA ILE N 158 44.07 5.07 56.31
C ILE N 158 43.03 5.95 55.61
N LEU N 159 41.75 5.86 56.01
CA LEU N 159 40.73 6.73 55.43
C LEU N 159 40.93 8.18 55.85
N SER N 160 41.20 8.41 57.13
CA SER N 160 41.46 9.77 57.60
C SER N 160 42.77 10.31 57.02
N ASP N 161 43.77 9.46 56.84
CA ASP N 161 45.02 9.90 56.24
C ASP N 161 44.84 10.28 54.78
N ILE N 162 44.05 9.50 54.03
CA ILE N 162 43.76 9.83 52.63
C ILE N 162 42.97 11.13 52.54
N LEU N 163 41.96 11.28 53.39
CA LEU N 163 41.05 12.41 53.25
C LEU N 163 41.64 13.72 53.78
N LEU N 164 42.54 13.66 54.77
CA LEU N 164 42.98 14.89 55.43
C LEU N 164 44.42 15.29 55.12
N ASN N 165 45.26 14.37 54.66
CA ASN N 165 46.70 14.62 54.60
C ASN N 165 47.28 14.24 53.26
N SER N 166 46.51 14.42 52.19
CA SER N 166 46.94 14.02 50.86
C SER N 166 47.98 14.99 50.29
N ASN N 167 48.85 14.46 49.43
CA ASN N 167 49.90 15.28 48.83
C ASN N 167 49.34 16.25 47.81
N LEU N 168 48.47 15.77 46.91
CA LEU N 168 48.01 16.48 45.71
C LEU N 168 49.20 16.99 44.90
N ASP N 169 50.01 16.06 44.43
CA ASP N 169 51.22 16.42 43.70
C ASP N 169 50.87 16.91 42.30
N ALA N 170 51.62 17.90 41.83
CA ALA N 170 51.37 18.47 40.52
C ALA N 170 51.75 17.52 39.39
N ARG N 171 52.79 16.71 39.60
CA ARG N 171 53.23 15.76 38.59
C ARG N 171 52.18 14.67 38.37
N ALA N 172 51.57 14.18 39.45
CA ALA N 172 50.50 13.21 39.32
C ALA N 172 49.26 13.82 38.69
N ILE N 173 49.01 15.11 38.95
CA ILE N 173 47.91 15.81 38.31
C ILE N 173 48.13 15.90 36.81
N ASP N 174 49.36 16.22 36.40
CA ASP N 174 49.69 16.27 34.98
C ASP N 174 49.62 14.88 34.33
N LYS N 175 49.96 13.83 35.08
CA LYS N 175 49.84 12.48 34.53
C LYS N 175 48.39 12.06 34.37
N GLU N 176 47.53 12.44 35.32
CA GLU N 176 46.12 12.05 35.26
C GLU N 176 45.34 12.87 34.23
N ARG N 177 45.76 14.13 34.01
CA ARG N 177 45.08 14.98 33.05
C ARG N 177 45.20 14.45 31.62
N ASP N 178 46.36 13.88 31.28
CA ASP N 178 46.55 13.34 29.94
C ASP N 178 45.62 12.16 29.69
N VAL N 179 45.45 11.30 30.69
CA VAL N 179 44.55 10.14 30.58
C VAL N 179 43.11 10.60 30.42
N ILE N 180 42.69 11.57 31.25
CA ILE N 180 41.33 12.05 31.19
C ILE N 180 41.05 12.74 29.86
N LEU N 181 42.01 13.54 29.36
CA LEU N 181 41.83 14.25 28.10
C LEU N 181 41.82 13.29 26.91
N ARG N 182 42.62 12.22 26.96
CA ARG N 182 42.58 11.23 25.90
C ARG N 182 41.24 10.51 25.85
N GLU N 183 40.68 10.17 27.02
CA GLU N 183 39.37 9.55 26.99
C GLU N 183 38.25 10.55 26.69
N MET N 184 38.48 11.85 26.88
CA MET N 184 37.54 12.85 26.39
C MET N 184 37.54 12.89 24.86
N GLU N 185 38.73 12.90 24.26
CA GLU N 185 38.82 13.05 22.81
C GLU N 185 38.52 11.76 22.06
N GLU N 186 38.58 10.59 22.73
CA GLU N 186 38.13 9.35 22.11
C GLU N 186 36.62 9.17 22.20
N VAL N 187 35.94 10.00 23.00
CA VAL N 187 34.53 9.90 23.36
C VAL N 187 34.30 8.49 23.91
N ASN N 188 34.76 8.27 25.14
CA ASN N 188 34.68 6.97 25.80
C ASN N 188 33.71 7.09 26.96
N LYS N 189 32.48 6.63 26.75
CA LYS N 189 31.42 6.82 27.73
C LYS N 189 30.39 5.72 27.55
N GLN N 190 29.75 5.34 28.65
CA GLN N 190 28.60 4.46 28.56
C GLN N 190 27.43 5.20 27.91
N THR N 191 26.62 4.45 27.16
CA THR N 191 25.53 5.07 26.41
C THR N 191 24.42 5.56 27.34
N SER N 192 24.12 4.79 28.40
CA SER N 192 23.13 5.24 29.37
C SER N 192 23.61 6.45 30.14
N GLU N 193 24.92 6.51 30.42
CA GLU N 193 25.50 7.68 31.07
C GLU N 193 25.37 8.92 30.18
N LEU N 194 25.60 8.76 28.88
CA LEU N 194 25.46 9.86 27.94
C LEU N 194 24.02 10.36 27.88
N VAL N 195 23.07 9.42 27.84
CA VAL N 195 21.66 9.78 27.76
C VAL N 195 21.20 10.49 29.05
N PHE N 196 21.59 9.96 30.21
CA PHE N 196 21.16 10.59 31.46
C PHE N 196 21.86 11.93 31.71
N ASP N 197 23.11 12.09 31.24
CA ASP N 197 23.75 13.39 31.34
C ASP N 197 23.06 14.43 30.46
N HIS N 198 22.69 14.03 29.23
CA HIS N 198 21.94 14.94 28.36
C HIS N 198 20.58 15.29 28.96
N LEU N 199 19.94 14.31 29.59
CA LEU N 199 18.63 14.53 30.20
C LEU N 199 18.72 15.48 31.39
N HIS N 200 19.78 15.34 32.21
CA HIS N 200 19.99 16.30 33.29
C HIS N 200 20.31 17.69 32.77
N ALA N 201 21.11 17.78 31.71
CA ALA N 201 21.53 19.08 31.20
C ALA N 201 20.39 19.81 30.50
N THR N 202 19.41 19.08 29.95
CA THR N 202 18.27 19.77 29.35
C THR N 202 17.09 19.92 30.29
N ALA N 203 17.00 19.11 31.34
CA ALA N 203 15.87 19.18 32.26
C ALA N 203 16.09 20.20 33.36
N PHE N 204 17.33 20.29 33.85
CA PHE N 204 17.71 21.23 34.89
C PHE N 204 18.67 22.27 34.33
N GLN N 205 18.34 22.81 33.15
CA GLN N 205 19.15 23.86 32.57
C GLN N 205 19.01 25.14 33.37
N TYR N 206 20.13 25.90 33.43
CA TYR N 206 20.27 27.10 34.25
C TYR N 206 19.99 26.80 35.72
N SER N 207 20.49 25.66 36.18
CA SER N 207 20.40 25.18 37.55
C SER N 207 21.70 24.49 37.89
N PRO N 208 22.04 24.39 39.18
CA PRO N 208 23.26 23.65 39.57
C PRO N 208 23.24 22.17 39.20
N LEU N 209 22.07 21.53 39.23
CA LEU N 209 21.96 20.11 38.93
C LEU N 209 22.13 19.79 37.46
N GLY N 210 22.16 20.79 36.59
CA GLY N 210 22.33 20.56 35.17
C GLY N 210 23.73 20.25 34.73
N ARG N 211 24.73 20.52 35.56
CA ARG N 211 26.12 20.24 35.19
C ARG N 211 26.41 18.76 35.25
N THR N 212 27.42 18.35 34.49
CA THR N 212 27.90 16.98 34.56
C THR N 212 28.98 16.86 35.63
N ILE N 213 29.15 15.64 36.14
CA ILE N 213 30.11 15.39 37.20
C ILE N 213 31.54 15.52 36.68
N LEU N 214 31.79 15.02 35.47
CA LEU N 214 33.16 15.01 34.95
C LEU N 214 33.62 16.40 34.51
N GLY N 215 32.72 17.22 34.00
CA GLY N 215 33.06 18.58 33.66
C GLY N 215 33.52 18.74 32.22
N PRO N 216 33.59 19.97 31.74
CA PRO N 216 33.95 20.21 30.34
C PRO N 216 35.46 20.06 30.10
N VAL N 217 35.84 20.20 28.83
CA VAL N 217 37.22 19.98 28.42
C VAL N 217 38.12 21.09 28.95
N GLU N 218 37.63 22.33 28.95
CA GLU N 218 38.44 23.48 29.34
C GLU N 218 38.81 23.43 30.82
N ASN N 219 37.85 23.05 31.67
CA ASN N 219 38.12 22.97 33.10
C ASN N 219 39.08 21.83 33.43
N ILE N 220 38.99 20.72 32.71
CA ILE N 220 39.95 19.64 32.89
C ILE N 220 41.34 20.08 32.44
N LYS N 221 41.41 20.82 31.33
CA LYS N 221 42.70 21.25 30.80
C LYS N 221 43.35 22.34 31.66
N SER N 222 42.56 23.09 32.42
CA SER N 222 43.07 24.21 33.19
C SER N 222 42.83 24.05 34.68
N ILE N 223 43.10 22.87 35.23
CA ILE N 223 42.90 22.63 36.65
C ILE N 223 44.28 22.47 37.30
N ASN N 224 44.35 22.79 38.59
CA ASN N 224 45.62 22.74 39.33
C ASN N 224 45.31 22.44 40.80
N ARG N 225 46.34 22.54 41.64
CA ARG N 225 46.23 22.11 43.03
C ARG N 225 45.33 23.02 43.85
N ASP N 226 45.30 24.31 43.52
CA ASP N 226 44.67 25.29 44.40
C ASP N 226 43.15 25.17 44.39
N GLN N 227 42.56 24.86 43.24
CA GLN N 227 41.12 24.65 43.17
C GLN N 227 40.71 23.41 43.94
N LEU N 228 41.51 22.35 43.87
CA LEU N 228 41.25 21.14 44.66
C LEU N 228 41.33 21.43 46.15
N VAL N 229 42.34 22.19 46.56
CA VAL N 229 42.52 22.54 47.97
C VAL N 229 41.36 23.40 48.46
N GLU N 230 40.94 24.38 47.65
CA GLU N 230 39.86 25.26 48.07
C GLU N 230 38.52 24.53 48.12
N TYR N 231 38.29 23.59 47.20
CA TYR N 231 37.07 22.78 47.26
C TYR N 231 37.05 21.91 48.51
N MET N 232 38.19 21.28 48.84
CA MET N 232 38.28 20.45 50.03
C MET N 232 38.07 21.27 51.30
N LYS N 233 38.67 22.47 51.37
CA LYS N 233 38.53 23.28 52.56
C LYS N 233 37.14 23.90 52.69
N THR N 234 36.47 24.16 51.58
CA THR N 234 35.16 24.79 51.64
C THR N 234 34.08 23.78 51.97
N HIS N 235 34.10 22.61 51.33
CA HIS N 235 32.95 21.74 51.36
C HIS N 235 33.07 20.50 52.24
N TYR N 236 34.28 20.11 52.63
CA TYR N 236 34.47 18.89 53.42
C TYR N 236 34.58 19.26 54.90
N ARG N 237 33.50 19.82 55.42
CA ARG N 237 33.47 20.33 56.78
C ARG N 237 32.92 19.28 57.74
N GLY N 238 32.64 19.69 58.96
CA GLY N 238 32.19 18.80 60.01
C GLY N 238 30.82 18.20 59.83
N PRO N 239 29.76 19.02 59.88
CA PRO N 239 28.39 18.48 59.83
C PRO N 239 27.96 17.98 58.46
N ARG N 240 28.79 18.08 57.44
CA ARG N 240 28.45 17.58 56.11
C ARG N 240 29.03 16.20 55.84
N MET N 241 29.66 15.57 56.85
CA MET N 241 30.30 14.29 56.69
C MET N 241 29.76 13.30 57.72
N VAL N 242 29.62 12.05 57.32
CA VAL N 242 29.09 10.99 58.19
C VAL N 242 30.01 9.78 58.08
N LEU N 243 30.49 9.27 59.22
CA LEU N 243 31.28 8.05 59.27
C LEU N 243 30.36 6.88 59.60
N ALA N 244 30.09 6.03 58.61
CA ALA N 244 29.18 4.92 58.76
C ALA N 244 29.94 3.61 58.62
N ALA N 245 29.62 2.64 59.46
CA ALA N 245 30.19 1.31 59.37
C ALA N 245 29.12 0.28 59.65
N ALA N 246 29.25 -0.89 59.02
CA ALA N 246 28.25 -1.94 59.17
C ALA N 246 28.93 -3.30 59.02
N GLY N 247 28.49 -4.25 59.84
CA GLY N 247 29.06 -5.58 59.82
C GLY N 247 29.61 -5.98 61.17
N ALA N 248 30.90 -6.31 61.21
CA ALA N 248 31.58 -6.68 62.45
C ALA N 248 32.31 -5.43 62.96
N VAL N 249 31.63 -4.66 63.78
CA VAL N 249 32.17 -3.39 64.28
C VAL N 249 31.55 -3.11 65.64
N ASN N 250 32.37 -2.59 66.55
CA ASN N 250 31.92 -2.11 67.85
C ASN N 250 31.72 -0.61 67.79
N HIS N 251 30.67 -0.11 68.45
CA HIS N 251 30.32 1.30 68.33
C HIS N 251 31.31 2.20 69.06
N ASP N 252 31.46 1.99 70.37
CA ASP N 252 32.26 2.89 71.21
C ASP N 252 33.74 2.89 70.81
N GLU N 253 34.26 1.74 70.40
CA GLU N 253 35.63 1.69 69.90
C GLU N 253 35.79 2.50 68.62
N LEU N 254 34.77 2.45 67.74
CA LEU N 254 34.83 3.25 66.52
C LEU N 254 34.69 4.73 66.85
N VAL N 255 33.94 5.07 67.90
CA VAL N 255 33.84 6.46 68.34
C VAL N 255 35.19 6.96 68.82
N LYS N 256 35.91 6.15 69.59
CA LYS N 256 37.24 6.55 70.05
C LYS N 256 38.22 6.72 68.89
N LEU N 257 38.21 5.78 67.94
CA LEU N 257 39.08 5.89 66.77
C LEU N 257 38.71 7.10 65.91
N ALA N 258 37.41 7.37 65.76
CA ALA N 258 36.97 8.50 64.95
C ALA N 258 37.31 9.83 65.61
N SER N 259 37.20 9.91 66.94
CA SER N 259 37.60 11.12 67.63
C SER N 259 39.11 11.33 67.57
N ASP N 260 39.88 10.23 67.56
CA ASP N 260 41.32 10.36 67.43
C ASP N 260 41.74 10.79 66.02
N ALA N 261 41.05 10.31 64.99
CA ALA N 261 41.48 10.51 63.62
C ALA N 261 40.85 11.71 62.94
N PHE N 262 39.53 11.89 63.06
CA PHE N 262 38.80 12.92 62.34
C PHE N 262 38.56 14.17 63.20
N GLY N 263 39.33 14.34 64.27
CA GLY N 263 39.12 15.48 65.15
C GLY N 263 39.61 16.81 64.59
N SER N 264 40.49 16.78 63.60
CA SER N 264 41.01 18.00 63.00
C SER N 264 40.12 18.53 61.89
N VAL N 265 38.98 17.90 61.63
CA VAL N 265 38.04 18.37 60.61
C VAL N 265 37.38 19.66 61.09
N PRO N 266 37.43 20.73 60.31
CA PRO N 266 36.81 22.00 60.73
C PRO N 266 35.29 21.91 60.77
N ASP N 267 34.69 22.88 61.43
CA ASP N 267 33.26 22.96 61.67
C ASP N 267 32.59 23.84 60.62
N GLU N 268 31.30 24.07 60.79
CA GLU N 268 30.52 24.90 59.88
C GLU N 268 30.87 26.38 60.01
N ASP N 269 30.86 27.06 58.88
CA ASP N 269 30.62 28.49 58.82
C ASP N 269 29.15 28.65 58.43
N ALA N 270 28.46 29.58 59.10
CA ALA N 270 27.02 29.70 58.93
C ALA N 270 26.61 30.11 57.52
N ALA N 271 27.47 30.82 56.80
CA ALA N 271 27.17 31.26 55.45
C ALA N 271 27.38 30.18 54.40
N THR N 272 27.90 29.01 54.78
CA THR N 272 28.15 27.94 53.83
C THR N 272 27.57 26.62 54.37
N SER N 273 26.32 26.68 54.83
CA SER N 273 25.60 25.46 55.18
C SER N 273 24.90 24.91 53.95
N VAL N 274 24.48 23.64 54.04
CA VAL N 274 23.86 22.97 52.90
C VAL N 274 22.51 23.61 52.58
N ARG N 275 21.72 23.92 53.61
CA ARG N 275 20.41 24.53 53.43
C ARG N 275 20.51 25.92 52.81
N SER N 276 21.50 26.71 53.25
CA SER N 276 21.69 28.05 52.69
C SER N 276 22.15 27.98 51.23
N LEU N 277 23.02 27.03 50.90
CA LEU N 277 23.45 26.86 49.52
C LEU N 277 22.29 26.40 48.64
N LEU N 278 21.41 25.57 49.19
CA LEU N 278 20.22 25.14 48.45
C LEU N 278 19.29 26.30 48.19
N VAL N 279 19.11 27.19 49.18
CA VAL N 279 18.21 28.32 49.02
C VAL N 279 18.79 29.33 48.02
N LYS N 280 20.11 29.52 48.06
CA LYS N 280 20.76 30.51 47.20
C LYS N 280 20.66 30.15 45.72
N GLU N 281 20.86 28.88 45.38
CA GLU N 281 20.85 28.41 44.00
C GLU N 281 19.93 27.21 43.86
N PRO N 282 18.63 27.45 43.72
CA PRO N 282 17.68 26.33 43.64
C PRO N 282 17.69 25.68 42.25
N SER N 283 16.98 24.57 42.16
CA SER N 283 16.82 23.83 40.92
C SER N 283 15.57 24.28 40.17
N ARG N 284 15.62 24.13 38.85
CA ARG N 284 14.54 24.53 37.96
C ARG N 284 14.32 23.44 36.93
N PHE N 285 13.06 23.15 36.61
CA PHE N 285 12.72 22.13 35.63
C PHE N 285 12.04 22.80 34.43
N THR N 286 12.54 22.52 33.24
CA THR N 286 11.97 23.03 31.99
C THR N 286 11.65 21.86 31.07
N GLY N 287 10.42 21.82 30.56
CA GLY N 287 10.09 20.85 29.53
C GLY N 287 10.84 21.15 28.25
N SER N 288 11.57 20.17 27.74
CA SER N 288 12.47 20.38 26.63
C SER N 288 12.79 19.05 25.96
N TYR N 289 13.52 19.13 24.85
CA TYR N 289 13.88 17.98 24.05
C TYR N 289 15.34 18.10 23.67
N VAL N 290 16.03 16.96 23.61
CA VAL N 290 17.39 16.91 23.10
C VAL N 290 17.61 15.54 22.47
N HIS N 291 18.34 15.50 21.36
CA HIS N 291 18.84 14.24 20.85
C HIS N 291 20.24 14.42 20.31
N ASP N 292 20.96 13.32 20.22
CA ASP N 292 22.37 13.29 19.86
C ASP N 292 22.52 12.28 18.72
N ARG N 293 22.44 12.78 17.49
CA ARG N 293 22.32 11.93 16.32
C ARG N 293 23.69 11.56 15.78
N PHE N 294 23.90 10.28 15.53
CA PHE N 294 25.13 9.75 14.97
C PHE N 294 24.88 9.18 13.59
N PRO N 295 25.85 9.26 12.68
CA PRO N 295 25.58 8.84 11.30
C PRO N 295 25.47 7.33 11.13
N ASP N 296 26.23 6.55 11.91
CA ASP N 296 26.24 5.08 11.79
C ASP N 296 26.21 4.51 13.21
N ALA N 297 25.01 4.30 13.73
CA ALA N 297 24.83 3.78 15.08
C ALA N 297 23.79 2.67 15.02
N SER N 298 24.10 1.54 15.65
CA SER N 298 23.18 0.41 15.64
C SER N 298 21.99 0.60 16.56
N GLU N 299 22.19 1.25 17.70
CA GLU N 299 21.18 1.27 18.75
C GLU N 299 20.62 2.67 18.94
N CYS N 300 19.42 2.71 19.51
CA CYS N 300 18.75 3.96 19.89
C CYS N 300 18.43 3.88 21.37
N CYS N 301 18.92 4.84 22.14
CA CYS N 301 18.69 4.90 23.58
C CYS N 301 17.94 6.19 23.89
N MET N 302 16.79 6.07 24.56
CA MET N 302 15.94 7.22 24.82
C MET N 302 15.43 7.16 26.25
N ALA N 303 15.20 8.34 26.82
CA ALA N 303 14.66 8.47 28.17
C ALA N 303 13.60 9.56 28.19
N VAL N 304 12.46 9.26 28.82
CA VAL N 304 11.39 10.21 29.02
C VAL N 304 11.24 10.41 30.52
N ALA N 305 11.41 11.65 30.99
CA ALA N 305 11.40 11.92 32.42
C ALA N 305 10.47 13.06 32.76
N PHE N 306 9.80 12.95 33.90
CA PHE N 306 8.97 14.00 34.45
C PHE N 306 9.65 14.56 35.69
N LYS N 307 9.16 15.72 36.15
CA LYS N 307 9.66 16.29 37.38
C LYS N 307 9.19 15.45 38.56
N GLY N 308 10.13 14.90 39.31
CA GLY N 308 9.85 13.96 40.38
C GLY N 308 9.71 14.64 41.73
N ALA N 309 10.05 13.89 42.76
CA ALA N 309 9.96 14.37 44.13
C ALA N 309 11.34 14.44 44.75
N SER N 310 11.47 15.26 45.78
CA SER N 310 12.70 15.36 46.55
C SER N 310 12.76 14.23 47.58
N TRP N 311 13.87 14.16 48.31
CA TRP N 311 14.02 13.16 49.37
C TRP N 311 12.99 13.37 50.48
N THR N 312 12.69 14.62 50.81
CA THR N 312 11.83 14.94 51.92
C THR N 312 10.35 14.94 51.56
N ASP N 313 10.01 14.77 50.30
CA ASP N 313 8.62 14.81 49.87
C ASP N 313 7.89 13.58 50.37
N PRO N 314 6.72 13.74 51.02
CA PRO N 314 5.98 12.55 51.50
C PRO N 314 5.45 11.66 50.39
N ASP N 315 5.37 12.15 49.15
CA ASP N 315 4.92 11.37 48.02
C ASP N 315 6.06 10.63 47.32
N SER N 316 7.25 10.62 47.91
CA SER N 316 8.34 9.89 47.29
C SER N 316 8.20 8.38 47.48
N ILE N 317 7.53 7.94 48.55
CA ILE N 317 7.25 6.52 48.75
C ILE N 317 6.27 5.98 47.71
N PRO N 318 5.13 6.64 47.39
CA PRO N 318 4.35 6.16 46.24
C PRO N 318 5.07 6.23 44.91
N LEU N 319 6.06 7.11 44.75
CA LEU N 319 6.87 7.09 43.54
C LEU N 319 7.75 5.83 43.47
N MET N 320 8.23 5.37 44.62
CA MET N 320 8.94 4.10 44.67
C MET N 320 8.02 2.92 44.34
N VAL N 321 6.78 2.97 44.84
CA VAL N 321 5.81 1.92 44.50
C VAL N 321 5.49 1.94 43.01
N MET N 322 5.37 3.13 42.43
CA MET N 322 5.10 3.24 40.99
C MET N 322 6.27 2.78 40.15
N GLN N 323 7.50 3.06 40.60
CA GLN N 323 8.69 2.56 39.91
C GLN N 323 8.75 1.05 39.97
N THR N 324 8.28 0.45 41.07
CA THR N 324 8.18 -1.00 41.11
C THR N 324 7.08 -1.52 40.19
N MET N 325 5.96 -0.79 40.09
CA MET N 325 4.85 -1.19 39.23
C MET N 325 5.25 -1.20 37.76
N LEU N 326 6.04 -0.21 37.33
CA LEU N 326 6.49 -0.20 35.94
C LEU N 326 7.53 -1.30 35.69
N GLY N 327 8.47 -1.46 36.61
CA GLY N 327 9.43 -2.53 36.51
C GLY N 327 10.46 -2.34 35.41
N GLY N 328 11.15 -3.43 35.09
CA GLY N 328 12.15 -3.42 34.06
C GLY N 328 12.30 -4.80 33.44
N TRP N 329 13.07 -4.86 32.35
CA TRP N 329 13.18 -6.08 31.56
C TRP N 329 14.39 -5.98 30.64
N ASP N 330 15.00 -7.12 30.38
CA ASP N 330 15.99 -7.24 29.32
C ASP N 330 15.71 -8.52 28.54
N LYS N 331 16.21 -8.57 27.31
CA LYS N 331 15.90 -9.68 26.41
C LYS N 331 16.58 -10.98 26.80
N ASN N 332 17.49 -10.98 27.76
CA ASN N 332 18.06 -12.22 28.29
C ASN N 332 17.08 -13.01 29.14
N SER N 333 15.92 -12.44 29.47
CA SER N 333 14.89 -13.15 30.21
C SER N 333 13.84 -13.67 29.23
N THR N 334 13.49 -14.96 29.36
CA THR N 334 12.55 -15.60 28.47
C THR N 334 11.14 -15.67 29.02
N VAL N 335 10.90 -15.10 30.21
CA VAL N 335 9.57 -15.15 30.81
C VAL N 335 9.00 -13.75 30.93
N GLY N 336 9.39 -12.85 30.02
CA GLY N 336 8.88 -11.50 30.06
C GLY N 336 7.40 -11.39 29.78
N LYS N 337 6.87 -12.30 28.95
CA LYS N 337 5.46 -12.28 28.60
C LYS N 337 4.56 -12.68 29.76
N HIS N 338 5.10 -13.32 30.78
CA HIS N 338 4.34 -13.73 31.95
C HIS N 338 4.46 -12.76 33.11
N SER N 339 5.05 -11.59 32.87
CA SER N 339 5.28 -10.62 33.93
C SER N 339 3.98 -10.00 34.41
N SER N 340 3.98 -9.58 35.66
CA SER N 340 2.82 -8.93 36.25
C SER N 340 2.76 -7.44 35.94
N SER N 341 3.78 -6.88 35.32
CA SER N 341 3.80 -5.48 34.91
C SER N 341 3.32 -5.37 33.47
N ALA N 342 2.41 -4.42 33.22
CA ALA N 342 1.81 -4.28 31.90
C ALA N 342 2.81 -3.74 30.87
N LEU N 343 3.68 -2.82 31.29
CA LEU N 343 4.69 -2.29 30.38
C LEU N 343 5.69 -3.36 29.97
N VAL N 344 6.11 -4.19 30.93
CA VAL N 344 7.00 -5.31 30.62
C VAL N 344 6.29 -6.30 29.70
N GLN N 345 5.01 -6.53 29.93
CA GLN N 345 4.21 -7.42 29.08
C GLN N 345 4.17 -6.92 27.65
N THR N 346 3.90 -5.64 27.45
CA THR N 346 3.81 -5.08 26.11
C THR N 346 5.16 -5.10 25.40
N VAL N 347 6.22 -4.70 26.10
CA VAL N 347 7.54 -4.63 25.48
C VAL N 347 8.07 -6.02 25.17
N ALA N 348 7.84 -6.99 26.06
CA ALA N 348 8.33 -8.35 25.83
C ALA N 348 7.52 -9.06 24.76
N THR N 349 6.19 -8.89 24.76
CA THR N 349 5.34 -9.57 23.80
C THR N 349 5.54 -9.01 22.40
N GLU N 350 5.54 -7.69 22.26
CA GLU N 350 5.66 -7.06 20.95
C GLU N 350 7.10 -6.89 20.50
N GLY N 351 8.06 -7.15 21.38
CA GLY N 351 9.46 -6.97 21.04
C GLY N 351 9.87 -5.53 20.80
N LEU N 352 9.34 -4.60 21.59
CA LEU N 352 9.52 -3.18 21.29
C LEU N 352 10.88 -2.63 21.67
N ALA N 353 11.67 -3.33 22.48
CA ALA N 353 12.97 -2.83 22.89
C ALA N 353 13.87 -4.01 23.23
N ASP N 354 15.17 -3.72 23.33
CA ASP N 354 16.11 -4.74 23.76
C ASP N 354 16.17 -4.83 25.29
N ALA N 355 16.16 -3.69 25.96
CA ALA N 355 16.15 -3.62 27.42
C ALA N 355 15.58 -2.27 27.83
N PHE N 356 15.01 -2.23 29.03
CA PHE N 356 14.51 -0.98 29.59
C PHE N 356 14.42 -1.12 31.10
N MET N 357 14.30 0.03 31.77
CA MET N 357 14.17 0.07 33.22
C MET N 357 13.58 1.42 33.63
N ALA N 358 12.52 1.38 34.43
CA ALA N 358 11.98 2.60 35.02
C ALA N 358 12.88 3.08 36.14
N PHE N 359 13.04 4.40 36.24
CA PHE N 359 13.90 4.98 37.27
C PHE N 359 13.12 5.95 38.13
N ASN N 360 13.69 6.22 39.30
CA ASN N 360 13.15 7.19 40.26
C ASN N 360 14.35 7.82 40.97
N THR N 361 14.76 8.99 40.50
CA THR N 361 15.87 9.71 41.13
C THR N 361 15.30 10.76 42.07
N ASN N 362 15.88 10.87 43.26
CA ASN N 362 15.50 11.86 44.25
C ASN N 362 16.68 12.77 44.53
N TYR N 363 16.41 14.06 44.68
CA TYR N 363 17.43 15.03 45.06
C TYR N 363 16.97 15.83 46.27
N HIS N 364 17.71 16.88 46.62
CA HIS N 364 17.40 17.64 47.83
C HIS N 364 16.11 18.46 47.67
N ASP N 365 15.89 19.02 46.49
CA ASP N 365 14.72 19.85 46.24
C ASP N 365 13.89 19.45 45.02
N THR N 366 14.36 18.49 44.22
CA THR N 366 13.63 18.06 43.03
C THR N 366 13.93 16.58 42.80
N GLY N 367 13.62 16.09 41.60
CA GLY N 367 13.93 14.73 41.25
C GLY N 367 13.48 14.44 39.83
N LEU N 368 13.79 13.23 39.37
CA LEU N 368 13.39 12.76 38.06
C LEU N 368 12.67 11.43 38.18
N PHE N 369 11.74 11.19 37.26
CA PHE N 369 10.92 9.99 37.24
C PHE N 369 10.58 9.64 35.81
N GLY N 370 10.85 8.41 35.40
CA GLY N 370 10.46 8.00 34.06
C GLY N 370 11.10 6.69 33.66
N VAL N 371 11.13 6.45 32.35
CA VAL N 371 11.53 5.18 31.75
C VAL N 371 12.67 5.41 30.78
N TYR N 372 13.75 4.65 30.94
CA TYR N 372 14.86 4.62 30.00
C TYR N 372 14.87 3.28 29.28
N GLY N 373 15.21 3.26 28.00
CA GLY N 373 15.25 2.01 27.27
C GLY N 373 16.14 2.07 26.05
N VAL N 374 16.58 0.88 25.62
CA VAL N 374 17.45 0.72 24.46
C VAL N 374 16.67 -0.02 23.39
N THR N 375 16.61 0.54 22.20
CA THR N 375 15.80 -0.04 21.13
C THR N 375 16.47 0.25 19.80
N ASP N 376 15.72 0.06 18.71
CA ASP N 376 16.18 0.28 17.35
C ASP N 376 15.43 1.46 16.76
N ARG N 377 15.85 1.90 15.57
CA ARG N 377 15.19 3.05 14.95
C ARG N 377 13.80 2.71 14.44
N ASP N 378 13.55 1.44 14.12
CA ASP N 378 12.25 1.04 13.60
C ASP N 378 11.25 0.75 14.70
N ARG N 379 11.69 0.72 15.96
CA ARG N 379 10.80 0.49 17.08
C ARG N 379 10.76 1.67 18.04
N SER N 380 11.25 2.84 17.63
CA SER N 380 11.35 3.98 18.54
C SER N 380 9.98 4.56 18.86
N GLU N 381 9.15 4.74 17.85
CA GLU N 381 7.83 5.32 18.08
C GLU N 381 6.92 4.38 18.86
N ASP N 382 7.00 3.08 18.58
CA ASP N 382 6.17 2.12 19.31
C ASP N 382 6.61 2.01 20.76
N PHE N 383 7.91 2.02 21.02
CA PHE N 383 8.41 2.02 22.39
C PHE N 383 8.02 3.29 23.14
N ALA N 384 8.10 4.44 22.45
CA ALA N 384 7.71 5.71 23.06
C ALA N 384 6.21 5.73 23.38
N TYR N 385 5.39 5.18 22.49
CA TYR N 385 3.96 5.12 22.76
C TYR N 385 3.65 4.17 23.90
N ALA N 386 4.39 3.06 23.99
CA ALA N 386 4.20 2.14 25.11
C ALA N 386 4.53 2.80 26.44
N ILE N 387 5.63 3.55 26.48
CA ILE N 387 6.03 4.27 27.69
C ILE N 387 4.98 5.31 28.08
N MET N 388 4.57 6.14 27.11
CA MET N 388 3.65 7.23 27.40
C MET N 388 2.26 6.72 27.76
N SER N 389 1.82 5.63 27.13
CA SER N 389 0.50 5.10 27.43
C SER N 389 0.47 4.37 28.76
N ASN N 390 1.58 3.74 29.15
CA ASN N 390 1.61 3.10 30.45
C ASN N 390 1.76 4.11 31.58
N LEU N 391 2.40 5.25 31.31
CA LEU N 391 2.50 6.28 32.34
C LEU N 391 1.17 6.98 32.56
N THR N 392 0.46 7.31 31.48
CA THR N 392 -0.78 8.08 31.59
C THR N 392 -1.93 7.21 32.11
N ARG N 393 -1.88 5.90 31.90
CA ARG N 393 -2.91 5.01 32.40
C ARG N 393 -2.95 4.93 33.92
N MET N 394 -1.82 5.20 34.59
CA MET N 394 -1.76 5.14 36.04
C MET N 394 -2.55 6.25 36.72
N CYS N 395 -2.99 7.27 35.98
CA CYS N 395 -3.85 8.31 36.53
C CYS N 395 -5.32 7.91 36.56
N PHE N 396 -5.69 6.84 35.86
CA PHE N 396 -7.08 6.39 35.82
C PHE N 396 -7.26 4.94 36.25
N GLU N 397 -6.41 4.03 35.79
CA GLU N 397 -6.62 2.59 35.93
C GLU N 397 -5.52 1.99 36.78
N VAL N 398 -5.80 1.80 38.07
CA VAL N 398 -4.90 1.13 39.00
C VAL N 398 -5.68 0.04 39.70
N ARG N 399 -5.17 -1.19 39.65
CA ARG N 399 -5.78 -2.33 40.30
C ARG N 399 -5.13 -2.61 41.64
N ASP N 400 -5.93 -3.13 42.59
CA ASP N 400 -5.44 -3.40 43.93
C ASP N 400 -4.39 -4.52 43.95
N ALA N 401 -4.53 -5.49 43.04
CA ALA N 401 -3.59 -6.61 43.01
C ALA N 401 -2.20 -6.17 42.58
N ASP N 402 -2.11 -5.28 41.59
CA ASP N 402 -0.80 -4.80 41.15
C ASP N 402 -0.14 -3.94 42.22
N VAL N 403 -0.93 -3.16 42.96
CA VAL N 403 -0.39 -2.38 44.07
C VAL N 403 0.15 -3.28 45.17
N ALA N 404 -0.64 -4.30 45.54
CA ALA N 404 -0.20 -5.23 46.59
C ALA N 404 1.05 -6.00 46.17
N ARG N 405 1.10 -6.43 44.91
CA ARG N 405 2.27 -7.11 44.39
C ARG N 405 3.50 -6.22 44.41
N ALA N 406 3.34 -4.95 44.01
CA ALA N 406 4.49 -4.05 43.94
C ALA N 406 4.96 -3.66 45.34
N LYS N 407 4.03 -3.56 46.30
CA LYS N 407 4.44 -3.29 47.68
C LYS N 407 5.21 -4.46 48.26
N ASN N 408 4.77 -5.70 47.98
CA ASN N 408 5.51 -6.87 48.43
C ASN N 408 6.89 -6.94 47.79
N GLN N 409 6.98 -6.62 46.49
CA GLN N 409 8.27 -6.60 45.80
C GLN N 409 9.19 -5.53 46.36
N LEU N 410 8.63 -4.35 46.69
CA LEU N 410 9.42 -3.27 47.29
C LEU N 410 9.97 -3.66 48.66
N LYS N 411 9.13 -4.26 49.51
CA LYS N 411 9.60 -4.64 50.83
C LYS N 411 10.62 -5.78 50.76
N ALA N 412 10.42 -6.71 49.83
CA ALA N 412 11.41 -7.78 49.64
C ALA N 412 12.73 -7.24 49.11
N SER N 413 12.69 -6.24 48.23
CA SER N 413 13.91 -5.63 47.74
C SER N 413 14.61 -4.85 48.84
N LEU N 414 13.82 -4.26 49.75
CA LEU N 414 14.41 -3.59 50.91
C LEU N 414 15.08 -4.59 51.84
N MET N 415 14.54 -5.79 51.96
CA MET N 415 15.15 -6.81 52.79
C MET N 415 16.40 -7.41 52.14
N PHE N 416 16.48 -7.40 50.81
CA PHE N 416 17.68 -7.90 50.15
C PHE N 416 18.86 -6.96 50.32
N PHE N 417 18.60 -5.67 50.52
CA PHE N 417 19.68 -4.73 50.80
C PHE N 417 20.25 -4.93 52.21
N GLN N 418 19.42 -5.42 53.13
CA GLN N 418 19.85 -5.72 54.48
C GLN N 418 20.81 -6.90 54.55
N ASP N 419 20.82 -7.76 53.53
CA ASP N 419 21.68 -8.94 53.52
C ASP N 419 23.15 -8.58 53.31
N SER N 420 23.44 -7.47 52.67
CA SER N 420 24.80 -7.08 52.32
C SER N 420 25.27 -5.94 53.21
N THR N 421 26.52 -6.03 53.70
CA THR N 421 27.07 -4.99 54.56
C THR N 421 27.27 -3.68 53.81
N HIS N 422 27.66 -3.77 52.53
CA HIS N 422 27.91 -2.58 51.73
C HIS N 422 26.64 -1.76 51.53
N HIS N 423 25.52 -2.44 51.27
CA HIS N 423 24.25 -1.74 51.12
C HIS N 423 23.73 -1.18 52.43
N VAL N 424 24.01 -1.86 53.55
CA VAL N 424 23.60 -1.34 54.85
C VAL N 424 24.39 -0.08 55.19
N ALA N 425 25.70 -0.09 54.93
CA ALA N 425 26.53 1.09 55.18
C ALA N 425 26.14 2.26 54.28
N GLU N 426 25.88 1.97 53.00
CA GLU N 426 25.44 3.00 52.07
C GLU N 426 24.09 3.57 52.47
N SER N 427 23.19 2.70 52.95
CA SER N 427 21.88 3.14 53.42
C SER N 427 21.99 4.03 54.63
N ILE N 428 22.90 3.70 55.58
CA ILE N 428 23.09 4.52 56.76
C ILE N 428 23.61 5.90 56.38
N GLY N 429 24.65 5.93 55.54
CA GLY N 429 25.24 7.21 55.15
C GLY N 429 24.28 8.09 54.36
N ARG N 430 23.59 7.50 53.38
CA ARG N 430 22.65 8.25 52.56
C ARG N 430 21.45 8.74 53.37
N GLU N 431 20.90 7.88 54.23
CA GLU N 431 19.73 8.28 55.02
C GLU N 431 20.09 9.37 56.02
N LEU N 432 21.29 9.30 56.59
CA LEU N 432 21.72 10.37 57.50
C LEU N 432 21.96 11.67 56.75
N LEU N 433 22.49 11.59 55.53
CA LEU N 433 22.81 12.81 54.80
C LEU N 433 21.57 13.50 54.24
N VAL N 434 20.57 12.73 53.80
CA VAL N 434 19.44 13.35 53.10
C VAL N 434 18.17 13.48 53.94
N TYR N 435 18.05 12.75 55.05
CA TYR N 435 16.91 12.91 55.94
C TYR N 435 17.27 13.52 57.28
N GLY N 436 18.56 13.62 57.62
CA GLY N 436 18.93 14.11 58.92
C GLY N 436 18.73 13.13 60.05
N ARG N 437 18.39 11.88 59.75
CA ARG N 437 18.15 10.87 60.76
C ARG N 437 18.37 9.50 60.11
N ARG N 438 18.09 8.46 60.87
CA ARG N 438 18.10 7.09 60.40
C ARG N 438 16.68 6.55 60.56
N ILE N 439 16.00 6.29 59.45
CA ILE N 439 14.62 5.83 59.51
C ILE N 439 14.60 4.38 59.96
N PRO N 440 13.87 4.04 61.02
CA PRO N 440 13.71 2.63 61.39
C PRO N 440 12.95 1.87 60.33
N LYS N 441 13.25 0.58 60.22
CA LYS N 441 12.63 -0.25 59.20
C LYS N 441 11.13 -0.43 59.45
N ALA N 442 10.70 -0.32 60.71
CA ALA N 442 9.28 -0.36 61.02
C ALA N 442 8.55 0.83 60.43
N GLU N 443 9.16 2.02 60.48
CA GLU N 443 8.53 3.20 59.91
C GLU N 443 8.49 3.13 58.38
N MET N 444 9.56 2.63 57.76
CA MET N 444 9.57 2.48 56.31
C MET N 444 8.53 1.47 55.86
N PHE N 445 8.37 0.37 56.60
CA PHE N 445 7.34 -0.60 56.28
C PHE N 445 5.94 -0.03 56.49
N ALA N 446 5.75 0.78 57.53
CA ALA N 446 4.43 1.38 57.76
C ALA N 446 4.09 2.42 56.71
N ARG N 447 5.10 3.16 56.23
CA ARG N 447 4.88 4.11 55.15
C ARG N 447 4.57 3.41 53.85
N ILE N 448 5.27 2.31 53.55
CA ILE N 448 4.99 1.55 52.32
C ILE N 448 3.61 0.91 52.39
N ASP N 449 3.25 0.38 53.56
CA ASP N 449 1.98 -0.30 53.76
C ASP N 449 0.78 0.64 53.74
N ALA N 450 0.99 1.96 53.80
CA ALA N 450 -0.10 2.92 53.76
C ALA N 450 -0.47 3.34 52.35
N VAL N 451 0.27 2.90 51.34
CA VAL N 451 0.02 3.28 49.96
C VAL N 451 -1.02 2.32 49.38
N ASP N 452 -2.13 2.86 48.89
CA ASP N 452 -3.15 2.08 48.22
C ASP N 452 -3.29 2.56 46.77
N ALA N 453 -4.32 2.06 46.09
CA ALA N 453 -4.53 2.42 44.69
C ALA N 453 -4.97 3.86 44.53
N ASN N 454 -5.72 4.39 45.50
CA ASN N 454 -6.13 5.80 45.46
C ASN N 454 -4.93 6.73 45.56
N ALA N 455 -3.98 6.40 46.43
CA ALA N 455 -2.79 7.22 46.59
C ALA N 455 -1.92 7.18 45.34
N ILE N 456 -1.81 6.02 44.69
CA ILE N 456 -1.07 5.92 43.44
C ILE N 456 -1.73 6.73 42.35
N ARG N 457 -3.07 6.68 42.27
CA ARG N 457 -3.80 7.50 41.32
C ARG N 457 -3.58 8.99 41.55
N ALA N 458 -3.63 9.42 42.82
CA ALA N 458 -3.46 10.84 43.14
C ALA N 458 -2.04 11.32 42.86
N VAL N 459 -1.04 10.49 43.18
CA VAL N 459 0.35 10.86 42.93
C VAL N 459 0.64 10.94 41.44
N ALA N 460 0.11 9.99 40.67
CA ALA N 460 0.29 10.04 39.22
C ALA N 460 -0.46 11.21 38.60
N ASP N 461 -1.62 11.56 39.16
CA ASP N 461 -2.36 12.73 38.69
C ASP N 461 -1.62 14.02 39.00
N ARG N 462 -0.90 14.07 40.13
CA ARG N 462 -0.13 15.26 40.45
C ARG N 462 1.12 15.37 39.59
N PHE N 463 1.82 14.27 39.37
CA PHE N 463 3.16 14.33 38.79
C PHE N 463 3.22 14.16 37.29
N ILE N 464 2.27 13.46 36.66
CA ILE N 464 2.38 13.05 35.27
C ILE N 464 1.36 13.76 34.39
N TYR N 465 0.10 13.83 34.83
CA TYR N 465 -1.01 14.14 33.94
C TYR N 465 -0.95 15.58 33.45
N ASP N 466 -0.85 15.75 32.13
CA ASP N 466 -0.86 17.04 31.43
C ASP N 466 0.26 17.96 31.94
N GLN N 467 1.45 17.39 32.08
CA GLN N 467 2.63 18.10 32.53
C GLN N 467 3.69 18.06 31.45
N ASP N 468 4.57 19.06 31.46
CA ASP N 468 5.73 19.03 30.60
C ASP N 468 6.69 17.94 31.06
N MET N 469 7.46 17.41 30.11
CA MET N 469 8.44 16.38 30.38
C MET N 469 9.73 16.72 29.65
N ALA N 470 10.77 15.98 29.99
CA ALA N 470 12.07 16.13 29.35
C ALA N 470 12.41 14.83 28.63
N VAL N 471 12.89 14.95 27.39
CA VAL N 471 13.15 13.81 26.54
C VAL N 471 14.57 13.90 26.01
N ALA N 472 15.35 12.85 26.23
CA ALA N 472 16.73 12.80 25.74
C ALA N 472 16.95 11.51 24.96
N SER N 473 17.82 11.59 23.95
CA SER N 473 18.02 10.48 23.03
C SER N 473 19.45 10.52 22.49
N ALA N 474 19.90 9.37 21.97
CA ALA N 474 21.26 9.28 21.45
C ALA N 474 21.35 8.10 20.48
N GLY N 475 22.15 8.29 19.43
CA GLY N 475 22.46 7.20 18.52
C GLY N 475 21.79 7.28 17.16
N ASP N 476 20.91 6.33 16.89
CA ASP N 476 20.09 6.29 15.68
C ASP N 476 18.70 6.80 16.06
N VAL N 477 18.55 8.12 16.05
CA VAL N 477 17.38 8.75 16.63
C VAL N 477 16.57 9.54 15.60
N GLN N 478 16.75 9.24 14.31
CA GLN N 478 16.04 9.97 13.28
C GLN N 478 14.53 9.71 13.29
N PHE N 479 14.09 8.59 13.85
CA PHE N 479 12.67 8.27 13.88
C PHE N 479 12.04 8.50 15.24
N VAL N 480 12.79 9.04 16.18
CA VAL N 480 12.22 9.40 17.50
C VAL N 480 11.32 10.60 17.33
N PRO N 481 10.10 10.58 17.87
CA PRO N 481 9.18 11.71 17.71
C PRO N 481 9.66 12.96 18.44
N ASP N 482 9.17 14.11 17.98
CA ASP N 482 9.60 15.39 18.53
C ASP N 482 8.83 15.69 19.81
N TYR N 483 8.97 16.92 20.31
CA TYR N 483 8.41 17.27 21.61
C TYR N 483 6.89 17.34 21.60
N ASN N 484 6.30 17.81 20.51
CA ASN N 484 4.84 17.96 20.47
C ASN N 484 4.14 16.61 20.46
N TRP N 485 4.77 15.59 19.86
CA TRP N 485 4.23 14.23 19.91
C TRP N 485 4.22 13.70 21.34
N PHE N 486 5.32 13.89 22.07
CA PHE N 486 5.38 13.46 23.46
C PHE N 486 4.44 14.28 24.33
N ARG N 487 4.33 15.58 24.07
CA ARG N 487 3.55 16.46 24.93
C ARG N 487 2.05 16.18 24.81
N ARG N 488 1.59 15.81 23.63
CA ARG N 488 0.16 15.55 23.45
C ARG N 488 -0.27 14.27 24.13
N ARG N 489 0.64 13.33 24.35
CA ARG N 489 0.32 12.04 24.95
C ARG N 489 0.56 12.02 26.45
N SER N 490 0.44 13.16 27.11
CA SER N 490 0.36 13.23 28.57
C SER N 490 -1.07 13.30 29.07
N TYR N 491 -2.05 13.46 28.17
CA TYR N 491 -3.45 13.60 28.57
C TYR N 491 -4.31 12.81 27.60
N TRP N 492 -5.54 12.53 28.03
CA TRP N 492 -6.51 11.77 27.24
C TRP N 492 -7.70 12.67 26.94
N LEU N 493 -8.01 12.84 25.65
CA LEU N 493 -9.22 13.56 25.30
C LEU N 493 -10.47 12.70 25.42
N ARG N 494 -10.31 11.37 25.48
CA ARG N 494 -11.44 10.45 25.56
C ARG N 494 -12.19 10.53 26.88
N TYR N 495 -11.64 11.20 27.87
CA TYR N 495 -12.23 11.23 29.19
C TYR N 495 -12.42 12.66 29.68
N PRO O 2 14.48 15.53 -16.04
CA PRO O 2 15.57 15.05 -16.87
C PRO O 2 15.23 13.83 -17.73
N ILE O 3 13.96 13.71 -18.08
CA ILE O 3 13.50 12.84 -19.15
C ILE O 3 12.87 13.73 -20.22
N GLY O 4 13.39 13.64 -21.44
CA GLY O 4 12.90 14.48 -22.52
C GLY O 4 14.00 15.23 -23.24
N VAL O 5 13.98 16.56 -23.17
CA VAL O 5 14.99 17.37 -23.86
C VAL O 5 16.34 17.25 -23.16
N TRP O 6 16.35 16.92 -21.87
CA TRP O 6 17.62 16.72 -21.16
C TRP O 6 18.34 15.48 -21.65
N SER O 7 17.60 14.47 -22.12
CA SER O 7 18.24 13.28 -22.67
C SER O 7 18.95 13.58 -23.99
N VAL O 8 18.39 14.47 -24.81
CA VAL O 8 19.03 14.78 -26.08
C VAL O 8 20.09 15.88 -25.94
N PHE O 9 20.00 16.72 -24.90
CA PHE O 9 21.07 17.69 -24.67
C PHE O 9 22.35 17.03 -24.19
N GLN O 10 22.23 15.95 -23.42
CA GLN O 10 23.39 15.28 -22.86
C GLN O 10 24.07 14.34 -23.85
N GLY O 11 23.47 14.07 -24.99
CA GLY O 11 24.03 13.11 -25.92
C GLY O 11 23.64 11.68 -25.65
N TYR O 12 22.52 11.44 -24.98
CA TYR O 12 22.07 10.09 -24.69
C TYR O 12 21.23 9.49 -25.81
N VAL O 13 20.86 10.28 -26.82
CA VAL O 13 20.08 9.78 -27.95
C VAL O 13 21.02 9.73 -29.14
N THR O 14 21.60 8.54 -29.37
CA THR O 14 22.56 8.30 -30.43
C THR O 14 21.83 7.75 -31.65
N PRO O 15 22.51 7.46 -32.78
CA PRO O 15 21.91 6.56 -33.76
C PRO O 15 21.53 5.20 -33.19
N ALA O 16 22.36 4.65 -32.31
CA ALA O 16 21.93 3.53 -31.50
C ALA O 16 21.00 4.03 -30.39
N ARG O 17 20.31 3.09 -29.75
CA ARG O 17 19.25 3.28 -28.74
C ARG O 17 17.98 3.90 -29.33
N LEU O 18 17.97 4.27 -30.59
CA LEU O 18 16.81 4.68 -31.36
C LEU O 18 16.14 3.44 -31.95
N PRO O 19 14.82 3.47 -32.17
CA PRO O 19 14.14 2.31 -32.76
C PRO O 19 14.61 2.06 -34.18
N SER O 20 14.61 0.78 -34.55
CA SER O 20 15.03 0.36 -35.88
C SER O 20 13.94 0.67 -36.90
N ILE O 21 14.24 0.40 -38.17
CA ILE O 21 13.24 0.56 -39.22
C ILE O 21 12.13 -0.47 -39.09
N GLN O 22 12.50 -1.70 -38.72
CA GLN O 22 11.51 -2.75 -38.52
C GLN O 22 10.60 -2.45 -37.35
N THR O 23 11.16 -1.91 -36.26
CA THR O 23 10.34 -1.52 -35.11
C THR O 23 9.35 -0.42 -35.47
N LEU O 24 9.81 0.57 -36.23
CA LEU O 24 8.94 1.65 -36.65
C LEU O 24 7.88 1.19 -37.65
N THR O 25 8.21 0.20 -38.48
CA THR O 25 7.22 -0.35 -39.39
C THR O 25 6.17 -1.16 -38.66
N ARG O 26 6.58 -1.93 -37.65
CA ARG O 26 5.63 -2.69 -36.85
C ARG O 26 4.73 -1.78 -36.03
N VAL O 27 5.28 -0.69 -35.51
CA VAL O 27 4.46 0.32 -34.85
C VAL O 27 3.63 1.07 -35.90
N GLY O 28 4.23 1.36 -37.05
CA GLY O 28 3.52 2.06 -38.11
C GLY O 28 2.41 1.25 -38.76
N ALA O 29 2.42 -0.07 -38.59
CA ALA O 29 1.33 -0.90 -39.07
C ALA O 29 0.06 -0.75 -38.25
N TRP O 30 0.12 -0.11 -37.10
CA TRP O 30 -1.09 0.17 -36.32
C TRP O 30 -1.91 1.31 -36.91
N GLY O 31 -1.37 2.04 -37.89
CA GLY O 31 -2.15 3.08 -38.54
C GLY O 31 -3.33 2.54 -39.34
N GLY O 32 -3.15 1.39 -39.98
CA GLY O 32 -4.25 0.80 -40.72
C GLY O 32 -5.33 0.22 -39.82
N VAL O 33 -4.96 -0.20 -38.61
CA VAL O 33 -5.90 -0.82 -37.70
C VAL O 33 -6.92 0.20 -37.21
N VAL O 34 -6.48 1.41 -36.86
CA VAL O 34 -7.39 2.42 -36.38
C VAL O 34 -8.27 2.94 -37.52
N VAL O 35 -7.74 2.99 -38.75
CA VAL O 35 -8.54 3.39 -39.91
C VAL O 35 -9.63 2.38 -40.18
N VAL O 36 -9.28 1.09 -40.17
CA VAL O 36 -10.25 0.02 -40.40
C VAL O 36 -11.27 -0.02 -39.26
N GLY O 37 -10.84 0.22 -38.03
CA GLY O 37 -11.77 0.25 -36.91
C GLY O 37 -12.76 1.41 -36.99
N GLY O 38 -12.27 2.59 -37.39
CA GLY O 38 -13.18 3.71 -37.58
C GLY O 38 -14.16 3.49 -38.72
N LEU O 39 -13.68 2.92 -39.84
CA LEU O 39 -14.57 2.59 -40.95
C LEU O 39 -15.55 1.50 -40.59
N TYR O 40 -15.16 0.57 -39.71
CA TYR O 40 -16.08 -0.44 -39.22
C TYR O 40 -17.13 0.17 -38.31
N MET O 41 -16.75 1.14 -37.49
CA MET O 41 -17.67 1.73 -36.54
C MET O 41 -18.67 2.65 -37.23
N VAL O 42 -18.22 3.46 -38.19
CA VAL O 42 -19.10 4.44 -38.82
C VAL O 42 -19.86 3.84 -40.00
N GLN O 43 -19.18 3.01 -40.79
CA GLN O 43 -19.62 2.41 -42.05
C GLN O 43 -20.10 3.43 -43.08
N PRO O 44 -19.21 4.29 -43.62
CA PRO O 44 -19.59 5.15 -44.75
C PRO O 44 -19.29 4.44 -46.08
N TRP O 45 -20.19 3.55 -46.49
CA TRP O 45 -19.90 2.67 -47.62
C TRP O 45 -19.93 3.44 -48.94
N ASP O 46 -18.88 3.22 -49.74
CA ASP O 46 -18.69 3.87 -51.04
C ASP O 46 -18.70 5.40 -50.94
N TRP O 47 -18.10 5.90 -49.86
CA TRP O 47 -18.01 7.33 -49.60
C TRP O 47 -16.75 7.96 -50.17
N LEU O 48 -15.85 7.15 -50.74
CA LEU O 48 -14.59 7.65 -51.25
C LEU O 48 -14.80 8.39 -52.56
N ALA O 49 -15.08 9.69 -52.46
CA ALA O 49 -15.40 10.59 -53.57
C ALA O 49 -16.55 10.07 -54.43
N PRO P 2 -13.29 -16.20 16.46
CA PRO P 2 -14.40 -15.24 16.66
C PRO P 2 -14.21 -14.47 17.95
N ILE P 3 -14.84 -13.31 18.10
CA ILE P 3 -14.57 -12.46 19.24
C ILE P 3 -15.80 -12.10 20.05
N GLY P 4 -17.02 -12.16 19.51
CA GLY P 4 -18.17 -11.72 20.28
C GLY P 4 -18.68 -12.69 21.33
N VAL P 5 -19.30 -13.78 20.88
CA VAL P 5 -19.95 -14.72 21.79
C VAL P 5 -19.06 -15.93 22.03
N TRP P 6 -18.13 -16.22 21.13
CA TRP P 6 -17.12 -17.25 21.36
C TRP P 6 -16.27 -16.94 22.58
N SER P 7 -15.96 -15.66 22.81
CA SER P 7 -15.19 -15.27 23.98
C SER P 7 -15.97 -15.46 25.27
N VAL P 8 -17.28 -15.24 25.26
CA VAL P 8 -18.10 -15.54 26.44
C VAL P 8 -18.19 -17.04 26.66
N PHE P 9 -18.29 -17.81 25.58
CA PHE P 9 -18.45 -19.26 25.70
C PHE P 9 -17.14 -19.96 26.04
N GLN P 10 -16.00 -19.38 25.67
CA GLN P 10 -14.72 -19.98 26.00
C GLN P 10 -14.24 -19.61 27.40
N GLY P 11 -15.01 -18.81 28.14
CA GLY P 11 -14.61 -18.39 29.46
C GLY P 11 -13.55 -17.31 29.50
N TYR P 12 -13.42 -16.51 28.45
CA TYR P 12 -12.42 -15.46 28.40
C TYR P 12 -12.93 -14.14 28.96
N VAL P 13 -14.21 -14.04 29.32
CA VAL P 13 -14.77 -12.80 29.86
C VAL P 13 -14.99 -13.00 31.35
N THR P 14 -14.09 -12.48 32.13
CA THR P 14 -14.08 -12.62 33.58
C THR P 14 -14.32 -11.28 34.25
N PRO P 15 -14.71 -11.27 35.52
CA PRO P 15 -14.77 -10.00 36.26
C PRO P 15 -13.44 -9.28 36.33
N ALA P 16 -12.32 -10.00 36.39
CA ALA P 16 -11.01 -9.35 36.42
C ALA P 16 -10.62 -8.75 35.08
N ARG P 17 -11.28 -9.17 33.99
CA ARG P 17 -11.01 -8.63 32.66
C ARG P 17 -12.04 -7.60 32.23
N LEU P 18 -13.18 -7.53 32.91
CA LEU P 18 -14.18 -6.51 32.61
C LEU P 18 -13.69 -5.13 33.05
N PRO P 19 -14.17 -4.07 32.41
CA PRO P 19 -13.82 -2.72 32.87
C PRO P 19 -14.39 -2.40 34.24
N SER P 20 -13.70 -1.54 34.96
CA SER P 20 -14.04 -1.20 36.33
C SER P 20 -15.32 -0.36 36.38
N ILE P 21 -15.84 -0.20 37.60
CA ILE P 21 -17.03 0.62 37.80
C ILE P 21 -16.68 2.11 37.66
N GLN P 22 -15.44 2.49 37.98
CA GLN P 22 -15.00 3.86 37.76
C GLN P 22 -14.86 4.15 36.26
N THR P 23 -14.36 3.18 35.50
CA THR P 23 -14.29 3.31 34.05
C THR P 23 -15.68 3.41 33.44
N LEU P 24 -16.62 2.61 33.94
CA LEU P 24 -17.99 2.70 33.43
C LEU P 24 -18.66 4.00 33.82
N THR P 25 -18.29 4.58 34.97
CA THR P 25 -18.82 5.88 35.33
C THR P 25 -18.27 6.97 34.43
N ARG P 26 -16.96 6.95 34.16
CA ARG P 26 -16.36 8.01 33.36
C ARG P 26 -16.69 7.88 31.87
N VAL P 27 -16.88 6.65 31.38
CA VAL P 27 -17.30 6.47 30.00
C VAL P 27 -18.76 6.89 29.83
N GLY P 28 -19.61 6.52 30.79
CA GLY P 28 -21.03 6.85 30.71
C GLY P 28 -21.35 8.30 30.97
N ALA P 29 -20.37 9.10 31.37
CA ALA P 29 -20.56 10.53 31.52
C ALA P 29 -20.68 11.24 30.17
N TRP P 30 -20.28 10.59 29.07
CA TRP P 30 -20.47 11.15 27.73
C TRP P 30 -21.94 11.25 27.35
N GLY P 31 -22.84 10.59 28.07
CA GLY P 31 -24.27 10.71 27.78
C GLY P 31 -24.81 12.10 28.04
N GLY P 32 -24.31 12.80 29.06
CA GLY P 32 -24.72 14.17 29.27
C GLY P 32 -24.20 15.12 28.21
N VAL P 33 -23.03 14.80 27.64
CA VAL P 33 -22.48 15.61 26.55
C VAL P 33 -23.37 15.53 25.32
N VAL P 34 -23.90 14.34 25.03
CA VAL P 34 -24.78 14.18 23.86
C VAL P 34 -26.10 14.92 24.09
N VAL P 35 -26.61 14.89 25.32
CA VAL P 35 -27.86 15.60 25.64
C VAL P 35 -27.65 17.11 25.50
N VAL P 36 -26.54 17.63 26.02
CA VAL P 36 -26.34 19.07 25.94
C VAL P 36 -25.96 19.49 24.52
N GLY P 37 -25.35 18.59 23.74
CA GLY P 37 -25.10 18.89 22.33
C GLY P 37 -26.38 18.96 21.51
N GLY P 38 -27.31 18.04 21.78
CA GLY P 38 -28.60 18.10 21.11
C GLY P 38 -29.41 19.32 21.53
N LEU P 39 -29.35 19.68 22.81
CA LEU P 39 -30.02 20.90 23.25
C LEU P 39 -29.37 22.15 22.67
N TYR P 40 -28.07 22.11 22.44
CA TYR P 40 -27.42 23.25 21.79
C TYR P 40 -27.78 23.34 20.31
N MET P 41 -27.92 22.19 19.65
CA MET P 41 -28.23 22.20 18.23
C MET P 41 -29.67 22.63 17.96
N VAL P 42 -30.63 22.04 18.70
CA VAL P 42 -32.02 22.34 18.41
C VAL P 42 -32.49 23.61 19.10
N GLN P 43 -31.91 23.90 20.27
CA GLN P 43 -32.41 24.91 21.21
C GLN P 43 -33.92 24.86 21.46
N PRO P 44 -34.49 23.68 21.79
CA PRO P 44 -35.94 23.55 21.94
C PRO P 44 -36.43 23.78 23.36
N TRP P 45 -36.02 24.89 23.95
CA TRP P 45 -36.31 25.09 25.36
C TRP P 45 -37.13 26.34 25.62
N ASP P 46 -37.80 26.30 26.77
CA ASP P 46 -38.23 27.49 27.51
C ASP P 46 -37.36 27.69 28.75
N TRP P 47 -36.15 27.13 28.74
CA TRP P 47 -35.25 27.08 29.89
C TRP P 47 -34.58 28.41 30.18
N LEU P 48 -34.47 29.30 29.18
CA LEU P 48 -33.74 30.55 29.38
C LEU P 48 -34.52 31.53 30.27
N ALA P 49 -35.85 31.45 30.25
CA ALA P 49 -36.76 32.30 31.03
C ALA P 49 -36.52 33.79 30.82
N GLY Q 45 16.37 -16.84 -47.20
CA GLY Q 45 16.59 -17.97 -46.30
C GLY Q 45 18.06 -18.26 -46.06
N GLY Q 46 18.35 -18.92 -44.94
CA GLY Q 46 19.72 -19.25 -44.59
C GLY Q 46 20.19 -20.50 -45.30
N GLY Q 47 21.33 -21.01 -44.84
CA GLY Q 47 21.85 -22.25 -45.38
C GLY Q 47 20.98 -23.43 -44.99
N ARG Q 48 20.75 -24.32 -45.96
CA ARG Q 48 19.90 -25.49 -45.77
C ARG Q 48 20.62 -26.79 -46.07
N VAL Q 49 21.91 -26.75 -46.36
CA VAL Q 49 22.69 -27.96 -46.56
C VAL Q 49 22.95 -28.59 -45.20
N GLU Q 50 22.50 -29.82 -45.03
CA GLU Q 50 22.65 -30.53 -43.77
C GLU Q 50 24.10 -30.88 -43.51
N VAL Q 51 24.48 -30.85 -42.23
CA VAL Q 51 25.85 -31.14 -41.80
C VAL Q 51 26.36 -32.56 -42.06
N PRO Q 52 25.55 -33.62 -42.27
CA PRO Q 52 26.14 -34.83 -42.86
C PRO Q 52 26.63 -34.65 -44.28
N LEU Q 53 26.05 -33.74 -45.05
CA LEU Q 53 26.55 -33.43 -46.38
C LEU Q 53 27.62 -32.36 -46.29
N SER Q 54 28.60 -32.45 -47.21
CA SER Q 54 29.60 -31.41 -47.31
C SER Q 54 28.98 -30.12 -47.80
N GLU Q 55 29.55 -28.99 -47.36
CA GLU Q 55 29.08 -27.71 -47.85
C GLU Q 55 29.55 -27.52 -49.29
N LYS Q 56 28.83 -26.67 -50.02
CA LYS Q 56 28.99 -26.57 -51.46
C LYS Q 56 30.30 -25.85 -51.82
N LEU Q 57 30.45 -25.58 -53.11
CA LEU Q 57 31.59 -24.88 -53.72
C LEU Q 57 31.96 -23.56 -53.04
N PRO Q 58 31.03 -22.82 -52.36
CA PRO Q 58 31.50 -21.83 -51.38
C PRO Q 58 32.01 -22.41 -50.07
N ALA Q 59 33.00 -23.33 -50.14
CA ALA Q 59 33.75 -23.81 -48.98
C ALA Q 59 35.13 -24.19 -49.49
N VAL Q 60 36.06 -23.25 -49.37
CA VAL Q 60 37.34 -23.33 -50.05
C VAL Q 60 38.44 -23.65 -49.05
N THR Q 61 39.46 -24.37 -49.54
CA THR Q 61 40.70 -24.62 -48.80
C THR Q 61 41.78 -23.65 -49.24
N GLU Q 62 41.39 -22.39 -49.48
CA GLU Q 62 42.29 -21.35 -49.95
C GLU Q 62 43.56 -21.14 -49.11
N PRO Q 63 43.55 -21.18 -47.78
CA PRO Q 63 44.82 -21.20 -47.06
C PRO Q 63 45.54 -22.52 -47.26
N PRO Q 64 46.79 -22.49 -47.72
CA PRO Q 64 47.56 -23.72 -47.86
C PRO Q 64 48.11 -24.18 -46.52
N ARG Q 65 48.65 -25.40 -46.52
CA ARG Q 65 49.24 -25.96 -45.31
C ARG Q 65 50.64 -25.42 -45.12
N THR Q 66 50.86 -24.69 -44.03
CA THR Q 66 52.19 -24.21 -43.70
C THR Q 66 53.04 -25.37 -43.17
N SER Q 67 54.28 -25.44 -43.64
CA SER Q 67 55.19 -26.50 -43.25
C SER Q 67 55.55 -26.40 -41.77
N THR Q 68 55.70 -27.56 -41.13
CA THR Q 68 56.03 -27.60 -39.71
C THR Q 68 57.47 -27.13 -39.48
N PRO Q 69 57.77 -26.55 -38.32
CA PRO Q 69 59.16 -26.27 -37.98
C PRO Q 69 59.96 -27.56 -37.81
N ALA Q 70 61.27 -27.45 -38.05
CA ALA Q 70 62.12 -28.63 -38.05
C ALA Q 70 62.26 -29.24 -36.67
N THR Q 71 62.43 -28.42 -35.64
CA THR Q 71 62.65 -28.90 -34.29
C THR Q 71 61.58 -28.35 -33.35
N LYS Q 72 61.55 -28.93 -32.16
CA LYS Q 72 60.70 -28.40 -31.09
C LYS Q 72 61.20 -27.00 -30.72
N PRO Q 73 60.30 -26.03 -30.56
CA PRO Q 73 60.74 -24.66 -30.26
C PRO Q 73 61.37 -24.55 -28.89
N ILE Q 74 62.32 -23.62 -28.78
CA ILE Q 74 63.06 -23.39 -27.56
C ILE Q 74 62.61 -22.06 -26.95
N VAL Q 75 62.87 -21.91 -25.66
CA VAL Q 75 62.51 -20.69 -24.93
C VAL Q 75 63.58 -19.65 -25.18
N GLN Q 76 63.17 -18.47 -25.64
CA GLN Q 76 64.07 -17.36 -25.92
C GLN Q 76 63.74 -16.23 -24.97
N THR Q 77 64.75 -15.73 -24.26
CA THR Q 77 64.55 -14.71 -23.24
C THR Q 77 65.51 -13.54 -23.45
N SER Q 78 65.06 -12.37 -23.03
CA SER Q 78 65.86 -11.15 -23.11
C SER Q 78 65.38 -10.20 -22.01
N SER Q 79 65.88 -8.98 -22.06
CA SER Q 79 65.49 -7.96 -21.09
C SER Q 79 65.29 -6.63 -21.80
N LEU Q 80 64.25 -5.91 -21.39
CA LEU Q 80 64.00 -4.59 -21.94
C LEU Q 80 65.00 -3.59 -21.35
N ARG Q 81 65.09 -2.43 -22.00
CA ARG Q 81 65.97 -1.37 -21.50
C ARG Q 81 65.43 -0.75 -20.21
N SER Q 82 64.15 -0.94 -19.90
CA SER Q 82 63.64 -0.53 -18.59
C SER Q 82 64.00 -1.53 -17.49
N GLY Q 83 64.43 -2.74 -17.85
CA GLY Q 83 64.80 -3.75 -16.88
C GLY Q 83 63.83 -4.91 -16.76
N VAL Q 84 62.67 -4.84 -17.41
CA VAL Q 84 61.70 -5.92 -17.36
C VAL Q 84 62.19 -7.07 -18.24
N LYS Q 85 62.22 -8.27 -17.69
CA LYS Q 85 62.62 -9.45 -18.45
C LYS Q 85 61.44 -10.01 -19.24
N VAL Q 86 61.70 -10.35 -20.50
CA VAL Q 86 60.69 -10.88 -21.41
C VAL Q 86 61.17 -12.23 -21.90
N ALA Q 87 60.37 -13.26 -21.68
CA ALA Q 87 60.65 -14.62 -22.14
C ALA Q 87 59.44 -15.16 -22.87
N SER Q 88 59.68 -15.85 -23.99
CA SER Q 88 58.58 -16.38 -24.77
C SER Q 88 58.99 -17.70 -25.41
N ILE Q 89 57.99 -18.52 -25.70
CA ILE Q 89 58.19 -19.80 -26.36
C ILE Q 89 57.15 -19.95 -27.46
N ASN Q 90 57.59 -20.33 -28.65
CA ASN Q 90 56.69 -20.48 -29.79
C ASN Q 90 55.98 -21.83 -29.73
N THR Q 91 54.71 -21.85 -30.13
CA THR Q 91 53.93 -23.08 -30.21
C THR Q 91 53.22 -23.15 -31.54
N VAL Q 92 52.75 -24.35 -31.88
CA VAL Q 92 51.92 -24.53 -33.06
C VAL Q 92 50.44 -24.38 -32.75
N SER Q 93 50.10 -24.11 -31.50
CA SER Q 93 48.72 -23.93 -31.11
C SER Q 93 48.15 -22.64 -31.68
N PRO Q 94 46.85 -22.59 -31.97
CA PRO Q 94 46.21 -21.34 -32.37
C PRO Q 94 45.80 -20.44 -31.23
N ILE Q 95 46.28 -20.67 -30.02
CA ILE Q 95 45.98 -19.85 -28.85
C ILE Q 95 47.27 -19.24 -28.36
N SER Q 96 47.28 -17.92 -28.21
CA SER Q 96 48.40 -17.18 -27.62
C SER Q 96 48.03 -16.75 -26.21
N SER Q 97 48.92 -17.02 -25.25
CA SER Q 97 48.69 -16.67 -23.86
C SER Q 97 49.76 -15.70 -23.41
N LEU Q 98 49.34 -14.60 -22.79
CA LEU Q 98 50.24 -13.57 -22.30
C LEU Q 98 49.99 -13.40 -20.81
N VAL Q 99 51.04 -13.55 -20.00
CA VAL Q 99 50.91 -13.46 -18.55
C VAL Q 99 52.01 -12.54 -18.02
N LEU Q 100 51.66 -11.77 -16.99
CA LEU Q 100 52.56 -10.81 -16.37
C LEU Q 100 52.75 -11.20 -14.91
N PHE Q 101 53.98 -11.56 -14.54
CA PHE Q 101 54.31 -12.05 -13.21
C PHE Q 101 55.02 -10.95 -12.43
N VAL Q 102 54.49 -10.61 -11.27
CA VAL Q 102 55.04 -9.58 -10.40
C VAL Q 102 55.33 -10.20 -9.05
N GLU Q 103 56.55 -9.98 -8.54
CA GLU Q 103 56.90 -10.41 -7.20
C GLU Q 103 56.05 -9.70 -6.15
N GLY Q 104 55.58 -10.45 -5.17
CA GLY Q 104 54.62 -9.90 -4.24
C GLY Q 104 53.86 -10.96 -3.47
N GLY Q 105 52.54 -10.93 -3.55
CA GLY Q 105 51.74 -11.96 -2.92
C GLY Q 105 51.61 -11.70 -1.44
N ALA Q 106 51.40 -12.79 -0.69
CA ALA Q 106 51.34 -12.68 0.76
C ALA Q 106 52.69 -12.34 1.37
N ALA Q 107 53.78 -12.65 0.68
CA ALA Q 107 55.11 -12.39 1.23
C ALA Q 107 55.46 -10.91 1.25
N ALA Q 108 54.77 -10.08 0.46
CA ALA Q 108 55.03 -8.66 0.44
C ALA Q 108 54.00 -7.85 1.22
N GLU Q 109 53.10 -8.51 1.93
CA GLU Q 109 52.09 -7.83 2.71
C GLU Q 109 52.66 -7.36 4.05
N THR Q 110 52.00 -6.35 4.62
CA THR Q 110 52.32 -5.79 5.93
C THR Q 110 51.07 -5.97 6.80
N PRO Q 111 51.14 -5.74 8.12
CA PRO Q 111 49.89 -5.73 8.91
C PRO Q 111 48.88 -4.68 8.48
N ALA Q 112 49.33 -3.53 7.97
CA ALA Q 112 48.39 -2.54 7.46
C ALA Q 112 47.73 -3.02 6.17
N THR Q 113 48.54 -3.50 5.22
CA THR Q 113 48.02 -4.03 3.96
C THR Q 113 47.93 -5.55 4.05
N ALA Q 114 46.98 -6.01 4.83
CA ALA Q 114 46.77 -7.44 5.05
C ALA Q 114 45.58 -7.90 4.21
N GLY Q 115 45.81 -8.90 3.37
CA GLY Q 115 44.80 -9.36 2.45
C GLY Q 115 44.68 -8.55 1.19
N ALA Q 116 45.74 -7.85 0.79
CA ALA Q 116 45.67 -7.02 -0.40
C ALA Q 116 45.80 -7.83 -1.69
N SER Q 117 46.46 -8.99 -1.64
CA SER Q 117 46.59 -9.81 -2.82
C SER Q 117 45.26 -10.43 -3.23
N LYS Q 118 44.46 -10.84 -2.25
CA LYS Q 118 43.13 -11.38 -2.54
C LYS Q 118 42.21 -10.30 -3.11
N VAL Q 119 42.34 -9.07 -2.63
CA VAL Q 119 41.56 -7.98 -3.19
C VAL Q 119 42.03 -7.64 -4.61
N LEU Q 120 43.34 -7.71 -4.83
CA LEU Q 120 43.89 -7.44 -6.16
C LEU Q 120 43.47 -8.50 -7.18
N GLU Q 121 43.20 -9.73 -6.72
CA GLU Q 121 42.65 -10.74 -7.64
C GLU Q 121 41.28 -10.33 -8.20
N VAL Q 122 40.46 -9.65 -7.41
CA VAL Q 122 39.14 -9.26 -7.87
C VAL Q 122 39.17 -7.90 -8.57
N ALA Q 123 39.94 -6.96 -8.03
CA ALA Q 123 39.94 -5.58 -8.51
C ALA Q 123 40.74 -5.37 -9.79
N ALA Q 124 41.44 -6.38 -10.29
CA ALA Q 124 42.22 -6.21 -11.50
C ALA Q 124 41.31 -6.17 -12.74
N PHE Q 125 41.87 -5.64 -13.84
CA PHE Q 125 41.19 -5.50 -15.13
C PHE Q 125 39.92 -4.65 -15.02
N LYS Q 126 40.05 -3.50 -14.37
CA LYS Q 126 39.02 -2.49 -14.24
C LYS Q 126 39.60 -1.19 -14.78
N ALA Q 127 38.94 -0.07 -14.46
CA ALA Q 127 39.18 1.21 -15.11
C ALA Q 127 40.63 1.68 -15.00
N THR Q 128 41.21 2.03 -16.13
CA THR Q 128 42.58 2.52 -16.22
C THR Q 128 42.56 3.99 -16.60
N ALA Q 129 43.76 4.55 -16.78
CA ALA Q 129 43.88 5.93 -17.19
C ALA Q 129 43.39 6.17 -18.62
N ASN Q 130 43.40 5.13 -19.47
CA ASN Q 130 43.02 5.28 -20.86
C ASN Q 130 41.66 4.70 -21.18
N ARG Q 131 41.18 3.72 -20.40
CA ARG Q 131 39.92 3.05 -20.65
C ARG Q 131 39.10 2.97 -19.38
N SER Q 132 37.78 2.98 -19.54
CA SER Q 132 36.90 2.71 -18.43
C SER Q 132 36.78 1.19 -18.24
N THR Q 133 36.07 0.80 -17.18
CA THR Q 133 35.81 -0.62 -16.95
C THR Q 133 34.92 -1.19 -18.05
N PHE Q 134 33.92 -0.41 -18.48
CA PHE Q 134 33.02 -0.83 -19.55
C PHE Q 134 33.77 -1.06 -20.85
N ARG Q 135 34.69 -0.16 -21.19
CA ARG Q 135 35.44 -0.29 -22.43
C ARG Q 135 36.38 -1.51 -22.40
N LEU Q 136 37.06 -1.74 -21.28
CA LEU Q 136 37.93 -2.92 -21.18
C LEU Q 136 37.14 -4.22 -21.22
N THR Q 137 36.00 -4.27 -20.54
CA THR Q 137 35.16 -5.46 -20.59
C THR Q 137 34.66 -5.74 -22.00
N ARG Q 138 34.23 -4.68 -22.71
CA ARG Q 138 33.75 -4.88 -24.08
C ARG Q 138 34.89 -5.22 -25.04
N GLU Q 139 36.08 -4.72 -24.79
CA GLU Q 139 37.21 -5.03 -25.65
C GLU Q 139 37.72 -6.44 -25.42
N LEU Q 140 37.57 -6.97 -24.20
CA LEU Q 140 37.89 -8.37 -23.97
C LEU Q 140 36.82 -9.27 -24.57
N GLU Q 141 35.55 -8.92 -24.40
CA GLU Q 141 34.46 -9.75 -24.90
C GLU Q 141 34.26 -9.65 -26.40
N LYS Q 142 34.86 -8.67 -27.07
CA LYS Q 142 34.72 -8.57 -28.51
C LYS Q 142 35.56 -9.61 -29.23
N ILE Q 143 36.77 -9.88 -28.75
CA ILE Q 143 37.65 -10.86 -29.37
C ILE Q 143 37.57 -12.23 -28.70
N GLY Q 144 36.64 -12.40 -27.76
CA GLY Q 144 36.47 -13.68 -27.10
C GLY Q 144 37.59 -14.04 -26.14
N ALA Q 145 38.32 -13.06 -25.64
CA ALA Q 145 39.45 -13.32 -24.75
C ALA Q 145 39.00 -13.38 -23.30
N THR Q 146 39.82 -14.04 -22.48
CA THR Q 146 39.56 -14.20 -21.06
C THR Q 146 40.76 -13.67 -20.26
N SER Q 147 40.45 -13.12 -19.09
CA SER Q 147 41.47 -12.54 -18.23
C SER Q 147 41.39 -13.16 -16.84
N PHE Q 148 42.53 -13.24 -16.18
CA PHE Q 148 42.58 -13.72 -14.80
C PHE Q 148 43.59 -12.90 -14.00
N ALA Q 149 43.34 -12.83 -12.70
CA ALA Q 149 44.31 -12.33 -11.73
C ALA Q 149 44.47 -13.39 -10.65
N ARG Q 150 45.71 -13.81 -10.41
CA ARG Q 150 45.98 -14.96 -9.56
C ARG Q 150 47.15 -14.63 -8.64
N ALA Q 151 46.91 -14.69 -7.33
CA ALA Q 151 47.89 -14.30 -6.33
C ALA Q 151 48.45 -15.54 -5.64
N GLY Q 152 49.77 -15.71 -5.71
CA GLY Q 152 50.44 -16.77 -5.01
C GLY Q 152 50.90 -16.33 -3.63
N ARG Q 153 51.84 -17.10 -3.08
CA ARG Q 153 52.42 -16.75 -1.80
C ARG Q 153 53.69 -15.91 -1.95
N ASP Q 154 54.22 -15.80 -3.16
CA ASP Q 154 55.37 -14.94 -3.38
C ASP Q 154 55.25 -14.17 -4.69
N HIS Q 155 54.12 -14.23 -5.38
CA HIS Q 155 53.94 -13.52 -6.63
C HIS Q 155 52.46 -13.28 -6.86
N VAL Q 156 52.17 -12.32 -7.73
CA VAL Q 156 50.85 -12.11 -8.30
C VAL Q 156 50.98 -12.22 -9.82
N ALA Q 157 50.02 -12.88 -10.46
CA ALA Q 157 50.04 -13.07 -11.90
C ALA Q 157 48.78 -12.49 -12.53
N PHE Q 158 48.96 -11.76 -13.62
CA PHE Q 158 47.87 -11.23 -14.44
C PHE Q 158 48.04 -11.76 -15.85
N GLY Q 159 46.96 -12.23 -16.46
CA GLY Q 159 47.06 -12.87 -17.75
C GLY Q 159 45.84 -12.64 -18.62
N VAL Q 160 46.07 -12.66 -19.94
CA VAL Q 160 45.01 -12.61 -20.95
C VAL Q 160 45.27 -13.74 -21.93
N ASP Q 161 44.24 -14.54 -22.19
CA ASP Q 161 44.31 -15.63 -23.17
C ASP Q 161 43.42 -15.30 -24.36
N ALA Q 162 43.98 -15.40 -25.56
CA ALA Q 162 43.23 -15.09 -26.77
C ALA Q 162 43.73 -15.98 -27.90
N THR Q 163 43.13 -15.82 -29.07
CA THR Q 163 43.60 -16.55 -30.25
C THR Q 163 44.84 -15.88 -30.82
N ARG Q 164 45.47 -16.57 -31.76
CA ARG Q 164 46.73 -16.08 -32.35
C ARG Q 164 46.53 -14.86 -33.22
N LEU Q 165 45.31 -14.57 -33.64
CA LEU Q 165 45.03 -13.40 -34.48
C LEU Q 165 44.85 -12.13 -33.67
N ASN Q 166 44.68 -12.21 -32.36
CA ASN Q 166 44.43 -11.05 -31.51
C ASN Q 166 45.48 -10.92 -30.43
N GLN Q 167 46.74 -11.21 -30.75
CA GLN Q 167 47.78 -11.14 -29.72
C GLN Q 167 48.19 -9.71 -29.39
N LEU Q 168 48.14 -8.80 -30.37
CA LEU Q 168 48.43 -7.40 -30.09
C LEU Q 168 47.37 -6.77 -29.19
N GLU Q 169 46.10 -7.09 -29.43
CA GLU Q 169 45.02 -6.61 -28.58
C GLU Q 169 45.15 -7.13 -27.16
N ALA Q 170 45.49 -8.42 -27.03
CA ALA Q 170 45.65 -9.01 -25.71
C ALA Q 170 46.82 -8.39 -24.96
N LEU Q 171 47.94 -8.18 -25.66
CA LEU Q 171 49.11 -7.56 -25.03
C LEU Q 171 48.82 -6.14 -24.59
N GLU Q 172 48.13 -5.36 -25.44
CA GLU Q 172 47.83 -3.98 -25.11
C GLU Q 172 46.85 -3.89 -23.94
N ILE Q 173 45.82 -4.74 -23.93
CA ILE Q 173 44.85 -4.77 -22.84
C ILE Q 173 45.52 -5.16 -21.52
N LEU Q 174 46.37 -6.19 -21.56
CA LEU Q 174 47.04 -6.64 -20.34
C LEU Q 174 47.99 -5.58 -19.79
N ALA Q 175 48.79 -4.96 -20.67
CA ALA Q 175 49.73 -3.93 -20.23
C ALA Q 175 49.01 -2.70 -19.70
N ASP Q 176 47.91 -2.28 -20.35
CA ASP Q 176 47.17 -1.13 -19.87
C ASP Q 176 46.48 -1.41 -18.55
N ALA Q 177 45.95 -2.63 -18.36
CA ALA Q 177 45.24 -2.94 -17.13
C ALA Q 177 46.19 -3.13 -15.97
N VAL Q 178 47.45 -3.50 -16.24
CA VAL Q 178 48.40 -3.66 -15.15
C VAL Q 178 49.09 -2.33 -14.82
N VAL Q 179 49.66 -1.66 -15.83
CA VAL Q 179 50.52 -0.52 -15.58
C VAL Q 179 49.71 0.71 -15.17
N ASN Q 180 48.62 0.99 -15.90
CA ASN Q 180 47.90 2.24 -15.74
C ASN Q 180 46.61 2.09 -14.96
N ALA Q 181 46.52 1.10 -14.08
CA ALA Q 181 45.29 0.86 -13.32
C ALA Q 181 45.05 2.00 -12.33
N ARG Q 182 43.77 2.32 -12.11
CA ARG Q 182 43.39 3.46 -11.30
C ARG Q 182 43.02 3.09 -9.88
N TYR Q 183 42.32 1.96 -9.68
CA TYR Q 183 41.84 1.47 -8.38
C TYR Q 183 40.98 2.52 -7.70
N THR Q 184 39.83 2.81 -8.32
CA THR Q 184 38.95 3.85 -7.81
C THR Q 184 38.33 3.43 -6.49
N TYR Q 185 37.80 4.42 -5.77
CA TYR Q 185 37.28 4.18 -4.43
C TYR Q 185 36.03 3.31 -4.47
N TRP Q 186 35.08 3.65 -5.35
CA TRP Q 186 33.77 2.99 -5.34
C TRP Q 186 33.87 1.57 -5.86
N GLU Q 187 34.76 1.31 -6.81
CA GLU Q 187 34.89 -0.04 -7.36
C GLU Q 187 35.50 -1.00 -6.34
N VAL Q 188 36.52 -0.56 -5.61
CA VAL Q 188 37.11 -1.39 -4.55
C VAL Q 188 36.10 -1.60 -3.43
N ARG Q 189 35.36 -0.54 -3.07
CA ARG Q 189 34.34 -0.67 -2.04
C ARG Q 189 33.25 -1.66 -2.42
N ASP Q 190 32.86 -1.69 -3.69
CA ASP Q 190 31.86 -2.65 -4.13
C ASP Q 190 32.42 -4.05 -4.34
N SER Q 191 33.72 -4.17 -4.61
CA SER Q 191 34.33 -5.49 -4.78
C SER Q 191 34.64 -6.17 -3.45
N LEU Q 192 34.67 -5.42 -2.35
CA LEU Q 192 35.05 -5.99 -1.05
C LEU Q 192 34.07 -7.06 -0.58
N ASP Q 193 32.79 -6.92 -0.93
CA ASP Q 193 31.80 -7.92 -0.53
C ASP Q 193 32.09 -9.27 -1.18
N ALA Q 194 32.26 -9.27 -2.50
CA ALA Q 194 32.55 -10.50 -3.23
C ALA Q 194 33.88 -11.10 -2.78
N VAL Q 195 34.85 -10.26 -2.42
CA VAL Q 195 36.08 -10.75 -1.81
C VAL Q 195 35.77 -11.51 -0.51
N LYS Q 196 34.86 -10.95 0.30
CA LYS Q 196 34.53 -11.59 1.57
C LYS Q 196 33.86 -12.96 1.39
N GLU Q 197 32.89 -13.08 0.45
CA GLU Q 197 32.36 -14.45 0.25
C GLU Q 197 33.36 -15.38 -0.44
N GLN Q 198 34.25 -14.89 -1.30
CA GLN Q 198 35.22 -15.81 -1.90
C GLN Q 198 36.19 -16.36 -0.87
N LEU Q 199 36.67 -15.51 0.05
CA LEU Q 199 37.49 -16.00 1.15
C LEU Q 199 36.72 -16.90 2.11
N ALA Q 200 35.46 -16.58 2.40
CA ALA Q 200 34.66 -17.43 3.29
C ALA Q 200 34.38 -18.79 2.66
N ALA Q 201 34.21 -18.84 1.34
CA ALA Q 201 34.01 -20.12 0.68
C ALA Q 201 35.31 -20.90 0.57
N GLN Q 202 36.44 -20.20 0.38
CA GLN Q 202 37.71 -20.90 0.27
C GLN Q 202 38.18 -21.43 1.62
N LEU Q 203 37.73 -20.82 2.72
CA LEU Q 203 38.08 -21.34 4.03
C LEU Q 203 37.16 -22.45 4.50
N ARG Q 204 36.13 -22.82 3.71
CA ARG Q 204 35.28 -23.94 4.07
C ARG Q 204 36.02 -25.27 3.93
N ASN Q 205 36.92 -25.37 2.97
CA ASN Q 205 37.74 -26.56 2.81
C ASN Q 205 38.79 -26.60 3.91
N PRO Q 206 38.84 -27.66 4.73
CA PRO Q 206 39.87 -27.73 5.78
C PRO Q 206 41.29 -27.83 5.27
N LEU Q 207 41.51 -28.31 4.05
CA LEU Q 207 42.87 -28.40 3.53
C LEU Q 207 43.49 -27.03 3.29
N THR Q 208 42.69 -26.04 2.89
CA THR Q 208 43.19 -24.68 2.74
C THR Q 208 43.63 -24.10 4.08
N ALA Q 209 42.82 -24.31 5.13
CA ALA Q 209 43.17 -23.81 6.46
C ALA Q 209 44.40 -24.51 7.01
N VAL Q 210 44.52 -25.82 6.79
CA VAL Q 210 45.69 -26.57 7.23
C VAL Q 210 46.93 -26.09 6.50
N ASN Q 211 46.80 -25.78 5.20
CA ASN Q 211 47.92 -25.26 4.43
C ASN Q 211 48.37 -23.89 4.93
N GLU Q 212 47.41 -23.02 5.28
CA GLU Q 212 47.73 -21.70 5.83
C GLU Q 212 48.49 -21.82 7.14
N VAL Q 213 47.96 -22.62 8.07
CA VAL Q 213 48.58 -22.76 9.39
C VAL Q 213 49.93 -23.48 9.29
N LEU Q 214 50.07 -24.41 8.34
CA LEU Q 214 51.33 -25.08 8.10
C LEU Q 214 52.39 -24.13 7.57
N HIS Q 215 52.01 -23.23 6.65
CA HIS Q 215 52.97 -22.25 6.17
C HIS Q 215 53.32 -21.23 7.25
N ARG Q 216 52.37 -20.92 8.14
CA ARG Q 216 52.68 -20.06 9.28
C ARG Q 216 53.68 -20.71 10.22
N THR Q 217 53.50 -22.01 10.50
CA THR Q 217 54.35 -22.69 11.47
C THR Q 217 55.72 -23.01 10.90
N ALA Q 218 55.81 -23.30 9.60
CA ALA Q 218 57.07 -23.75 9.02
C ALA Q 218 58.07 -22.62 8.83
N PHE Q 219 57.60 -21.41 8.56
CA PHE Q 219 58.48 -20.32 8.17
C PHE Q 219 58.29 -19.13 9.09
N GLU Q 220 59.36 -18.36 9.26
CA GLU Q 220 59.29 -17.02 9.82
C GLU Q 220 59.81 -16.05 8.77
N GLY Q 221 59.05 -14.97 8.52
CA GLY Q 221 59.38 -14.01 7.49
C GLY Q 221 58.23 -13.87 6.50
N GLY Q 222 58.58 -13.71 5.23
CA GLY Q 222 57.59 -13.47 4.21
C GLY Q 222 56.68 -14.65 3.94
N LEU Q 223 57.25 -15.86 3.89
CA LEU Q 223 56.47 -17.03 3.51
C LEU Q 223 55.52 -17.48 4.62
N GLY Q 224 55.67 -16.98 5.83
CA GLY Q 224 54.77 -17.31 6.91
C GLY Q 224 53.49 -16.49 6.96
N HIS Q 225 53.37 -15.45 6.14
CA HIS Q 225 52.15 -14.65 6.13
C HIS Q 225 51.00 -15.45 5.53
N SER Q 226 49.79 -15.02 5.86
CA SER Q 226 48.61 -15.76 5.44
C SER Q 226 48.10 -15.24 4.09
N LEU Q 227 47.93 -16.16 3.14
CA LEU Q 227 47.33 -15.80 1.86
C LEU Q 227 45.81 -15.74 1.97
N VAL Q 228 45.18 -16.86 2.29
CA VAL Q 228 43.73 -16.90 2.46
C VAL Q 228 43.42 -16.43 3.87
N VAL Q 229 43.27 -15.12 4.04
CA VAL Q 229 43.05 -14.53 5.36
C VAL Q 229 41.59 -14.69 5.73
N ASP Q 230 41.26 -14.40 6.99
CA ASP Q 230 39.87 -14.39 7.42
C ASP Q 230 39.14 -13.24 6.71
N PRO Q 231 37.82 -13.39 6.47
CA PRO Q 231 37.05 -12.29 5.87
C PRO Q 231 37.08 -10.99 6.66
N SER Q 232 37.16 -11.05 7.98
CA SER Q 232 37.14 -9.85 8.80
C SER Q 232 38.46 -9.09 8.78
N VAL Q 233 39.51 -9.65 8.17
CA VAL Q 233 40.78 -8.94 8.05
C VAL Q 233 40.65 -7.77 7.08
N VAL Q 234 39.87 -7.93 6.03
CA VAL Q 234 39.71 -6.91 5.01
C VAL Q 234 38.47 -6.05 5.25
N ASP Q 235 37.98 -6.00 6.48
CA ASP Q 235 36.77 -5.22 6.78
C ASP Q 235 37.03 -3.71 6.70
N GLY Q 236 38.24 -3.27 7.02
CA GLY Q 236 38.57 -1.85 6.95
C GLY Q 236 39.35 -1.46 5.71
N PHE Q 237 39.29 -2.31 4.69
CA PHE Q 237 40.08 -2.11 3.48
C PHE Q 237 39.54 -0.93 2.67
N THR Q 238 40.46 -0.17 2.06
CA THR Q 238 40.12 0.88 1.11
C THR Q 238 41.05 0.80 -0.08
N ASN Q 239 40.79 1.64 -1.08
CA ASN Q 239 41.62 1.67 -2.28
C ASN Q 239 43.00 2.23 -2.00
N GLU Q 240 43.16 3.01 -0.93
CA GLU Q 240 44.48 3.49 -0.56
C GLU Q 240 45.38 2.35 -0.09
N THR Q 241 44.80 1.38 0.61
CA THR Q 241 45.54 0.20 1.04
C THR Q 241 46.03 -0.60 -0.16
N LEU Q 242 45.16 -0.80 -1.16
CA LEU Q 242 45.54 -1.52 -2.36
C LEU Q 242 46.58 -0.75 -3.17
N LYS Q 243 46.44 0.57 -3.24
CA LYS Q 243 47.40 1.39 -3.96
C LYS Q 243 48.76 1.37 -3.27
N GLU Q 244 48.78 1.34 -1.95
CA GLU Q 244 50.02 1.22 -1.18
C GLU Q 244 50.69 -0.12 -1.43
N TYR Q 245 49.91 -1.20 -1.41
CA TYR Q 245 50.45 -2.53 -1.69
C TYR Q 245 51.02 -2.63 -3.10
N VAL Q 246 50.30 -2.06 -4.08
CA VAL Q 246 50.73 -2.10 -5.47
C VAL Q 246 52.01 -1.26 -5.65
N HIS Q 247 52.08 -0.11 -4.98
CA HIS Q 247 53.29 0.71 -5.04
C HIS Q 247 54.48 0.01 -4.41
N SER Q 248 54.24 -0.78 -3.36
CA SER Q 248 55.33 -1.55 -2.77
C SER Q 248 55.81 -2.64 -3.72
N ILE Q 249 54.89 -3.41 -4.31
CA ILE Q 249 55.31 -4.60 -5.04
C ILE Q 249 55.85 -4.32 -6.43
N MET Q 250 55.55 -3.16 -7.02
CA MET Q 250 55.85 -2.91 -8.43
C MET Q 250 57.24 -2.30 -8.58
N ALA Q 251 58.05 -2.92 -9.44
CA ALA Q 251 59.40 -2.47 -9.75
C ALA Q 251 59.82 -3.14 -11.06
N PRO Q 252 60.64 -2.49 -11.88
CA PRO Q 252 61.01 -3.09 -13.18
C PRO Q 252 61.78 -4.40 -13.07
N SER Q 253 62.57 -4.60 -12.03
CA SER Q 253 63.32 -5.84 -11.89
C SER Q 253 62.52 -6.95 -11.23
N ARG Q 254 61.26 -6.68 -10.86
CA ARG Q 254 60.39 -7.66 -10.24
C ARG Q 254 59.20 -8.03 -11.13
N VAL Q 255 59.27 -7.71 -12.43
CA VAL Q 255 58.18 -7.94 -13.37
C VAL Q 255 58.70 -8.74 -14.55
N VAL Q 256 58.01 -9.83 -14.89
CA VAL Q 256 58.37 -10.69 -16.00
C VAL Q 256 57.17 -10.82 -16.93
N LEU Q 257 57.39 -10.59 -18.22
CA LEU Q 257 56.39 -10.80 -19.25
C LEU Q 257 56.65 -12.14 -19.94
N ALA Q 258 55.71 -13.06 -19.82
CA ALA Q 258 55.82 -14.39 -20.41
C ALA Q 258 54.72 -14.60 -21.44
N ALA Q 259 55.08 -15.19 -22.57
CA ALA Q 259 54.15 -15.41 -23.66
C ALA Q 259 54.33 -16.81 -24.22
N SER Q 260 53.21 -17.39 -24.66
CA SER Q 260 53.21 -18.67 -25.35
C SER Q 260 52.63 -18.48 -26.74
N GLY Q 261 53.30 -19.04 -27.74
CA GLY Q 261 52.85 -18.93 -29.11
C GLY Q 261 52.95 -17.52 -29.68
N VAL Q 262 53.99 -16.79 -29.33
CA VAL Q 262 54.23 -15.43 -29.80
C VAL Q 262 55.69 -15.37 -30.24
N ASP Q 263 55.93 -14.75 -31.41
CA ASP Q 263 57.30 -14.52 -31.84
C ASP Q 263 58.00 -13.55 -30.89
N HIS Q 264 59.27 -13.86 -30.58
CA HIS Q 264 59.96 -13.12 -29.53
C HIS Q 264 60.40 -11.74 -29.98
N ALA Q 265 60.92 -11.61 -31.20
CA ALA Q 265 61.38 -10.33 -31.70
C ALA Q 265 60.24 -9.34 -31.82
N GLU Q 266 59.09 -9.79 -32.35
CA GLU Q 266 57.90 -8.96 -32.42
C GLU Q 266 57.41 -8.55 -31.04
N LEU Q 267 57.42 -9.48 -30.10
CA LEU Q 267 56.93 -9.19 -28.75
C LEU Q 267 57.80 -8.16 -28.04
N THR Q 268 59.13 -8.29 -28.14
CA THR Q 268 59.99 -7.29 -27.52
C THR Q 268 59.86 -5.94 -28.22
N ALA Q 269 59.79 -5.93 -29.55
CA ALA Q 269 59.68 -4.68 -30.29
C ALA Q 269 58.38 -3.96 -30.03
N LEU Q 270 57.29 -4.68 -29.77
CA LEU Q 270 56.02 -4.03 -29.49
C LEU Q 270 55.70 -3.89 -28.01
N ALA Q 271 56.52 -4.47 -27.11
CA ALA Q 271 56.31 -4.27 -25.68
C ALA Q 271 57.32 -3.34 -25.05
N THR Q 272 58.37 -2.93 -25.79
CA THR Q 272 59.29 -1.92 -25.28
C THR Q 272 58.63 -0.58 -24.91
N PRO Q 273 57.74 0.03 -25.71
CA PRO Q 273 57.10 1.26 -25.23
C PRO Q 273 55.98 1.05 -24.22
N LEU Q 274 55.56 -0.18 -23.98
CA LEU Q 274 54.43 -0.45 -23.09
C LEU Q 274 54.85 -0.80 -21.68
N LEU Q 275 55.99 -1.46 -21.50
CA LEU Q 275 56.45 -1.90 -20.19
C LEU Q 275 57.67 -1.10 -19.73
N ASN Q 276 57.66 0.20 -20.01
CA ASN Q 276 58.67 1.11 -19.47
C ASN Q 276 58.20 1.50 -18.08
N LEU Q 277 58.74 0.83 -17.07
CA LEU Q 277 58.29 0.98 -15.70
C LEU Q 277 59.32 1.73 -14.88
N HIS Q 278 58.84 2.41 -13.84
CA HIS Q 278 59.67 3.09 -12.87
C HIS Q 278 59.20 2.73 -11.48
N GLY Q 279 60.11 2.82 -10.52
CA GLY Q 279 59.74 2.54 -9.14
C GLY Q 279 60.92 1.96 -8.39
N ASN Q 280 60.73 1.87 -7.08
CA ASN Q 280 61.76 1.36 -6.18
C ASN Q 280 61.34 0.01 -5.61
N ALA Q 281 62.33 -0.84 -5.40
CA ALA Q 281 62.10 -2.18 -4.88
C ALA Q 281 61.90 -2.08 -3.38
N HIS Q 282 60.66 -2.29 -2.93
CA HIS Q 282 60.36 -2.39 -1.51
C HIS Q 282 61.08 -3.61 -0.94
N PRO Q 283 61.63 -3.50 0.28
CA PRO Q 283 62.42 -4.61 0.83
C PRO Q 283 61.61 -5.88 1.03
N ALA Q 284 62.22 -7.02 0.72
CA ALA Q 284 61.56 -8.31 0.79
C ALA Q 284 61.91 -8.99 2.09
N PRO Q 285 60.93 -9.44 2.87
CA PRO Q 285 61.23 -10.12 4.14
C PRO Q 285 61.59 -11.58 3.91
N GLN Q 286 62.88 -11.86 3.69
CA GLN Q 286 63.35 -13.20 3.41
C GLN Q 286 62.98 -14.18 4.51
N SER Q 287 62.49 -15.34 4.10
CA SER Q 287 61.95 -16.32 5.03
C SER Q 287 62.99 -17.39 5.34
N ARG Q 288 62.85 -18.01 6.50
CA ARG Q 288 63.73 -19.07 6.93
C ARG Q 288 62.89 -20.19 7.52
N TYR Q 289 63.35 -21.42 7.32
CA TYR Q 289 62.65 -22.57 7.88
C TYR Q 289 63.10 -22.79 9.32
N VAL Q 290 62.13 -22.90 10.23
CA VAL Q 290 62.42 -23.20 11.62
C VAL Q 290 61.65 -24.39 12.15
N GLY Q 291 60.50 -24.73 11.60
CA GLY Q 291 59.73 -25.83 12.11
C GLY Q 291 58.93 -25.45 13.35
N GLY Q 292 58.35 -26.46 13.97
CA GLY Q 292 57.54 -26.28 15.16
C GLY Q 292 56.27 -27.09 15.07
N ALA Q 293 55.30 -26.74 15.91
CA ALA Q 293 54.00 -27.39 15.89
C ALA Q 293 52.95 -26.40 16.38
N MET Q 294 51.70 -26.64 15.98
CA MET Q 294 50.59 -25.76 16.36
C MET Q 294 49.32 -26.58 16.45
N ASN Q 295 48.18 -25.89 16.48
CA ASN Q 295 46.86 -26.52 16.55
C ASN Q 295 45.83 -25.58 15.95
N ILE Q 296 44.67 -26.14 15.62
CA ILE Q 296 43.49 -25.39 15.17
C ILE Q 296 42.29 -25.96 15.90
N ILE Q 297 41.37 -25.10 16.33
CA ILE Q 297 40.14 -25.52 16.98
C ILE Q 297 38.97 -25.22 16.06
N ALA Q 298 38.28 -26.27 15.61
CA ALA Q 298 37.16 -26.15 14.72
C ALA Q 298 35.92 -26.75 15.35
N PRO Q 299 34.82 -26.00 15.48
CA PRO Q 299 33.72 -26.47 16.34
C PRO Q 299 32.85 -27.53 15.70
N THR Q 300 32.63 -27.46 14.39
CA THR Q 300 31.74 -28.38 13.70
C THR Q 300 32.48 -29.01 12.51
N SER Q 301 33.67 -29.54 12.79
CA SER Q 301 34.42 -30.31 11.81
C SER Q 301 34.11 -31.78 12.05
N SER Q 302 33.48 -32.42 11.06
CA SER Q 302 33.08 -33.82 11.20
C SER Q 302 34.28 -34.77 11.15
N LEU Q 303 35.44 -34.30 10.71
CA LEU Q 303 36.64 -35.11 10.63
C LEU Q 303 37.74 -34.41 11.43
N THR Q 304 38.96 -34.96 11.35
CA THR Q 304 40.12 -34.39 12.02
C THR Q 304 41.32 -34.49 11.08
N TYR Q 305 41.99 -33.37 10.86
CA TYR Q 305 43.03 -33.27 9.85
C TYR Q 305 44.39 -33.09 10.52
N VAL Q 306 45.38 -33.83 10.02
CA VAL Q 306 46.73 -33.81 10.56
C VAL Q 306 47.69 -33.54 9.41
N GLY Q 307 48.56 -32.54 9.59
CA GLY Q 307 49.55 -32.18 8.59
C GLY Q 307 50.96 -32.45 9.11
N LEU Q 308 51.78 -33.01 8.22
CA LEU Q 308 53.20 -33.24 8.50
C LEU Q 308 54.01 -32.73 7.32
N ALA Q 309 55.06 -31.97 7.60
CA ALA Q 309 55.84 -31.36 6.55
C ALA Q 309 57.31 -31.29 6.93
N PHE Q 310 58.16 -31.19 5.92
CA PHE Q 310 59.58 -31.01 6.07
C PHE Q 310 60.02 -29.91 5.10
N GLU Q 311 61.29 -29.52 5.18
CA GLU Q 311 61.83 -28.50 4.30
C GLU Q 311 62.55 -29.17 3.13
N ALA Q 312 62.21 -28.73 1.93
CA ALA Q 312 62.97 -29.08 0.73
C ALA Q 312 64.12 -28.10 0.59
N LYS Q 313 65.34 -28.58 0.79
CA LYS Q 313 66.51 -27.70 0.79
C LYS Q 313 66.83 -27.22 -0.63
N GLY Q 314 67.07 -25.91 -0.75
CA GLY Q 314 67.43 -25.31 -2.01
C GLY Q 314 66.29 -24.63 -2.74
N GLY Q 315 65.04 -24.99 -2.42
CA GLY Q 315 63.89 -24.36 -3.04
C GLY Q 315 63.76 -24.69 -4.51
N ALA Q 316 63.16 -23.76 -5.25
CA ALA Q 316 62.98 -23.94 -6.69
C ALA Q 316 64.28 -23.77 -7.46
N GLY Q 317 65.32 -23.21 -6.83
CA GLY Q 317 66.58 -23.00 -7.49
C GLY Q 317 67.32 -24.28 -7.86
N ASP Q 318 67.26 -25.30 -7.02
CA ASP Q 318 67.93 -26.57 -7.28
C ASP Q 318 66.99 -27.48 -8.04
N ILE Q 319 67.43 -27.90 -9.23
CA ILE Q 319 66.62 -28.78 -10.07
C ILE Q 319 66.50 -30.16 -9.44
N LYS Q 320 67.62 -30.72 -8.99
CA LYS Q 320 67.65 -32.08 -8.46
C LYS Q 320 66.84 -32.23 -7.17
N SER Q 321 66.94 -31.24 -6.27
CA SER Q 321 66.21 -31.31 -5.01
C SER Q 321 64.70 -31.18 -5.23
N SER Q 322 64.30 -30.32 -6.16
CA SER Q 322 62.89 -30.20 -6.50
C SER Q 322 62.36 -31.48 -7.17
N ALA Q 323 63.19 -32.09 -8.02
CA ALA Q 323 62.79 -33.36 -8.64
C ALA Q 323 62.65 -34.47 -7.61
N ALA Q 324 63.59 -34.54 -6.66
CA ALA Q 324 63.50 -35.52 -5.59
C ALA Q 324 62.28 -35.27 -4.69
N ALA Q 325 61.96 -34.00 -4.45
CA ALA Q 325 60.78 -33.67 -3.66
C ALA Q 325 59.49 -34.06 -4.39
N SER Q 326 59.46 -33.89 -5.71
CA SER Q 326 58.29 -34.32 -6.49
C SER Q 326 58.16 -35.84 -6.48
N VAL Q 327 59.28 -36.55 -6.55
CA VAL Q 327 59.26 -38.01 -6.46
C VAL Q 327 58.78 -38.45 -5.07
N VAL Q 328 59.18 -37.74 -4.02
CA VAL Q 328 58.71 -38.06 -2.67
C VAL Q 328 57.20 -37.80 -2.55
N LYS Q 329 56.72 -36.71 -3.16
CA LYS Q 329 55.29 -36.43 -3.18
C LYS Q 329 54.51 -37.55 -3.88
N ALA Q 330 55.03 -38.04 -5.00
CA ALA Q 330 54.39 -39.16 -5.68
C ALA Q 330 54.48 -40.46 -4.89
N LEU Q 331 55.59 -40.67 -4.16
CA LEU Q 331 55.72 -41.85 -3.31
C LEU Q 331 54.76 -41.81 -2.14
N LEU Q 332 54.37 -40.62 -1.68
CA LEU Q 332 53.39 -40.51 -0.63
C LEU Q 332 51.95 -40.60 -1.15
N ASP Q 333 51.75 -40.61 -2.46
CA ASP Q 333 50.40 -40.77 -3.04
C ASP Q 333 49.91 -42.18 -2.76
N GLU Q 334 49.09 -42.33 -1.73
CA GLU Q 334 48.56 -43.63 -1.37
C GLU Q 334 47.33 -43.99 -2.19
N ALA Q 335 46.34 -43.10 -2.24
CA ALA Q 335 45.09 -43.32 -2.96
C ALA Q 335 44.99 -42.29 -4.08
N ARG Q 336 45.58 -42.60 -5.24
CA ARG Q 336 45.46 -41.77 -6.41
C ARG Q 336 44.29 -42.25 -7.25
N PRO Q 337 43.33 -41.38 -7.59
CA PRO Q 337 42.12 -41.82 -8.32
C PRO Q 337 42.34 -42.01 -9.82
N THR Q 338 43.03 -43.09 -10.17
CA THR Q 338 43.36 -43.35 -11.57
C THR Q 338 42.22 -44.00 -12.35
N MET Q 339 41.18 -44.48 -11.69
CA MET Q 339 40.07 -45.15 -12.34
C MET Q 339 38.76 -44.65 -11.74
N PRO Q 340 37.68 -44.67 -12.52
CA PRO Q 340 36.37 -44.31 -11.95
C PRO Q 340 35.88 -45.32 -10.93
N TYR Q 341 35.30 -44.79 -9.85
CA TYR Q 341 34.55 -45.56 -8.85
C TYR Q 341 35.38 -46.65 -8.19
N GLN Q 342 36.67 -46.43 -8.00
CA GLN Q 342 37.51 -47.42 -7.34
C GLN Q 342 37.60 -47.10 -5.85
N ARG Q 343 37.48 -48.14 -5.04
CA ARG Q 343 37.36 -47.99 -3.60
C ARG Q 343 38.59 -48.60 -2.95
N LYS Q 344 39.62 -47.78 -2.76
CA LYS Q 344 40.77 -48.16 -1.96
C LYS Q 344 40.48 -47.87 -0.49
N GLU Q 345 40.59 -48.90 0.33
CA GLU Q 345 40.24 -48.82 1.74
C GLU Q 345 41.52 -48.77 2.57
N HIS Q 346 41.62 -47.76 3.44
CA HIS Q 346 42.66 -47.71 4.44
C HIS Q 346 42.04 -48.02 5.80
N GLU Q 347 42.88 -48.52 6.71
CA GLU Q 347 42.41 -48.88 8.04
C GLU Q 347 41.96 -47.65 8.83
N VAL Q 348 42.72 -46.56 8.74
CA VAL Q 348 42.50 -45.38 9.57
C VAL Q 348 42.17 -44.14 8.74
N PHE Q 349 42.80 -43.98 7.58
CA PHE Q 349 42.70 -42.73 6.85
C PHE Q 349 41.35 -42.58 6.17
N THR Q 350 40.94 -41.32 5.98
CA THR Q 350 39.81 -41.00 5.12
C THR Q 350 40.25 -40.29 3.85
N SER Q 351 41.36 -39.55 3.91
CA SER Q 351 41.92 -38.88 2.75
C SER Q 351 43.41 -38.65 2.99
N VAL Q 352 44.20 -38.77 1.93
CA VAL Q 352 45.63 -38.48 1.96
C VAL Q 352 45.92 -37.49 0.84
N ASN Q 353 46.63 -36.40 1.16
CA ASN Q 353 46.88 -35.33 0.20
C ASN Q 353 48.27 -34.76 0.40
N PRO Q 354 49.26 -35.28 -0.31
CA PRO Q 354 50.62 -34.73 -0.21
C PRO Q 354 50.79 -33.50 -1.11
N PHE Q 355 51.97 -32.90 -1.01
CA PHE Q 355 52.28 -31.66 -1.72
C PHE Q 355 53.79 -31.52 -1.78
N ALA Q 356 54.24 -30.61 -2.64
CA ALA Q 356 55.65 -30.22 -2.69
C ALA Q 356 55.72 -28.81 -3.28
N PHE Q 357 55.83 -27.81 -2.42
CA PHE Q 357 55.97 -26.42 -2.83
C PHE Q 357 57.44 -26.04 -2.88
N ALA Q 358 57.82 -25.32 -3.92
CA ALA Q 358 59.22 -24.92 -4.13
C ALA Q 358 59.25 -23.41 -4.31
N TYR Q 359 59.56 -22.69 -3.25
CA TYR Q 359 59.68 -21.24 -3.29
C TYR Q 359 61.12 -20.87 -3.61
N LYS Q 360 61.46 -19.59 -3.47
CA LYS Q 360 62.80 -19.13 -3.77
C LYS Q 360 63.69 -19.37 -2.57
N GLY Q 361 64.67 -20.27 -2.73
CA GLY Q 361 65.64 -20.57 -1.70
C GLY Q 361 65.24 -21.65 -0.72
N THR Q 362 63.96 -21.97 -0.63
CA THR Q 362 63.46 -22.92 0.35
C THR Q 362 62.14 -23.46 -0.13
N GLY Q 363 61.76 -24.63 0.40
CA GLY Q 363 60.56 -25.31 -0.02
C GLY Q 363 59.85 -25.94 1.16
N LEU Q 364 58.79 -26.68 0.85
CA LEU Q 364 57.99 -27.34 1.89
C LEU Q 364 57.34 -28.57 1.28
N VAL Q 365 57.93 -29.73 1.50
CA VAL Q 365 57.39 -31.00 1.04
C VAL Q 365 56.77 -31.73 2.24
N GLY Q 366 55.60 -32.30 2.04
CA GLY Q 366 54.92 -32.96 3.15
C GLY Q 366 53.63 -33.61 2.71
N VAL Q 367 52.80 -33.91 3.69
CA VAL Q 367 51.58 -34.68 3.48
C VAL Q 367 50.55 -34.29 4.53
N VAL Q 368 49.29 -34.23 4.12
CA VAL Q 368 48.16 -33.97 5.02
C VAL Q 368 47.22 -35.16 4.94
N ALA Q 369 46.88 -35.72 6.09
CA ALA Q 369 46.00 -36.87 6.16
C ALA Q 369 44.86 -36.59 7.12
N SER Q 370 43.67 -37.03 6.74
CA SER Q 370 42.48 -36.89 7.56
C SER Q 370 42.29 -38.12 8.44
N GLY Q 371 41.13 -38.23 9.04
CA GLY Q 371 40.80 -39.38 9.85
C GLY Q 371 39.65 -39.07 10.78
N ALA Q 372 39.18 -40.12 11.45
CA ALA Q 372 38.10 -40.00 12.41
C ALA Q 372 38.55 -39.17 13.62
N PRO Q 373 37.62 -38.48 14.29
CA PRO Q 373 38.01 -37.71 15.48
C PRO Q 373 38.57 -38.55 16.61
N GLY Q 374 38.09 -39.77 16.80
CA GLY Q 374 38.60 -40.63 17.83
C GLY Q 374 39.86 -41.41 17.48
N LYS Q 375 40.36 -41.27 16.26
CA LYS Q 375 41.51 -42.03 15.80
C LYS Q 375 42.67 -41.13 15.36
N ALA Q 376 42.76 -39.93 15.94
CA ALA Q 376 43.76 -38.96 15.50
C ALA Q 376 45.18 -39.42 15.83
N GLY Q 377 45.36 -40.04 17.00
CA GLY Q 377 46.66 -40.61 17.32
C GLY Q 377 47.06 -41.73 16.39
N LYS Q 378 46.08 -42.51 15.93
CA LYS Q 378 46.35 -43.53 14.92
C LYS Q 378 46.74 -42.90 13.59
N VAL Q 379 46.14 -41.76 13.24
CA VAL Q 379 46.52 -41.04 12.02
C VAL Q 379 47.96 -40.57 12.11
N VAL Q 380 48.35 -40.02 13.27
CA VAL Q 380 49.72 -39.59 13.49
C VAL Q 380 50.69 -40.78 13.41
N ASP Q 381 50.32 -41.89 14.04
CA ASP Q 381 51.18 -43.08 14.04
C ASP Q 381 51.35 -43.63 12.63
N ALA Q 382 50.27 -43.68 11.84
CA ALA Q 382 50.35 -44.19 10.49
C ALA Q 382 51.17 -43.27 9.59
N LEU Q 383 51.05 -41.95 9.78
CA LEU Q 383 51.85 -41.01 8.99
C LEU Q 383 53.34 -41.14 9.31
N THR Q 384 53.68 -41.25 10.60
CA THR Q 384 55.07 -41.45 10.98
C THR Q 384 55.60 -42.77 10.45
N ALA Q 385 54.77 -43.82 10.48
CA ALA Q 385 55.17 -45.12 9.94
C ALA Q 385 55.40 -45.05 8.45
N LYS Q 386 54.59 -44.26 7.73
CA LYS Q 386 54.77 -44.15 6.29
C LYS Q 386 56.05 -43.41 5.94
N VAL Q 387 56.34 -42.31 6.64
CA VAL Q 387 57.58 -41.58 6.36
C VAL Q 387 58.79 -42.41 6.76
N GLN Q 388 58.68 -43.17 7.85
CA GLN Q 388 59.80 -44.01 8.29
C GLN Q 388 60.04 -45.17 7.33
N SER Q 389 58.96 -45.77 6.80
CA SER Q 389 59.12 -46.84 5.82
C SER Q 389 59.66 -46.31 4.50
N LEU Q 390 59.34 -45.05 4.16
CA LEU Q 390 60.00 -44.41 3.03
C LEU Q 390 61.49 -44.25 3.29
N ALA Q 391 61.85 -43.88 4.52
CA ALA Q 391 63.26 -43.77 4.88
C ALA Q 391 63.96 -45.12 4.92
N LYS Q 392 63.21 -46.21 5.10
CA LYS Q 392 63.79 -47.55 5.13
C LYS Q 392 64.13 -48.07 3.75
N GLY Q 393 63.71 -47.39 2.69
CA GLY Q 393 64.06 -47.77 1.34
C GLY Q 393 62.87 -47.91 0.42
N VAL Q 394 63.07 -47.53 -0.84
CA VAL Q 394 62.06 -47.70 -1.89
C VAL Q 394 62.51 -48.85 -2.78
N THR Q 395 61.54 -49.58 -3.30
CA THR Q 395 61.82 -50.86 -3.97
C THR Q 395 61.39 -50.79 -5.43
N ASP Q 396 62.27 -50.26 -6.28
CA ASP Q 396 62.27 -50.43 -7.74
C ASP Q 396 60.95 -50.09 -8.43
N VAL Q 397 59.93 -50.92 -8.17
CA VAL Q 397 58.60 -50.72 -8.77
C VAL Q 397 57.99 -49.42 -8.28
N GLN Q 398 58.10 -49.14 -6.97
CA GLN Q 398 57.61 -47.89 -6.42
C GLN Q 398 58.37 -46.70 -6.99
N LEU Q 399 59.68 -46.84 -7.16
CA LEU Q 399 60.49 -45.76 -7.71
C LEU Q 399 60.10 -45.45 -9.15
N ALA Q 400 59.92 -46.49 -9.98
CA ALA Q 400 59.50 -46.29 -11.35
C ALA Q 400 58.10 -45.70 -11.44
N THR Q 401 57.19 -46.16 -10.57
CA THR Q 401 55.83 -45.65 -10.57
C THR Q 401 55.78 -44.18 -10.17
N ALA Q 402 56.54 -43.80 -9.13
CA ALA Q 402 56.57 -42.41 -8.70
C ALA Q 402 57.26 -41.52 -9.73
N LYS Q 403 58.30 -42.03 -10.40
CA LYS Q 403 58.93 -41.25 -11.47
C LYS Q 403 57.98 -41.03 -12.64
N ASN Q 404 57.19 -42.05 -12.99
CA ASN Q 404 56.21 -41.87 -14.07
C ASN Q 404 55.10 -40.92 -13.65
N MET Q 405 54.68 -40.96 -12.39
CA MET Q 405 53.66 -40.04 -11.91
C MET Q 405 54.15 -38.59 -11.94
N ALA Q 406 55.41 -38.38 -11.51
CA ALA Q 406 55.99 -37.03 -11.54
C ALA Q 406 56.16 -36.53 -12.97
N LEU Q 407 56.61 -37.41 -13.88
CA LEU Q 407 56.76 -37.01 -15.28
C LEU Q 407 55.41 -36.69 -15.91
N GLY Q 408 54.38 -37.48 -15.59
CA GLY Q 408 53.06 -37.21 -16.12
C GLY Q 408 52.50 -35.89 -15.63
N GLU Q 409 52.70 -35.58 -14.35
CA GLU Q 409 52.26 -34.28 -13.83
C GLU Q 409 53.02 -33.12 -14.47
N LEU Q 410 54.34 -33.27 -14.63
CA LEU Q 410 55.15 -32.21 -15.21
C LEU Q 410 54.76 -31.95 -16.66
N ARG Q 411 54.53 -33.01 -17.43
CA ARG Q 411 54.14 -32.83 -18.82
C ARG Q 411 52.69 -32.41 -19.00
N ALA Q 412 51.79 -32.78 -18.09
CA ALA Q 412 50.42 -32.33 -18.20
C ALA Q 412 50.21 -30.92 -17.69
N SER Q 413 51.18 -30.37 -16.94
CA SER Q 413 51.06 -28.97 -16.54
C SER Q 413 51.29 -28.02 -17.70
N VAL Q 414 52.14 -28.38 -18.66
CA VAL Q 414 52.51 -27.50 -19.75
C VAL Q 414 51.88 -27.94 -21.07
N ALA Q 415 50.81 -28.73 -21.01
CA ALA Q 415 50.18 -29.23 -22.23
C ALA Q 415 49.45 -28.13 -22.99
N THR Q 416 48.76 -27.25 -22.26
CA THR Q 416 48.02 -26.15 -22.87
C THR Q 416 48.85 -24.88 -22.89
N ALA Q 417 48.44 -23.95 -23.75
CA ALA Q 417 49.14 -22.67 -23.85
C ALA Q 417 49.10 -21.81 -22.58
N PRO Q 418 47.96 -21.61 -21.87
CA PRO Q 418 48.04 -20.85 -20.62
C PRO Q 418 48.88 -21.51 -19.54
N GLY Q 419 48.83 -22.84 -19.45
CA GLY Q 419 49.67 -23.54 -18.49
C GLY Q 419 51.16 -23.42 -18.81
N LEU Q 420 51.50 -23.48 -20.10
CA LEU Q 420 52.89 -23.32 -20.51
C LEU Q 420 53.38 -21.91 -20.26
N ALA Q 421 52.54 -20.90 -20.54
CA ALA Q 421 52.91 -19.52 -20.27
C ALA Q 421 53.09 -19.26 -18.77
N ALA Q 422 52.20 -19.81 -17.95
CA ALA Q 422 52.34 -19.66 -16.50
C ALA Q 422 53.60 -20.35 -15.99
N ALA Q 423 53.92 -21.53 -16.52
CA ALA Q 423 55.12 -22.25 -16.10
C ALA Q 423 56.38 -21.49 -16.48
N VAL Q 424 56.42 -20.94 -17.70
CA VAL Q 424 57.56 -20.15 -18.14
C VAL Q 424 57.74 -18.91 -17.28
N GLY Q 425 56.63 -18.20 -17.01
CA GLY Q 425 56.71 -16.99 -16.21
C GLY Q 425 57.14 -17.23 -14.78
N SER Q 426 56.57 -18.26 -14.13
CA SER Q 426 56.95 -18.57 -12.76
C SER Q 426 58.40 -19.02 -12.68
N SER Q 427 58.87 -19.84 -13.64
CA SER Q 427 60.25 -20.31 -13.59
C SER Q 427 61.23 -19.17 -13.85
N VAL Q 428 60.90 -18.25 -14.75
CA VAL Q 428 61.80 -17.12 -15.01
C VAL Q 428 61.81 -16.15 -13.82
N LEU Q 429 60.65 -15.93 -13.20
CA LEU Q 429 60.60 -15.06 -12.03
C LEU Q 429 61.38 -15.66 -10.85
N ALA Q 430 61.24 -16.97 -10.62
CA ALA Q 430 61.91 -17.57 -9.48
C ALA Q 430 63.40 -17.80 -9.73
N THR Q 431 63.80 -18.08 -10.96
CA THR Q 431 65.18 -18.48 -11.22
C THR Q 431 65.88 -17.60 -12.24
N GLY Q 432 65.19 -17.21 -13.31
CA GLY Q 432 65.82 -16.53 -14.43
C GLY Q 432 65.84 -17.34 -15.70
N LYS Q 433 65.28 -18.56 -15.68
CA LYS Q 433 65.27 -19.42 -16.85
C LYS Q 433 64.16 -20.45 -16.71
N PHE Q 434 63.80 -21.05 -17.83
CA PHE Q 434 62.84 -22.14 -17.89
C PHE Q 434 63.61 -23.42 -18.22
N SER Q 435 63.48 -24.42 -17.37
CA SER Q 435 64.30 -25.64 -17.47
C SER Q 435 63.43 -26.88 -17.33
N ALA Q 436 62.35 -26.97 -18.11
CA ALA Q 436 61.48 -28.14 -18.06
C ALA Q 436 62.17 -29.39 -18.60
N ASN Q 437 63.01 -29.22 -19.62
CA ASN Q 437 63.79 -30.35 -20.13
C ASN Q 437 64.77 -30.86 -19.09
N GLU Q 438 65.41 -29.94 -18.37
CA GLU Q 438 66.33 -30.34 -17.30
C GLU Q 438 65.59 -30.96 -16.13
N VAL Q 439 64.37 -30.50 -15.86
CA VAL Q 439 63.56 -31.10 -14.79
C VAL Q 439 63.16 -32.52 -15.17
N ALA Q 440 62.78 -32.73 -16.43
CA ALA Q 440 62.45 -34.08 -16.90
C ALA Q 440 63.68 -35.00 -16.88
N ALA Q 441 64.84 -34.48 -17.26
CA ALA Q 441 66.07 -35.27 -17.18
C ALA Q 441 66.43 -35.62 -15.74
N ALA Q 442 66.21 -34.68 -14.81
CA ALA Q 442 66.47 -34.95 -13.40
C ALA Q 442 65.49 -35.97 -12.84
N LEU Q 443 64.23 -35.92 -13.28
CA LEU Q 443 63.25 -36.90 -12.84
C LEU Q 443 63.59 -38.29 -13.37
N SER Q 444 64.03 -38.38 -14.62
CA SER Q 444 64.33 -39.68 -15.21
C SER Q 444 65.66 -40.25 -14.71
N GLY Q 445 66.61 -39.39 -14.34
CA GLY Q 445 67.91 -39.87 -13.92
C GLY Q 445 68.06 -40.09 -12.44
N LEU Q 446 66.95 -40.31 -11.74
CA LEU Q 446 66.95 -40.46 -10.30
C LEU Q 446 66.99 -41.93 -9.90
N THR Q 447 67.92 -42.29 -9.04
CA THR Q 447 68.05 -43.66 -8.54
C THR Q 447 67.38 -43.79 -7.18
N ALA Q 448 67.16 -45.04 -6.78
CA ALA Q 448 66.52 -45.31 -5.49
C ALA Q 448 67.42 -44.93 -4.32
N ALA Q 449 68.73 -45.05 -4.49
CA ALA Q 449 69.67 -44.67 -3.44
C ALA Q 449 69.62 -43.17 -3.17
N ASP Q 450 69.51 -42.37 -4.24
CA ASP Q 450 69.41 -40.91 -4.08
C ASP Q 450 68.14 -40.53 -3.34
N VAL Q 451 67.02 -41.20 -3.65
CA VAL Q 451 65.75 -40.90 -2.98
C VAL Q 451 65.81 -41.31 -1.51
N THR Q 452 66.41 -42.48 -1.22
CA THR Q 452 66.55 -42.92 0.16
C THR Q 452 67.43 -41.97 0.96
N SER Q 453 68.52 -41.50 0.34
CA SER Q 453 69.37 -40.49 0.98
C SER Q 453 68.62 -39.19 1.22
N TYR Q 454 67.77 -38.80 0.26
CA TYR Q 454 66.99 -37.58 0.39
C TYR Q 454 66.02 -37.66 1.57
N VAL Q 455 65.32 -38.79 1.70
CA VAL Q 455 64.37 -38.93 2.80
C VAL Q 455 65.11 -39.05 4.13
N ASN Q 456 66.29 -39.70 4.13
CA ASN Q 456 67.11 -39.78 5.34
C ASN Q 456 67.57 -38.41 5.80
N ALA Q 457 67.98 -37.56 4.87
CA ALA Q 457 68.35 -36.19 5.24
C ALA Q 457 67.13 -35.37 5.66
N MET Q 458 65.96 -35.68 5.10
CA MET Q 458 64.74 -34.97 5.47
C MET Q 458 64.33 -35.27 6.91
N ILE Q 459 64.37 -36.54 7.32
CA ILE Q 459 63.84 -36.90 8.63
C ILE Q 459 64.75 -36.43 9.77
N LYS Q 460 66.01 -36.13 9.48
CA LYS Q 460 66.89 -35.55 10.49
C LYS Q 460 66.50 -34.11 10.81
N THR Q 461 66.07 -33.36 9.79
CA THR Q 461 65.64 -31.98 9.98
C THR Q 461 64.34 -31.94 10.78
N ALA Q 462 64.19 -30.89 11.60
CA ALA Q 462 63.02 -30.72 12.45
C ALA Q 462 61.76 -30.55 11.61
N PRO Q 463 60.69 -31.27 11.92
CA PRO Q 463 59.49 -31.20 11.08
C PRO Q 463 58.49 -30.13 11.49
N THR Q 464 57.36 -30.08 10.78
CA THR Q 464 56.27 -29.16 11.09
C THR Q 464 55.01 -29.98 11.25
N PHE Q 465 54.24 -29.70 12.30
CA PHE Q 465 53.11 -30.52 12.68
C PHE Q 465 51.89 -29.66 12.98
N VAL Q 466 50.78 -29.90 12.27
CA VAL Q 466 49.57 -29.10 12.42
C VAL Q 466 48.38 -30.04 12.53
N THR Q 467 47.50 -29.79 13.50
CA THR Q 467 46.25 -30.51 13.62
C THR Q 467 45.07 -29.60 13.36
N TYR Q 468 43.88 -30.19 13.27
CA TYR Q 468 42.66 -29.47 12.93
C TYR Q 468 41.47 -30.24 13.48
N GLY Q 469 40.40 -29.52 13.79
CA GLY Q 469 39.13 -30.12 14.13
C GLY Q 469 38.82 -29.99 15.61
N ASN Q 470 37.65 -30.50 15.98
CA ASN Q 470 37.20 -30.53 17.38
C ASN Q 470 38.04 -31.58 18.11
N LEU Q 471 39.24 -31.19 18.46
CA LEU Q 471 40.29 -32.11 18.88
C LEU Q 471 40.00 -32.62 20.29
N SER Q 472 39.51 -33.86 20.37
CA SER Q 472 39.23 -34.49 21.65
C SER Q 472 40.06 -35.75 21.87
N SER Q 473 41.10 -35.98 21.07
CA SER Q 473 42.00 -37.12 21.27
C SER Q 473 43.33 -36.78 20.58
N LEU Q 474 44.40 -36.66 21.38
CA LEU Q 474 45.71 -36.28 20.84
C LEU Q 474 46.84 -36.76 21.73
N PRO Q 475 47.85 -37.41 21.16
CA PRO Q 475 49.08 -37.67 21.91
C PRO Q 475 49.82 -36.37 22.20
N ARG Q 476 50.62 -36.39 23.26
CA ARG Q 476 51.30 -35.19 23.71
C ARG Q 476 52.38 -34.77 22.73
N VAL Q 477 52.61 -33.45 22.65
CA VAL Q 477 53.37 -32.83 21.58
C VAL Q 477 54.84 -33.24 21.60
N ASP Q 478 55.39 -33.47 22.79
CA ASP Q 478 56.80 -33.90 22.90
C ASP Q 478 57.02 -35.24 22.23
N SER Q 479 56.10 -36.19 22.44
CA SER Q 479 56.22 -37.49 21.78
C SER Q 479 55.77 -37.45 20.33
N ILE Q 480 55.17 -36.36 19.88
CA ILE Q 480 54.75 -36.25 18.48
C ILE Q 480 55.97 -36.08 17.59
N ALA Q 481 56.90 -35.20 17.97
CA ALA Q 481 58.08 -34.91 17.18
C ALA Q 481 59.30 -35.72 17.62
N LYS Q 482 59.08 -36.91 18.17
CA LYS Q 482 60.17 -37.77 18.60
C LYS Q 482 60.42 -38.96 17.69
N ARG Q 483 59.45 -39.36 16.87
CA ARG Q 483 59.55 -40.64 16.16
C ARG Q 483 60.54 -40.56 14.99
N PHE Q 484 60.84 -39.36 14.50
CA PHE Q 484 61.85 -39.21 13.48
C PHE Q 484 63.24 -39.01 14.06
N ALA Q 485 63.35 -38.86 15.38
CA ALA Q 485 64.64 -38.66 16.04
C ALA Q 485 65.12 -39.96 16.67
N THR R 2 29.75 30.99 -39.13
CA THR R 2 29.32 31.49 -37.83
C THR R 2 30.33 31.13 -36.74
N SER R 3 31.38 30.41 -37.13
CA SER R 3 32.40 30.01 -36.16
C SER R 3 33.24 31.19 -35.69
N LEU R 4 33.46 32.17 -36.56
CA LEU R 4 34.17 33.40 -36.15
C LEU R 4 33.37 34.17 -35.11
N LEU R 5 32.06 34.29 -35.29
CA LEU R 5 31.22 34.93 -34.29
C LEU R 5 31.09 34.07 -33.03
N LYS R 6 31.20 32.75 -33.19
CA LYS R 6 31.19 31.85 -32.03
C LYS R 6 32.44 32.02 -31.19
N GLN R 7 33.59 32.26 -31.83
CA GLN R 7 34.83 32.50 -31.10
C GLN R 7 34.76 33.79 -30.29
N VAL R 8 34.10 34.81 -30.83
CA VAL R 8 33.85 36.03 -30.07
C VAL R 8 32.88 35.76 -28.92
N ALA R 9 31.93 34.84 -29.13
CA ALA R 9 30.93 34.53 -28.12
C ALA R 9 31.47 33.67 -26.97
N LEU R 10 32.69 33.16 -27.07
CA LEU R 10 33.24 32.33 -25.99
C LEU R 10 33.68 33.17 -24.78
N PRO R 11 34.43 34.28 -24.92
CA PRO R 11 34.61 35.14 -23.74
C PRO R 11 33.33 35.78 -23.25
N VAL R 12 32.36 36.01 -24.13
CA VAL R 12 31.05 36.48 -23.70
C VAL R 12 30.36 35.41 -22.86
N PHE R 13 30.46 34.15 -23.28
CA PHE R 13 29.92 33.04 -22.49
C PHE R 13 30.60 32.96 -21.13
N ASN R 14 31.93 33.13 -21.09
CA ASN R 14 32.66 33.10 -19.83
C ASN R 14 32.26 34.26 -18.93
N SER R 15 32.03 35.44 -19.50
CA SER R 15 31.64 36.60 -18.71
C SER R 15 30.26 36.43 -18.11
N LEU R 16 29.28 35.98 -18.91
CA LEU R 16 27.95 35.73 -18.36
C LEU R 16 27.95 34.58 -17.35
N ALA R 17 28.79 33.56 -17.58
CA ALA R 17 28.89 32.46 -16.62
C ALA R 17 29.45 32.94 -15.29
N THR R 18 30.49 33.77 -15.32
CA THR R 18 31.07 34.29 -14.08
C THR R 18 30.11 35.22 -13.36
N THR R 19 29.40 36.07 -14.09
CA THR R 19 28.43 36.98 -13.47
C THR R 19 27.28 36.22 -12.82
N TYR R 20 26.74 35.23 -13.53
CA TYR R 20 25.68 34.38 -12.99
C TYR R 20 26.16 33.64 -11.75
N ARG R 21 27.37 33.07 -11.82
CA ARG R 21 27.89 32.30 -10.70
C ARG R 21 28.13 33.18 -9.49
N SER R 22 28.60 34.41 -9.71
CA SER R 22 28.82 35.34 -8.60
C SER R 22 27.50 35.73 -7.94
N VAL R 23 26.48 36.06 -8.73
CA VAL R 23 25.19 36.47 -8.16
C VAL R 23 24.54 35.31 -7.40
N VAL R 24 24.54 34.11 -8.01
CA VAL R 24 23.88 32.97 -7.38
C VAL R 24 24.65 32.51 -6.15
N GLY R 25 25.99 32.54 -6.21
CA GLY R 25 26.79 32.20 -5.04
C GLY R 25 26.64 33.16 -3.89
N ALA R 26 26.44 34.46 -4.20
CA ALA R 26 26.07 35.40 -3.15
C ALA R 26 24.69 35.06 -2.57
N LYS R 27 23.75 34.64 -3.43
CA LYS R 27 22.49 34.14 -2.91
C LYS R 27 22.65 32.79 -2.21
N LEU R 28 23.58 31.96 -2.68
CA LEU R 28 23.76 30.63 -2.10
C LEU R 28 24.39 30.70 -0.71
N ALA R 29 25.34 31.60 -0.51
CA ALA R 29 26.11 31.63 0.73
C ALA R 29 25.29 32.13 1.93
N LYS R 30 24.13 32.74 1.69
CA LYS R 30 23.28 33.13 2.81
C LYS R 30 22.64 31.93 3.48
N TYR R 31 22.58 30.78 2.81
CA TYR R 31 22.08 29.55 3.39
C TYR R 31 23.18 28.54 3.69
N GLY R 32 24.43 28.88 3.41
CA GLY R 32 25.52 27.96 3.60
C GLY R 32 25.66 26.90 2.54
N LEU R 33 24.86 26.96 1.48
CA LEU R 33 24.84 25.94 0.47
C LEU R 33 25.98 26.13 -0.52
N ARG R 34 26.38 25.04 -1.14
CA ARG R 34 27.30 25.07 -2.28
C ARG R 34 26.50 24.94 -3.56
N PHE R 35 27.19 25.06 -4.69
CA PHE R 35 26.53 24.84 -5.97
C PHE R 35 26.16 23.37 -6.14
N ASP R 36 27.01 22.47 -5.66
CA ASP R 36 26.78 21.04 -5.82
C ASP R 36 25.67 20.53 -4.92
N ASP R 37 25.25 21.31 -3.92
CA ASP R 37 24.14 20.93 -3.05
C ASP R 37 22.79 21.11 -3.71
N LEU R 38 22.72 21.83 -4.83
CA LEU R 38 21.46 22.02 -5.53
C LEU R 38 21.00 20.80 -6.31
N GLN R 39 21.93 19.91 -6.64
CA GLN R 39 21.61 18.73 -7.44
C GLN R 39 20.87 17.69 -6.60
N ASP R 40 19.77 17.18 -7.15
CA ASP R 40 18.82 16.35 -6.44
C ASP R 40 18.86 14.92 -6.97
N PRO R 41 19.10 13.90 -6.13
CA PRO R 41 19.03 12.51 -6.62
C PRO R 41 17.66 12.11 -7.11
N LEU R 42 16.58 12.63 -6.51
CA LEU R 42 15.25 12.29 -6.98
C LEU R 42 14.98 12.87 -8.36
N LYS R 43 15.58 14.01 -8.68
CA LYS R 43 15.42 14.65 -9.96
C LYS R 43 16.29 14.04 -11.05
N ASP R 44 17.51 13.62 -10.70
CA ASP R 44 18.49 13.17 -11.69
C ASP R 44 19.09 11.85 -11.23
N GLU R 45 19.00 10.82 -12.07
CA GLU R 45 19.56 9.53 -11.69
C GLU R 45 21.08 9.50 -11.83
N ASP R 46 21.66 10.35 -12.69
CA ASP R 46 23.10 10.46 -12.76
C ASP R 46 23.68 11.05 -11.49
N VAL R 47 22.98 12.01 -10.88
CA VAL R 47 23.39 12.53 -9.58
C VAL R 47 23.20 11.48 -8.50
N ALA R 48 22.13 10.68 -8.60
CA ALA R 48 21.89 9.64 -7.62
C ALA R 48 22.97 8.57 -7.66
N GLU R 49 23.46 8.24 -8.85
CA GLU R 49 24.56 7.28 -8.96
C GLU R 49 25.88 7.90 -8.52
N ALA R 50 26.13 9.17 -8.87
CA ALA R 50 27.38 9.81 -8.51
C ALA R 50 27.47 10.03 -7.00
N LEU R 51 26.34 10.28 -6.34
CA LEU R 51 26.35 10.42 -4.89
C LEU R 51 26.61 9.10 -4.18
N ARG R 52 26.32 7.98 -4.83
CA ARG R 52 26.62 6.66 -4.30
C ARG R 52 28.11 6.34 -4.36
N ARG R 53 28.88 7.08 -5.14
CA ARG R 53 30.30 6.85 -5.33
C ARG R 53 31.17 7.66 -4.38
N LEU R 54 30.58 8.37 -3.47
CA LEU R 54 31.31 9.26 -2.59
C LEU R 54 31.62 8.59 -1.25
N PRO R 55 32.72 8.97 -0.60
CA PRO R 55 32.97 8.48 0.75
C PRO R 55 31.93 9.00 1.72
N PRO R 56 31.63 8.26 2.80
CA PRO R 56 30.48 8.61 3.65
C PRO R 56 30.63 9.92 4.42
N ASP R 57 31.84 10.38 4.70
CA ASP R 57 32.00 11.65 5.42
C ASP R 57 31.53 12.83 4.57
N VAL R 58 31.76 12.77 3.26
CA VAL R 58 31.30 13.81 2.35
C VAL R 58 29.78 13.84 2.29
N VAL R 59 29.15 12.67 2.30
CA VAL R 59 27.69 12.60 2.31
C VAL R 59 27.13 13.13 3.62
N VAL R 60 27.82 12.85 4.73
CA VAL R 60 27.39 13.39 6.03
C VAL R 60 27.49 14.91 6.05
N ALA R 61 28.59 15.46 5.51
CA ALA R 61 28.75 16.91 5.46
C ALA R 61 27.69 17.57 4.56
N ARG R 62 27.40 16.94 3.42
CA ARG R 62 26.36 17.45 2.53
C ARG R 62 24.99 17.43 3.19
N ASN R 63 24.67 16.35 3.91
CA ASN R 63 23.38 16.25 4.58
C ASN R 63 23.27 17.26 5.71
N CYS R 64 24.38 17.53 6.41
CA CYS R 64 24.38 18.55 7.44
C CYS R 64 24.15 19.94 6.87
N ARG R 65 24.79 20.25 5.73
CA ARG R 65 24.58 21.54 5.08
C ARG R 65 23.14 21.70 4.60
N LEU R 66 22.56 20.62 4.06
CA LEU R 66 21.19 20.65 3.61
C LEU R 66 20.22 20.88 4.76
N ARG R 67 20.43 20.20 5.90
CA ARG R 67 19.55 20.39 7.05
C ARG R 67 19.71 21.79 7.65
N ARG R 68 20.94 22.32 7.66
CA ARG R 68 21.15 23.69 8.14
C ARG R 68 20.42 24.70 7.28
N ALA R 69 20.50 24.55 5.95
CA ALA R 69 19.82 25.48 5.06
C ALA R 69 18.30 25.36 5.18
N LEU R 70 17.78 24.14 5.35
CA LEU R 70 16.34 23.99 5.49
C LEU R 70 15.84 24.57 6.80
N ASP R 71 16.63 24.44 7.87
CA ASP R 71 16.28 25.08 9.14
C ASP R 71 16.30 26.61 9.02
N LEU R 72 17.29 27.15 8.31
CA LEU R 72 17.35 28.59 8.10
C LEU R 72 16.16 29.09 7.29
N SER R 73 15.75 28.32 6.28
CA SER R 73 14.59 28.68 5.48
C SER R 73 13.30 28.63 6.29
N CYS R 74 13.20 27.66 7.21
CA CYS R 74 12.03 27.61 8.08
C CYS R 74 12.00 28.77 9.05
N LYS R 75 13.17 29.24 9.49
CA LYS R 75 13.24 30.36 10.42
C LYS R 75 13.14 31.72 9.75
N HIS R 76 13.19 31.77 8.41
CA HIS R 76 13.29 33.02 7.64
C HIS R 76 14.50 33.85 8.06
N GLU R 77 15.62 33.19 8.29
CA GLU R 77 16.84 33.85 8.74
C GLU R 77 17.98 33.53 7.78
N ALA R 78 19.12 34.12 8.06
CA ALA R 78 20.36 33.90 7.32
C ALA R 78 21.46 33.52 8.29
N LEU R 79 22.63 33.18 7.76
CA LEU R 79 23.77 32.88 8.61
C LEU R 79 24.27 34.13 9.31
N PRO R 80 24.87 33.99 10.49
CA PRO R 80 25.58 35.11 11.10
C PRO R 80 26.78 35.54 10.27
N LYS R 81 27.17 36.80 10.43
CA LYS R 81 28.17 37.40 9.55
C LYS R 81 29.54 36.74 9.68
N ASP R 82 29.91 36.36 10.90
CA ASP R 82 31.17 35.63 11.10
C ASP R 82 31.11 34.27 10.41
N LEU R 83 29.95 33.61 10.44
CA LEU R 83 29.79 32.36 9.73
C LEU R 83 29.62 32.58 8.24
N LEU R 84 28.98 33.68 7.85
CA LEU R 84 28.75 33.98 6.44
C LEU R 84 30.03 34.33 5.72
N GLU R 85 31.04 34.85 6.44
CA GLU R 85 32.30 35.20 5.78
C GLU R 85 33.14 33.98 5.42
N LYS R 86 32.86 32.82 5.99
CA LYS R 86 33.65 31.62 5.73
C LYS R 86 33.09 30.77 4.59
N GLN R 87 31.93 31.12 4.04
CA GLN R 87 31.26 30.28 3.08
C GLN R 87 31.96 30.33 1.73
N THR R 88 32.12 29.16 1.11
CA THR R 88 32.74 29.01 -0.21
C THR R 88 31.82 28.20 -1.09
N PRO R 89 30.84 28.85 -1.72
CA PRO R 89 29.80 28.11 -2.46
C PRO R 89 30.28 27.46 -3.74
N GLU R 90 31.48 27.76 -4.22
CA GLU R 90 31.98 27.21 -5.47
C GLU R 90 33.01 26.11 -5.26
N LEU R 91 33.12 25.58 -4.05
CA LEU R 91 34.01 24.46 -3.79
C LEU R 91 33.35 23.17 -4.26
N SER R 92 34.06 22.41 -5.09
CA SER R 92 33.46 21.25 -5.76
C SER R 92 33.77 19.97 -5.00
N TYR R 93 32.71 19.21 -4.70
CA TYR R 93 32.87 17.84 -4.22
C TYR R 93 32.20 16.81 -5.12
N LEU R 94 31.29 17.22 -6.00
CA LEU R 94 30.51 16.30 -6.81
C LEU R 94 30.81 16.37 -8.30
N GLN R 95 31.61 17.35 -8.74
CA GLN R 95 31.68 17.66 -10.16
C GLN R 95 32.44 16.59 -10.94
N ASP R 96 33.57 16.12 -10.43
CA ASP R 96 34.36 15.13 -11.15
C ASP R 96 33.66 13.78 -11.19
N VAL R 97 33.02 13.40 -10.09
CA VAL R 97 32.28 12.14 -10.03
C VAL R 97 31.11 12.16 -11.00
N LEU R 98 30.34 13.25 -11.00
CA LEU R 98 29.20 13.37 -11.90
C LEU R 98 29.63 13.46 -13.36
N ASN R 99 30.75 14.14 -13.63
CA ASN R 99 31.27 14.20 -14.98
C ASN R 99 31.68 12.83 -15.49
N GLU R 100 32.30 12.01 -14.64
CA GLU R 100 32.70 10.68 -15.06
C GLU R 100 31.48 9.77 -15.24
N VAL R 101 30.46 9.92 -14.41
CA VAL R 101 29.20 9.18 -14.60
C VAL R 101 28.55 9.54 -15.92
N ARG R 102 28.51 10.83 -16.25
CA ARG R 102 27.88 11.26 -17.51
C ARG R 102 28.69 10.82 -18.72
N ALA R 103 30.02 10.82 -18.61
CA ALA R 103 30.86 10.31 -19.70
C ALA R 103 30.67 8.82 -19.90
N GLU R 104 30.51 8.07 -18.80
CA GLU R 104 30.21 6.64 -18.91
C GLU R 104 28.88 6.40 -19.59
N ARG R 105 27.86 7.19 -19.24
CA ARG R 105 26.56 7.02 -19.86
C ARG R 105 26.58 7.42 -21.34
N ARG R 106 27.41 8.40 -21.71
CA ARG R 106 27.56 8.74 -23.12
C ARG R 106 28.27 7.64 -23.89
N GLU R 107 29.29 7.02 -23.28
CA GLU R 107 30.04 5.97 -23.96
C GLU R 107 29.21 4.71 -24.12
N ARG R 108 28.35 4.40 -23.15
CA ARG R 108 27.48 3.23 -23.28
C ARG R 108 26.41 3.46 -24.34
N ALA R 109 25.91 4.69 -24.49
CA ALA R 109 24.82 4.95 -25.42
C ALA R 109 25.26 4.89 -26.87
N GLN R 110 26.55 5.10 -27.15
CA GLN R 110 27.04 5.02 -28.52
C GLN R 110 27.20 3.59 -29.00
N LEU R 111 27.14 2.62 -28.11
CA LEU R 111 27.19 1.21 -28.48
C LEU R 111 25.86 0.51 -28.29
N GLY R 112 24.81 1.23 -27.88
CA GLY R 112 23.49 0.68 -27.70
C GLY R 112 23.16 0.22 -26.29
N ALA R 113 24.12 0.22 -25.39
CA ALA R 113 23.84 -0.23 -24.04
C ALA R 113 23.08 0.85 -23.26
N PRO R 114 22.16 0.47 -22.38
CA PRO R 114 21.51 1.45 -21.52
C PRO R 114 22.38 1.75 -20.30
N ALA R 115 21.88 2.64 -19.46
CA ALA R 115 22.56 2.92 -18.20
C ALA R 115 22.33 1.77 -17.22
N PRO R 116 23.36 1.37 -16.48
CA PRO R 116 23.20 0.28 -15.50
C PRO R 116 22.49 0.68 -14.21
N TYR R 117 21.86 1.84 -14.16
CA TYR R 117 21.10 2.28 -13.00
C TYR R 117 19.78 2.84 -13.51
N THR R 118 18.74 2.69 -12.71
CA THR R 118 17.41 3.15 -13.06
C THR R 118 17.07 4.39 -12.25
N ARG R 119 15.87 4.92 -12.48
CA ARG R 119 15.33 5.95 -11.61
C ARG R 119 15.04 5.37 -10.22
N ILE R 120 14.85 6.27 -9.26
CA ILE R 120 14.55 5.88 -7.89
C ILE R 120 13.04 5.80 -7.71
N TYR R 121 12.55 4.67 -7.22
CA TYR R 121 11.12 4.43 -7.01
C TYR R 121 10.86 4.17 -5.54
N TYR R 122 9.82 4.82 -5.01
CA TYR R 122 9.42 4.69 -3.61
C TYR R 122 7.97 4.20 -3.56
N ASP R 123 7.79 2.88 -3.65
CA ASP R 123 6.46 2.28 -3.55
C ASP R 123 6.59 0.81 -3.17
N GLY S 45 -7.09 10.63 52.32
CA GLY S 45 -5.91 11.16 51.68
C GLY S 45 -4.65 10.38 52.01
N GLY S 46 -3.57 10.70 51.31
CA GLY S 46 -2.29 10.06 51.56
C GLY S 46 -1.60 10.65 52.78
N GLY S 47 -0.42 10.10 53.06
CA GLY S 47 0.38 10.62 54.17
C GLY S 47 0.97 11.97 53.82
N ARG S 48 0.84 12.93 54.72
CA ARG S 48 1.34 14.29 54.53
C ARG S 48 2.52 14.62 55.43
N VAL S 49 3.05 13.65 56.16
CA VAL S 49 4.15 13.91 57.08
C VAL S 49 5.46 13.89 56.32
N GLU S 50 6.27 14.92 56.52
CA GLU S 50 7.56 15.05 55.86
C GLU S 50 8.49 13.93 56.31
N VAL S 51 9.35 13.50 55.37
CA VAL S 51 10.23 12.36 55.65
C VAL S 51 11.27 12.63 56.73
N PRO S 52 11.92 13.81 56.82
CA PRO S 52 12.73 14.08 58.02
C PRO S 52 11.97 14.07 59.33
N LEU S 53 10.69 14.42 59.32
CA LEU S 53 9.89 14.25 60.52
C LEU S 53 9.60 12.77 60.74
N SER S 54 9.48 12.39 62.01
CA SER S 54 9.03 11.05 62.33
C SER S 54 7.54 10.94 62.02
N GLU S 55 7.08 9.71 61.83
CA GLU S 55 5.69 9.47 61.48
C GLU S 55 4.82 9.64 62.72
N LYS S 56 3.51 9.43 62.57
CA LYS S 56 2.56 9.67 63.66
C LYS S 56 2.81 8.72 64.83
N LEU S 57 2.44 9.19 66.02
CA LEU S 57 2.50 8.47 67.29
C LEU S 57 1.88 7.07 67.26
N PRO S 58 0.82 6.79 66.44
CA PRO S 58 0.52 5.37 66.17
C PRO S 58 1.54 4.70 65.26
N ALA S 59 2.71 4.39 65.81
CA ALA S 59 3.73 3.60 65.11
C ALA S 59 4.14 2.49 66.09
N VAL S 60 3.42 1.38 66.01
CA VAL S 60 3.52 0.32 67.01
C VAL S 60 4.81 -0.44 66.82
N THR S 61 5.56 -0.63 67.92
CA THR S 61 6.73 -1.50 67.93
C THR S 61 6.31 -2.94 68.20
N GLU S 62 5.49 -3.46 67.29
CA GLU S 62 5.02 -4.84 67.36
C GLU S 62 6.13 -5.91 67.41
N PRO S 63 7.25 -5.80 66.68
CA PRO S 63 8.35 -6.76 66.91
C PRO S 63 8.94 -6.60 68.30
N PRO S 64 9.02 -7.67 69.06
CA PRO S 64 9.80 -7.63 70.31
C PRO S 64 11.24 -8.04 70.08
N ARG S 65 12.15 -7.29 70.71
CA ARG S 65 13.56 -7.61 70.65
C ARG S 65 13.86 -8.86 71.48
N THR S 66 15.08 -9.39 71.29
CA THR S 66 15.71 -10.51 72.01
C THR S 66 15.06 -11.85 71.65
N SER S 67 15.87 -12.92 71.51
CA SER S 67 17.31 -13.00 71.73
C SER S 67 18.10 -13.56 70.55
N THR S 68 19.26 -12.98 70.32
CA THR S 68 20.24 -13.56 69.40
C THR S 68 20.73 -14.89 69.97
N PRO S 69 20.96 -15.91 69.13
CA PRO S 69 21.61 -17.13 69.60
C PRO S 69 22.98 -16.84 70.19
N ALA S 70 23.28 -17.51 71.31
CA ALA S 70 24.51 -17.23 72.04
C ALA S 70 25.74 -17.81 71.35
N THR S 71 25.56 -18.77 70.46
CA THR S 71 26.67 -19.41 69.77
C THR S 71 26.56 -19.20 68.28
N LYS S 72 27.69 -19.29 67.62
CA LYS S 72 27.74 -19.23 66.16
C LYS S 72 27.04 -20.46 65.58
N PRO S 73 26.07 -20.27 64.68
CA PRO S 73 25.40 -21.42 64.07
C PRO S 73 26.32 -22.21 63.16
N ILE S 74 26.04 -23.50 63.05
CA ILE S 74 26.87 -24.45 62.34
C ILE S 74 26.01 -25.26 61.39
N VAL S 75 26.65 -25.88 60.41
CA VAL S 75 25.96 -26.66 59.39
C VAL S 75 25.54 -28.01 59.95
N GLN S 76 24.27 -28.33 59.81
CA GLN S 76 23.74 -29.65 60.13
C GLN S 76 23.45 -30.41 58.84
N THR S 77 23.67 -31.72 58.87
CA THR S 77 23.45 -32.57 57.70
C THR S 77 22.64 -33.79 58.09
N SER S 78 21.63 -34.12 57.28
CA SER S 78 20.83 -35.31 57.51
C SER S 78 20.29 -35.83 56.18
N SER S 79 20.58 -37.08 55.85
CA SER S 79 20.10 -37.70 54.64
C SER S 79 18.64 -38.12 54.80
N LEU S 80 17.99 -38.39 53.67
CA LEU S 80 16.62 -38.87 53.63
C LEU S 80 16.60 -40.34 53.26
N ARG S 81 15.39 -40.90 53.22
CA ARG S 81 15.26 -42.31 52.87
C ARG S 81 15.55 -42.57 51.40
N SER S 82 15.25 -41.61 50.53
CA SER S 82 15.60 -41.75 49.13
C SER S 82 17.10 -41.64 48.92
N GLY S 83 17.80 -40.94 49.81
CA GLY S 83 19.24 -40.79 49.69
C GLY S 83 19.64 -39.36 49.40
N VAL S 84 18.71 -38.43 49.51
CA VAL S 84 18.99 -37.01 49.28
C VAL S 84 19.64 -36.44 50.54
N LYS S 85 20.80 -35.80 50.37
CA LYS S 85 21.45 -35.11 51.46
C LYS S 85 20.83 -33.73 51.65
N VAL S 86 20.50 -33.38 52.88
CA VAL S 86 19.95 -32.07 53.23
C VAL S 86 20.91 -31.41 54.20
N ALA S 87 21.46 -30.27 53.79
CA ALA S 87 22.49 -29.58 54.56
C ALA S 87 22.12 -28.11 54.69
N SER S 88 21.75 -27.68 55.89
CA SER S 88 21.30 -26.32 56.10
C SER S 88 22.02 -25.68 57.28
N ILE S 89 22.19 -24.37 57.19
CA ILE S 89 22.79 -23.55 58.23
C ILE S 89 21.84 -22.41 58.55
N ASN S 90 21.64 -22.14 59.83
CA ASN S 90 20.80 -21.02 60.23
C ASN S 90 21.61 -19.73 60.23
N THR S 91 20.94 -18.62 59.95
CA THR S 91 21.58 -17.35 59.73
C THR S 91 20.67 -16.24 60.25
N VAL S 92 21.26 -15.20 60.84
CA VAL S 92 20.49 -14.10 61.41
C VAL S 92 19.94 -13.16 60.35
N SER S 93 20.38 -13.30 59.10
CA SER S 93 19.90 -12.49 57.99
C SER S 93 18.40 -12.74 57.76
N PRO S 94 17.67 -11.76 57.23
CA PRO S 94 16.24 -11.99 56.94
C PRO S 94 15.97 -12.59 55.57
N ILE S 95 16.97 -13.13 54.89
CA ILE S 95 16.82 -13.72 53.57
C ILE S 95 17.13 -15.21 53.67
N SER S 96 16.18 -16.04 53.27
CA SER S 96 16.38 -17.48 53.17
C SER S 96 16.74 -17.85 51.74
N SER S 97 17.77 -18.66 51.59
CA SER S 97 18.21 -19.14 50.29
C SER S 97 18.13 -20.67 50.27
N LEU S 98 17.66 -21.22 49.15
CA LEU S 98 17.52 -22.66 48.97
C LEU S 98 18.09 -23.03 47.62
N VAL S 99 19.15 -23.84 47.60
CA VAL S 99 19.82 -24.22 46.36
C VAL S 99 19.81 -25.74 46.25
N LEU S 100 19.47 -26.24 45.06
CA LEU S 100 19.54 -27.67 44.76
C LEU S 100 20.74 -27.94 43.86
N PHE S 101 21.67 -28.75 44.34
CA PHE S 101 22.87 -29.08 43.60
C PHE S 101 22.74 -30.49 43.04
N VAL S 102 22.97 -30.63 41.74
CA VAL S 102 22.89 -31.93 41.07
C VAL S 102 24.23 -32.17 40.36
N GLU S 103 24.83 -33.32 40.62
CA GLU S 103 26.05 -33.70 39.92
C GLU S 103 25.78 -33.90 38.44
N GLY S 104 26.75 -33.56 37.61
CA GLY S 104 26.51 -33.51 36.18
C GLY S 104 27.31 -32.43 35.49
N GLY S 105 26.61 -31.48 34.89
CA GLY S 105 27.29 -30.39 34.21
C GLY S 105 27.85 -30.85 32.87
N ALA S 106 28.96 -30.24 32.48
CA ALA S 106 29.63 -30.62 31.25
C ALA S 106 30.28 -31.99 31.34
N ALA S 107 30.55 -32.47 32.55
CA ALA S 107 31.17 -33.78 32.71
C ALA S 107 30.23 -34.91 32.33
N ALA S 108 28.93 -34.72 32.50
CA ALA S 108 27.95 -35.73 32.19
C ALA S 108 27.43 -35.64 30.76
N GLU S 109 28.01 -34.75 29.96
CA GLU S 109 27.53 -34.53 28.60
C GLU S 109 28.20 -35.52 27.63
N THR S 110 27.38 -36.25 26.89
CA THR S 110 27.81 -37.09 25.79
C THR S 110 27.94 -36.26 24.53
N PRO S 111 28.55 -36.80 23.47
CA PRO S 111 28.47 -36.11 22.16
C PRO S 111 27.06 -35.98 21.62
N ALA S 112 26.12 -36.82 22.04
CA ALA S 112 24.72 -36.63 21.67
C ALA S 112 24.10 -35.44 22.37
N THR S 113 24.44 -35.23 23.64
CA THR S 113 23.83 -34.19 24.46
C THR S 113 24.79 -33.05 24.76
N ALA S 114 25.62 -32.67 23.79
CA ALA S 114 26.55 -31.58 23.99
C ALA S 114 25.82 -30.25 24.06
N GLY S 115 26.27 -29.39 24.97
CA GLY S 115 25.64 -28.10 25.18
C GLY S 115 24.35 -28.15 25.98
N ALA S 116 24.01 -29.29 26.57
CA ALA S 116 22.74 -29.43 27.26
C ALA S 116 22.71 -28.70 28.60
N SER S 117 23.87 -28.45 29.20
CA SER S 117 23.89 -27.75 30.48
C SER S 117 23.49 -26.29 30.33
N LYS S 118 23.95 -25.63 29.27
CA LYS S 118 23.54 -24.25 29.01
C LYS S 118 22.06 -24.15 28.70
N VAL S 119 21.52 -25.09 27.93
CA VAL S 119 20.11 -25.03 27.58
C VAL S 119 19.26 -25.34 28.81
N LEU S 120 19.76 -26.23 29.68
CA LEU S 120 19.05 -26.49 30.94
C LEU S 120 19.09 -25.26 31.85
N GLU S 121 20.20 -24.51 31.80
CA GLU S 121 20.30 -23.25 32.53
C GLU S 121 19.25 -22.25 32.06
N VAL S 122 19.08 -22.13 30.75
CA VAL S 122 18.12 -21.15 30.22
C VAL S 122 16.68 -21.64 30.41
N ALA S 123 16.44 -22.93 30.19
CA ALA S 123 15.10 -23.50 30.12
C ALA S 123 14.57 -23.97 31.46
N ALA S 124 15.29 -23.74 32.56
CA ALA S 124 14.79 -24.11 33.87
C ALA S 124 13.68 -23.15 34.30
N PHE S 125 12.93 -23.59 35.31
CA PHE S 125 11.85 -22.83 35.96
C PHE S 125 10.74 -22.46 34.98
N LYS S 126 10.48 -23.35 34.03
CA LYS S 126 9.37 -23.29 33.10
C LYS S 126 8.29 -24.27 33.57
N ALA S 127 7.33 -24.59 32.70
CA ALA S 127 6.13 -25.31 33.08
C ALA S 127 6.41 -26.70 33.65
N THR S 128 5.63 -27.07 34.66
CA THR S 128 5.72 -28.36 35.34
C THR S 128 4.42 -29.13 35.17
N ALA S 129 4.35 -30.29 35.80
CA ALA S 129 3.13 -31.09 35.78
C ALA S 129 2.01 -30.48 36.60
N ASN S 130 2.34 -29.60 37.55
CA ASN S 130 1.33 -28.97 38.39
C ASN S 130 1.12 -27.50 38.08
N ARG S 131 2.07 -26.85 37.42
CA ARG S 131 1.99 -25.42 37.14
C ARG S 131 2.44 -25.14 35.71
N SER S 132 1.77 -24.18 35.08
CA SER S 132 2.26 -23.63 33.83
C SER S 132 3.41 -22.66 34.09
N THR S 133 4.03 -22.20 33.01
CA THR S 133 5.10 -21.21 33.12
C THR S 133 4.58 -19.89 33.67
N PHE S 134 3.35 -19.52 33.27
CA PHE S 134 2.73 -18.29 33.73
C PHE S 134 2.46 -18.32 35.22
N ARG S 135 1.88 -19.43 35.71
CA ARG S 135 1.54 -19.55 37.13
C ARG S 135 2.79 -19.58 38.00
N LEU S 136 3.83 -20.28 37.55
CA LEU S 136 5.07 -20.34 38.31
C LEU S 136 5.78 -18.99 38.34
N THR S 137 5.78 -18.28 37.22
CA THR S 137 6.39 -16.95 37.17
C THR S 137 5.63 -15.97 38.06
N ARG S 138 4.30 -16.03 38.05
CA ARG S 138 3.50 -15.18 38.94
C ARG S 138 3.72 -15.52 40.41
N GLU S 139 3.87 -16.81 40.72
CA GLU S 139 4.12 -17.21 42.11
C GLU S 139 5.47 -16.73 42.59
N LEU S 140 6.48 -16.76 41.73
CA LEU S 140 7.78 -16.23 42.12
C LEU S 140 7.74 -14.71 42.28
N GLU S 141 7.06 -14.02 41.36
CA GLU S 141 7.01 -12.56 41.40
C GLU S 141 6.13 -12.02 42.51
N LYS S 142 5.17 -12.81 43.00
CA LYS S 142 4.22 -12.32 43.99
C LYS S 142 4.89 -12.08 45.33
N ILE S 143 5.80 -12.97 45.73
CA ILE S 143 6.43 -12.90 47.04
C ILE S 143 7.75 -12.14 46.92
N GLY S 144 8.03 -11.62 45.73
CA GLY S 144 9.26 -10.88 45.50
C GLY S 144 10.50 -11.73 45.59
N ALA S 145 10.45 -12.94 45.06
CA ALA S 145 11.58 -13.87 45.10
C ALA S 145 12.20 -13.99 43.72
N THR S 146 13.49 -14.32 43.71
CA THR S 146 14.24 -14.50 42.48
C THR S 146 14.73 -15.94 42.38
N SER S 147 14.79 -16.44 41.15
CA SER S 147 15.28 -17.78 40.88
C SER S 147 16.45 -17.70 39.91
N PHE S 148 17.28 -18.75 39.92
CA PHE S 148 18.40 -18.82 39.02
C PHE S 148 18.70 -20.28 38.73
N ALA S 149 19.37 -20.51 37.59
CA ALA S 149 19.96 -21.78 37.26
C ALA S 149 21.38 -21.51 36.83
N ARG S 150 22.30 -22.40 37.18
CA ARG S 150 23.72 -22.18 36.91
C ARG S 150 24.40 -23.51 36.68
N ALA S 151 25.08 -23.63 35.54
CA ALA S 151 25.75 -24.86 35.16
C ALA S 151 27.25 -24.69 35.35
N GLY S 152 27.86 -25.62 36.08
CA GLY S 152 29.29 -25.62 36.29
C GLY S 152 29.98 -26.68 35.47
N ARG S 153 31.29 -26.81 35.71
CA ARG S 153 32.11 -27.78 35.01
C ARG S 153 31.74 -29.21 35.42
N ASP S 154 31.27 -29.40 36.67
CA ASP S 154 30.96 -30.74 37.14
C ASP S 154 29.65 -30.81 37.93
N HIS S 155 28.79 -29.81 37.80
CA HIS S 155 27.52 -29.77 38.54
C HIS S 155 26.58 -28.84 37.83
N VAL S 156 25.31 -28.89 38.23
CA VAL S 156 24.29 -27.92 37.84
C VAL S 156 23.55 -27.50 39.09
N ALA S 157 23.37 -26.20 39.28
CA ALA S 157 22.71 -25.65 40.46
C ALA S 157 21.43 -24.94 40.09
N PHE S 158 20.37 -25.19 40.85
CA PHE S 158 19.12 -24.44 40.78
C PHE S 158 18.81 -23.89 42.16
N GLY S 159 18.33 -22.65 42.21
CA GLY S 159 18.11 -22.01 43.49
C GLY S 159 17.05 -20.94 43.44
N VAL S 160 16.41 -20.73 44.59
CA VAL S 160 15.43 -19.65 44.78
C VAL S 160 15.80 -18.91 46.07
N ASP S 161 16.04 -17.61 45.96
CA ASP S 161 16.31 -16.77 47.11
C ASP S 161 15.08 -15.95 47.44
N ALA S 162 14.69 -15.92 48.71
CA ALA S 162 13.45 -15.28 49.11
C ALA S 162 13.57 -14.73 50.53
N THR S 163 12.53 -14.04 50.95
CA THR S 163 12.37 -13.59 52.32
C THR S 163 12.17 -14.79 53.24
N ARG S 164 12.59 -14.66 54.51
CA ARG S 164 12.39 -15.70 55.50
C ARG S 164 10.90 -15.97 55.76
N LEU S 165 10.04 -14.99 55.54
CA LEU S 165 8.61 -15.19 55.73
C LEU S 165 7.99 -16.09 54.67
N ASN S 166 8.67 -16.30 53.55
CA ASN S 166 8.14 -17.05 52.41
C ASN S 166 9.11 -18.16 52.02
N GLN S 167 9.58 -18.92 53.01
CA GLN S 167 10.52 -19.99 52.72
C GLN S 167 9.82 -21.27 52.25
N LEU S 168 8.60 -21.53 52.71
CA LEU S 168 7.85 -22.69 52.25
C LEU S 168 7.48 -22.57 50.79
N GLU S 169 7.07 -21.37 50.36
CA GLU S 169 6.79 -21.10 48.95
C GLU S 169 8.03 -21.31 48.10
N ALA S 170 9.18 -20.82 48.57
CA ALA S 170 10.41 -20.98 47.81
C ALA S 170 10.81 -22.45 47.69
N LEU S 171 10.66 -23.21 48.78
CA LEU S 171 10.99 -24.63 48.76
C LEU S 171 10.08 -25.41 47.82
N GLU S 172 8.78 -25.12 47.86
CA GLU S 172 7.84 -25.84 47.00
C GLU S 172 8.02 -25.47 45.53
N ILE S 173 8.31 -24.19 45.25
CA ILE S 173 8.56 -23.79 43.87
C ILE S 173 9.83 -24.44 43.32
N LEU S 174 10.90 -24.46 44.12
CA LEU S 174 12.14 -25.08 43.68
C LEU S 174 11.99 -26.59 43.50
N ALA S 175 11.26 -27.24 44.42
CA ALA S 175 11.05 -28.68 44.33
C ALA S 175 10.22 -29.05 43.11
N ASP S 176 9.14 -28.29 42.84
CA ASP S 176 8.34 -28.55 41.65
C ASP S 176 9.12 -28.25 40.38
N ALA S 177 9.93 -27.19 40.39
CA ALA S 177 10.65 -26.79 39.18
C ALA S 177 11.78 -27.76 38.84
N VAL S 178 12.34 -28.45 39.82
CA VAL S 178 13.40 -29.40 39.50
C VAL S 178 12.85 -30.80 39.30
N VAL S 179 11.88 -31.22 40.12
CA VAL S 179 11.40 -32.60 40.06
C VAL S 179 10.43 -32.79 38.90
N ASN S 180 9.36 -32.00 38.84
CA ASN S 180 8.24 -32.24 37.95
C ASN S 180 8.32 -31.45 36.65
N ALA S 181 9.52 -31.11 36.19
CA ALA S 181 9.65 -30.20 35.06
C ALA S 181 9.24 -30.88 33.75
N ARG S 182 8.36 -30.20 33.00
CA ARG S 182 7.94 -30.64 31.67
C ARG S 182 8.71 -29.81 30.65
N TYR S 183 9.75 -30.38 30.07
CA TYR S 183 10.52 -29.68 29.05
C TYR S 183 9.78 -29.83 27.72
N THR S 184 8.83 -28.92 27.51
CA THR S 184 7.96 -28.99 26.35
C THR S 184 8.75 -28.66 25.08
N TYR S 185 8.17 -29.02 23.94
CA TYR S 185 8.87 -28.88 22.67
C TYR S 185 9.02 -27.41 22.29
N TRP S 186 7.94 -26.63 22.40
CA TRP S 186 7.96 -25.27 21.89
C TRP S 186 8.73 -24.33 22.80
N GLU S 187 8.67 -24.53 24.11
CA GLU S 187 9.41 -23.67 25.03
C GLU S 187 10.92 -23.91 24.93
N VAL S 188 11.32 -25.16 24.70
CA VAL S 188 12.74 -25.44 24.47
C VAL S 188 13.17 -24.90 23.11
N ARG S 189 12.30 -25.03 22.10
CA ARG S 189 12.64 -24.54 20.76
C ARG S 189 12.78 -23.02 20.71
N ASP S 190 11.92 -22.30 21.44
CA ASP S 190 11.92 -20.85 21.39
C ASP S 190 13.06 -20.21 22.18
N SER S 191 13.84 -20.99 22.93
CA SER S 191 14.92 -20.46 23.74
C SER S 191 16.30 -20.67 23.14
N LEU S 192 16.40 -21.39 22.01
CA LEU S 192 17.70 -21.72 21.45
C LEU S 192 18.40 -20.50 20.87
N ASP S 193 17.65 -19.51 20.39
CA ASP S 193 18.27 -18.26 19.94
C ASP S 193 18.89 -17.49 21.09
N ALA S 194 18.21 -17.44 22.23
CA ALA S 194 18.77 -16.82 23.43
C ALA S 194 20.00 -17.57 23.92
N VAL S 195 19.95 -18.90 23.90
CA VAL S 195 21.10 -19.72 24.27
C VAL S 195 22.29 -19.45 23.35
N LYS S 196 22.03 -19.39 22.04
CA LYS S 196 23.10 -19.18 21.08
C LYS S 196 23.71 -17.80 21.18
N GLU S 197 22.88 -16.77 21.39
CA GLU S 197 23.43 -15.42 21.53
C GLU S 197 24.17 -15.25 22.85
N GLN S 198 23.73 -15.93 23.92
CA GLN S 198 24.47 -15.89 25.18
C GLN S 198 25.80 -16.60 25.06
N LEU S 199 25.84 -17.72 24.33
CA LEU S 199 27.09 -18.42 24.10
C LEU S 199 28.04 -17.58 23.26
N ALA S 200 27.54 -16.92 22.22
CA ALA S 200 28.39 -16.04 21.42
C ALA S 200 28.88 -14.84 22.23
N ALA S 201 28.07 -14.34 23.15
CA ALA S 201 28.52 -13.26 24.04
C ALA S 201 29.59 -13.76 25.00
N GLN S 202 29.49 -15.01 25.45
CA GLN S 202 30.48 -15.54 26.39
C GLN S 202 31.80 -15.86 25.70
N LEU S 203 31.77 -16.35 24.46
CA LEU S 203 33.02 -16.62 23.76
C LEU S 203 33.72 -15.38 23.23
N ARG S 204 33.10 -14.21 23.32
CA ARG S 204 33.78 -12.99 22.89
C ARG S 204 34.90 -12.61 23.86
N ASN S 205 34.76 -13.00 25.12
CA ASN S 205 35.83 -12.83 26.09
C ASN S 205 36.91 -13.85 25.81
N PRO S 206 38.15 -13.44 25.54
CA PRO S 206 39.23 -14.42 25.32
C PRO S 206 39.57 -15.23 26.54
N LEU S 207 39.26 -14.74 27.75
CA LEU S 207 39.53 -15.49 28.96
C LEU S 207 38.67 -16.75 29.03
N THR S 208 37.40 -16.65 28.62
CA THR S 208 36.51 -17.81 28.63
C THR S 208 37.00 -18.88 27.65
N ALA S 209 37.43 -18.46 26.45
CA ALA S 209 37.94 -19.40 25.47
C ALA S 209 39.24 -20.05 25.94
N VAL S 210 40.13 -19.27 26.55
CA VAL S 210 41.39 -19.82 27.06
C VAL S 210 41.11 -20.79 28.20
N ASN S 211 40.10 -20.50 29.03
CA ASN S 211 39.71 -21.42 30.10
C ASN S 211 39.18 -22.74 29.54
N GLU S 212 38.38 -22.67 28.47
CA GLU S 212 37.88 -23.89 27.84
C GLU S 212 38.99 -24.74 27.26
N VAL S 213 39.93 -24.10 26.56
CA VAL S 213 41.05 -24.85 25.98
C VAL S 213 41.97 -25.39 27.06
N LEU S 214 42.14 -24.66 28.16
CA LEU S 214 42.94 -25.15 29.28
C LEU S 214 42.30 -26.38 29.93
N HIS S 215 40.98 -26.35 30.12
CA HIS S 215 40.30 -27.49 30.74
C HIS S 215 40.33 -28.71 29.81
N ARG S 216 40.23 -28.51 28.50
CA ARG S 216 40.35 -29.66 27.61
C ARG S 216 41.77 -30.20 27.57
N THR S 217 42.77 -29.32 27.52
CA THR S 217 44.15 -29.76 27.35
C THR S 217 44.68 -30.44 28.60
N ALA S 218 44.32 -29.93 29.77
CA ALA S 218 44.87 -30.47 31.01
C ALA S 218 44.29 -31.80 31.41
N PHE S 219 43.09 -32.16 30.92
CA PHE S 219 42.35 -33.27 31.48
C PHE S 219 42.04 -34.33 30.42
N GLU S 220 41.83 -35.55 30.89
CA GLU S 220 41.32 -36.65 30.07
C GLU S 220 40.13 -37.24 30.81
N GLY S 221 38.94 -37.13 30.20
CA GLY S 221 37.73 -37.62 30.81
C GLY S 221 36.64 -36.55 30.79
N GLY S 222 35.75 -36.63 31.78
CA GLY S 222 34.62 -35.72 31.83
C GLY S 222 35.01 -34.29 32.15
N LEU S 223 36.15 -34.09 32.81
CA LEU S 223 36.56 -32.74 33.17
C LEU S 223 37.14 -31.98 31.97
N GLY S 224 37.49 -32.68 30.91
CA GLY S 224 37.94 -32.05 29.68
C GLY S 224 36.85 -31.67 28.71
N HIS S 225 35.61 -32.00 29.00
CA HIS S 225 34.51 -31.64 28.11
C HIS S 225 34.26 -30.14 28.16
N SER S 226 33.94 -29.56 27.01
CA SER S 226 33.72 -28.12 26.94
C SER S 226 32.38 -27.76 27.57
N LEU S 227 32.39 -26.72 28.39
CA LEU S 227 31.18 -26.22 29.04
C LEU S 227 30.51 -25.12 28.20
N VAL S 228 31.24 -24.05 27.91
CA VAL S 228 30.73 -22.95 27.09
C VAL S 228 31.01 -23.34 25.65
N VAL S 229 30.06 -24.04 25.04
CA VAL S 229 30.24 -24.62 23.72
C VAL S 229 30.00 -23.56 22.65
N ASP S 230 30.37 -23.88 21.41
CA ASP S 230 30.09 -23.02 20.28
C ASP S 230 28.58 -22.97 20.03
N PRO S 231 28.06 -21.85 19.54
CA PRO S 231 26.63 -21.76 19.23
C PRO S 231 26.16 -22.71 18.13
N SER S 232 27.06 -23.16 17.26
CA SER S 232 26.68 -24.09 16.20
C SER S 232 26.39 -25.49 16.72
N VAL S 233 26.80 -25.80 17.95
CA VAL S 233 26.59 -27.12 18.52
C VAL S 233 25.12 -27.33 18.87
N VAL S 234 24.39 -26.25 19.13
CA VAL S 234 23.03 -26.35 19.68
C VAL S 234 22.07 -26.18 18.50
N ASP S 235 22.56 -26.41 17.29
CA ASP S 235 21.73 -26.24 16.10
C ASP S 235 20.64 -27.31 16.01
N GLY S 236 21.02 -28.58 16.02
CA GLY S 236 20.06 -29.66 15.96
C GLY S 236 19.68 -30.18 17.33
N PHE S 237 19.21 -29.29 18.19
CA PHE S 237 18.91 -29.61 19.57
C PHE S 237 17.40 -29.62 19.72
N THR S 238 16.85 -30.63 20.41
CA THR S 238 15.42 -30.68 20.71
C THR S 238 15.22 -30.94 22.19
N ASN S 239 13.96 -30.95 22.64
CA ASN S 239 13.67 -31.18 24.04
C ASN S 239 13.88 -32.62 24.46
N GLU S 240 13.93 -33.55 23.50
CA GLU S 240 14.26 -34.94 23.82
C GLU S 240 15.73 -35.09 24.19
N THR S 241 16.61 -34.31 23.56
CA THR S 241 18.02 -34.29 23.95
C THR S 241 18.18 -33.80 25.39
N LEU S 242 17.45 -32.73 25.74
CA LEU S 242 17.47 -32.22 27.11
C LEU S 242 16.90 -33.23 28.09
N LYS S 243 15.83 -33.91 27.72
CA LYS S 243 15.24 -34.93 28.58
C LYS S 243 16.20 -36.09 28.79
N GLU S 244 16.95 -36.46 27.74
CA GLU S 244 17.95 -37.51 27.86
C GLU S 244 19.07 -37.10 28.81
N TYR S 245 19.54 -35.85 28.71
CA TYR S 245 20.60 -35.37 29.60
C TYR S 245 20.12 -35.32 31.05
N VAL S 246 18.90 -34.83 31.28
CA VAL S 246 18.36 -34.73 32.63
C VAL S 246 18.15 -36.11 33.23
N HIS S 247 17.69 -37.07 32.43
CA HIS S 247 17.55 -38.44 32.89
C HIS S 247 18.91 -39.07 33.18
N SER S 248 19.95 -38.69 32.44
CA SER S 248 21.27 -39.22 32.72
C SER S 248 21.86 -38.66 34.02
N ILE S 249 21.58 -37.40 34.35
CA ILE S 249 22.20 -36.84 35.56
C ILE S 249 21.39 -37.01 36.83
N MET S 250 20.13 -37.44 36.75
CA MET S 250 19.26 -37.45 37.91
C MET S 250 19.32 -38.79 38.62
N ALA S 251 19.67 -38.74 39.91
CA ALA S 251 19.63 -39.88 40.81
C ALA S 251 19.58 -39.33 42.22
N PRO S 252 18.88 -40.00 43.15
CA PRO S 252 18.75 -39.44 44.50
C PRO S 252 20.05 -39.37 45.29
N SER S 253 21.08 -40.09 44.89
CA SER S 253 22.38 -39.99 45.54
C SER S 253 23.27 -38.92 44.92
N ARG S 254 22.84 -38.30 43.83
CA ARG S 254 23.61 -37.26 43.17
C ARG S 254 23.08 -35.86 43.43
N VAL S 255 22.16 -35.71 44.39
CA VAL S 255 21.42 -34.47 44.60
C VAL S 255 21.63 -34.01 46.04
N VAL S 256 22.00 -32.75 46.21
CA VAL S 256 22.16 -32.14 47.53
C VAL S 256 21.23 -30.94 47.62
N LEU S 257 20.35 -30.94 48.60
CA LEU S 257 19.52 -29.78 48.90
C LEU S 257 20.23 -28.98 49.99
N ALA S 258 20.71 -27.80 49.64
CA ALA S 258 21.35 -26.90 50.57
C ALA S 258 20.43 -25.73 50.89
N ALA S 259 20.66 -25.14 52.05
CA ALA S 259 19.83 -24.04 52.49
C ALA S 259 20.63 -23.13 53.41
N SER S 260 20.12 -21.92 53.58
CA SER S 260 20.74 -20.92 54.44
C SER S 260 19.64 -20.11 55.10
N GLY S 261 19.64 -20.06 56.42
CA GLY S 261 18.67 -19.27 57.14
C GLY S 261 17.34 -19.96 57.35
N VAL S 262 17.37 -21.22 57.76
CA VAL S 262 16.16 -21.98 58.00
C VAL S 262 16.48 -23.05 59.04
N ASP S 263 15.47 -23.44 59.81
CA ASP S 263 15.60 -24.54 60.76
C ASP S 263 15.79 -25.86 60.02
N HIS S 264 16.70 -26.69 60.52
CA HIS S 264 17.05 -27.92 59.82
C HIS S 264 15.95 -28.97 59.94
N ALA S 265 15.36 -29.11 61.13
CA ALA S 265 14.33 -30.12 61.34
C ALA S 265 13.08 -29.83 60.53
N GLU S 266 12.66 -28.56 60.49
CA GLU S 266 11.49 -28.18 59.68
C GLU S 266 11.78 -28.37 58.20
N LEU S 267 13.00 -28.08 57.77
CA LEU S 267 13.39 -28.28 56.37
C LEU S 267 13.34 -29.75 55.98
N THR S 268 13.82 -30.64 56.85
CA THR S 268 13.76 -32.06 56.54
C THR S 268 12.32 -32.57 56.56
N ALA S 269 11.50 -32.08 57.50
CA ALA S 269 10.11 -32.50 57.56
C ALA S 269 9.32 -32.06 56.33
N LEU S 270 9.63 -30.88 55.80
CA LEU S 270 8.93 -30.40 54.61
C LEU S 270 9.52 -30.92 53.32
N ALA S 271 10.80 -31.29 53.29
CA ALA S 271 11.41 -31.85 52.10
C ALA S 271 11.30 -33.36 52.04
N THR S 272 10.76 -34.01 53.08
CA THR S 272 10.46 -35.43 52.99
C THR S 272 9.50 -35.82 51.86
N PRO S 273 8.31 -35.24 51.70
CA PRO S 273 7.45 -35.73 50.62
C PRO S 273 7.67 -35.09 49.27
N LEU S 274 8.68 -34.23 49.13
CA LEU S 274 8.97 -33.55 47.87
C LEU S 274 10.12 -34.18 47.10
N LEU S 275 11.18 -34.58 47.78
CA LEU S 275 12.38 -35.07 47.10
C LEU S 275 12.41 -36.60 47.10
N ASN S 276 11.35 -37.17 46.56
CA ASN S 276 11.23 -38.61 46.34
C ASN S 276 11.85 -39.01 45.00
N LEU S 277 13.16 -38.80 44.85
CA LEU S 277 13.78 -39.03 43.56
C LEU S 277 14.08 -40.51 43.35
N HIS S 278 13.80 -40.97 42.14
CA HIS S 278 14.09 -42.34 41.73
C HIS S 278 14.91 -42.31 40.45
N GLY S 279 15.99 -43.09 40.43
CA GLY S 279 16.85 -43.10 39.28
C GLY S 279 18.05 -43.98 39.52
N ASN S 280 18.80 -44.20 38.45
CA ASN S 280 19.98 -45.04 38.49
C ASN S 280 21.23 -44.17 38.49
N ALA S 281 22.13 -44.44 39.43
CA ALA S 281 23.38 -43.71 39.53
C ALA S 281 24.26 -44.09 38.35
N HIS S 282 24.32 -43.21 37.35
CA HIS S 282 25.14 -43.44 36.18
C HIS S 282 26.62 -43.38 36.56
N PRO S 283 27.47 -44.16 35.89
CA PRO S 283 28.91 -44.11 36.19
C PRO S 283 29.50 -42.74 35.88
N ALA S 284 30.41 -42.31 36.76
CA ALA S 284 31.05 -41.01 36.62
C ALA S 284 32.32 -41.15 35.79
N PRO S 285 32.45 -40.43 34.68
CA PRO S 285 33.68 -40.50 33.89
C PRO S 285 34.82 -39.77 34.58
N GLN S 286 35.52 -40.48 35.48
CA GLN S 286 36.55 -39.87 36.29
C GLN S 286 37.72 -39.38 35.43
N SER S 287 38.41 -38.36 35.93
CA SER S 287 39.37 -37.61 35.14
C SER S 287 40.74 -37.62 35.78
N ARG S 288 41.77 -37.57 34.94
CA ARG S 288 43.15 -37.51 35.39
C ARG S 288 43.87 -36.40 34.65
N TYR S 289 44.82 -35.78 35.33
CA TYR S 289 45.61 -34.71 34.72
C TYR S 289 46.61 -35.31 33.74
N VAL S 290 46.67 -34.76 32.53
CA VAL S 290 47.71 -35.14 31.57
C VAL S 290 48.50 -33.98 31.03
N GLY S 291 47.98 -32.75 31.03
CA GLY S 291 48.73 -31.61 30.53
C GLY S 291 48.85 -31.61 29.01
N GLY S 292 49.72 -30.73 28.53
CA GLY S 292 50.03 -30.67 27.12
C GLY S 292 50.11 -29.25 26.63
N ALA S 293 49.85 -29.05 25.34
CA ALA S 293 49.93 -27.74 24.72
C ALA S 293 48.98 -27.67 23.54
N MET S 294 48.15 -26.62 23.50
CA MET S 294 47.26 -26.39 22.37
C MET S 294 47.17 -24.90 22.11
N ASN S 295 46.78 -24.55 20.88
CA ASN S 295 46.68 -23.16 20.45
C ASN S 295 45.36 -22.94 19.72
N ILE S 296 44.77 -21.76 19.93
CA ILE S 296 43.53 -21.37 19.29
C ILE S 296 43.76 -20.06 18.54
N ILE S 297 43.28 -20.01 17.30
CA ILE S 297 43.58 -18.91 16.38
C ILE S 297 42.42 -17.92 16.39
N ALA S 298 42.75 -16.64 16.56
CA ALA S 298 41.79 -15.55 16.38
C ALA S 298 42.43 -14.54 15.44
N PRO S 299 41.92 -14.39 14.22
CA PRO S 299 42.64 -13.57 13.22
C PRO S 299 42.53 -12.07 13.44
N THR S 300 41.53 -11.60 14.18
CA THR S 300 41.34 -10.18 14.45
C THR S 300 41.27 -9.91 15.95
N SER S 301 42.19 -10.50 16.70
CA SER S 301 42.33 -10.23 18.12
C SER S 301 43.55 -9.35 18.33
N SER S 302 43.37 -8.20 18.96
CA SER S 302 44.45 -7.26 19.16
C SER S 302 45.36 -7.62 20.33
N LEU S 303 45.02 -8.64 21.09
CA LEU S 303 45.83 -9.09 22.22
C LEU S 303 46.03 -10.59 22.14
N THR S 304 47.25 -11.03 22.41
CA THR S 304 47.59 -12.45 22.44
C THR S 304 47.64 -12.93 23.88
N TYR S 305 46.87 -13.97 24.19
CA TYR S 305 46.75 -14.49 25.54
C TYR S 305 47.61 -15.74 25.70
N VAL S 306 48.23 -15.89 26.87
CA VAL S 306 49.04 -17.05 27.20
C VAL S 306 48.54 -17.60 28.52
N GLY S 307 48.18 -18.88 28.55
CA GLY S 307 47.67 -19.52 29.74
C GLY S 307 48.64 -20.60 30.22
N LEU S 308 48.87 -20.61 31.52
CA LEU S 308 49.72 -21.60 32.16
C LEU S 308 48.99 -22.16 33.37
N ALA S 309 49.09 -23.47 33.58
CA ALA S 309 48.34 -24.11 34.64
C ALA S 309 49.06 -25.35 35.12
N PHE S 310 48.72 -25.77 36.34
CA PHE S 310 49.28 -26.97 36.96
C PHE S 310 48.18 -27.65 37.75
N GLU S 311 48.36 -28.94 38.01
CA GLU S 311 47.34 -29.72 38.70
C GLU S 311 47.38 -29.47 40.20
N ALA S 312 46.23 -29.17 40.78
CA ALA S 312 46.08 -29.10 42.23
C ALA S 312 45.71 -30.51 42.70
N LYS S 313 46.72 -31.28 43.11
CA LYS S 313 46.51 -32.67 43.47
C LYS S 313 45.73 -32.79 44.76
N GLY S 314 44.79 -33.74 44.79
CA GLY S 314 43.96 -33.96 45.95
C GLY S 314 42.54 -33.45 45.74
N GLY S 315 42.40 -32.35 45.01
CA GLY S 315 41.08 -31.80 44.78
C GLY S 315 40.52 -31.10 46.00
N ALA S 316 39.20 -31.02 46.05
CA ALA S 316 38.51 -30.34 47.13
C ALA S 316 38.49 -31.15 48.42
N GLY S 317 38.79 -32.46 48.35
CA GLY S 317 38.85 -33.25 49.56
C GLY S 317 40.01 -32.88 50.45
N ASP S 318 41.16 -32.57 49.86
CA ASP S 318 42.33 -32.16 50.61
C ASP S 318 42.21 -30.69 50.98
N ILE S 319 42.02 -30.41 52.27
CA ILE S 319 41.90 -29.04 52.75
C ILE S 319 43.24 -28.33 52.65
N LYS S 320 44.32 -29.00 53.02
CA LYS S 320 45.66 -28.38 53.02
C LYS S 320 46.12 -28.05 51.61
N SER S 321 45.91 -28.96 50.65
CA SER S 321 46.28 -28.69 49.27
C SER S 321 45.42 -27.59 48.66
N SER S 322 44.14 -27.54 49.03
CA SER S 322 43.26 -26.47 48.55
C SER S 322 43.70 -25.11 49.10
N ALA S 323 44.08 -25.07 50.38
CA ALA S 323 44.56 -23.83 50.98
C ALA S 323 45.86 -23.38 50.34
N ALA S 324 46.77 -24.32 50.07
CA ALA S 324 48.02 -23.96 49.40
C ALA S 324 47.77 -23.47 47.99
N ALA S 325 46.80 -24.07 47.28
CA ALA S 325 46.47 -23.60 45.94
C ALA S 325 45.87 -22.20 45.96
N SER S 326 45.04 -21.91 46.97
CA SER S 326 44.51 -20.55 47.14
C SER S 326 45.62 -19.55 47.41
N VAL S 327 46.59 -19.93 48.23
CA VAL S 327 47.71 -19.04 48.53
C VAL S 327 48.58 -18.81 47.31
N VAL S 328 48.81 -19.86 46.49
CA VAL S 328 49.60 -19.69 45.27
C VAL S 328 48.86 -18.80 44.27
N LYS S 329 47.53 -18.93 44.19
CA LYS S 329 46.74 -18.04 43.34
C LYS S 329 46.82 -16.59 43.81
N ALA S 330 46.80 -16.38 45.13
CA ALA S 330 46.96 -15.03 45.66
C ALA S 330 48.36 -14.49 45.43
N LEU S 331 49.37 -15.36 45.47
CA LEU S 331 50.76 -14.92 45.25
C LEU S 331 50.98 -14.50 43.80
N LEU S 332 50.42 -15.25 42.85
CA LEU S 332 50.64 -14.96 41.45
C LEU S 332 49.87 -13.74 40.97
N ASP S 333 48.92 -13.24 41.76
CA ASP S 333 48.13 -12.08 41.39
C ASP S 333 48.95 -10.81 41.54
N GLU S 334 49.72 -10.47 40.50
CA GLU S 334 50.67 -9.38 40.59
C GLU S 334 49.98 -8.02 40.61
N ALA S 335 49.03 -7.82 39.70
CA ALA S 335 48.36 -6.52 39.55
C ALA S 335 46.91 -6.68 39.98
N ARG S 336 46.67 -6.55 41.27
CA ARG S 336 45.30 -6.51 41.79
C ARG S 336 44.99 -5.09 42.19
N PRO S 337 44.13 -4.38 41.45
CA PRO S 337 43.80 -2.99 41.81
C PRO S 337 42.94 -2.92 43.05
N THR S 338 43.49 -2.38 44.13
CA THR S 338 42.79 -2.24 45.40
C THR S 338 42.31 -0.83 45.66
N MET S 339 42.68 0.12 44.81
CA MET S 339 42.33 1.53 44.95
C MET S 339 41.81 2.04 43.62
N PRO S 340 40.95 3.08 43.64
CA PRO S 340 40.45 3.63 42.37
C PRO S 340 41.55 4.30 41.56
N TYR S 341 41.52 4.03 40.25
CA TYR S 341 42.41 4.63 39.25
C TYR S 341 43.89 4.36 39.57
N GLN S 342 44.17 3.14 40.00
CA GLN S 342 45.55 2.71 40.19
C GLN S 342 46.23 2.55 38.83
N ARG S 343 47.53 2.81 38.79
CA ARG S 343 48.28 2.91 37.54
C ARG S 343 49.47 1.98 37.53
N LYS S 344 49.23 0.71 37.86
CA LYS S 344 50.28 -0.29 37.75
C LYS S 344 50.66 -0.52 36.29
N GLU S 345 51.96 -0.64 36.03
CA GLU S 345 52.47 -0.76 34.67
C GLU S 345 53.52 -1.85 34.62
N HIS S 346 53.21 -2.92 33.91
CA HIS S 346 54.19 -3.97 33.63
C HIS S 346 54.79 -3.74 32.25
N GLU S 347 55.99 -4.26 32.04
CA GLU S 347 56.67 -4.03 30.77
C GLU S 347 56.07 -4.89 29.66
N VAL S 348 55.56 -6.07 29.98
CA VAL S 348 55.02 -6.97 28.97
C VAL S 348 53.60 -7.42 29.25
N PHE S 349 53.14 -7.40 30.50
CA PHE S 349 51.85 -7.96 30.87
C PHE S 349 50.77 -6.90 30.71
N THR S 350 49.93 -7.04 29.69
CA THR S 350 48.79 -6.14 29.56
C THR S 350 47.73 -6.45 30.60
N SER S 351 47.52 -7.73 30.91
CA SER S 351 46.57 -8.15 31.92
C SER S 351 46.98 -9.51 32.44
N VAL S 352 46.83 -9.72 33.76
CA VAL S 352 47.21 -10.97 34.41
C VAL S 352 46.04 -11.43 35.27
N ASN S 353 45.58 -12.66 35.06
CA ASN S 353 44.48 -13.23 35.82
C ASN S 353 44.83 -14.63 36.29
N PRO S 354 45.16 -14.83 37.56
CA PRO S 354 45.38 -16.18 38.08
C PRO S 354 44.07 -16.86 38.46
N PHE S 355 44.14 -18.18 38.59
CA PHE S 355 42.95 -18.97 38.89
C PHE S 355 43.35 -20.16 39.75
N ALA S 356 42.35 -20.75 40.39
CA ALA S 356 42.53 -21.96 41.18
C ALA S 356 41.21 -22.69 41.23
N PHE S 357 41.15 -23.86 40.60
CA PHE S 357 39.93 -24.66 40.51
C PHE S 357 40.08 -25.91 41.37
N ALA S 358 38.99 -26.31 42.02
CA ALA S 358 39.00 -27.47 42.89
C ALA S 358 37.80 -28.35 42.57
N TYR S 359 38.06 -29.56 42.10
CA TYR S 359 37.05 -30.53 41.71
C TYR S 359 37.18 -31.75 42.61
N LYS S 360 36.33 -32.74 42.37
CA LYS S 360 36.33 -33.96 43.19
C LYS S 360 37.49 -34.84 42.73
N GLY S 361 38.63 -34.72 43.40
CA GLY S 361 39.78 -35.56 43.17
C GLY S 361 40.96 -34.87 42.53
N THR S 362 40.76 -33.71 41.89
CA THR S 362 41.83 -32.99 41.22
C THR S 362 41.40 -31.54 41.03
N GLY S 363 42.24 -30.78 40.34
CA GLY S 363 41.92 -29.38 40.06
C GLY S 363 43.09 -28.72 39.36
N LEU S 364 42.92 -27.44 39.06
CA LEU S 364 43.97 -26.64 38.42
C LEU S 364 44.25 -25.38 39.21
N VAL S 365 45.50 -24.93 39.14
CA VAL S 365 45.94 -23.63 39.61
C VAL S 365 46.97 -23.11 38.62
N GLY S 366 46.85 -21.83 38.25
CA GLY S 366 47.76 -21.28 37.27
C GLY S 366 47.41 -19.83 36.99
N VAL S 367 47.83 -19.36 35.82
CA VAL S 367 47.75 -17.94 35.48
C VAL S 367 47.56 -17.80 33.98
N VAL S 368 46.73 -16.82 33.58
CA VAL S 368 46.54 -16.46 32.18
C VAL S 368 46.96 -15.00 32.02
N ALA S 369 47.97 -14.76 31.19
CA ALA S 369 48.48 -13.42 30.95
C ALA S 369 48.35 -13.06 29.48
N SER S 370 47.86 -11.86 29.23
CA SER S 370 47.72 -11.34 27.87
C SER S 370 49.00 -10.60 27.49
N GLY S 371 48.93 -9.84 26.40
CA GLY S 371 50.06 -9.07 25.94
C GLY S 371 49.87 -8.66 24.50
N ALA S 372 50.87 -7.93 24.01
CA ALA S 372 50.89 -7.54 22.61
C ALA S 372 51.10 -8.78 21.73
N PRO S 373 50.55 -8.77 20.51
CA PRO S 373 50.84 -9.89 19.58
C PRO S 373 52.31 -10.02 19.22
N GLY S 374 53.06 -8.92 19.16
CA GLY S 374 54.48 -8.98 18.94
C GLY S 374 55.32 -9.24 20.16
N LYS S 375 54.70 -9.36 21.34
CA LYS S 375 55.42 -9.49 22.61
C LYS S 375 55.10 -10.80 23.33
N ALA S 376 54.60 -11.81 22.61
CA ALA S 376 54.11 -13.03 23.25
C ALA S 376 55.24 -13.88 23.82
N GLY S 377 56.41 -13.89 23.17
CA GLY S 377 57.53 -14.66 23.67
C GLY S 377 58.04 -14.15 25.00
N LYS S 378 58.07 -12.82 25.17
CA LYS S 378 58.45 -12.24 26.44
C LYS S 378 57.37 -12.47 27.50
N VAL S 379 56.10 -12.52 27.10
CA VAL S 379 55.02 -12.87 28.03
C VAL S 379 55.22 -14.28 28.56
N VAL S 380 55.56 -15.22 27.66
CA VAL S 380 55.86 -16.60 28.07
C VAL S 380 57.08 -16.62 28.99
N ASP S 381 58.11 -15.83 28.66
CA ASP S 381 59.34 -15.80 29.46
C ASP S 381 59.08 -15.29 30.88
N ALA S 382 58.32 -14.21 31.01
CA ALA S 382 58.02 -13.67 32.33
C ALA S 382 57.11 -14.60 33.12
N LEU S 383 56.11 -15.20 32.46
CA LEU S 383 55.23 -16.16 33.13
C LEU S 383 56.00 -17.38 33.61
N THR S 384 56.99 -17.82 32.83
CA THR S 384 57.81 -18.94 33.29
C THR S 384 58.68 -18.55 34.46
N ALA S 385 59.39 -17.42 34.36
CA ALA S 385 60.36 -17.03 35.40
C ALA S 385 59.68 -16.68 36.71
N LYS S 386 58.40 -16.27 36.66
CA LYS S 386 57.67 -15.95 37.89
C LYS S 386 57.51 -17.18 38.79
N VAL S 387 57.36 -18.37 38.22
CA VAL S 387 57.12 -19.50 39.11
C VAL S 387 58.41 -20.05 39.70
N GLN S 388 59.57 -19.88 39.04
CA GLN S 388 60.81 -20.18 39.77
C GLN S 388 61.09 -19.11 40.81
N SER S 389 60.71 -17.86 40.55
CA SER S 389 60.83 -16.83 41.58
C SER S 389 59.94 -17.13 42.78
N LEU S 390 58.79 -17.77 42.56
CA LEU S 390 57.97 -18.21 43.68
C LEU S 390 58.50 -19.47 44.33
N ALA S 391 59.08 -20.39 43.56
CA ALA S 391 59.55 -21.65 44.12
C ALA S 391 60.84 -21.48 44.91
N LYS S 392 61.63 -20.46 44.59
CA LYS S 392 62.89 -20.24 45.29
C LYS S 392 62.66 -19.88 46.75
N GLY S 393 61.63 -19.10 47.03
CA GLY S 393 61.29 -18.75 48.39
C GLY S 393 60.34 -17.58 48.47
N VAL S 394 59.47 -17.59 49.47
CA VAL S 394 58.55 -16.48 49.71
C VAL S 394 58.86 -15.85 51.07
N THR S 395 58.84 -14.53 51.11
CA THR S 395 59.12 -13.82 52.34
C THR S 395 57.91 -13.88 53.27
N ASP S 396 58.13 -13.49 54.52
CA ASP S 396 57.05 -13.55 55.51
C ASP S 396 56.00 -12.49 55.25
N VAL S 397 56.39 -11.31 54.77
CA VAL S 397 55.42 -10.26 54.46
C VAL S 397 54.58 -10.66 53.25
N GLN S 398 55.22 -11.25 52.24
CA GLN S 398 54.51 -11.71 51.05
C GLN S 398 53.54 -12.84 51.38
N LEU S 399 53.97 -13.77 52.24
CA LEU S 399 53.09 -14.85 52.69
C LEU S 399 51.93 -14.31 53.49
N ALA S 400 52.18 -13.32 54.36
CA ALA S 400 51.10 -12.70 55.12
C ALA S 400 50.11 -11.98 54.22
N THR S 401 50.63 -11.31 53.17
CA THR S 401 49.78 -10.63 52.20
C THR S 401 48.89 -11.60 51.46
N ALA S 402 49.47 -12.71 50.98
CA ALA S 402 48.70 -13.70 50.22
C ALA S 402 47.70 -14.42 51.11
N LYS S 403 48.08 -14.72 52.36
CA LYS S 403 47.15 -15.36 53.29
C LYS S 403 45.99 -14.43 53.62
N ASN S 404 46.27 -13.13 53.80
CA ASN S 404 45.19 -12.19 54.05
C ASN S 404 44.29 -12.03 52.83
N MET S 405 44.87 -12.05 51.63
CA MET S 405 44.05 -11.95 50.41
C MET S 405 43.14 -13.16 50.25
N ALA S 406 43.69 -14.37 50.45
CA ALA S 406 42.89 -15.59 50.31
C ALA S 406 41.83 -15.69 51.39
N LEU S 407 42.16 -15.30 52.63
CA LEU S 407 41.18 -15.30 53.70
C LEU S 407 40.09 -14.26 53.45
N GLY S 408 40.45 -13.12 52.88
CA GLY S 408 39.45 -12.12 52.54
C GLY S 408 38.50 -12.59 51.47
N GLU S 409 39.02 -13.24 50.42
CA GLU S 409 38.15 -13.79 49.38
C GLU S 409 37.25 -14.90 49.93
N LEU S 410 37.80 -15.76 50.79
CA LEU S 410 37.02 -16.86 51.34
C LEU S 410 35.91 -16.37 52.25
N ARG S 411 36.20 -15.38 53.10
CA ARG S 411 35.17 -14.89 54.00
C ARG S 411 34.26 -13.86 53.33
N ALA S 412 34.63 -13.35 52.16
CA ALA S 412 33.69 -12.54 51.38
C ALA S 412 32.76 -13.39 50.53
N SER S 413 33.19 -14.59 50.12
CA SER S 413 32.34 -15.43 49.30
C SER S 413 31.17 -16.03 50.06
N VAL S 414 31.22 -16.06 51.39
CA VAL S 414 30.17 -16.65 52.20
C VAL S 414 29.47 -15.60 53.05
N ALA S 415 29.69 -14.32 52.78
CA ALA S 415 29.10 -13.26 53.58
C ALA S 415 27.62 -13.08 53.33
N THR S 416 27.15 -13.37 52.12
CA THR S 416 25.74 -13.26 51.79
C THR S 416 25.05 -14.61 51.95
N ALA S 417 23.73 -14.56 52.14
CA ALA S 417 22.95 -15.79 52.24
C ALA S 417 22.97 -16.65 50.97
N PRO S 418 22.81 -16.13 49.74
CA PRO S 418 22.95 -17.03 48.58
C PRO S 418 24.35 -17.57 48.40
N GLY S 419 25.38 -16.77 48.68
CA GLY S 419 26.74 -17.27 48.58
C GLY S 419 27.05 -18.34 49.60
N LEU S 420 26.53 -18.17 50.83
CA LEU S 420 26.72 -19.19 51.86
C LEU S 420 26.00 -20.48 51.49
N ALA S 421 24.77 -20.39 50.98
CA ALA S 421 24.04 -21.59 50.57
C ALA S 421 24.73 -22.29 49.41
N ALA S 422 25.26 -21.52 48.45
CA ALA S 422 25.99 -22.10 47.33
C ALA S 422 27.27 -22.79 47.79
N ALA S 423 28.00 -22.19 48.74
CA ALA S 423 29.22 -22.81 49.24
C ALA S 423 28.92 -24.09 50.02
N VAL S 424 27.85 -24.09 50.82
CA VAL S 424 27.43 -25.29 51.54
C VAL S 424 27.08 -26.41 50.57
N GLY S 425 26.29 -26.08 49.53
CA GLY S 425 25.90 -27.09 48.56
C GLY S 425 27.05 -27.64 47.76
N SER S 426 27.96 -26.76 47.30
CA SER S 426 29.11 -27.20 46.54
C SER S 426 30.04 -28.09 47.38
N SER S 427 30.23 -27.74 48.65
CA SER S 427 31.11 -28.53 49.51
C SER S 427 30.50 -29.89 49.85
N VAL S 428 29.20 -29.94 50.12
CA VAL S 428 28.57 -31.22 50.44
C VAL S 428 28.51 -32.12 49.20
N LEU S 429 28.26 -31.53 48.02
CA LEU S 429 28.25 -32.32 46.79
C LEU S 429 29.65 -32.86 46.45
N ALA S 430 30.69 -32.06 46.65
CA ALA S 430 32.03 -32.51 46.27
C ALA S 430 32.60 -33.47 47.30
N THR S 431 32.60 -33.10 48.58
CA THR S 431 33.34 -33.84 49.59
C THR S 431 32.48 -34.48 50.68
N GLY S 432 31.19 -34.16 50.75
CA GLY S 432 30.32 -34.75 51.75
C GLY S 432 30.12 -33.91 53.00
N LYS S 433 30.90 -32.86 53.19
CA LYS S 433 30.76 -32.00 54.35
C LYS S 433 31.21 -30.59 53.98
N PHE S 434 30.70 -29.61 54.72
CA PHE S 434 31.11 -28.23 54.58
C PHE S 434 31.68 -27.74 55.90
N SER S 435 32.89 -27.20 55.86
CA SER S 435 33.42 -26.47 57.00
C SER S 435 34.46 -25.48 56.46
N ALA S 436 34.07 -24.22 56.33
CA ALA S 436 35.00 -23.18 55.94
C ALA S 436 35.88 -22.74 57.10
N ASN S 437 35.53 -23.10 58.33
CA ASN S 437 36.39 -22.84 59.47
C ASN S 437 37.69 -23.63 59.38
N GLU S 438 37.59 -24.90 58.94
CA GLU S 438 38.79 -25.69 58.71
C GLU S 438 39.62 -25.15 57.55
N VAL S 439 38.96 -24.63 56.51
CA VAL S 439 39.68 -24.01 55.41
C VAL S 439 40.42 -22.76 55.86
N ALA S 440 39.75 -21.93 56.68
CA ALA S 440 40.37 -20.73 57.22
C ALA S 440 41.52 -21.07 58.17
N ALA S 441 41.36 -22.11 58.98
CA ALA S 441 42.43 -22.52 59.89
C ALA S 441 43.63 -23.06 59.13
N ALA S 442 43.37 -23.78 58.03
CA ALA S 442 44.46 -24.27 57.19
C ALA S 442 45.16 -23.11 56.48
N LEU S 443 44.41 -22.08 56.08
CA LEU S 443 45.03 -20.89 55.50
C LEU S 443 45.87 -20.15 56.53
N SER S 444 45.39 -20.05 57.76
CA SER S 444 46.12 -19.33 58.80
C SER S 444 47.37 -20.09 59.25
N GLY S 445 47.31 -21.42 59.26
CA GLY S 445 48.43 -22.21 59.70
C GLY S 445 49.51 -22.46 58.67
N LEU S 446 49.37 -21.91 57.47
CA LEU S 446 50.37 -22.12 56.43
C LEU S 446 51.63 -21.31 56.71
N THR S 447 52.77 -21.98 56.63
CA THR S 447 54.07 -21.33 56.75
C THR S 447 54.70 -21.18 55.37
N ALA S 448 55.85 -20.51 55.34
CA ALA S 448 56.56 -20.34 54.08
C ALA S 448 57.17 -21.64 53.59
N ALA S 449 57.53 -22.53 54.51
CA ALA S 449 58.06 -23.83 54.14
C ALA S 449 57.01 -24.67 53.43
N ASP S 450 55.76 -24.62 53.91
CA ASP S 450 54.67 -25.37 53.28
C ASP S 450 54.43 -24.90 51.85
N VAL S 451 54.39 -23.59 51.63
CA VAL S 451 54.14 -23.06 50.30
C VAL S 451 55.33 -23.33 49.38
N THR S 452 56.55 -23.20 49.91
CA THR S 452 57.74 -23.46 49.09
C THR S 452 57.82 -24.92 48.67
N SER S 453 57.54 -25.83 49.60
CA SER S 453 57.54 -27.25 49.26
C SER S 453 56.38 -27.60 48.33
N TYR S 454 55.23 -26.95 48.50
CA TYR S 454 54.09 -27.18 47.61
C TYR S 454 54.41 -26.77 46.19
N VAL S 455 55.02 -25.59 46.01
CA VAL S 455 55.34 -25.12 44.67
C VAL S 455 56.46 -25.96 44.07
N ASN S 456 57.41 -26.41 44.90
CA ASN S 456 58.47 -27.29 44.41
C ASN S 456 57.92 -28.63 43.96
N ALA S 457 56.95 -29.19 44.69
CA ALA S 457 56.33 -30.43 44.25
C ALA S 457 55.41 -30.20 43.06
N MET S 458 54.87 -29.00 42.92
CA MET S 458 53.99 -28.68 41.80
C MET S 458 54.76 -28.49 40.51
N ILE S 459 55.98 -27.96 40.59
CA ILE S 459 56.80 -27.75 39.41
C ILE S 459 57.43 -29.04 38.92
N LYS S 460 57.34 -30.11 39.72
CA LYS S 460 57.84 -31.44 39.34
C LYS S 460 56.83 -32.23 38.51
N THR S 461 55.70 -31.65 38.17
CA THR S 461 54.67 -32.33 37.39
C THR S 461 54.64 -31.74 35.97
N ALA S 462 53.63 -32.13 35.21
CA ALA S 462 53.48 -31.68 33.83
C ALA S 462 52.89 -30.27 33.80
N PRO S 463 53.42 -29.39 32.94
CA PRO S 463 52.80 -28.07 32.75
C PRO S 463 51.65 -28.11 31.75
N THR S 464 51.10 -26.95 31.41
CA THR S 464 50.03 -26.86 30.42
C THR S 464 50.09 -25.49 29.77
N PHE S 465 50.15 -25.45 28.44
CA PHE S 465 50.32 -24.21 27.68
C PHE S 465 49.16 -24.02 26.72
N VAL S 466 48.52 -22.86 26.78
CA VAL S 466 47.40 -22.53 25.90
C VAL S 466 47.58 -21.09 25.41
N THR S 467 47.51 -20.89 24.09
CA THR S 467 47.73 -19.59 23.50
C THR S 467 46.56 -19.20 22.62
N TYR S 468 46.17 -17.93 22.67
CA TYR S 468 45.04 -17.39 21.93
C TYR S 468 45.53 -16.27 21.01
N GLY S 469 44.80 -16.06 19.92
CA GLY S 469 45.10 -14.99 19.00
C GLY S 469 45.88 -15.48 17.79
N ASN S 470 46.53 -14.53 17.13
CA ASN S 470 47.45 -14.84 16.05
C ASN S 470 48.86 -15.03 16.60
N LEU S 471 49.44 -16.21 16.34
CA LEU S 471 50.69 -16.64 16.97
C LEU S 471 51.84 -16.42 15.99
N SER S 472 52.23 -15.15 15.83
CA SER S 472 53.36 -14.83 14.99
C SER S 472 54.67 -14.76 15.77
N SER S 473 54.64 -15.00 17.09
CA SER S 473 55.85 -15.00 17.89
C SER S 473 55.86 -16.14 18.90
N LEU S 474 55.20 -17.24 18.58
CA LEU S 474 55.27 -18.46 19.40
C LEU S 474 56.65 -19.08 19.23
N PRO S 475 57.55 -19.01 20.22
CA PRO S 475 58.96 -19.39 19.98
C PRO S 475 59.17 -20.87 19.70
N ARG S 476 58.82 -21.73 20.64
CA ARG S 476 58.99 -23.18 20.53
C ARG S 476 57.98 -23.83 21.46
N VAL S 477 57.31 -24.88 20.98
CA VAL S 477 56.34 -25.57 21.81
C VAL S 477 57.05 -26.55 22.75
N ASP S 478 58.09 -27.21 22.26
CA ASP S 478 58.81 -28.19 23.08
C ASP S 478 59.70 -27.54 24.12
N SER S 479 60.34 -26.41 23.79
CA SER S 479 61.33 -25.82 24.70
C SER S 479 60.67 -25.18 25.90
N ILE S 480 59.47 -24.62 25.74
CA ILE S 480 58.79 -23.97 26.85
C ILE S 480 58.30 -24.99 27.88
N ALA S 481 58.07 -26.23 27.45
CA ALA S 481 57.76 -27.28 28.40
C ALA S 481 58.99 -27.74 29.16
N LYS S 482 60.18 -27.59 28.58
CA LYS S 482 61.44 -27.98 29.21
C LYS S 482 62.09 -26.85 29.99
N ARG S 483 61.49 -25.66 30.00
CA ARG S 483 62.04 -24.55 30.78
C ARG S 483 61.93 -24.81 32.27
N PHE S 484 60.80 -25.37 32.72
CA PHE S 484 60.66 -25.76 34.12
C PHE S 484 61.60 -26.92 34.46
N ALA S 485 61.73 -27.88 33.55
CA ALA S 485 62.63 -29.05 33.65
C ALA S 485 62.39 -29.88 34.91
N THR T 2 -31.36 -28.72 38.61
CA THR T 2 -30.73 -29.02 37.33
C THR T 2 -29.77 -30.20 37.44
N SER T 3 -29.19 -30.38 38.63
CA SER T 3 -28.21 -31.45 38.84
C SER T 3 -28.85 -32.84 38.80
N LEU T 4 -30.15 -32.94 39.08
CA LEU T 4 -30.82 -34.24 39.05
C LEU T 4 -31.00 -34.75 37.63
N LEU T 5 -31.25 -33.85 36.68
CA LEU T 5 -31.40 -34.24 35.28
C LEU T 5 -30.10 -34.11 34.49
N LYS T 6 -29.11 -33.39 35.00
CA LYS T 6 -27.85 -33.20 34.30
C LYS T 6 -26.86 -34.33 34.54
N GLN T 7 -27.21 -35.32 35.35
CA GLN T 7 -26.36 -36.50 35.51
C GLN T 7 -26.43 -37.39 34.28
N VAL T 8 -27.64 -37.56 33.72
CA VAL T 8 -27.84 -38.43 32.57
C VAL T 8 -28.03 -37.67 31.28
N ALA T 9 -27.91 -36.35 31.29
CA ALA T 9 -27.94 -35.57 30.07
C ALA T 9 -26.65 -35.67 29.28
N LEU T 10 -25.58 -36.20 29.88
CA LEU T 10 -24.28 -36.38 29.25
C LEU T 10 -24.18 -37.61 28.32
N PRO T 11 -24.74 -38.79 28.64
CA PRO T 11 -24.75 -39.85 27.62
C PRO T 11 -25.55 -39.53 26.37
N VAL T 12 -26.63 -38.76 26.49
CA VAL T 12 -27.39 -38.34 25.31
C VAL T 12 -26.56 -37.39 24.46
N PHE T 13 -25.81 -36.49 25.11
CA PHE T 13 -24.85 -35.64 24.43
C PHE T 13 -23.78 -36.47 23.72
N ASN T 14 -23.29 -37.52 24.39
CA ASN T 14 -22.25 -38.35 23.79
C ASN T 14 -22.76 -39.13 22.58
N SER T 15 -24.00 -39.61 22.66
CA SER T 15 -24.60 -40.33 21.54
C SER T 15 -24.81 -39.40 20.34
N LEU T 16 -25.32 -38.19 20.59
CA LEU T 16 -25.50 -37.23 19.51
C LEU T 16 -24.16 -36.80 18.92
N ALA T 17 -23.14 -36.67 19.76
CA ALA T 17 -21.81 -36.30 19.28
C ALA T 17 -21.20 -37.40 18.42
N THR T 18 -21.40 -38.67 18.81
CA THR T 18 -20.86 -39.77 18.01
C THR T 18 -21.57 -39.88 16.67
N THR T 19 -22.90 -39.68 16.66
CA THR T 19 -23.65 -39.69 15.40
C THR T 19 -23.21 -38.54 14.49
N TYR T 20 -23.04 -37.34 15.06
CA TYR T 20 -22.57 -36.18 14.30
C TYR T 20 -21.19 -36.43 13.72
N ARG T 21 -20.27 -36.97 14.53
CA ARG T 21 -18.92 -37.21 14.04
C ARG T 21 -18.90 -38.31 12.99
N SER T 22 -19.81 -39.30 13.09
CA SER T 22 -19.91 -40.32 12.06
C SER T 22 -20.31 -39.73 10.72
N VAL T 23 -21.36 -38.89 10.73
CA VAL T 23 -21.85 -38.29 9.49
C VAL T 23 -20.80 -37.35 8.88
N VAL T 24 -20.25 -36.45 9.70
CA VAL T 24 -19.28 -35.48 9.18
C VAL T 24 -17.98 -36.16 8.77
N GLY T 25 -17.54 -37.18 9.51
CA GLY T 25 -16.34 -37.89 9.13
C GLY T 25 -16.51 -38.70 7.86
N ALA T 26 -17.74 -39.18 7.59
CA ALA T 26 -18.02 -39.73 6.27
C ALA T 26 -17.92 -38.65 5.20
N LYS T 27 -18.40 -37.44 5.49
CA LYS T 27 -18.24 -36.34 4.54
C LYS T 27 -16.78 -35.93 4.38
N LEU T 28 -16.02 -35.91 5.47
CA LEU T 28 -14.63 -35.46 5.45
C LEU T 28 -13.70 -36.43 4.76
N ALA T 29 -13.93 -37.74 4.92
CA ALA T 29 -13.00 -38.75 4.44
C ALA T 29 -12.87 -38.79 2.92
N LYS T 30 -13.89 -38.34 2.20
CA LYS T 30 -13.81 -38.32 0.75
C LYS T 30 -12.82 -37.27 0.25
N TYR T 31 -12.63 -36.20 1.02
CA TYR T 31 -11.65 -35.17 0.71
C TYR T 31 -10.29 -35.47 1.34
N GLY T 32 -10.17 -36.54 2.11
CA GLY T 32 -8.93 -36.84 2.77
C GLY T 32 -8.63 -35.97 3.96
N LEU T 33 -9.63 -35.32 4.52
CA LEU T 33 -9.44 -34.36 5.59
C LEU T 33 -9.60 -35.04 6.95
N ARG T 34 -9.23 -34.30 7.99
CA ARG T 34 -9.49 -34.68 9.37
C ARG T 34 -10.31 -33.59 10.03
N PHE T 35 -10.79 -33.90 11.24
CA PHE T 35 -11.59 -32.92 11.98
C PHE T 35 -10.76 -31.73 12.42
N ASP T 36 -9.47 -31.93 12.69
CA ASP T 36 -8.59 -30.84 13.09
C ASP T 36 -8.15 -29.97 11.93
N ASP T 37 -8.27 -30.46 10.69
CA ASP T 37 -7.97 -29.63 9.53
C ASP T 37 -9.03 -28.58 9.28
N LEU T 38 -10.20 -28.71 9.88
CA LEU T 38 -11.31 -27.78 9.76
C LEU T 38 -11.15 -26.54 10.64
N GLN T 39 -9.98 -26.31 11.22
CA GLN T 39 -9.74 -25.16 12.07
C GLN T 39 -8.72 -24.23 11.41
N ASP T 40 -9.13 -22.96 11.28
CA ASP T 40 -8.40 -21.97 10.49
C ASP T 40 -7.60 -21.07 11.40
N PRO T 41 -6.28 -20.93 11.21
CA PRO T 41 -5.51 -19.96 11.98
C PRO T 41 -5.97 -18.51 11.78
N LEU T 42 -6.54 -18.19 10.62
CA LEU T 42 -7.10 -16.85 10.45
C LEU T 42 -8.39 -16.67 11.23
N LYS T 43 -9.17 -17.73 11.38
CA LYS T 43 -10.44 -17.63 12.07
C LYS T 43 -10.29 -17.57 13.59
N ASP T 44 -9.22 -18.14 14.14
CA ASP T 44 -9.03 -18.19 15.58
C ASP T 44 -7.56 -17.97 15.90
N GLU T 45 -7.28 -17.06 16.83
CA GLU T 45 -5.90 -16.78 17.20
C GLU T 45 -5.32 -17.85 18.14
N ASP T 46 -6.17 -18.60 18.85
CA ASP T 46 -5.67 -19.71 19.65
C ASP T 46 -5.21 -20.86 18.75
N VAL T 47 -5.93 -21.10 17.65
CA VAL T 47 -5.52 -22.11 16.69
C VAL T 47 -4.23 -21.68 16.00
N ALA T 48 -4.08 -20.39 15.73
CA ALA T 48 -2.81 -19.88 15.21
C ALA T 48 -1.68 -20.04 16.21
N GLU T 49 -1.98 -19.89 17.50
CA GLU T 49 -0.96 -20.12 18.52
C GLU T 49 -0.65 -21.62 18.66
N ALA T 50 -1.67 -22.47 18.59
CA ALA T 50 -1.45 -23.91 18.71
C ALA T 50 -0.68 -24.46 17.52
N LEU T 51 -0.80 -23.84 16.35
CA LEU T 51 -0.15 -24.37 15.16
C LEU T 51 1.34 -24.07 15.14
N ARG T 52 1.79 -22.99 15.77
CA ARG T 52 3.22 -22.74 15.84
C ARG T 52 3.91 -23.47 16.99
N ARG T 53 3.16 -24.15 17.84
CA ARG T 53 3.72 -25.00 18.88
C ARG T 53 3.96 -26.42 18.39
N LEU T 54 3.76 -26.69 17.10
CA LEU T 54 3.81 -28.04 16.55
C LEU T 54 5.15 -28.30 15.88
N PRO T 55 5.57 -29.57 15.84
CA PRO T 55 6.78 -29.91 15.09
C PRO T 55 6.57 -29.72 13.60
N PRO T 56 7.64 -29.47 12.84
CA PRO T 56 7.48 -29.09 11.42
C PRO T 56 6.85 -30.17 10.53
N ASP T 57 7.08 -31.45 10.81
CA ASP T 57 6.53 -32.50 9.96
C ASP T 57 5.01 -32.60 10.09
N VAL T 58 4.47 -32.30 11.27
CA VAL T 58 3.02 -32.27 11.47
C VAL T 58 2.39 -31.16 10.65
N VAL T 59 3.04 -29.99 10.61
CA VAL T 59 2.55 -28.86 9.82
C VAL T 59 2.66 -29.16 8.32
N VAL T 60 3.73 -29.84 7.91
CA VAL T 60 3.89 -30.22 6.51
C VAL T 60 2.81 -31.20 6.09
N ALA T 61 2.48 -32.17 6.95
CA ALA T 61 1.40 -33.11 6.67
C ALA T 61 0.05 -32.42 6.60
N ARG T 62 -0.21 -31.47 7.50
CA ARG T 62 -1.47 -30.75 7.48
C ARG T 62 -1.64 -29.92 6.21
N ASN T 63 -0.55 -29.26 5.79
CA ASN T 63 -0.59 -28.49 4.54
C ASN T 63 -0.78 -29.40 3.33
N CYS T 64 -0.15 -30.58 3.35
CA CYS T 64 -0.31 -31.53 2.25
C CYS T 64 -1.75 -32.02 2.14
N ARG T 65 -2.37 -32.33 3.28
CA ARG T 65 -3.77 -32.77 3.27
C ARG T 65 -4.70 -31.67 2.78
N LEU T 66 -4.46 -30.43 3.20
CA LEU T 66 -5.30 -29.33 2.75
C LEU T 66 -5.13 -29.08 1.25
N ARG T 67 -3.90 -29.18 0.75
CA ARG T 67 -3.65 -29.01 -0.68
C ARG T 67 -4.33 -30.10 -1.50
N ARG T 68 -4.26 -31.35 -1.04
CA ARG T 68 -4.96 -32.45 -1.72
C ARG T 68 -6.47 -32.25 -1.72
N ALA T 69 -7.03 -31.81 -0.60
CA ALA T 69 -8.48 -31.59 -0.53
C ALA T 69 -8.91 -30.46 -1.45
N LEU T 70 -8.12 -29.38 -1.52
CA LEU T 70 -8.48 -28.26 -2.38
C LEU T 70 -8.37 -28.63 -3.86
N ASP T 71 -7.37 -29.45 -4.20
CA ASP T 71 -7.26 -29.95 -5.56
C ASP T 71 -8.44 -30.86 -5.91
N LEU T 72 -8.85 -31.71 -4.97
CA LEU T 72 -10.03 -32.56 -5.18
C LEU T 72 -11.29 -31.73 -5.34
N SER T 73 -11.40 -30.63 -4.59
CA SER T 73 -12.58 -29.77 -4.67
C SER T 73 -12.63 -29.04 -6.00
N CYS T 74 -11.48 -28.62 -6.52
CA CYS T 74 -11.44 -28.01 -7.85
C CYS T 74 -11.83 -29.02 -8.93
N LYS T 75 -11.38 -30.26 -8.81
CA LYS T 75 -11.63 -31.24 -9.86
C LYS T 75 -13.01 -31.88 -9.76
N HIS T 76 -13.80 -31.52 -8.75
CA HIS T 76 -15.12 -32.12 -8.47
C HIS T 76 -15.02 -33.64 -8.32
N GLU T 77 -13.98 -34.09 -7.62
CA GLU T 77 -13.70 -35.50 -7.46
C GLU T 77 -13.72 -35.87 -5.98
N ALA T 78 -13.63 -37.17 -5.73
CA ALA T 78 -13.39 -37.73 -4.42
C ALA T 78 -12.15 -38.59 -4.49
N LEU T 79 -11.71 -39.10 -3.34
CA LEU T 79 -10.59 -40.01 -3.33
C LEU T 79 -11.01 -41.36 -3.92
N PRO T 80 -10.08 -42.08 -4.53
CA PRO T 80 -10.38 -43.45 -4.97
C PRO T 80 -10.61 -44.38 -3.80
N LYS T 81 -11.18 -45.54 -4.09
CA LYS T 81 -11.66 -46.46 -3.06
C LYS T 81 -10.54 -46.97 -2.17
N ASP T 82 -9.37 -47.26 -2.76
CA ASP T 82 -8.24 -47.75 -1.97
C ASP T 82 -7.69 -46.68 -1.04
N LEU T 83 -7.69 -45.40 -1.46
CA LEU T 83 -7.33 -44.33 -0.54
C LEU T 83 -8.45 -44.04 0.44
N LEU T 84 -9.71 -44.15 0.00
CA LEU T 84 -10.84 -43.79 0.85
C LEU T 84 -11.02 -44.77 1.99
N GLU T 85 -10.62 -46.04 1.81
CA GLU T 85 -10.74 -46.99 2.90
C GLU T 85 -9.68 -46.79 3.98
N LYS T 86 -8.58 -46.10 3.66
CA LYS T 86 -7.51 -45.87 4.61
C LYS T 86 -7.66 -44.58 5.41
N GLN T 87 -8.66 -43.75 5.11
CA GLN T 87 -8.76 -42.44 5.74
C GLN T 87 -9.18 -42.55 7.19
N THR T 88 -8.51 -41.77 8.04
CA THR T 88 -8.75 -41.74 9.49
C THR T 88 -9.14 -40.32 9.85
N PRO T 89 -10.42 -39.96 9.79
CA PRO T 89 -10.84 -38.57 10.00
C PRO T 89 -10.75 -38.11 11.44
N GLU T 90 -10.58 -39.01 12.41
CA GLU T 90 -10.65 -38.64 13.82
C GLU T 90 -9.31 -38.82 14.53
N LEU T 91 -8.22 -38.97 13.79
CA LEU T 91 -6.89 -39.06 14.36
C LEU T 91 -6.38 -37.66 14.65
N SER T 92 -6.42 -37.26 15.93
CA SER T 92 -6.09 -35.90 16.29
C SER T 92 -4.59 -35.64 16.29
N TYR T 93 -4.21 -34.45 15.84
CA TYR T 93 -2.85 -33.95 15.97
C TYR T 93 -2.79 -32.60 16.66
N LEU T 94 -3.93 -31.97 16.92
CA LEU T 94 -3.99 -30.59 17.38
C LEU T 94 -4.75 -30.39 18.68
N GLN T 95 -5.57 -31.34 19.10
CA GLN T 95 -6.51 -31.10 20.19
C GLN T 95 -5.82 -30.95 21.54
N ASP T 96 -4.73 -31.66 21.77
CA ASP T 96 -4.01 -31.54 23.04
C ASP T 96 -3.35 -30.18 23.17
N VAL T 97 -2.64 -29.75 22.13
CA VAL T 97 -1.96 -28.45 22.14
C VAL T 97 -2.98 -27.32 22.22
N LEU T 98 -4.08 -27.42 21.47
CA LEU T 98 -5.10 -26.38 21.49
C LEU T 98 -5.80 -26.31 22.83
N ASN T 99 -6.04 -27.47 23.45
CA ASN T 99 -6.64 -27.49 24.78
C ASN T 99 -5.73 -26.85 25.81
N GLU T 100 -4.42 -27.10 25.70
CA GLU T 100 -3.46 -26.44 26.59
C GLU T 100 -3.44 -24.93 26.38
N VAL T 101 -3.48 -24.48 25.12
CA VAL T 101 -3.47 -23.05 24.80
C VAL T 101 -4.71 -22.36 25.39
N ARG T 102 -5.89 -22.98 25.21
CA ARG T 102 -7.12 -22.40 25.72
C ARG T 102 -7.17 -22.41 27.24
N ALA T 103 -6.61 -23.45 27.88
CA ALA T 103 -6.53 -23.46 29.33
C ALA T 103 -5.62 -22.37 29.87
N GLU T 104 -4.49 -22.13 29.18
CA GLU T 104 -3.60 -21.04 29.57
C GLU T 104 -4.29 -19.68 29.44
N ARG T 105 -5.05 -19.49 28.36
CA ARG T 105 -5.76 -18.22 28.17
C ARG T 105 -6.86 -18.04 29.22
N ARG T 106 -7.56 -19.11 29.59
CA ARG T 106 -8.54 -19.02 30.66
C ARG T 106 -7.89 -18.75 32.01
N GLU T 107 -6.68 -19.26 32.23
CA GLU T 107 -5.97 -19.02 33.46
C GLU T 107 -5.49 -17.58 33.56
N ARG T 108 -5.00 -17.02 32.46
CA ARG T 108 -4.54 -15.63 32.46
C ARG T 108 -5.70 -14.66 32.64
N ALA T 109 -6.89 -15.02 32.19
CA ALA T 109 -8.02 -14.10 32.22
C ALA T 109 -8.59 -13.94 33.62
N GLN T 110 -8.47 -14.96 34.47
CA GLN T 110 -8.95 -14.85 35.84
C GLN T 110 -8.09 -13.93 36.68
N LEU T 111 -6.84 -13.71 36.27
CA LEU T 111 -5.94 -12.78 36.94
C LEU T 111 -5.84 -11.44 36.23
N GLY T 112 -6.74 -11.17 35.27
CA GLY T 112 -6.74 -9.91 34.57
C GLY T 112 -5.72 -9.77 33.48
N ALA T 113 -4.94 -10.80 33.20
CA ALA T 113 -3.94 -10.72 32.15
C ALA T 113 -4.52 -11.08 30.79
N PRO T 114 -4.00 -10.51 29.71
CA PRO T 114 -4.46 -10.91 28.38
C PRO T 114 -3.70 -12.11 27.85
N ALA T 115 -4.05 -12.57 26.66
CA ALA T 115 -3.27 -13.58 25.97
C ALA T 115 -2.02 -12.95 25.38
N PRO T 116 -0.89 -13.67 25.38
CA PRO T 116 0.35 -13.06 24.84
C PRO T 116 0.49 -13.20 23.33
N TYR T 117 -0.62 -13.00 22.61
CA TYR T 117 -0.64 -13.03 21.16
C TYR T 117 -1.90 -12.32 20.70
N THR T 118 -1.90 -11.87 19.46
CA THR T 118 -3.05 -11.20 18.87
C THR T 118 -3.51 -11.98 17.64
N ARG T 119 -4.46 -11.39 16.91
CA ARG T 119 -4.90 -11.93 15.64
C ARG T 119 -3.79 -11.79 14.61
N ILE T 120 -3.89 -12.58 13.54
CA ILE T 120 -2.98 -12.42 12.42
C ILE T 120 -3.37 -11.18 11.65
N TYR T 121 -2.47 -10.20 11.58
CA TYR T 121 -2.72 -8.96 10.88
C TYR T 121 -1.84 -8.91 9.63
N TYR T 122 -2.47 -8.70 8.47
CA TYR T 122 -1.77 -8.59 7.21
C TYR T 122 -1.77 -7.14 6.74
N ASP T 123 -0.74 -6.81 5.96
CA ASP T 123 -0.48 -5.49 5.36
C ASP T 123 -0.22 -4.38 6.39
#